data_1O01
#
_entry.id   1O01
#
_cell.length_a   142.133
_cell.length_b   150.571
_cell.length_c   176.782
_cell.angle_alpha   90.00
_cell.angle_beta   90.00
_cell.angle_gamma   90.00
#
_symmetry.space_group_name_H-M   'P 21 21 21'
#
loop_
_entity.id
_entity.type
_entity.pdbx_description
1 polymer 'Aldehyde dehydrogenase'
2 non-polymer 'MAGNESIUM ION'
3 non-polymer 'SODIUM ION'
4 non-polymer GUANIDINE
5 non-polymer NICOTINAMIDE-ADENINE-DINUCLEOTIDE
6 non-polymer (2E)-BUT-2-ENAL
7 non-polymer 1,2-ETHANEDIOL
8 water water
#
_entity_poly.entity_id   1
_entity_poly.type   'polypeptide(L)'
_entity_poly.pdbx_seq_one_letter_code
;SAAATQAVPAPNQQPEVFCNQIFINNEWHDAVSRKTFPTVNPSTGEVICQVAEGDKEDVDKAVKAARAAFQLGSPWRRMD
ASHRGRLLNRLADLIERDRTYLAALETLDNGKPYVISYLVDLDMVLKCLRYYAGWADKYHGKTIPIDGDFFSYTRHEPVG
VCGQIIPWNFPLLMQAWKLGPALATGNVVVMKVAEQTPLTALYVANLIKEAGFPPGVVNIVPGFGPTAGAAIASHEDVDK
VAFTGSTEIGRVIQVAAGSSNLKRVTLELGGKSPNIIMSDADMDWAVEQAHFALFFNQGQCCCAGSRTFVQEDIYDEFVE
RSVARAKSRVVGNPFDSKTEQGPQVDETQFKKILGYINTGKQEGAKLLCGGGIAADRGYFIQPTVFGDVQDGMTIAKEEI
FGPVMQILKFKTIEEVVGRANNSTYGLAAAVFTKDLDKANYLSQALQAGTVWVNCYDVFGAQSPFGGYKMSGSGRELGEY
GLQAYTEVKTVTVKVPQKNS
;
_entity_poly.pdbx_strand_id   A,B,C,D,E,F,G,H
#
loop_
_chem_comp.id
_chem_comp.type
_chem_comp.name
_chem_comp.formula
CRD non-polymer (2E)-BUT-2-ENAL 'C4 H6 O'
EDO non-polymer 1,2-ETHANEDIOL 'C2 H6 O2'
GAI non-polymer GUANIDINE 'C H5 N3'
MG non-polymer 'MAGNESIUM ION' 'Mg 2'
NA non-polymer 'SODIUM ION' 'Na 1'
NAD non-polymer NICOTINAMIDE-ADENINE-DINUCLEOTIDE 'C21 H27 N7 O14 P2'
#
# COMPACT_ATOMS: atom_id res chain seq x y z
N ALA A 7 14.29 -15.34 7.04
CA ALA A 7 14.92 -15.40 5.69
C ALA A 7 14.40 -16.61 4.92
N VAL A 8 13.61 -16.33 3.90
CA VAL A 8 13.01 -17.38 3.08
C VAL A 8 13.82 -17.57 1.80
N PRO A 9 14.12 -18.84 1.44
CA PRO A 9 14.89 -19.16 0.23
C PRO A 9 14.13 -18.73 -1.02
N ALA A 10 14.86 -18.31 -2.05
CA ALA A 10 14.25 -17.89 -3.30
C ALA A 10 13.42 -19.05 -3.85
N PRO A 11 12.16 -18.77 -4.23
CA PRO A 11 11.26 -19.79 -4.77
C PRO A 11 11.41 -20.04 -6.27
N ASN A 12 10.99 -21.23 -6.68
CA ASN A 12 10.98 -21.58 -8.10
C ASN A 12 9.55 -21.22 -8.45
N GLN A 13 9.37 -20.11 -9.16
CA GLN A 13 8.03 -19.64 -9.52
C GLN A 13 7.29 -20.51 -10.52
N GLN A 14 7.96 -21.58 -10.95
CA GLN A 14 7.36 -22.50 -11.89
C GLN A 14 7.87 -23.91 -11.57
N PRO A 15 7.46 -24.44 -10.40
CA PRO A 15 7.89 -25.78 -9.99
C PRO A 15 7.31 -26.88 -10.87
N GLU A 16 8.12 -27.89 -11.13
CA GLU A 16 7.69 -29.00 -11.95
C GLU A 16 6.75 -29.89 -11.14
N VAL A 17 5.76 -30.47 -11.82
CA VAL A 17 4.81 -31.36 -11.18
C VAL A 17 5.26 -32.79 -11.48
N PHE A 18 5.48 -33.57 -10.43
CA PHE A 18 5.94 -34.95 -10.58
C PHE A 18 4.84 -35.98 -10.31
N CYS A 19 3.79 -35.54 -9.61
CA CYS A 19 2.69 -36.42 -9.24
C CYS A 19 1.33 -35.82 -9.58
N ASN A 20 0.53 -36.55 -10.35
CA ASN A 20 -0.79 -36.08 -10.76
C ASN A 20 -1.77 -37.22 -11.00
N GLN A 21 -1.50 -38.37 -10.38
CA GLN A 21 -2.37 -39.55 -10.54
C GLN A 21 -2.99 -40.00 -9.22
N ILE A 22 -3.56 -41.20 -9.24
CA ILE A 22 -4.19 -41.77 -8.06
C ILE A 22 -3.16 -42.66 -7.35
N PHE A 23 -3.00 -42.44 -6.05
CA PHE A 23 -2.04 -43.17 -5.22
C PHE A 23 -2.67 -44.33 -4.46
N ILE A 24 -2.34 -45.56 -4.88
CA ILE A 24 -2.86 -46.77 -4.25
C ILE A 24 -1.73 -47.78 -4.11
N ASN A 25 -1.57 -48.34 -2.92
CA ASN A 25 -0.51 -49.32 -2.64
C ASN A 25 0.88 -48.81 -3.00
N ASN A 26 1.13 -47.55 -2.69
CA ASN A 26 2.41 -46.89 -2.96
C ASN A 26 2.76 -46.86 -4.43
N GLU A 27 1.74 -46.91 -5.28
CA GLU A 27 1.92 -46.87 -6.73
C GLU A 27 0.96 -45.87 -7.36
N TRP A 28 1.36 -45.34 -8.52
CA TRP A 28 0.58 -44.36 -9.25
C TRP A 28 -0.29 -45.02 -10.33
N HIS A 29 -1.57 -44.66 -10.33
CA HIS A 29 -2.53 -45.22 -11.28
C HIS A 29 -3.38 -44.14 -11.91
N ASP A 30 -3.77 -44.37 -13.17
CA ASP A 30 -4.67 -43.46 -13.87
C ASP A 30 -6.05 -43.87 -13.39
N ALA A 31 -7.05 -43.02 -13.60
CA ALA A 31 -8.41 -43.37 -13.19
C ALA A 31 -8.83 -44.53 -14.10
N VAL A 32 -9.68 -45.42 -13.58
CA VAL A 32 -10.14 -46.56 -14.37
C VAL A 32 -10.76 -46.07 -15.68
N SER A 33 -11.44 -44.92 -15.61
CA SER A 33 -12.09 -44.32 -16.77
C SER A 33 -11.07 -43.63 -17.67
N ARG A 34 -9.85 -43.45 -17.18
CA ARG A 34 -8.76 -42.80 -17.91
C ARG A 34 -8.98 -41.28 -18.03
N LYS A 35 -10.05 -40.80 -17.40
CA LYS A 35 -10.38 -39.37 -17.42
C LYS A 35 -9.50 -38.54 -16.49
N THR A 36 -9.33 -37.27 -16.83
CA THR A 36 -8.52 -36.34 -16.04
C THR A 36 -9.23 -35.00 -15.95
N PHE A 37 -8.82 -34.18 -15.00
CA PHE A 37 -9.40 -32.85 -14.83
C PHE A 37 -8.27 -31.86 -14.62
N PRO A 38 -8.45 -30.62 -15.08
CA PRO A 38 -7.40 -29.61 -14.92
C PRO A 38 -7.42 -28.92 -13.56
N THR A 39 -6.23 -28.53 -13.10
CA THR A 39 -6.10 -27.77 -11.87
C THR A 39 -5.51 -26.45 -12.33
N VAL A 40 -6.10 -25.35 -11.87
CA VAL A 40 -5.69 -24.01 -12.30
C VAL A 40 -4.86 -23.19 -11.31
N ASN A 41 -3.97 -22.38 -11.87
CA ASN A 41 -3.14 -21.45 -11.10
C ASN A 41 -4.07 -20.25 -10.97
N PRO A 42 -4.61 -20.00 -9.77
CA PRO A 42 -5.53 -18.87 -9.54
C PRO A 42 -4.94 -17.48 -9.75
N SER A 43 -3.62 -17.38 -9.88
CA SER A 43 -2.95 -16.10 -10.09
C SER A 43 -2.99 -15.67 -11.57
N THR A 44 -2.97 -16.65 -12.46
CA THR A 44 -2.97 -16.40 -13.90
C THR A 44 -4.24 -16.86 -14.61
N GLY A 45 -4.92 -17.84 -14.02
CA GLY A 45 -6.13 -18.38 -14.61
C GLY A 45 -5.80 -19.47 -15.63
N GLU A 46 -4.53 -19.83 -15.71
CA GLU A 46 -4.05 -20.87 -16.62
C GLU A 46 -4.01 -22.24 -15.96
N VAL A 47 -4.13 -23.28 -16.78
CA VAL A 47 -4.09 -24.66 -16.31
C VAL A 47 -2.65 -25.03 -16.00
N ILE A 48 -2.44 -25.63 -14.83
CA ILE A 48 -1.10 -26.07 -14.43
C ILE A 48 -0.81 -27.41 -15.10
N CYS A 49 -1.73 -28.35 -14.93
CA CYS A 49 -1.60 -29.69 -15.52
C CYS A 49 -2.89 -30.47 -15.35
N GLN A 50 -2.92 -31.66 -15.95
CA GLN A 50 -4.06 -32.55 -15.86
C GLN A 50 -3.85 -33.48 -14.66
N VAL A 51 -4.93 -33.90 -14.04
CA VAL A 51 -4.86 -34.78 -12.87
C VAL A 51 -5.90 -35.90 -13.02
N ALA A 52 -5.52 -37.11 -12.63
CA ALA A 52 -6.43 -38.26 -12.71
C ALA A 52 -7.74 -38.00 -11.96
N GLU A 53 -8.87 -38.20 -12.65
CA GLU A 53 -10.17 -37.96 -12.04
C GLU A 53 -10.74 -39.22 -11.38
N GLY A 54 -10.38 -39.43 -10.11
CA GLY A 54 -10.86 -40.60 -9.39
C GLY A 54 -12.35 -40.55 -9.14
N ASP A 55 -12.99 -41.72 -9.24
CA ASP A 55 -14.42 -41.84 -9.02
C ASP A 55 -14.65 -43.08 -8.15
N LYS A 56 -15.91 -43.50 -8.05
CA LYS A 56 -16.30 -44.65 -7.25
C LYS A 56 -15.45 -45.92 -7.44
N GLU A 57 -15.14 -46.27 -8.67
CA GLU A 57 -14.35 -47.47 -8.93
C GLU A 57 -12.93 -47.37 -8.40
N ASP A 58 -12.37 -46.16 -8.44
CA ASP A 58 -11.01 -45.93 -7.96
C ASP A 58 -11.00 -45.92 -6.43
N VAL A 59 -12.09 -45.44 -5.84
CA VAL A 59 -12.24 -45.42 -4.39
C VAL A 59 -12.35 -46.87 -3.92
N ASP A 60 -13.03 -47.70 -4.70
CA ASP A 60 -13.19 -49.12 -4.36
C ASP A 60 -11.83 -49.82 -4.31
N LYS A 61 -10.97 -49.53 -5.29
CA LYS A 61 -9.63 -50.13 -5.32
C LYS A 61 -8.84 -49.64 -4.11
N ALA A 62 -8.98 -48.35 -3.81
CA ALA A 62 -8.29 -47.73 -2.68
C ALA A 62 -8.70 -48.33 -1.33
N VAL A 63 -10.00 -48.54 -1.14
CA VAL A 63 -10.51 -49.12 0.10
C VAL A 63 -10.06 -50.58 0.26
N LYS A 64 -10.03 -51.33 -0.84
CA LYS A 64 -9.60 -52.74 -0.77
C LYS A 64 -8.13 -52.82 -0.36
N ALA A 65 -7.31 -51.92 -0.89
CA ALA A 65 -5.89 -51.88 -0.55
C ALA A 65 -5.71 -51.53 0.93
N ALA A 66 -6.49 -50.57 1.40
CA ALA A 66 -6.44 -50.14 2.80
C ALA A 66 -6.87 -51.27 3.75
N ARG A 67 -7.92 -51.98 3.36
CA ARG A 67 -8.45 -53.10 4.16
C ARG A 67 -7.41 -54.20 4.25
N ALA A 68 -6.71 -54.46 3.14
CA ALA A 68 -5.67 -55.48 3.10
C ALA A 68 -4.50 -55.07 3.99
N ALA A 69 -4.15 -53.78 3.98
CA ALA A 69 -3.06 -53.30 4.80
C ALA A 69 -3.43 -53.31 6.29
N PHE A 70 -4.73 -53.33 6.57
CA PHE A 70 -5.23 -53.33 7.95
C PHE A 70 -5.48 -54.74 8.51
N GLN A 71 -5.28 -55.75 7.67
CA GLN A 71 -5.50 -57.13 8.08
C GLN A 71 -4.60 -57.53 9.26
N LEU A 72 -5.17 -58.27 10.20
CA LEU A 72 -4.42 -58.73 11.37
C LEU A 72 -3.19 -59.50 10.90
N GLY A 73 -2.04 -59.21 11.48
CA GLY A 73 -0.81 -59.89 11.11
C GLY A 73 -0.03 -59.20 9.99
N SER A 74 -0.60 -58.15 9.41
CA SER A 74 0.06 -57.42 8.33
C SER A 74 1.22 -56.61 8.90
N PRO A 75 2.12 -56.11 8.03
CA PRO A 75 3.26 -55.32 8.51
C PRO A 75 2.81 -54.08 9.29
N TRP A 76 1.73 -53.45 8.85
CA TRP A 76 1.24 -52.26 9.54
C TRP A 76 0.57 -52.56 10.89
N ARG A 77 -0.05 -53.74 11.00
CA ARG A 77 -0.70 -54.13 12.24
C ARG A 77 0.28 -54.60 13.31
N ARG A 78 1.29 -55.35 12.88
CA ARG A 78 2.30 -55.87 13.79
C ARG A 78 3.36 -54.85 14.18
N MET A 79 3.49 -53.79 13.37
CA MET A 79 4.47 -52.74 13.63
C MET A 79 4.37 -52.13 15.03
N ASP A 80 5.50 -52.02 15.71
CA ASP A 80 5.55 -51.43 17.05
C ASP A 80 5.01 -50.02 16.98
N ALA A 81 4.24 -49.63 17.99
CA ALA A 81 3.68 -48.28 18.04
C ALA A 81 4.78 -47.23 17.94
N SER A 82 5.89 -47.47 18.64
CA SER A 82 7.01 -46.55 18.62
C SER A 82 7.56 -46.38 17.19
N HIS A 83 7.50 -47.45 16.41
CA HIS A 83 7.99 -47.40 15.03
C HIS A 83 7.08 -46.55 14.13
N ARG A 84 5.77 -46.56 14.40
CA ARG A 84 4.84 -45.73 13.63
C ARG A 84 5.26 -44.28 13.87
N GLY A 85 5.72 -44.02 15.10
CA GLY A 85 6.18 -42.69 15.47
C GLY A 85 7.43 -42.37 14.67
N ARG A 86 8.32 -43.35 14.56
CA ARG A 86 9.57 -43.19 13.81
C ARG A 86 9.27 -42.85 12.35
N LEU A 87 8.26 -43.50 11.76
CA LEU A 87 7.90 -43.25 10.37
C LEU A 87 7.30 -41.85 10.17
N LEU A 88 6.51 -41.39 11.14
CA LEU A 88 5.90 -40.07 11.06
C LEU A 88 6.99 -39.00 11.13
N ASN A 89 8.03 -39.26 11.94
CA ASN A 89 9.15 -38.32 12.06
C ASN A 89 9.97 -38.31 10.78
N ARG A 90 10.11 -39.47 10.15
CA ARG A 90 10.86 -39.59 8.90
C ARG A 90 10.11 -38.82 7.81
N LEU A 91 8.79 -38.92 7.81
CA LEU A 91 7.95 -38.22 6.83
C LEU A 91 8.12 -36.71 7.00
N ALA A 92 8.15 -36.25 8.25
CA ALA A 92 8.33 -34.83 8.55
C ALA A 92 9.71 -34.37 8.05
N ASP A 93 10.72 -35.22 8.21
CA ASP A 93 12.08 -34.89 7.76
C ASP A 93 12.12 -34.72 6.24
N LEU A 94 11.46 -35.62 5.53
CA LEU A 94 11.41 -35.57 4.06
C LEU A 94 10.69 -34.32 3.59
N ILE A 95 9.60 -33.98 4.28
CA ILE A 95 8.83 -32.79 3.94
C ILE A 95 9.69 -31.53 4.15
N GLU A 96 10.51 -31.55 5.20
CA GLU A 96 11.40 -30.43 5.49
C GLU A 96 12.48 -30.30 4.41
N ARG A 97 13.02 -31.43 3.96
CA ARG A 97 14.03 -31.45 2.91
C ARG A 97 13.46 -30.76 1.67
N ASP A 98 12.21 -31.08 1.35
CA ASP A 98 11.54 -30.53 0.18
C ASP A 98 10.62 -29.34 0.50
N ARG A 99 10.91 -28.65 1.61
CA ARG A 99 10.11 -27.52 2.05
C ARG A 99 9.99 -26.38 1.02
N THR A 100 11.12 -25.95 0.47
CA THR A 100 11.14 -24.88 -0.53
C THR A 100 10.28 -25.22 -1.74
N TYR A 101 10.40 -26.45 -2.23
CA TYR A 101 9.63 -26.92 -3.38
C TYR A 101 8.12 -26.99 -3.07
N LEU A 102 7.78 -27.64 -1.96
CA LEU A 102 6.37 -27.79 -1.57
C LEU A 102 5.68 -26.45 -1.33
N ALA A 103 6.39 -25.50 -0.72
CA ALA A 103 5.83 -24.18 -0.45
C ALA A 103 5.49 -23.46 -1.75
N ALA A 104 6.38 -23.56 -2.73
CA ALA A 104 6.17 -22.93 -4.05
C ALA A 104 5.00 -23.59 -4.77
N LEU A 105 4.99 -24.92 -4.77
CA LEU A 105 3.93 -25.69 -5.43
C LEU A 105 2.58 -25.40 -4.78
N GLU A 106 2.58 -25.19 -3.46
CA GLU A 106 1.36 -24.87 -2.72
C GLU A 106 0.81 -23.53 -3.20
N THR A 107 1.69 -22.55 -3.31
CA THR A 107 1.32 -21.22 -3.77
C THR A 107 0.83 -21.25 -5.22
N LEU A 108 1.51 -22.02 -6.05
CA LEU A 108 1.15 -22.14 -7.47
C LEU A 108 -0.28 -22.63 -7.65
N ASP A 109 -0.64 -23.68 -6.91
CA ASP A 109 -1.94 -24.32 -7.00
C ASP A 109 -3.04 -23.68 -6.15
N ASN A 110 -2.66 -23.03 -5.05
CA ASN A 110 -3.64 -22.41 -4.15
C ASN A 110 -3.75 -20.88 -4.25
N GLY A 111 -2.63 -20.20 -4.44
CA GLY A 111 -2.65 -18.76 -4.56
C GLY A 111 -2.10 -17.97 -3.39
N LYS A 112 -1.99 -18.59 -2.21
CA LYS A 112 -1.47 -17.90 -1.03
C LYS A 112 -0.01 -17.48 -1.23
N PRO A 113 0.41 -16.38 -0.57
CA PRO A 113 1.78 -15.88 -0.69
C PRO A 113 2.82 -16.94 -0.32
N TYR A 114 3.84 -17.06 -1.17
CA TYR A 114 4.91 -18.04 -0.95
C TYR A 114 5.56 -17.91 0.42
N VAL A 115 5.77 -16.68 0.87
CA VAL A 115 6.37 -16.43 2.17
C VAL A 115 5.53 -17.07 3.27
N ILE A 116 4.21 -17.01 3.11
CA ILE A 116 3.28 -17.60 4.07
C ILE A 116 3.24 -19.12 3.93
N SER A 117 3.37 -19.63 2.70
CA SER A 117 3.38 -21.07 2.48
C SER A 117 4.59 -21.68 3.18
N TYR A 118 5.73 -21.01 3.02
CA TYR A 118 6.98 -21.47 3.58
C TYR A 118 7.06 -21.32 5.10
N LEU A 119 6.86 -20.10 5.60
CA LEU A 119 6.94 -19.84 7.03
C LEU A 119 5.76 -20.28 7.90
N VAL A 120 4.56 -20.28 7.33
CA VAL A 120 3.38 -20.67 8.10
C VAL A 120 2.91 -22.11 7.84
N ASP A 121 2.37 -22.35 6.65
CA ASP A 121 1.85 -23.66 6.29
C ASP A 121 2.80 -24.84 6.47
N LEU A 122 3.97 -24.77 5.82
CA LEU A 122 4.94 -25.85 5.93
C LEU A 122 5.45 -26.05 7.35
N ASP A 123 5.52 -24.97 8.10
CA ASP A 123 5.98 -25.04 9.49
C ASP A 123 4.93 -25.79 10.33
N MET A 124 3.66 -25.45 10.15
CA MET A 124 2.59 -26.10 10.89
C MET A 124 2.45 -27.58 10.50
N VAL A 125 2.74 -27.89 9.24
CA VAL A 125 2.67 -29.27 8.76
C VAL A 125 3.73 -30.10 9.51
N LEU A 126 4.94 -29.54 9.59
CA LEU A 126 6.04 -30.20 10.26
C LEU A 126 5.76 -30.38 11.76
N LYS A 127 5.21 -29.34 12.38
CA LYS A 127 4.90 -29.38 13.80
C LYS A 127 3.77 -30.35 14.13
N CYS A 128 2.80 -30.47 13.24
CA CYS A 128 1.67 -31.38 13.44
C CYS A 128 2.13 -32.83 13.33
N LEU A 129 2.89 -33.13 12.28
CA LEU A 129 3.39 -34.49 12.06
C LEU A 129 4.33 -34.94 13.17
N ARG A 130 5.20 -34.03 13.63
CA ARG A 130 6.13 -34.35 14.69
C ARG A 130 5.44 -34.46 16.05
N TYR A 131 4.36 -33.69 16.25
CA TYR A 131 3.62 -33.73 17.49
C TYR A 131 2.95 -35.11 17.62
N TYR A 132 2.24 -35.51 16.57
CA TYR A 132 1.55 -36.80 16.55
C TYR A 132 2.46 -38.01 16.55
N ALA A 133 3.68 -37.84 16.02
CA ALA A 133 4.64 -38.93 16.00
C ALA A 133 4.92 -39.33 17.45
N GLY A 134 4.91 -38.33 18.33
CA GLY A 134 5.14 -38.56 19.74
C GLY A 134 3.99 -39.25 20.46
N TRP A 135 2.79 -39.19 19.88
CA TRP A 135 1.60 -39.83 20.45
C TRP A 135 1.48 -41.32 20.15
N ALA A 136 2.17 -41.75 19.10
CA ALA A 136 2.13 -43.13 18.61
C ALA A 136 2.12 -44.25 19.65
N ASP A 137 2.98 -44.14 20.66
CA ASP A 137 3.08 -45.15 21.70
C ASP A 137 2.70 -44.66 23.09
N LYS A 138 1.80 -43.69 23.15
CA LYS A 138 1.39 -43.11 24.43
C LYS A 138 -0.11 -43.03 24.69
N TYR A 139 -0.94 -43.41 23.73
CA TYR A 139 -2.40 -43.37 23.91
C TYR A 139 -2.90 -44.63 24.60
N HIS A 140 -2.54 -44.76 25.88
CA HIS A 140 -2.88 -45.91 26.71
C HIS A 140 -4.35 -46.24 26.90
N GLY A 141 -4.61 -47.53 27.08
CA GLY A 141 -5.95 -47.99 27.38
C GLY A 141 -5.98 -47.99 28.92
N LYS A 142 -6.92 -48.69 29.53
CA LYS A 142 -6.99 -48.66 30.99
C LYS A 142 -7.18 -50.02 31.63
N THR A 143 -6.76 -50.16 32.89
CA THR A 143 -6.98 -51.37 33.68
C THR A 143 -8.03 -50.83 34.65
N ILE A 144 -9.15 -51.52 34.72
CA ILE A 144 -10.30 -51.07 35.50
C ILE A 144 -10.68 -51.93 36.69
N PRO A 145 -10.86 -51.30 37.87
CA PRO A 145 -11.23 -51.96 39.12
C PRO A 145 -12.73 -52.25 39.19
N ILE A 146 -13.19 -53.10 38.28
CA ILE A 146 -14.59 -53.50 38.18
C ILE A 146 -14.96 -54.39 39.38
N ASP A 147 -16.26 -54.46 39.71
CA ASP A 147 -16.75 -55.28 40.82
C ASP A 147 -16.56 -56.77 40.50
N GLY A 148 -16.51 -57.57 41.56
CA GLY A 148 -16.36 -59.01 41.40
C GLY A 148 -14.97 -59.53 41.09
N ASP A 149 -14.88 -60.86 41.00
CA ASP A 149 -13.63 -61.54 40.72
C ASP A 149 -13.30 -61.52 39.23
N PHE A 150 -12.91 -60.33 38.76
CA PHE A 150 -12.58 -60.14 37.36
C PHE A 150 -11.43 -59.14 37.18
N PHE A 151 -10.75 -59.27 36.05
CA PHE A 151 -9.67 -58.38 35.66
C PHE A 151 -10.24 -57.74 34.41
N SER A 152 -10.46 -56.43 34.45
CA SER A 152 -11.01 -55.73 33.30
C SER A 152 -10.09 -54.65 32.79
N TYR A 153 -9.92 -54.62 31.48
CA TYR A 153 -9.07 -53.61 30.85
C TYR A 153 -9.58 -53.22 29.47
N THR A 154 -9.07 -52.11 28.95
CA THR A 154 -9.47 -51.65 27.64
C THR A 154 -8.28 -51.58 26.69
N ARG A 155 -8.54 -51.94 25.44
CA ARG A 155 -7.53 -51.88 24.39
C ARG A 155 -7.95 -50.74 23.49
N HIS A 156 -7.01 -49.83 23.19
CA HIS A 156 -7.29 -48.74 22.29
C HIS A 156 -6.82 -49.18 20.90
N GLU A 157 -7.73 -49.78 20.14
CA GLU A 157 -7.43 -50.27 18.80
C GLU A 157 -7.73 -49.22 17.76
N PRO A 158 -7.16 -49.37 16.54
CA PRO A 158 -7.41 -48.39 15.48
C PRO A 158 -8.85 -48.53 15.02
N VAL A 159 -9.48 -47.41 14.65
CA VAL A 159 -10.86 -47.44 14.17
C VAL A 159 -10.93 -48.26 12.86
N GLY A 160 -9.84 -48.27 12.10
CA GLY A 160 -9.80 -49.03 10.86
C GLY A 160 -9.53 -48.23 9.59
N VAL A 161 -10.34 -48.48 8.57
CA VAL A 161 -10.21 -47.77 7.30
C VAL A 161 -10.87 -46.40 7.44
N CYS A 162 -10.05 -45.35 7.37
CA CYS A 162 -10.55 -43.99 7.53
C CYS A 162 -10.61 -43.19 6.24
N GLY A 163 -11.80 -42.72 5.92
CA GLY A 163 -12.00 -41.90 4.73
C GLY A 163 -11.74 -40.47 5.17
N GLN A 164 -10.87 -39.78 4.47
CA GLN A 164 -10.54 -38.41 4.85
C GLN A 164 -10.72 -37.47 3.68
N ILE A 165 -11.71 -36.58 3.82
CA ILE A 165 -12.06 -35.62 2.79
C ILE A 165 -11.70 -34.22 3.26
N ILE A 166 -10.82 -33.55 2.51
CA ILE A 166 -10.34 -32.23 2.88
C ILE A 166 -10.58 -31.11 1.86
N PRO A 167 -10.55 -29.85 2.32
CA PRO A 167 -10.76 -28.67 1.48
C PRO A 167 -9.47 -28.13 0.83
N TRP A 168 -9.60 -26.99 0.17
CA TRP A 168 -8.52 -26.34 -0.57
C TRP A 168 -7.83 -25.14 0.07
N ASN A 169 -8.34 -24.65 1.20
CA ASN A 169 -7.74 -23.47 1.82
C ASN A 169 -6.36 -23.66 2.43
N PHE A 170 -6.08 -24.86 2.92
CA PHE A 170 -4.77 -25.20 3.50
C PHE A 170 -4.53 -26.64 3.09
N PRO A 171 -4.26 -26.87 1.80
CA PRO A 171 -4.01 -28.20 1.22
C PRO A 171 -3.08 -29.08 2.03
N LEU A 172 -1.84 -28.64 2.20
CA LEU A 172 -0.85 -29.41 2.94
C LEU A 172 -1.17 -29.58 4.42
N LEU A 173 -1.60 -28.49 5.06
CA LEU A 173 -1.92 -28.51 6.48
C LEU A 173 -3.11 -29.42 6.79
N MET A 174 -4.16 -29.34 5.98
CA MET A 174 -5.34 -30.17 6.17
C MET A 174 -4.96 -31.65 6.03
N GLN A 175 -4.03 -31.93 5.13
CA GLN A 175 -3.59 -33.32 4.95
C GLN A 175 -2.85 -33.80 6.20
N ALA A 176 -2.04 -32.91 6.78
CA ALA A 176 -1.27 -33.25 7.97
C ALA A 176 -2.16 -33.44 9.20
N TRP A 177 -3.16 -32.58 9.36
CA TRP A 177 -4.09 -32.67 10.48
C TRP A 177 -4.86 -33.99 10.44
N LYS A 178 -5.00 -34.55 9.24
CA LYS A 178 -5.71 -35.81 9.05
C LYS A 178 -4.79 -37.02 9.23
N LEU A 179 -3.67 -37.02 8.52
CA LEU A 179 -2.73 -38.14 8.58
C LEU A 179 -2.03 -38.30 9.93
N GLY A 180 -1.68 -37.19 10.56
CA GLY A 180 -1.00 -37.23 11.84
C GLY A 180 -1.66 -38.14 12.87
N PRO A 181 -2.90 -37.82 13.29
CA PRO A 181 -3.62 -38.62 14.28
C PRO A 181 -3.98 -40.04 13.81
N ALA A 182 -4.39 -40.16 12.54
CA ALA A 182 -4.76 -41.45 11.98
C ALA A 182 -3.60 -42.45 11.97
N LEU A 183 -2.44 -42.00 11.49
CA LEU A 183 -1.27 -42.86 11.42
C LEU A 183 -0.64 -43.17 12.78
N ALA A 184 -0.62 -42.18 13.66
CA ALA A 184 -0.07 -42.36 15.00
C ALA A 184 -0.80 -43.49 15.74
N THR A 185 -2.08 -43.67 15.44
CA THR A 185 -2.89 -44.69 16.08
C THR A 185 -3.05 -45.99 15.27
N GLY A 186 -2.24 -46.13 14.21
CA GLY A 186 -2.30 -47.35 13.42
C GLY A 186 -3.44 -47.58 12.45
N ASN A 187 -4.08 -46.52 11.99
CA ASN A 187 -5.18 -46.67 11.03
C ASN A 187 -4.64 -46.63 9.60
N VAL A 188 -5.51 -46.93 8.65
CA VAL A 188 -5.17 -46.88 7.23
C VAL A 188 -6.05 -45.78 6.63
N VAL A 189 -5.57 -45.14 5.57
CA VAL A 189 -6.28 -44.02 4.97
C VAL A 189 -6.61 -44.04 3.50
N VAL A 190 -7.78 -43.49 3.18
CA VAL A 190 -8.23 -43.29 1.80
C VAL A 190 -8.62 -41.81 1.85
N MET A 191 -7.73 -40.98 1.32
CA MET A 191 -7.90 -39.54 1.33
C MET A 191 -8.38 -38.97 -0.01
N LYS A 192 -9.35 -38.07 0.06
CA LYS A 192 -9.90 -37.42 -1.10
C LYS A 192 -9.56 -35.94 -0.99
N VAL A 193 -8.56 -35.51 -1.75
CA VAL A 193 -8.12 -34.11 -1.74
C VAL A 193 -9.02 -33.25 -2.61
N ALA A 194 -9.05 -31.95 -2.33
CA ALA A 194 -9.89 -31.01 -3.10
C ALA A 194 -9.45 -30.92 -4.56
N GLU A 195 -10.43 -30.85 -5.45
CA GLU A 195 -10.16 -30.76 -6.89
C GLU A 195 -9.42 -29.48 -7.25
N GLN A 196 -9.59 -28.43 -6.44
CA GLN A 196 -8.93 -27.15 -6.66
C GLN A 196 -7.44 -27.18 -6.30
N THR A 197 -7.07 -28.01 -5.33
CA THR A 197 -5.68 -28.11 -4.88
C THR A 197 -5.19 -29.53 -4.60
N PRO A 198 -5.09 -30.38 -5.65
CA PRO A 198 -4.64 -31.76 -5.47
C PRO A 198 -3.13 -32.02 -5.47
N LEU A 199 -2.38 -31.16 -6.16
CA LEU A 199 -0.93 -31.33 -6.32
C LEU A 199 -0.01 -31.60 -5.13
N THR A 200 0.07 -30.67 -4.18
CA THR A 200 0.96 -30.85 -3.02
C THR A 200 0.70 -32.12 -2.22
N ALA A 201 -0.58 -32.48 -2.05
CA ALA A 201 -0.94 -33.68 -1.31
C ALA A 201 -0.42 -34.92 -2.01
N LEU A 202 -0.47 -34.89 -3.34
CA LEU A 202 -0.02 -36.01 -4.17
C LEU A 202 1.50 -36.19 -4.09
N TYR A 203 2.24 -35.09 -4.02
CA TYR A 203 3.69 -35.18 -3.91
C TYR A 203 4.05 -35.77 -2.55
N VAL A 204 3.32 -35.37 -1.51
CA VAL A 204 3.56 -35.91 -0.17
C VAL A 204 3.34 -37.42 -0.14
N ALA A 205 2.49 -37.93 -1.02
CA ALA A 205 2.24 -39.36 -1.11
C ALA A 205 3.55 -40.08 -1.49
N ASN A 206 4.33 -39.42 -2.35
CA ASN A 206 5.63 -39.94 -2.78
C ASN A 206 6.57 -39.99 -1.59
N LEU A 207 6.47 -38.98 -0.73
CA LEU A 207 7.30 -38.90 0.47
C LEU A 207 6.87 -39.96 1.47
N ILE A 208 5.57 -40.29 1.46
CA ILE A 208 5.01 -41.31 2.35
C ILE A 208 5.61 -42.66 1.95
N LYS A 209 5.75 -42.89 0.65
CA LYS A 209 6.34 -44.14 0.15
C LYS A 209 7.83 -44.16 0.50
N GLU A 210 8.49 -43.03 0.30
CA GLU A 210 9.92 -42.93 0.58
C GLU A 210 10.23 -43.08 2.07
N ALA A 211 9.29 -42.65 2.92
CA ALA A 211 9.46 -42.74 4.37
C ALA A 211 9.46 -44.18 4.85
N GLY A 212 8.82 -45.06 4.10
CA GLY A 212 8.78 -46.46 4.48
C GLY A 212 7.43 -47.02 4.89
N PHE A 213 6.36 -46.23 4.78
CA PHE A 213 5.02 -46.71 5.15
C PHE A 213 4.60 -47.85 4.23
N PRO A 214 4.09 -48.95 4.81
CA PRO A 214 3.67 -50.09 3.99
C PRO A 214 2.63 -49.70 2.93
N PRO A 215 2.56 -50.48 1.83
CA PRO A 215 1.61 -50.21 0.75
C PRO A 215 0.17 -50.32 1.25
N GLY A 216 -0.67 -49.35 0.91
CA GLY A 216 -2.05 -49.40 1.35
C GLY A 216 -2.38 -48.69 2.64
N VAL A 217 -1.37 -48.23 3.37
CA VAL A 217 -1.61 -47.53 4.63
C VAL A 217 -2.18 -46.14 4.34
N VAL A 218 -1.67 -45.49 3.29
CA VAL A 218 -2.17 -44.18 2.89
C VAL A 218 -2.45 -44.23 1.39
N ASN A 219 -3.71 -44.05 1.03
CA ASN A 219 -4.12 -44.05 -0.36
C ASN A 219 -4.80 -42.72 -0.65
N ILE A 220 -4.42 -42.09 -1.75
CA ILE A 220 -5.00 -40.80 -2.10
C ILE A 220 -5.71 -40.85 -3.45
N VAL A 221 -6.97 -40.40 -3.44
CA VAL A 221 -7.78 -40.39 -4.64
C VAL A 221 -8.22 -38.97 -5.00
N PRO A 222 -7.53 -38.33 -5.95
CA PRO A 222 -7.91 -36.97 -6.37
C PRO A 222 -9.19 -37.07 -7.19
N GLY A 223 -10.00 -36.02 -7.18
CA GLY A 223 -11.25 -36.05 -7.92
C GLY A 223 -12.30 -35.12 -7.35
N PHE A 224 -13.51 -35.22 -7.87
CA PHE A 224 -14.60 -34.38 -7.42
C PHE A 224 -15.31 -34.90 -6.19
N GLY A 225 -16.13 -34.05 -5.59
CA GLY A 225 -16.86 -34.40 -4.38
C GLY A 225 -18.02 -35.37 -4.50
N PRO A 226 -19.05 -35.04 -5.31
CA PRO A 226 -20.22 -35.91 -5.49
C PRO A 226 -19.87 -37.30 -6.02
N THR A 227 -18.67 -37.43 -6.58
CA THR A 227 -18.20 -38.68 -7.13
C THR A 227 -17.30 -39.43 -6.14
N ALA A 228 -16.02 -39.07 -6.11
CA ALA A 228 -15.06 -39.72 -5.22
C ALA A 228 -15.38 -39.48 -3.73
N GLY A 229 -15.68 -38.24 -3.38
CA GLY A 229 -15.99 -37.91 -2.01
C GLY A 229 -17.18 -38.67 -1.44
N ALA A 230 -18.27 -38.71 -2.21
CA ALA A 230 -19.48 -39.41 -1.80
C ALA A 230 -19.29 -40.92 -1.73
N ALA A 231 -18.50 -41.46 -2.65
CA ALA A 231 -18.24 -42.90 -2.68
C ALA A 231 -17.55 -43.33 -1.39
N ILE A 232 -16.66 -42.49 -0.89
CA ILE A 232 -15.96 -42.77 0.36
C ILE A 232 -16.94 -42.72 1.53
N ALA A 233 -17.75 -41.67 1.58
CA ALA A 233 -18.74 -41.48 2.64
C ALA A 233 -19.82 -42.57 2.66
N SER A 234 -20.11 -43.13 1.50
CA SER A 234 -21.13 -44.18 1.39
C SER A 234 -20.57 -45.59 1.34
N HIS A 235 -19.24 -45.72 1.38
CA HIS A 235 -18.63 -47.04 1.29
C HIS A 235 -18.99 -47.97 2.43
N GLU A 236 -19.32 -49.21 2.08
CA GLU A 236 -19.69 -50.22 3.07
C GLU A 236 -18.50 -50.75 3.86
N ASP A 237 -17.28 -50.48 3.38
CA ASP A 237 -16.10 -50.97 4.09
C ASP A 237 -15.18 -49.89 4.70
N VAL A 238 -15.69 -48.66 4.75
CA VAL A 238 -14.94 -47.56 5.37
C VAL A 238 -15.51 -47.46 6.78
N ASP A 239 -14.64 -47.59 7.78
CA ASP A 239 -15.04 -47.56 9.18
C ASP A 239 -15.28 -46.19 9.78
N LYS A 240 -14.60 -45.18 9.25
CA LYS A 240 -14.72 -43.85 9.79
C LYS A 240 -14.42 -42.80 8.74
N VAL A 241 -15.15 -41.70 8.80
CA VAL A 241 -14.95 -40.60 7.87
C VAL A 241 -14.71 -39.30 8.65
N ALA A 242 -13.71 -38.56 8.20
CA ALA A 242 -13.36 -37.28 8.79
C ALA A 242 -13.44 -36.30 7.63
N PHE A 243 -14.25 -35.26 7.80
CA PHE A 243 -14.45 -34.28 6.75
C PHE A 243 -14.27 -32.85 7.22
N THR A 244 -13.66 -32.05 6.36
CA THR A 244 -13.46 -30.63 6.62
C THR A 244 -13.97 -29.91 5.38
N GLY A 245 -14.90 -28.97 5.57
CA GLY A 245 -15.45 -28.24 4.46
C GLY A 245 -16.69 -27.44 4.84
N SER A 246 -17.62 -27.33 3.90
CA SER A 246 -18.85 -26.59 4.10
C SER A 246 -19.84 -27.31 5.00
N THR A 247 -20.65 -26.54 5.72
CA THR A 247 -21.67 -27.09 6.61
C THR A 247 -22.68 -27.89 5.79
N GLU A 248 -22.93 -27.43 4.56
CA GLU A 248 -23.87 -28.05 3.63
C GLU A 248 -23.44 -29.49 3.31
N ILE A 249 -22.19 -29.67 2.92
CA ILE A 249 -21.67 -31.00 2.59
C ILE A 249 -21.44 -31.84 3.85
N GLY A 250 -21.28 -31.18 4.99
CA GLY A 250 -21.09 -31.89 6.24
C GLY A 250 -22.36 -32.69 6.52
N ARG A 251 -23.50 -32.10 6.18
CA ARG A 251 -24.80 -32.75 6.38
C ARG A 251 -24.92 -33.96 5.45
N VAL A 252 -24.45 -33.79 4.22
CA VAL A 252 -24.47 -34.85 3.21
C VAL A 252 -23.63 -36.04 3.70
N ILE A 253 -22.46 -35.73 4.26
CA ILE A 253 -21.55 -36.75 4.77
C ILE A 253 -22.23 -37.57 5.87
N GLN A 254 -22.76 -36.89 6.89
CA GLN A 254 -23.45 -37.53 8.00
C GLN A 254 -24.61 -38.39 7.52
N VAL A 255 -25.37 -37.89 6.55
CA VAL A 255 -26.51 -38.63 6.01
C VAL A 255 -26.01 -39.91 5.32
N ALA A 256 -24.94 -39.77 4.53
CA ALA A 256 -24.35 -40.90 3.81
C ALA A 256 -23.84 -41.96 4.79
N ALA A 257 -23.27 -41.51 5.91
CA ALA A 257 -22.76 -42.41 6.92
C ALA A 257 -23.91 -43.21 7.54
N GLY A 258 -24.98 -42.50 7.91
CA GLY A 258 -26.14 -43.15 8.49
C GLY A 258 -26.84 -44.08 7.52
N SER A 259 -26.91 -43.67 6.26
CA SER A 259 -27.56 -44.45 5.20
C SER A 259 -26.77 -45.69 4.77
N SER A 260 -25.48 -45.73 5.11
CA SER A 260 -24.65 -46.87 4.72
C SER A 260 -24.36 -47.85 5.85
N ASN A 261 -23.10 -47.91 6.30
CA ASN A 261 -22.69 -48.84 7.34
C ASN A 261 -22.52 -48.23 8.74
N LEU A 262 -23.10 -47.05 8.96
CA LEU A 262 -22.99 -46.38 10.27
C LEU A 262 -21.54 -46.09 10.65
N LYS A 263 -20.74 -45.72 9.66
CA LYS A 263 -19.34 -45.39 9.91
C LYS A 263 -19.29 -44.20 10.86
N ARG A 264 -18.25 -44.15 11.70
CA ARG A 264 -18.10 -43.06 12.66
C ARG A 264 -17.81 -41.76 11.93
N VAL A 265 -18.36 -40.65 12.43
CA VAL A 265 -18.20 -39.35 11.79
C VAL A 265 -17.75 -38.19 12.68
N THR A 266 -16.83 -37.39 12.14
CA THR A 266 -16.34 -36.16 12.80
C THR A 266 -16.35 -35.10 11.69
N LEU A 267 -16.72 -33.88 12.05
CA LEU A 267 -16.81 -32.80 11.08
C LEU A 267 -16.15 -31.50 11.51
N GLU A 268 -15.48 -30.86 10.56
CA GLU A 268 -14.82 -29.56 10.79
C GLU A 268 -15.43 -28.69 9.71
N LEU A 269 -16.36 -27.84 10.11
CA LEU A 269 -17.07 -26.98 9.16
C LEU A 269 -16.70 -25.51 9.25
N GLY A 270 -17.50 -24.65 8.62
CA GLY A 270 -17.21 -23.23 8.63
C GLY A 270 -17.72 -22.47 9.83
N GLY A 271 -17.83 -21.15 9.68
CA GLY A 271 -18.31 -20.33 10.77
C GLY A 271 -18.50 -18.88 10.41
N LYS A 272 -18.81 -18.10 11.44
CA LYS A 272 -19.01 -16.65 11.34
C LYS A 272 -18.56 -16.16 12.71
N SER A 273 -17.31 -16.49 13.03
CA SER A 273 -16.69 -16.18 14.31
C SER A 273 -16.64 -14.70 14.70
N PRO A 274 -17.14 -14.38 15.90
CA PRO A 274 -17.16 -13.01 16.43
C PRO A 274 -15.85 -12.64 17.12
N ASN A 275 -15.29 -11.49 16.72
CA ASN A 275 -14.06 -10.97 17.29
C ASN A 275 -14.51 -9.75 18.10
N ILE A 276 -14.54 -9.90 19.42
CA ILE A 276 -15.01 -8.84 20.31
C ILE A 276 -13.94 -7.92 20.88
N ILE A 277 -14.06 -6.63 20.57
CA ILE A 277 -13.12 -5.62 21.05
C ILE A 277 -13.76 -4.76 22.13
N MET A 278 -13.31 -4.92 23.38
CA MET A 278 -13.83 -4.14 24.50
C MET A 278 -13.11 -2.79 24.50
N SER A 279 -13.74 -1.78 25.10
CA SER A 279 -13.17 -0.43 25.13
C SER A 279 -11.82 -0.28 25.82
N ASP A 280 -11.45 -1.25 26.66
CA ASP A 280 -10.17 -1.18 27.37
C ASP A 280 -9.06 -1.99 26.69
N ALA A 281 -9.32 -2.45 25.47
CA ALA A 281 -8.33 -3.22 24.73
C ALA A 281 -7.20 -2.32 24.23
N ASP A 282 -6.06 -2.92 23.94
CA ASP A 282 -4.91 -2.20 23.40
C ASP A 282 -5.32 -1.92 21.95
N MET A 283 -5.60 -0.66 21.65
CA MET A 283 -6.04 -0.24 20.32
C MET A 283 -5.18 -0.73 19.15
N ASP A 284 -3.90 -0.38 19.15
CA ASP A 284 -2.99 -0.78 18.06
C ASP A 284 -2.92 -2.29 17.87
N TRP A 285 -2.89 -3.03 18.99
CA TRP A 285 -2.83 -4.48 18.93
C TRP A 285 -4.12 -5.07 18.37
N ALA A 286 -5.26 -4.60 18.90
CA ALA A 286 -6.56 -5.08 18.48
C ALA A 286 -6.86 -4.82 17.00
N VAL A 287 -6.47 -3.64 16.52
CA VAL A 287 -6.69 -3.27 15.12
C VAL A 287 -5.93 -4.23 14.21
N GLU A 288 -4.63 -4.42 14.49
CA GLU A 288 -3.79 -5.29 13.69
C GLU A 288 -4.26 -6.74 13.75
N GLN A 289 -4.63 -7.20 14.94
CA GLN A 289 -5.12 -8.56 15.13
C GLN A 289 -6.47 -8.80 14.47
N ALA A 290 -7.32 -7.78 14.48
CA ALA A 290 -8.64 -7.87 13.85
C ALA A 290 -8.45 -7.97 12.35
N HIS A 291 -7.45 -7.26 11.85
CA HIS A 291 -7.13 -7.26 10.43
C HIS A 291 -6.67 -8.67 10.03
N PHE A 292 -5.71 -9.20 10.78
CA PHE A 292 -5.19 -10.52 10.53
C PHE A 292 -6.30 -11.58 10.67
N ALA A 293 -7.12 -11.44 11.70
CA ALA A 293 -8.22 -12.36 11.99
C ALA A 293 -9.17 -12.55 10.81
N LEU A 294 -9.39 -11.47 10.06
CA LEU A 294 -10.29 -11.53 8.91
C LEU A 294 -9.59 -11.80 7.57
N PHE A 295 -8.57 -11.02 7.27
CA PHE A 295 -7.85 -11.13 6.00
C PHE A 295 -6.85 -12.27 5.80
N PHE A 296 -6.47 -12.96 6.87
CA PHE A 296 -5.51 -14.05 6.72
C PHE A 296 -5.93 -15.08 5.67
N ASN A 297 -4.96 -15.49 4.85
CA ASN A 297 -5.17 -16.47 3.79
C ASN A 297 -6.29 -16.08 2.83
N GLN A 298 -6.27 -14.82 2.40
CA GLN A 298 -7.27 -14.26 1.49
C GLN A 298 -8.69 -14.37 2.07
N GLY A 299 -8.77 -14.39 3.39
CA GLY A 299 -10.06 -14.50 4.07
C GLY A 299 -10.63 -15.91 4.01
N GLN A 300 -9.87 -16.82 3.41
CA GLN A 300 -10.29 -18.21 3.26
C GLN A 300 -9.89 -19.08 4.43
N CYS A 301 -10.41 -18.73 5.62
N CYS A 301 -10.41 -18.73 5.59
CA CYS A 301 -10.11 -19.47 6.83
CA CYS A 301 -10.12 -19.46 6.81
C CYS A 301 -11.44 -19.76 7.50
C CYS A 301 -11.44 -19.77 7.50
N CYS A 302 -11.62 -21.03 7.89
CA CYS A 302 -12.84 -21.47 8.55
C CYS A 302 -13.22 -20.66 9.79
N CYS A 303 -12.21 -20.31 10.59
CA CYS A 303 -12.42 -19.54 11.82
C CYS A 303 -12.19 -18.05 11.69
N ALA A 304 -12.30 -17.51 10.47
CA ALA A 304 -12.09 -16.09 10.22
C ALA A 304 -12.96 -15.20 11.12
N GLY A 305 -12.35 -14.14 11.65
CA GLY A 305 -13.09 -13.21 12.49
C GLY A 305 -13.92 -12.29 11.61
N SER A 306 -14.99 -12.85 11.04
CA SER A 306 -15.88 -12.13 10.14
C SER A 306 -16.97 -11.26 10.76
N ARG A 307 -17.02 -11.24 12.09
CA ARG A 307 -17.97 -10.41 12.82
C ARG A 307 -17.17 -9.66 13.88
N THR A 308 -16.67 -8.48 13.50
CA THR A 308 -15.87 -7.66 14.39
C THR A 308 -16.73 -6.69 15.21
N PHE A 309 -17.04 -7.09 16.44
CA PHE A 309 -17.84 -6.28 17.35
C PHE A 309 -16.92 -5.32 18.09
N VAL A 310 -17.20 -4.02 17.99
CA VAL A 310 -16.38 -3.01 18.65
C VAL A 310 -17.25 -2.15 19.56
N GLN A 311 -16.83 -1.95 20.80
CA GLN A 311 -17.59 -1.14 21.76
C GLN A 311 -17.68 0.30 21.26
N GLU A 312 -18.85 0.90 21.41
CA GLU A 312 -19.13 2.27 20.95
C GLU A 312 -18.11 3.36 21.27
N ASP A 313 -17.56 3.35 22.48
CA ASP A 313 -16.58 4.36 22.89
C ASP A 313 -15.33 4.41 22.01
N ILE A 314 -14.96 3.27 21.43
CA ILE A 314 -13.76 3.18 20.58
C ILE A 314 -14.07 2.83 19.13
N TYR A 315 -15.35 2.74 18.81
CA TYR A 315 -15.78 2.39 17.46
C TYR A 315 -15.14 3.22 16.33
N ASP A 316 -15.35 4.53 16.35
CA ASP A 316 -14.83 5.42 15.32
C ASP A 316 -13.33 5.30 15.06
N GLU A 317 -12.53 5.38 16.12
CA GLU A 317 -11.09 5.28 16.00
C GLU A 317 -10.68 3.92 15.45
N PHE A 318 -11.31 2.86 15.96
CA PHE A 318 -11.01 1.50 15.52
C PHE A 318 -11.29 1.35 14.03
N VAL A 319 -12.45 1.85 13.60
CA VAL A 319 -12.86 1.78 12.20
C VAL A 319 -11.87 2.53 11.31
N GLU A 320 -11.53 3.75 11.71
CA GLU A 320 -10.58 4.57 10.96
C GLU A 320 -9.25 3.83 10.76
N ARG A 321 -8.73 3.26 11.84
CA ARG A 321 -7.46 2.52 11.81
C ARG A 321 -7.56 1.24 10.98
N SER A 322 -8.72 0.59 11.02
CA SER A 322 -8.95 -0.64 10.27
C SER A 322 -9.03 -0.38 8.76
N VAL A 323 -9.60 0.76 8.40
CA VAL A 323 -9.73 1.16 7.00
C VAL A 323 -8.35 1.48 6.44
N ALA A 324 -7.57 2.22 7.21
CA ALA A 324 -6.22 2.59 6.82
C ALA A 324 -5.38 1.35 6.60
N ARG A 325 -5.54 0.36 7.48
CA ARG A 325 -4.80 -0.89 7.38
C ARG A 325 -5.24 -1.71 6.16
N ALA A 326 -6.55 -1.75 5.92
CA ALA A 326 -7.08 -2.47 4.78
C ALA A 326 -6.65 -1.82 3.45
N LYS A 327 -6.57 -0.48 3.44
CA LYS A 327 -6.17 0.25 2.25
C LYS A 327 -4.71 0.07 1.87
N SER A 328 -3.86 -0.22 2.85
CA SER A 328 -2.43 -0.40 2.59
C SER A 328 -2.02 -1.87 2.43
N ARG A 329 -2.98 -2.78 2.53
CA ARG A 329 -2.70 -4.21 2.37
C ARG A 329 -2.34 -4.54 0.92
N VAL A 330 -1.11 -5.01 0.72
CA VAL A 330 -0.60 -5.33 -0.62
C VAL A 330 -1.19 -6.58 -1.26
N VAL A 331 -1.85 -6.38 -2.40
CA VAL A 331 -2.45 -7.47 -3.17
C VAL A 331 -1.64 -7.61 -4.46
N GLY A 332 -1.24 -8.83 -4.80
CA GLY A 332 -0.48 -9.04 -6.02
C GLY A 332 0.04 -10.46 -6.21
N ASN A 333 1.07 -10.59 -7.03
CA ASN A 333 1.71 -11.87 -7.33
C ASN A 333 2.16 -12.52 -6.02
N PRO A 334 1.59 -13.68 -5.66
CA PRO A 334 1.94 -14.40 -4.43
C PRO A 334 3.42 -14.76 -4.31
N PHE A 335 4.13 -14.78 -5.43
CA PHE A 335 5.56 -15.09 -5.41
C PHE A 335 6.46 -13.89 -5.09
N ASP A 336 5.87 -12.70 -5.07
CA ASP A 336 6.61 -11.49 -4.73
C ASP A 336 6.59 -11.36 -3.20
N SER A 337 7.77 -11.20 -2.60
CA SER A 337 7.91 -11.09 -1.16
C SER A 337 7.08 -10.01 -0.47
N LYS A 338 6.70 -8.96 -1.19
CA LYS A 338 5.91 -7.88 -0.61
C LYS A 338 4.41 -8.17 -0.58
N THR A 339 3.97 -9.14 -1.37
CA THR A 339 2.56 -9.52 -1.44
C THR A 339 2.00 -10.09 -0.14
N GLU A 340 1.00 -9.42 0.40
CA GLU A 340 0.35 -9.85 1.64
C GLU A 340 -0.87 -10.70 1.32
N GLN A 341 -1.46 -10.47 0.15
CA GLN A 341 -2.65 -11.17 -0.27
C GLN A 341 -2.62 -11.58 -1.73
N GLY A 342 -2.84 -12.87 -1.97
CA GLY A 342 -2.87 -13.39 -3.34
C GLY A 342 -4.30 -13.45 -3.84
N PRO A 343 -4.55 -14.22 -4.91
CA PRO A 343 -5.91 -14.32 -5.46
C PRO A 343 -6.75 -15.32 -4.65
N GLN A 344 -8.04 -15.38 -4.94
CA GLN A 344 -8.92 -16.34 -4.28
C GLN A 344 -8.66 -17.65 -5.03
N VAL A 345 -9.02 -18.78 -4.43
CA VAL A 345 -8.76 -20.10 -5.02
C VAL A 345 -9.25 -20.37 -6.45
N ASP A 346 -10.47 -19.96 -6.77
CA ASP A 346 -11.01 -20.17 -8.11
C ASP A 346 -12.05 -19.14 -8.53
N GLU A 347 -12.56 -19.29 -9.74
CA GLU A 347 -13.55 -18.38 -10.30
C GLU A 347 -14.86 -18.43 -9.54
N THR A 348 -15.23 -19.62 -9.07
CA THR A 348 -16.46 -19.81 -8.32
C THR A 348 -16.44 -19.01 -7.01
N GLN A 349 -15.33 -19.09 -6.27
CA GLN A 349 -15.19 -18.34 -5.02
C GLN A 349 -15.11 -16.85 -5.33
N PHE A 350 -14.35 -16.52 -6.36
CA PHE A 350 -14.18 -15.12 -6.79
C PHE A 350 -15.55 -14.48 -6.98
N LYS A 351 -16.39 -15.10 -7.82
CA LYS A 351 -17.72 -14.59 -8.10
C LYS A 351 -18.63 -14.54 -6.88
N LYS A 352 -18.58 -15.58 -6.05
CA LYS A 352 -19.39 -15.68 -4.85
C LYS A 352 -19.09 -14.53 -3.88
N ILE A 353 -17.81 -14.21 -3.72
CA ILE A 353 -17.38 -13.14 -2.83
C ILE A 353 -17.88 -11.78 -3.35
N LEU A 354 -17.74 -11.55 -4.65
CA LEU A 354 -18.20 -10.30 -5.26
C LEU A 354 -19.71 -10.19 -5.08
N GLY A 355 -20.39 -11.34 -5.15
CA GLY A 355 -21.84 -11.37 -4.96
C GLY A 355 -22.20 -10.93 -3.55
N TYR A 356 -21.41 -11.37 -2.56
CA TYR A 356 -21.64 -11.00 -1.17
C TYR A 356 -21.40 -9.52 -0.93
N ILE A 357 -20.40 -8.95 -1.62
CA ILE A 357 -20.09 -7.53 -1.49
C ILE A 357 -21.27 -6.71 -2.03
N ASN A 358 -21.86 -7.19 -3.11
CA ASN A 358 -23.00 -6.51 -3.73
C ASN A 358 -24.18 -6.56 -2.75
N THR A 359 -24.39 -7.71 -2.13
CA THR A 359 -25.46 -7.88 -1.15
C THR A 359 -25.24 -6.94 0.02
N GLY A 360 -23.97 -6.77 0.40
CA GLY A 360 -23.62 -5.90 1.51
C GLY A 360 -24.00 -4.46 1.21
N LYS A 361 -23.72 -4.02 -0.02
CA LYS A 361 -24.07 -2.67 -0.43
C LYS A 361 -25.58 -2.49 -0.48
N GLN A 362 -26.28 -3.48 -1.03
CA GLN A 362 -27.74 -3.44 -1.16
C GLN A 362 -28.47 -3.40 0.17
N GLU A 363 -27.94 -4.11 1.17
CA GLU A 363 -28.57 -4.16 2.47
C GLU A 363 -28.32 -2.98 3.40
N GLY A 364 -27.56 -2.00 2.94
CA GLY A 364 -27.32 -0.83 3.75
C GLY A 364 -26.03 -0.77 4.57
N ALA A 365 -25.15 -1.75 4.39
CA ALA A 365 -23.89 -1.76 5.10
C ALA A 365 -23.04 -0.65 4.48
N LYS A 366 -22.35 0.13 5.31
CA LYS A 366 -21.54 1.22 4.81
C LYS A 366 -20.19 0.75 4.26
N LEU A 367 -20.04 0.82 2.94
CA LEU A 367 -18.80 0.42 2.28
C LEU A 367 -17.74 1.47 2.58
N LEU A 368 -16.68 1.08 3.28
CA LEU A 368 -15.60 2.00 3.65
C LEU A 368 -14.36 1.96 2.77
N CYS A 369 -14.11 0.83 2.11
CA CYS A 369 -12.95 0.69 1.22
C CYS A 369 -13.05 -0.60 0.39
N GLY A 370 -12.32 -0.63 -0.73
CA GLY A 370 -12.34 -1.80 -1.60
C GLY A 370 -13.71 -2.01 -2.22
N GLY A 371 -14.14 -3.26 -2.29
CA GLY A 371 -15.45 -3.57 -2.85
C GLY A 371 -15.46 -4.06 -4.29
N GLY A 372 -14.30 -4.07 -4.94
CA GLY A 372 -14.24 -4.53 -6.31
C GLY A 372 -13.06 -5.42 -6.63
N ILE A 373 -12.89 -5.70 -7.92
CA ILE A 373 -11.82 -6.54 -8.43
C ILE A 373 -10.49 -5.79 -8.32
N ALA A 374 -9.44 -6.49 -7.88
CA ALA A 374 -8.12 -5.88 -7.71
C ALA A 374 -7.20 -5.96 -8.94
N ALA A 375 -7.45 -6.93 -9.82
CA ALA A 375 -6.62 -7.09 -11.00
C ALA A 375 -7.44 -7.58 -12.19
N ASP A 376 -6.94 -7.33 -13.39
CA ASP A 376 -7.62 -7.74 -14.61
C ASP A 376 -7.37 -9.20 -14.95
N ARG A 377 -6.40 -9.80 -14.26
CA ARG A 377 -6.03 -11.21 -14.47
C ARG A 377 -5.99 -11.92 -13.11
N GLY A 378 -6.39 -13.19 -13.10
CA GLY A 378 -6.41 -13.95 -11.86
C GLY A 378 -7.70 -13.67 -11.10
N TYR A 379 -7.77 -14.12 -9.85
CA TYR A 379 -8.97 -13.92 -9.03
C TYR A 379 -8.70 -13.04 -7.82
N PHE A 380 -8.15 -11.86 -8.07
CA PHE A 380 -7.81 -10.90 -7.03
C PHE A 380 -8.96 -9.97 -6.69
N ILE A 381 -9.24 -9.83 -5.40
CA ILE A 381 -10.30 -8.95 -4.92
C ILE A 381 -9.69 -7.96 -3.93
N GLN A 382 -10.16 -6.71 -3.97
CA GLN A 382 -9.67 -5.66 -3.09
C GLN A 382 -10.09 -5.88 -1.65
N PRO A 383 -9.20 -5.55 -0.69
CA PRO A 383 -9.53 -5.71 0.73
C PRO A 383 -10.73 -4.81 1.00
N THR A 384 -11.85 -5.43 1.39
CA THR A 384 -13.10 -4.72 1.62
C THR A 384 -13.51 -4.66 3.09
N VAL A 385 -13.96 -3.48 3.51
CA VAL A 385 -14.41 -3.26 4.88
C VAL A 385 -15.78 -2.60 4.92
N PHE A 386 -16.71 -3.24 5.63
CA PHE A 386 -18.06 -2.73 5.78
C PHE A 386 -18.28 -2.24 7.22
N GLY A 387 -18.78 -1.02 7.35
CA GLY A 387 -19.06 -0.46 8.66
C GLY A 387 -20.54 -0.44 8.96
N ASP A 388 -20.89 -0.23 10.22
CA ASP A 388 -22.29 -0.18 10.67
C ASP A 388 -23.10 -1.40 10.25
N VAL A 389 -22.49 -2.57 10.37
CA VAL A 389 -23.16 -3.81 10.00
C VAL A 389 -24.14 -4.21 11.09
N GLN A 390 -25.34 -4.64 10.67
CA GLN A 390 -26.36 -5.07 11.62
C GLN A 390 -26.44 -6.60 11.60
N ASP A 391 -26.86 -7.18 12.72
CA ASP A 391 -26.96 -8.63 12.87
C ASP A 391 -27.81 -9.31 11.80
N GLY A 392 -28.88 -8.64 11.38
CA GLY A 392 -29.78 -9.20 10.39
C GLY A 392 -29.29 -9.18 8.96
N MET A 393 -28.15 -8.55 8.72
CA MET A 393 -27.60 -8.48 7.37
C MET A 393 -27.00 -9.81 6.94
N THR A 394 -27.11 -10.11 5.64
CA THR A 394 -26.59 -11.34 5.06
C THR A 394 -25.09 -11.49 5.27
N ILE A 395 -24.35 -10.39 5.11
CA ILE A 395 -22.90 -10.43 5.29
C ILE A 395 -22.53 -10.60 6.75
N ALA A 396 -23.49 -10.42 7.64
CA ALA A 396 -23.27 -10.58 9.08
C ALA A 396 -23.67 -11.98 9.53
N LYS A 397 -24.32 -12.73 8.65
CA LYS A 397 -24.78 -14.07 8.99
C LYS A 397 -24.11 -15.22 8.21
N GLU A 398 -23.89 -15.00 6.91
CA GLU A 398 -23.29 -16.03 6.07
C GLU A 398 -21.78 -15.93 5.91
N GLU A 399 -21.14 -17.09 5.80
CA GLU A 399 -19.70 -17.18 5.63
C GLU A 399 -19.32 -16.72 4.23
N ILE A 400 -18.59 -15.61 4.15
CA ILE A 400 -18.17 -15.03 2.88
C ILE A 400 -16.92 -15.72 2.31
N PHE A 401 -15.98 -16.05 3.19
CA PHE A 401 -14.74 -16.73 2.81
C PHE A 401 -13.86 -15.91 1.86
N GLY A 402 -13.87 -14.60 2.06
CA GLY A 402 -13.07 -13.70 1.25
C GLY A 402 -12.62 -12.49 2.05
N PRO A 403 -11.84 -11.58 1.44
CA PRO A 403 -11.33 -10.37 2.09
C PRO A 403 -12.41 -9.29 2.28
N VAL A 404 -13.44 -9.65 3.05
CA VAL A 404 -14.56 -8.76 3.33
C VAL A 404 -14.80 -8.74 4.83
N MET A 405 -14.46 -7.61 5.44
CA MET A 405 -14.60 -7.42 6.88
C MET A 405 -15.89 -6.74 7.31
N GLN A 406 -16.48 -7.25 8.39
CA GLN A 406 -17.71 -6.68 8.93
C GLN A 406 -17.44 -6.08 10.31
N ILE A 407 -17.78 -4.81 10.48
CA ILE A 407 -17.57 -4.15 11.77
C ILE A 407 -18.92 -3.73 12.35
N LEU A 408 -19.24 -4.28 13.53
CA LEU A 408 -20.49 -3.98 14.21
C LEU A 408 -20.21 -3.23 15.51
N LYS A 409 -21.20 -2.49 15.97
CA LYS A 409 -21.06 -1.69 17.19
C LYS A 409 -21.94 -2.24 18.31
N PHE A 410 -21.41 -2.22 19.54
CA PHE A 410 -22.17 -2.69 20.70
C PHE A 410 -21.93 -1.80 21.92
N LYS A 411 -22.82 -1.88 22.89
CA LYS A 411 -22.71 -1.08 24.10
C LYS A 411 -22.24 -1.85 25.34
N THR A 412 -23.01 -2.86 25.75
CA THR A 412 -22.68 -3.65 26.93
C THR A 412 -22.11 -5.04 26.67
N ILE A 413 -21.42 -5.57 27.67
CA ILE A 413 -20.82 -6.89 27.59
C ILE A 413 -21.90 -7.97 27.54
N GLU A 414 -23.01 -7.74 28.23
CA GLU A 414 -24.13 -8.69 28.23
C GLU A 414 -24.75 -8.72 26.83
N GLU A 415 -24.83 -7.55 26.22
CA GLU A 415 -25.40 -7.41 24.89
C GLU A 415 -24.59 -8.16 23.84
N VAL A 416 -23.27 -7.96 23.85
CA VAL A 416 -22.41 -8.60 22.86
C VAL A 416 -22.38 -10.12 22.95
N VAL A 417 -22.54 -10.67 24.16
CA VAL A 417 -22.54 -12.12 24.33
C VAL A 417 -23.75 -12.71 23.61
N GLY A 418 -24.89 -12.05 23.78
CA GLY A 418 -26.12 -12.51 23.14
C GLY A 418 -26.02 -12.44 21.63
N ARG A 419 -25.49 -11.33 21.13
CA ARG A 419 -25.36 -11.14 19.68
C ARG A 419 -24.32 -12.09 19.10
N ALA A 420 -23.21 -12.29 19.82
CA ALA A 420 -22.15 -13.19 19.36
C ALA A 420 -22.66 -14.63 19.27
N ASN A 421 -23.44 -15.05 20.27
CA ASN A 421 -23.98 -16.40 20.31
C ASN A 421 -25.19 -16.65 19.42
N ASN A 422 -25.84 -15.56 18.99
CA ASN A 422 -27.02 -15.66 18.13
C ASN A 422 -26.57 -16.02 16.70
N SER A 423 -26.17 -17.27 16.54
CA SER A 423 -25.68 -17.79 15.28
C SER A 423 -25.76 -19.31 15.28
N THR A 424 -25.90 -19.89 14.09
CA THR A 424 -25.96 -21.34 13.94
C THR A 424 -24.54 -21.90 13.95
N TYR A 425 -23.57 -21.00 13.84
CA TYR A 425 -22.15 -21.36 13.85
C TYR A 425 -21.54 -21.16 15.24
N GLY A 426 -20.38 -21.78 15.46
CA GLY A 426 -19.70 -21.67 16.73
C GLY A 426 -18.32 -22.29 16.66
N LEU A 427 -17.57 -21.94 15.62
CA LEU A 427 -16.24 -22.50 15.44
C LEU A 427 -15.22 -21.83 16.34
N ALA A 428 -15.22 -20.50 16.36
CA ALA A 428 -14.28 -19.76 17.19
C ALA A 428 -14.80 -18.37 17.58
N ALA A 429 -14.00 -17.68 18.38
CA ALA A 429 -14.33 -16.34 18.86
C ALA A 429 -13.07 -15.75 19.50
N ALA A 430 -13.09 -14.43 19.69
CA ALA A 430 -11.95 -13.75 20.30
C ALA A 430 -12.44 -12.60 21.17
N VAL A 431 -11.63 -12.28 22.17
CA VAL A 431 -11.92 -11.22 23.13
C VAL A 431 -10.68 -10.35 23.36
N PHE A 432 -10.80 -9.05 23.11
CA PHE A 432 -9.70 -8.14 23.33
C PHE A 432 -10.02 -7.19 24.46
N THR A 433 -9.31 -7.40 25.58
CA THR A 433 -9.51 -6.61 26.78
C THR A 433 -8.32 -6.79 27.73
N LYS A 434 -8.11 -5.83 28.60
CA LYS A 434 -7.02 -5.90 29.58
C LYS A 434 -7.57 -6.38 30.92
N ASP A 435 -8.89 -6.37 31.04
CA ASP A 435 -9.58 -6.77 32.27
C ASP A 435 -9.71 -8.27 32.46
N LEU A 436 -9.28 -8.75 33.63
CA LEU A 436 -9.34 -10.17 33.98
C LEU A 436 -10.76 -10.72 33.98
N ASP A 437 -11.66 -10.06 34.71
CA ASP A 437 -13.04 -10.51 34.81
C ASP A 437 -13.78 -10.52 33.49
N LYS A 438 -13.56 -9.50 32.67
CA LYS A 438 -14.21 -9.43 31.36
C LYS A 438 -13.76 -10.59 30.49
N ALA A 439 -12.48 -10.91 30.56
CA ALA A 439 -11.91 -12.00 29.78
C ALA A 439 -12.50 -13.35 30.19
N ASN A 440 -12.57 -13.61 31.50
CA ASN A 440 -13.13 -14.87 32.00
C ASN A 440 -14.64 -14.93 31.77
N TYR A 441 -15.32 -13.80 31.93
CA TYR A 441 -16.76 -13.73 31.73
C TYR A 441 -17.10 -14.11 30.30
N LEU A 442 -16.41 -13.49 29.35
CA LEU A 442 -16.63 -13.75 27.94
C LEU A 442 -16.19 -15.13 27.45
N SER A 443 -14.97 -15.55 27.80
CA SER A 443 -14.49 -16.86 27.35
C SER A 443 -15.40 -18.00 27.80
N GLN A 444 -15.98 -17.86 28.99
CA GLN A 444 -16.90 -18.88 29.51
C GLN A 444 -18.25 -18.81 28.79
N ALA A 445 -18.73 -17.59 28.56
CA ALA A 445 -20.03 -17.35 27.91
C ALA A 445 -20.12 -17.62 26.42
N LEU A 446 -19.03 -17.41 25.69
CA LEU A 446 -19.04 -17.60 24.24
C LEU A 446 -19.17 -19.06 23.82
N GLN A 447 -20.19 -19.33 23.01
CA GLN A 447 -20.45 -20.68 22.52
C GLN A 447 -19.59 -20.97 21.28
N ALA A 448 -18.30 -21.20 21.52
CA ALA A 448 -17.38 -21.46 20.43
C ALA A 448 -16.32 -22.49 20.84
N GLY A 449 -15.87 -23.28 19.86
CA GLY A 449 -14.86 -24.30 20.10
C GLY A 449 -13.55 -23.72 20.60
N THR A 450 -13.16 -22.58 20.05
CA THR A 450 -11.93 -21.92 20.46
C THR A 450 -12.20 -20.45 20.77
N VAL A 451 -11.73 -20.00 21.93
CA VAL A 451 -11.89 -18.61 22.32
C VAL A 451 -10.49 -18.05 22.57
N TRP A 452 -10.10 -17.11 21.73
CA TRP A 452 -8.79 -16.46 21.85
C TRP A 452 -8.92 -15.18 22.66
N VAL A 453 -7.97 -14.96 23.56
CA VAL A 453 -7.97 -13.75 24.37
C VAL A 453 -6.73 -12.91 24.03
N ASN A 454 -6.97 -11.75 23.43
CA ASN A 454 -5.92 -10.83 23.02
C ASN A 454 -5.01 -11.37 21.92
N CYS A 455 -5.57 -12.25 21.10
CA CYS A 455 -4.86 -12.87 19.99
C CYS A 455 -5.89 -13.48 19.04
N TYR A 456 -5.44 -14.03 17.92
CA TYR A 456 -6.35 -14.65 16.96
C TYR A 456 -5.55 -15.61 16.10
N ASP A 457 -6.22 -16.62 15.57
CA ASP A 457 -5.58 -17.63 14.72
C ASP A 457 -4.35 -18.28 15.33
N VAL A 458 -4.37 -18.46 16.65
CA VAL A 458 -3.26 -19.07 17.35
C VAL A 458 -3.56 -20.57 17.41
N PHE A 459 -2.92 -21.32 16.53
CA PHE A 459 -3.10 -22.76 16.47
C PHE A 459 -1.89 -23.47 17.02
N GLY A 460 -2.13 -24.57 17.71
CA GLY A 460 -1.05 -25.36 18.27
C GLY A 460 -1.44 -26.81 18.12
N ALA A 461 -0.50 -27.65 17.70
CA ALA A 461 -0.80 -29.07 17.53
C ALA A 461 -1.19 -29.69 18.87
N GLN A 462 -0.85 -29.00 19.95
CA GLN A 462 -1.15 -29.46 21.29
C GLN A 462 -2.59 -29.14 21.72
N SER A 463 -3.15 -28.08 21.14
CA SER A 463 -4.50 -27.64 21.49
C SER A 463 -5.57 -28.01 20.47
N PRO A 464 -6.65 -28.65 20.93
CA PRO A 464 -7.77 -29.07 20.08
C PRO A 464 -8.49 -27.92 19.37
N PHE A 465 -9.06 -28.24 18.23
CA PHE A 465 -9.78 -27.27 17.40
C PHE A 465 -11.00 -27.98 16.83
N GLY A 466 -12.15 -27.30 16.88
CA GLY A 466 -13.38 -27.88 16.38
C GLY A 466 -14.54 -26.97 16.69
N GLY A 467 -15.69 -27.23 16.10
CA GLY A 467 -16.81 -26.36 16.34
C GLY A 467 -17.97 -26.82 17.19
N TYR A 468 -18.67 -25.82 17.71
CA TYR A 468 -19.89 -26.00 18.49
C TYR A 468 -21.00 -25.88 17.45
N LYS A 469 -22.20 -26.29 17.81
CA LYS A 469 -23.35 -26.20 16.92
C LYS A 469 -23.08 -26.79 15.54
N MET A 470 -23.42 -26.03 14.49
CA MET A 470 -23.25 -26.49 13.12
C MET A 470 -21.89 -26.20 12.49
N SER A 471 -20.93 -25.81 13.31
CA SER A 471 -19.58 -25.56 12.82
C SER A 471 -18.78 -26.86 12.84
N GLY A 472 -19.42 -27.93 13.30
CA GLY A 472 -18.77 -29.23 13.35
C GLY A 472 -19.07 -30.06 14.59
N SER A 473 -18.41 -31.21 14.67
CA SER A 473 -18.56 -32.12 15.81
C SER A 473 -17.23 -32.87 15.93
N GLY A 474 -16.78 -33.05 17.15
CA GLY A 474 -15.51 -33.71 17.38
C GLY A 474 -14.41 -32.68 17.32
N ARG A 475 -13.20 -33.06 17.70
CA ARG A 475 -12.09 -32.15 17.72
C ARG A 475 -10.86 -32.71 17.03
N GLU A 476 -10.06 -31.83 16.46
CA GLU A 476 -8.82 -32.22 15.81
C GLU A 476 -7.68 -31.54 16.57
N LEU A 477 -6.47 -32.10 16.44
CA LEU A 477 -5.29 -31.59 17.13
C LEU A 477 -5.29 -31.97 18.62
N GLY A 478 -4.12 -31.97 19.23
CA GLY A 478 -4.02 -32.33 20.64
C GLY A 478 -4.34 -33.80 20.88
N GLU A 479 -4.44 -34.16 22.16
CA GLU A 479 -4.75 -35.52 22.54
C GLU A 479 -6.15 -35.90 22.06
N TYR A 480 -7.07 -34.93 22.09
CA TYR A 480 -8.46 -35.13 21.66
C TYR A 480 -8.52 -35.63 20.22
N GLY A 481 -7.58 -35.19 19.39
CA GLY A 481 -7.53 -35.60 18.00
C GLY A 481 -7.37 -37.09 17.76
N LEU A 482 -7.04 -37.83 18.82
CA LEU A 482 -6.86 -39.27 18.75
C LEU A 482 -8.14 -40.05 19.04
N GLN A 483 -9.04 -39.42 19.79
CA GLN A 483 -10.31 -40.05 20.19
C GLN A 483 -11.10 -40.69 19.05
N ALA A 484 -11.34 -39.93 17.99
CA ALA A 484 -12.10 -40.41 16.83
C ALA A 484 -11.39 -41.46 15.99
N TYR A 485 -10.11 -41.67 16.25
CA TYR A 485 -9.32 -42.64 15.50
C TYR A 485 -9.05 -43.90 16.30
N THR A 486 -9.77 -44.06 17.40
CA THR A 486 -9.63 -45.20 18.28
C THR A 486 -10.97 -45.90 18.49
N GLU A 487 -10.96 -47.23 18.45
CA GLU A 487 -12.15 -48.02 18.71
C GLU A 487 -11.81 -48.70 20.04
N VAL A 488 -12.70 -48.57 21.02
CA VAL A 488 -12.43 -49.13 22.34
C VAL A 488 -12.97 -50.53 22.56
N LYS A 489 -12.10 -51.41 23.05
CA LYS A 489 -12.48 -52.79 23.34
C LYS A 489 -12.25 -53.05 24.81
N THR A 490 -13.27 -53.61 25.46
CA THR A 490 -13.19 -53.95 26.87
C THR A 490 -12.96 -55.47 26.95
N VAL A 491 -11.94 -55.87 27.70
CA VAL A 491 -11.68 -57.29 27.90
C VAL A 491 -11.87 -57.55 29.39
N THR A 492 -12.85 -58.40 29.72
CA THR A 492 -13.13 -58.72 31.11
C THR A 492 -12.90 -60.21 31.32
N VAL A 493 -11.89 -60.50 32.14
CA VAL A 493 -11.44 -61.85 32.43
C VAL A 493 -11.78 -62.29 33.84
N LYS A 494 -12.28 -63.52 33.95
CA LYS A 494 -12.62 -64.12 35.24
C LYS A 494 -11.30 -64.49 35.91
N VAL A 495 -11.14 -64.13 37.18
CA VAL A 495 -9.92 -64.46 37.92
C VAL A 495 -10.31 -65.22 39.19
N PRO A 496 -9.39 -66.07 39.71
CA PRO A 496 -9.65 -66.85 40.92
C PRO A 496 -10.11 -66.03 42.11
N GLN A 497 -9.46 -64.90 42.34
CA GLN A 497 -9.82 -64.03 43.45
C GLN A 497 -9.26 -62.62 43.29
N LYS A 498 -10.13 -61.68 43.02
CA LYS A 498 -9.71 -60.30 42.85
C LYS A 498 -9.35 -59.61 44.16
N ASN A 499 -8.21 -58.92 44.16
CA ASN A 499 -7.75 -58.16 45.31
C ASN A 499 -7.34 -56.80 44.78
N SER A 500 -7.31 -55.81 45.66
CA SER A 500 -6.93 -54.46 45.29
C SER A 500 -5.43 -54.40 44.94
N ALA B 7 -31.83 -63.04 49.76
CA ALA B 7 -33.07 -62.66 50.51
C ALA B 7 -33.83 -61.56 49.79
N VAL B 8 -34.86 -61.96 49.04
CA VAL B 8 -35.67 -61.01 48.29
C VAL B 8 -37.02 -60.80 48.99
N PRO B 9 -37.39 -59.53 49.24
CA PRO B 9 -38.65 -59.17 49.90
C PRO B 9 -39.83 -59.62 49.03
N ALA B 10 -40.91 -60.06 49.70
CA ALA B 10 -42.11 -60.49 49.01
C ALA B 10 -42.64 -59.36 48.13
N PRO B 11 -42.89 -59.63 46.84
CA PRO B 11 -43.39 -58.61 45.91
C PRO B 11 -44.90 -58.41 45.93
N ASN B 12 -45.32 -57.21 45.55
CA ASN B 12 -46.74 -56.91 45.43
C ASN B 12 -46.90 -57.27 43.96
N GLN B 13 -47.66 -58.34 43.70
CA GLN B 13 -47.86 -58.80 42.33
C GLN B 13 -48.75 -57.89 41.50
N GLN B 14 -49.33 -56.87 42.14
CA GLN B 14 -50.18 -55.91 41.44
C GLN B 14 -49.91 -54.51 41.97
N PRO B 15 -48.70 -53.98 41.72
CA PRO B 15 -48.32 -52.65 42.18
C PRO B 15 -49.13 -51.55 41.51
N GLU B 16 -49.51 -50.55 42.32
CA GLU B 16 -50.29 -49.42 41.84
C GLU B 16 -49.42 -48.54 40.94
N VAL B 17 -50.04 -47.91 39.95
CA VAL B 17 -49.33 -47.02 39.04
C VAL B 17 -49.67 -45.59 39.45
N PHE B 18 -48.65 -44.80 39.75
CA PHE B 18 -48.84 -43.41 40.18
C PHE B 18 -48.49 -42.41 39.08
N CYS B 19 -47.66 -42.83 38.13
CA CYS B 19 -47.24 -41.93 37.06
C CYS B 19 -47.48 -42.52 35.69
N ASN B 20 -48.19 -41.78 34.84
CA ASN B 20 -48.51 -42.24 33.50
C ASN B 20 -48.68 -41.09 32.52
N GLN B 21 -48.04 -39.96 32.82
CA GLN B 21 -48.14 -38.78 31.97
C GLN B 21 -46.77 -38.31 31.45
N ILE B 22 -46.76 -37.13 30.85
CA ILE B 22 -45.54 -36.54 30.32
C ILE B 22 -44.90 -35.67 31.42
N PHE B 23 -43.62 -35.89 31.65
CA PHE B 23 -42.88 -35.16 32.68
C PHE B 23 -42.06 -34.01 32.12
N ILE B 24 -42.47 -32.78 32.43
CA ILE B 24 -41.78 -31.57 31.96
C ILE B 24 -41.75 -30.55 33.09
N ASN B 25 -40.60 -29.93 33.31
CA ASN B 25 -40.43 -28.93 34.37
C ASN B 25 -40.90 -29.45 35.72
N ASN B 26 -40.54 -30.70 36.01
CA ASN B 26 -40.92 -31.36 37.26
C ASN B 26 -42.42 -31.45 37.50
N GLU B 27 -43.21 -31.42 36.44
CA GLU B 27 -44.67 -31.51 36.56
C GLU B 27 -45.23 -32.51 35.56
N TRP B 28 -46.41 -33.05 35.88
CA TRP B 28 -47.09 -34.03 35.03
C TRP B 28 -48.09 -33.37 34.09
N HIS B 29 -48.01 -33.72 32.80
CA HIS B 29 -48.88 -33.15 31.78
C HIS B 29 -49.45 -34.23 30.88
N ASP B 30 -50.66 -34.00 30.37
CA ASP B 30 -51.25 -34.92 29.42
C ASP B 30 -50.66 -34.52 28.07
N ALA B 31 -50.85 -35.35 27.06
CA ALA B 31 -50.36 -35.03 25.73
C ALA B 31 -51.19 -33.84 25.25
N VAL B 32 -50.60 -32.97 24.44
CA VAL B 32 -51.32 -31.80 23.93
C VAL B 32 -52.60 -32.25 23.21
N SER B 33 -52.51 -33.41 22.55
CA SER B 33 -53.65 -33.99 21.83
C SER B 33 -54.60 -34.71 22.79
N ARG B 34 -54.15 -34.90 24.03
CA ARG B 34 -54.94 -35.60 25.06
C ARG B 34 -55.03 -37.11 24.79
N LYS B 35 -54.30 -37.58 23.80
CA LYS B 35 -54.30 -38.99 23.44
C LYS B 35 -53.46 -39.84 24.39
N THR B 36 -53.88 -41.09 24.59
CA THR B 36 -53.17 -42.02 25.46
C THR B 36 -53.06 -43.36 24.76
N PHE B 37 -52.09 -44.16 25.19
CA PHE B 37 -51.90 -45.49 24.63
C PHE B 37 -51.80 -46.48 25.78
N PRO B 38 -52.24 -47.72 25.54
CA PRO B 38 -52.16 -48.74 26.59
C PRO B 38 -50.80 -49.40 26.68
N THR B 39 -50.43 -49.78 27.90
CA THR B 39 -49.20 -50.52 28.12
C THR B 39 -49.69 -51.84 28.70
N VAL B 40 -49.23 -52.94 28.11
CA VAL B 40 -49.67 -54.27 28.48
C VAL B 40 -48.75 -55.07 29.41
N ASN B 41 -49.38 -55.94 30.20
CA ASN B 41 -48.66 -56.86 31.10
C ASN B 41 -48.49 -58.07 30.19
N PRO B 42 -47.26 -58.35 29.75
CA PRO B 42 -46.95 -59.47 28.87
C PRO B 42 -47.25 -60.87 29.39
N SER B 43 -47.37 -61.02 30.71
CA SER B 43 -47.67 -62.32 31.31
C SER B 43 -49.13 -62.73 31.15
N THR B 44 -50.02 -61.74 31.11
CA THR B 44 -51.45 -61.99 30.99
C THR B 44 -52.05 -61.45 29.69
N GLY B 45 -51.35 -60.51 29.06
CA GLY B 45 -51.85 -59.91 27.84
C GLY B 45 -52.87 -58.83 28.12
N GLU B 46 -53.08 -58.53 29.39
CA GLU B 46 -54.05 -57.52 29.81
C GLU B 46 -53.43 -56.13 29.99
N VAL B 47 -54.24 -55.10 29.76
CA VAL B 47 -53.79 -53.72 29.90
C VAL B 47 -53.57 -53.32 31.35
N ILE B 48 -52.42 -52.70 31.62
CA ILE B 48 -52.10 -52.23 32.96
C ILE B 48 -52.76 -50.88 33.20
N CYS B 49 -52.57 -49.96 32.25
CA CYS B 49 -53.15 -48.63 32.32
C CYS B 49 -52.86 -47.88 31.03
N GLN B 50 -53.43 -46.69 30.93
CA GLN B 50 -53.24 -45.81 29.78
C GLN B 50 -52.07 -44.89 30.10
N VAL B 51 -51.36 -44.47 29.07
CA VAL B 51 -50.21 -43.58 29.25
C VAL B 51 -50.28 -42.46 28.20
N ALA B 52 -49.97 -41.23 28.63
CA ALA B 52 -49.99 -40.08 27.74
C ALA B 52 -49.15 -40.35 26.49
N GLU B 53 -49.75 -40.16 25.32
CA GLU B 53 -49.07 -40.40 24.06
C GLU B 53 -48.37 -39.15 23.56
N GLY B 54 -47.11 -38.99 23.94
CA GLY B 54 -46.35 -37.82 23.51
C GLY B 54 -46.04 -37.85 22.03
N ASP B 55 -46.03 -36.67 21.42
CA ASP B 55 -45.73 -36.51 20.00
C ASP B 55 -44.85 -35.26 19.87
N LYS B 56 -44.63 -34.81 18.64
CA LYS B 56 -43.80 -33.65 18.36
C LYS B 56 -44.07 -32.40 19.21
N GLU B 57 -45.33 -32.01 19.35
CA GLU B 57 -45.68 -30.84 20.14
C GLU B 57 -45.26 -30.96 21.59
N ASP B 58 -45.32 -32.17 22.12
CA ASP B 58 -44.93 -32.43 23.50
C ASP B 58 -43.41 -32.39 23.65
N VAL B 59 -42.73 -32.87 22.61
CA VAL B 59 -41.27 -32.88 22.58
C VAL B 59 -40.79 -31.42 22.55
N ASP B 60 -41.47 -30.62 21.75
CA ASP B 60 -41.15 -29.20 21.62
C ASP B 60 -41.18 -28.51 22.98
N LYS B 61 -42.24 -28.78 23.75
CA LYS B 61 -42.39 -28.21 25.09
C LYS B 61 -41.23 -28.67 25.99
N ALA B 62 -40.88 -29.96 25.86
CA ALA B 62 -39.79 -30.56 26.64
C ALA B 62 -38.43 -29.93 26.32
N VAL B 63 -38.15 -29.75 25.04
CA VAL B 63 -36.89 -29.15 24.62
C VAL B 63 -36.78 -27.71 25.10
N LYS B 64 -37.87 -26.96 25.02
CA LYS B 64 -37.86 -25.57 25.47
C LYS B 64 -37.60 -25.50 26.97
N ALA B 65 -38.19 -26.43 27.72
CA ALA B 65 -38.00 -26.50 29.17
C ALA B 65 -36.54 -26.83 29.48
N ALA B 66 -35.97 -27.78 28.73
CA ALA B 66 -34.60 -28.20 28.91
C ALA B 66 -33.65 -27.05 28.56
N ARG B 67 -33.93 -26.37 27.45
CA ARG B 67 -33.11 -25.24 27.00
C ARG B 67 -33.07 -24.14 28.05
N ALA B 68 -34.24 -23.85 28.63
CA ALA B 68 -34.38 -22.83 29.66
C ALA B 68 -33.53 -23.21 30.88
N ALA B 69 -33.60 -24.49 31.26
CA ALA B 69 -32.84 -25.00 32.40
C ALA B 69 -31.33 -24.98 32.16
N PHE B 70 -30.93 -24.96 30.89
CA PHE B 70 -29.52 -24.95 30.51
C PHE B 70 -28.95 -23.54 30.29
N GLN B 71 -29.80 -22.53 30.38
CA GLN B 71 -29.35 -21.15 30.17
C GLN B 71 -28.27 -20.76 31.17
N LEU B 72 -27.29 -20.00 30.69
CA LEU B 72 -26.20 -19.53 31.53
C LEU B 72 -26.79 -18.78 32.72
N GLY B 73 -26.25 -19.02 33.91
CA GLY B 73 -26.73 -18.36 35.10
C GLY B 73 -27.91 -19.03 35.79
N SER B 74 -28.45 -20.08 35.18
CA SER B 74 -29.57 -20.81 35.77
C SER B 74 -29.07 -21.65 36.96
N PRO B 75 -30.00 -22.14 37.81
CA PRO B 75 -29.62 -22.96 38.97
C PRO B 75 -28.76 -24.19 38.60
N TRP B 76 -29.15 -24.87 37.54
CA TRP B 76 -28.43 -26.05 37.07
C TRP B 76 -27.03 -25.76 36.52
N ARG B 77 -26.87 -24.63 35.84
CA ARG B 77 -25.57 -24.25 35.30
C ARG B 77 -24.59 -23.76 36.36
N ARG B 78 -25.11 -23.04 37.35
CA ARG B 78 -24.31 -22.48 38.44
C ARG B 78 -23.97 -23.50 39.52
N MET B 79 -24.81 -24.50 39.68
CA MET B 79 -24.62 -25.55 40.67
C MET B 79 -23.21 -26.15 40.62
N ASP B 80 -22.60 -26.29 41.79
CA ASP B 80 -21.26 -26.86 41.89
C ASP B 80 -21.31 -28.30 41.36
N ALA B 81 -20.27 -28.70 40.63
CA ALA B 81 -20.21 -30.03 40.08
C ALA B 81 -20.35 -31.08 41.18
N SER B 82 -19.76 -30.82 42.35
CA SER B 82 -19.85 -31.76 43.47
C SER B 82 -21.29 -31.91 43.92
N HIS B 83 -22.08 -30.85 43.79
CA HIS B 83 -23.49 -30.91 44.19
C HIS B 83 -24.31 -31.74 43.21
N ARG B 84 -23.92 -31.78 41.94
CA ARG B 84 -24.62 -32.61 40.97
C ARG B 84 -24.38 -34.05 41.42
N GLY B 85 -23.19 -34.28 41.98
CA GLY B 85 -22.86 -35.59 42.49
C GLY B 85 -23.76 -35.93 43.66
N ARG B 86 -24.01 -34.93 44.52
CA ARG B 86 -24.87 -35.09 45.69
C ARG B 86 -26.29 -35.45 45.27
N LEU B 87 -26.78 -34.79 44.22
CA LEU B 87 -28.13 -35.05 43.70
C LEU B 87 -28.26 -36.45 43.12
N LEU B 88 -27.23 -36.91 42.38
CA LEU B 88 -27.24 -38.25 41.80
C LEU B 88 -27.26 -39.31 42.90
N ASN B 89 -26.52 -39.07 43.98
CA ASN B 89 -26.48 -39.98 45.12
C ASN B 89 -27.84 -39.99 45.81
N ARG B 90 -28.45 -38.82 45.91
CA ARG B 90 -29.76 -38.69 46.54
C ARG B 90 -30.80 -39.47 45.73
N LEU B 91 -30.72 -39.37 44.40
CA LEU B 91 -31.64 -40.08 43.53
C LEU B 91 -31.46 -41.59 43.69
N ALA B 92 -30.22 -42.01 43.87
CA ALA B 92 -29.89 -43.43 44.06
C ALA B 92 -30.52 -43.94 45.36
N ASP B 93 -30.41 -43.13 46.42
CA ASP B 93 -30.98 -43.49 47.72
C ASP B 93 -32.49 -43.62 47.63
N LEU B 94 -33.13 -42.73 46.85
CA LEU B 94 -34.58 -42.77 46.70
C LEU B 94 -35.00 -44.01 45.92
N ILE B 95 -34.21 -44.40 44.93
CA ILE B 95 -34.52 -45.57 44.13
C ILE B 95 -34.33 -46.81 45.01
N GLU B 96 -33.35 -46.78 45.90
CA GLU B 96 -33.12 -47.89 46.80
C GLU B 96 -34.25 -48.01 47.83
N ARG B 97 -34.75 -46.87 48.30
CA ARG B 97 -35.85 -46.86 49.26
C ARG B 97 -37.08 -47.54 48.65
N ASP B 98 -37.33 -47.27 47.37
CA ASP B 98 -38.47 -47.81 46.64
C ASP B 98 -38.07 -48.99 45.74
N ARG B 99 -37.03 -49.71 46.12
CA ARG B 99 -36.52 -50.84 45.34
C ARG B 99 -37.53 -51.94 45.10
N THR B 100 -38.16 -52.40 46.17
CA THR B 100 -39.15 -53.47 46.08
C THR B 100 -40.30 -53.09 45.13
N TYR B 101 -40.80 -51.87 45.27
CA TYR B 101 -41.88 -51.39 44.42
C TYR B 101 -41.45 -51.32 42.94
N LEU B 102 -40.32 -50.68 42.67
CA LEU B 102 -39.81 -50.55 41.30
C LEU B 102 -39.53 -51.88 40.63
N ALA B 103 -39.03 -52.84 41.39
CA ALA B 103 -38.71 -54.16 40.86
C ALA B 103 -40.00 -54.84 40.42
N ALA B 104 -41.05 -54.73 41.24
CA ALA B 104 -42.35 -55.33 40.95
C ALA B 104 -42.99 -54.69 39.73
N LEU B 105 -42.91 -53.36 39.64
CA LEU B 105 -43.47 -52.62 38.51
C LEU B 105 -42.71 -52.94 37.23
N GLU B 106 -41.40 -53.11 37.34
CA GLU B 106 -40.55 -53.44 36.19
C GLU B 106 -41.00 -54.79 35.63
N THR B 107 -41.19 -55.75 36.53
CA THR B 107 -41.63 -57.09 36.14
C THR B 107 -43.04 -57.03 35.54
N LEU B 108 -43.92 -56.27 36.18
CA LEU B 108 -45.30 -56.15 35.70
C LEU B 108 -45.37 -55.65 34.26
N ASP B 109 -44.62 -54.60 33.97
CA ASP B 109 -44.60 -53.96 32.64
C ASP B 109 -43.72 -54.66 31.60
N ASN B 110 -42.59 -55.22 32.04
CA ASN B 110 -41.64 -55.86 31.14
C ASN B 110 -41.79 -57.37 30.96
N GLY B 111 -41.98 -58.10 32.06
CA GLY B 111 -42.13 -59.54 31.98
C GLY B 111 -41.02 -60.36 32.62
N LYS B 112 -39.89 -59.71 32.93
CA LYS B 112 -38.76 -60.41 33.54
C LYS B 112 -39.06 -60.83 34.98
N PRO B 113 -38.43 -61.93 35.44
CA PRO B 113 -38.63 -62.44 36.80
C PRO B 113 -38.40 -61.34 37.86
N TYR B 114 -39.26 -61.30 38.87
CA TYR B 114 -39.16 -60.31 39.92
C TYR B 114 -37.83 -60.43 40.68
N VAL B 115 -37.41 -61.66 40.93
CA VAL B 115 -36.14 -61.92 41.62
C VAL B 115 -34.99 -61.25 40.85
N ILE B 116 -35.04 -61.30 39.52
CA ILE B 116 -34.02 -60.71 38.68
C ILE B 116 -34.11 -59.19 38.67
N SER B 117 -35.33 -58.66 38.55
CA SER B 117 -35.55 -57.22 38.57
C SER B 117 -34.99 -56.62 39.85
N TYR B 118 -35.19 -57.32 40.95
CA TYR B 118 -34.75 -56.88 42.25
C TYR B 118 -33.24 -57.02 42.47
N LEU B 119 -32.71 -58.22 42.27
CA LEU B 119 -31.30 -58.52 42.49
C LEU B 119 -30.32 -58.06 41.40
N VAL B 120 -30.81 -57.95 40.18
CA VAL B 120 -29.96 -57.55 39.05
C VAL B 120 -30.22 -56.14 38.54
N ASP B 121 -31.36 -55.95 37.89
CA ASP B 121 -31.69 -54.63 37.33
C ASP B 121 -31.58 -53.46 38.30
N LEU B 122 -32.27 -53.55 39.43
CA LEU B 122 -32.22 -52.49 40.43
C LEU B 122 -30.85 -52.26 41.05
N ASP B 123 -30.12 -53.36 41.23
CA ASP B 123 -28.77 -53.28 41.79
C ASP B 123 -27.85 -52.55 40.80
N MET B 124 -27.99 -52.90 39.52
CA MET B 124 -27.18 -52.27 38.46
C MET B 124 -27.54 -50.80 38.25
N VAL B 125 -28.80 -50.45 38.51
CA VAL B 125 -29.25 -49.07 38.39
C VAL B 125 -28.58 -48.24 39.48
N LEU B 126 -28.63 -48.76 40.71
CA LEU B 126 -28.03 -48.10 41.86
C LEU B 126 -26.52 -47.91 41.69
N LYS B 127 -25.84 -48.96 41.23
CA LYS B 127 -24.40 -48.90 41.01
C LYS B 127 -24.02 -47.95 39.90
N CYS B 128 -24.85 -47.85 38.87
CA CYS B 128 -24.59 -46.97 37.76
C CYS B 128 -24.68 -45.50 38.20
N LEU B 129 -25.77 -45.17 38.88
CA LEU B 129 -25.98 -43.80 39.37
C LEU B 129 -24.95 -43.36 40.40
N ARG B 130 -24.61 -44.26 41.34
CA ARG B 130 -23.62 -43.92 42.36
C ARG B 130 -22.22 -43.80 41.77
N TYR B 131 -21.95 -44.56 40.71
CA TYR B 131 -20.65 -44.49 40.05
C TYR B 131 -20.52 -43.12 39.38
N TYR B 132 -21.51 -42.75 38.56
CA TYR B 132 -21.45 -41.47 37.87
C TYR B 132 -21.53 -40.27 38.80
N ALA B 133 -22.15 -40.46 39.95
CA ALA B 133 -22.26 -39.41 40.95
C ALA B 133 -20.84 -38.93 41.29
N GLY B 134 -19.93 -39.90 41.42
CA GLY B 134 -18.55 -39.62 41.73
C GLY B 134 -17.76 -38.95 40.62
N TRP B 135 -18.20 -39.11 39.38
CA TRP B 135 -17.51 -38.50 38.24
C TRP B 135 -17.82 -37.01 38.09
N ALA B 136 -18.96 -36.59 38.62
CA ALA B 136 -19.44 -35.20 38.51
C ALA B 136 -18.42 -34.08 38.60
N ASP B 137 -17.48 -34.17 39.54
CA ASP B 137 -16.48 -33.15 39.72
C ASP B 137 -15.05 -33.63 39.49
N LYS B 138 -14.89 -34.58 38.58
CA LYS B 138 -13.56 -35.15 38.30
C LYS B 138 -13.17 -35.26 36.82
N TYR B 139 -14.05 -34.86 35.91
CA TYR B 139 -13.73 -34.95 34.49
C TYR B 139 -13.04 -33.65 34.04
N HIS B 140 -11.79 -33.50 34.47
CA HIS B 140 -10.97 -32.32 34.20
C HIS B 140 -10.66 -32.01 32.73
N GLY B 141 -10.45 -30.73 32.48
CA GLY B 141 -10.05 -30.27 31.17
C GLY B 141 -8.54 -30.29 31.23
N LYS B 142 -7.85 -29.56 30.37
CA LYS B 142 -6.39 -29.60 30.38
C LYS B 142 -5.74 -28.24 30.23
N THR B 143 -4.49 -28.12 30.72
CA THR B 143 -3.71 -26.90 30.54
C THR B 143 -2.63 -27.45 29.62
N ILE B 144 -2.51 -26.81 28.45
CA ILE B 144 -1.61 -27.27 27.39
C ILE B 144 -0.39 -26.39 27.09
N PRO B 145 0.80 -27.02 27.03
CA PRO B 145 2.08 -26.35 26.77
C PRO B 145 2.24 -26.01 25.28
N ILE B 146 1.35 -25.18 24.78
CA ILE B 146 1.34 -24.74 23.39
C ILE B 146 2.57 -23.87 23.09
N ASP B 147 2.95 -23.79 21.82
CA ASP B 147 4.09 -22.98 21.38
C ASP B 147 3.78 -21.49 21.55
N GLY B 148 4.83 -20.69 21.73
CA GLY B 148 4.66 -19.25 21.85
C GLY B 148 4.22 -18.70 23.19
N ASP B 149 4.11 -17.37 23.26
CA ASP B 149 3.70 -16.70 24.49
C ASP B 149 2.20 -16.75 24.72
N PHE B 150 1.71 -17.96 24.99
CA PHE B 150 0.28 -18.18 25.24
C PHE B 150 0.02 -19.14 26.40
N PHE B 151 -1.17 -18.98 26.99
CA PHE B 151 -1.64 -19.85 28.06
C PHE B 151 -2.87 -20.49 27.42
N SER B 152 -2.77 -21.78 27.14
CA SER B 152 -3.87 -22.49 26.52
C SER B 152 -4.39 -23.60 27.42
N TYR B 153 -5.71 -23.69 27.50
CA TYR B 153 -6.36 -24.71 28.31
C TYR B 153 -7.71 -25.05 27.71
N THR B 154 -8.31 -26.15 28.15
CA THR B 154 -9.63 -26.54 27.66
C THR B 154 -10.66 -26.62 28.79
N ARG B 155 -11.89 -26.27 28.44
CA ARG B 155 -13.01 -26.35 29.36
C ARG B 155 -13.82 -27.50 28.83
N HIS B 156 -14.25 -28.38 29.73
CA HIS B 156 -15.08 -29.52 29.37
C HIS B 156 -16.50 -29.14 29.76
N GLU B 157 -17.18 -28.46 28.84
CA GLU B 157 -18.54 -28.01 29.07
C GLU B 157 -19.56 -29.08 28.71
N PRO B 158 -20.82 -28.92 29.17
CA PRO B 158 -21.85 -29.91 28.85
C PRO B 158 -22.21 -29.74 27.38
N VAL B 159 -22.47 -30.84 26.69
CA VAL B 159 -22.85 -30.77 25.28
C VAL B 159 -24.18 -30.01 25.11
N GLY B 160 -25.03 -30.06 26.13
CA GLY B 160 -26.29 -29.32 26.07
C GLY B 160 -27.55 -30.15 26.24
N VAL B 161 -28.58 -29.80 25.46
CA VAL B 161 -29.85 -30.52 25.47
C VAL B 161 -29.63 -31.89 24.84
N CYS B 162 -29.70 -32.93 25.66
CA CYS B 162 -29.49 -34.29 25.19
C CYS B 162 -30.78 -35.09 25.02
N GLY B 163 -31.02 -35.55 23.79
CA GLY B 163 -32.18 -36.36 23.52
C GLY B 163 -31.75 -37.78 23.77
N GLN B 164 -32.47 -38.50 24.63
CA GLN B 164 -32.12 -39.87 24.96
C GLN B 164 -33.28 -40.82 24.67
N ILE B 165 -33.07 -41.68 23.67
CA ILE B 165 -34.09 -42.64 23.25
C ILE B 165 -33.66 -44.06 23.64
N ILE B 166 -34.47 -44.69 24.50
CA ILE B 166 -34.17 -46.02 24.99
C ILE B 166 -35.18 -47.12 24.69
N PRO B 167 -34.72 -48.39 24.72
CA PRO B 167 -35.52 -49.59 24.46
C PRO B 167 -36.25 -50.13 25.68
N TRP B 168 -36.92 -51.27 25.49
CA TRP B 168 -37.72 -51.92 26.52
C TRP B 168 -37.12 -53.11 27.25
N ASN B 169 -35.98 -53.63 26.80
CA ASN B 169 -35.42 -54.80 27.46
C ASN B 169 -34.94 -54.60 28.91
N PHE B 170 -34.36 -53.45 29.20
CA PHE B 170 -33.90 -53.12 30.55
C PHE B 170 -34.34 -51.67 30.75
N PRO B 171 -35.65 -51.46 30.97
CA PRO B 171 -36.23 -50.13 31.15
C PRO B 171 -35.53 -49.22 32.15
N LEU B 172 -35.44 -49.63 33.42
CA LEU B 172 -34.77 -48.82 34.43
C LEU B 172 -33.27 -48.69 34.22
N LEU B 173 -32.62 -49.80 33.86
CA LEU B 173 -31.18 -49.80 33.64
C LEU B 173 -30.76 -48.92 32.46
N MET B 174 -31.54 -48.95 31.39
CA MET B 174 -31.24 -48.13 30.22
C MET B 174 -31.40 -46.67 30.59
N GLN B 175 -32.41 -46.36 31.40
CA GLN B 175 -32.63 -44.98 31.85
C GLN B 175 -31.44 -44.53 32.69
N ALA B 176 -30.91 -45.43 33.50
CA ALA B 176 -29.76 -45.12 34.35
C ALA B 176 -28.49 -44.90 33.55
N TRP B 177 -28.25 -45.76 32.56
CA TRP B 177 -27.07 -45.65 31.70
C TRP B 177 -27.04 -44.33 30.95
N LYS B 178 -28.22 -43.77 30.71
CA LYS B 178 -28.34 -42.50 30.01
C LYS B 178 -28.28 -41.30 30.95
N LEU B 179 -29.07 -41.34 32.01
CA LEU B 179 -29.10 -40.24 32.99
C LEU B 179 -27.81 -40.00 33.78
N GLY B 180 -27.16 -41.07 34.20
CA GLY B 180 -25.94 -40.98 34.97
C GLY B 180 -24.84 -40.12 34.39
N PRO B 181 -24.31 -40.46 33.20
CA PRO B 181 -23.24 -39.66 32.59
C PRO B 181 -23.70 -38.26 32.17
N ALA B 182 -24.93 -38.16 31.66
CA ALA B 182 -25.48 -36.88 31.23
C ALA B 182 -25.59 -35.87 32.36
N LEU B 183 -26.21 -36.28 33.47
CA LEU B 183 -26.38 -35.38 34.61
C LEU B 183 -25.07 -35.12 35.34
N ALA B 184 -24.21 -36.13 35.38
CA ALA B 184 -22.91 -35.98 36.04
C ALA B 184 -22.12 -34.85 35.40
N THR B 185 -22.25 -34.71 34.08
CA THR B 185 -21.53 -33.67 33.35
C THR B 185 -22.30 -32.37 33.13
N GLY B 186 -23.39 -32.19 33.86
CA GLY B 186 -24.17 -30.95 33.77
C GLY B 186 -25.08 -30.73 32.57
N ASN B 187 -25.48 -31.80 31.90
CA ASN B 187 -26.37 -31.68 30.75
C ASN B 187 -27.84 -31.70 31.18
N VAL B 188 -28.73 -31.41 30.23
CA VAL B 188 -30.17 -31.45 30.47
C VAL B 188 -30.72 -32.51 29.51
N VAL B 189 -31.78 -33.18 29.93
CA VAL B 189 -32.33 -34.30 29.17
C VAL B 189 -33.79 -34.27 28.73
N VAL B 190 -34.02 -34.83 27.55
CA VAL B 190 -35.35 -35.01 26.97
C VAL B 190 -35.31 -36.49 26.60
N MET B 191 -35.88 -37.31 27.47
CA MET B 191 -35.88 -38.76 27.29
C MET B 191 -37.17 -39.36 26.73
N LYS B 192 -37.01 -40.24 25.74
CA LYS B 192 -38.13 -40.92 25.14
C LYS B 192 -38.04 -42.40 25.51
N VAL B 193 -38.85 -42.82 26.47
CA VAL B 193 -38.84 -44.21 26.91
C VAL B 193 -39.65 -45.06 25.94
N ALA B 194 -39.43 -46.38 25.97
CA ALA B 194 -40.13 -47.29 25.07
C ALA B 194 -41.61 -47.38 25.38
N GLU B 195 -42.42 -47.40 24.32
CA GLU B 195 -43.86 -47.49 24.48
C GLU B 195 -44.28 -48.79 25.16
N GLN B 196 -43.44 -49.82 25.07
CA GLN B 196 -43.73 -51.11 25.68
C GLN B 196 -43.50 -51.12 27.19
N THR B 197 -42.61 -50.24 27.66
CA THR B 197 -42.28 -50.17 29.08
C THR B 197 -42.01 -48.75 29.56
N PRO B 198 -43.06 -47.92 29.69
CA PRO B 198 -42.85 -46.53 30.14
C PRO B 198 -43.04 -46.28 31.63
N LEU B 199 -43.72 -47.19 32.32
CA LEU B 199 -44.04 -47.02 33.74
C LEU B 199 -42.91 -46.76 34.73
N THR B 200 -41.96 -47.67 34.83
CA THR B 200 -40.86 -47.51 35.79
C THR B 200 -40.06 -46.22 35.62
N ALA B 201 -39.82 -45.83 34.36
CA ALA B 201 -39.06 -44.62 34.08
C ALA B 201 -39.82 -43.37 34.52
N LEU B 202 -41.15 -43.41 34.38
CA LEU B 202 -41.99 -42.28 34.78
C LEU B 202 -41.98 -42.11 36.30
N TYR B 203 -42.00 -43.23 37.04
CA TYR B 203 -41.97 -43.13 38.50
C TYR B 203 -40.64 -42.54 38.95
N VAL B 204 -39.56 -42.92 38.27
CA VAL B 204 -38.23 -42.39 38.60
C VAL B 204 -38.22 -40.87 38.42
N ALA B 205 -38.99 -40.39 37.44
CA ALA B 205 -39.08 -38.94 37.21
C ALA B 205 -39.58 -38.27 38.49
N ASN B 206 -40.52 -38.92 39.18
CA ASN B 206 -41.05 -38.42 40.44
C ASN B 206 -39.94 -38.36 41.47
N LEU B 207 -39.05 -39.36 41.43
CA LEU B 207 -37.93 -39.42 42.35
C LEU B 207 -36.86 -38.37 42.00
N ILE B 208 -36.77 -38.02 40.72
CA ILE B 208 -35.82 -37.00 40.27
C ILE B 208 -36.25 -35.65 40.84
N LYS B 209 -37.57 -35.41 40.84
CA LYS B 209 -38.12 -34.19 41.39
C LYS B 209 -37.88 -34.19 42.91
N GLU B 210 -38.17 -35.32 43.54
CA GLU B 210 -38.00 -35.47 44.98
C GLU B 210 -36.54 -35.30 45.41
N ALA B 211 -35.63 -35.73 44.54
CA ALA B 211 -34.19 -35.64 44.83
C ALA B 211 -33.68 -34.20 44.87
N GLY B 212 -34.39 -33.30 44.19
CA GLY B 212 -33.98 -31.90 44.19
C GLY B 212 -33.43 -31.38 42.86
N PHE B 213 -33.56 -32.14 41.78
CA PHE B 213 -33.07 -31.68 40.49
C PHE B 213 -33.96 -30.52 40.02
N PRO B 214 -33.35 -29.40 39.57
CA PRO B 214 -34.11 -28.25 39.10
C PRO B 214 -35.05 -28.60 37.95
N PRO B 215 -36.18 -27.87 37.83
CA PRO B 215 -37.18 -28.09 36.79
C PRO B 215 -36.55 -27.99 35.40
N GLY B 216 -36.92 -28.91 34.51
CA GLY B 216 -36.39 -28.89 33.16
C GLY B 216 -35.08 -29.63 32.94
N VAL B 217 -34.40 -30.01 34.02
CA VAL B 217 -33.13 -30.73 33.90
C VAL B 217 -33.38 -32.10 33.27
N VAL B 218 -34.44 -32.77 33.72
CA VAL B 218 -34.81 -34.07 33.17
C VAL B 218 -36.27 -34.01 32.75
N ASN B 219 -36.52 -34.28 31.48
CA ASN B 219 -37.87 -34.27 30.95
C ASN B 219 -38.10 -35.61 30.26
N ILE B 220 -39.25 -36.23 30.53
CA ILE B 220 -39.54 -37.52 29.95
C ILE B 220 -40.83 -37.51 29.15
N VAL B 221 -40.73 -37.93 27.90
CA VAL B 221 -41.87 -37.96 27.01
C VAL B 221 -42.19 -39.38 26.55
N PRO B 222 -43.19 -40.02 27.18
CA PRO B 222 -43.55 -41.37 26.75
C PRO B 222 -44.28 -41.21 25.42
N GLY B 223 -44.19 -42.23 24.58
CA GLY B 223 -44.84 -42.18 23.28
C GLY B 223 -44.20 -43.13 22.30
N PHE B 224 -44.64 -43.08 21.05
CA PHE B 224 -44.08 -43.96 20.03
C PHE B 224 -42.79 -43.46 19.40
N GLY B 225 -42.17 -44.32 18.60
CA GLY B 225 -40.91 -43.99 17.96
C GLY B 225 -40.95 -43.00 16.80
N PRO B 226 -41.70 -43.29 15.73
CA PRO B 226 -41.78 -42.40 14.56
C PRO B 226 -42.36 -41.02 14.90
N THR B 227 -43.04 -40.94 16.04
CA THR B 227 -43.63 -39.69 16.49
C THR B 227 -42.72 -38.94 17.46
N ALA B 228 -42.74 -39.33 18.74
CA ALA B 228 -41.91 -38.68 19.76
C ALA B 228 -40.41 -38.86 19.54
N GLY B 229 -40.00 -40.09 19.23
CA GLY B 229 -38.59 -40.35 19.02
C GLY B 229 -38.00 -39.58 17.85
N ALA B 230 -38.69 -39.60 16.72
CA ALA B 230 -38.23 -38.89 15.52
C ALA B 230 -38.21 -37.38 15.72
N ALA B 231 -39.12 -36.88 16.54
CA ALA B 231 -39.18 -35.44 16.82
C ALA B 231 -37.94 -34.98 17.59
N ILE B 232 -37.42 -35.86 18.44
CA ILE B 232 -36.23 -35.56 19.23
C ILE B 232 -34.99 -35.62 18.33
N ALA B 233 -34.90 -36.67 17.52
CA ALA B 233 -33.78 -36.86 16.61
C ALA B 233 -33.65 -35.76 15.55
N SER B 234 -34.79 -35.18 15.16
CA SER B 234 -34.79 -34.13 14.15
C SER B 234 -34.90 -32.71 14.69
N HIS B 235 -35.04 -32.58 16.00
CA HIS B 235 -35.20 -31.25 16.60
C HIS B 235 -34.03 -30.31 16.34
N GLU B 236 -34.35 -29.08 15.98
CA GLU B 236 -33.34 -28.07 15.68
C GLU B 236 -32.63 -27.52 16.91
N ASP B 237 -33.17 -27.79 18.09
CA ASP B 237 -32.57 -27.29 19.33
C ASP B 237 -32.04 -28.39 20.27
N VAL B 238 -31.95 -29.62 19.77
CA VAL B 238 -31.39 -30.71 20.56
C VAL B 238 -29.94 -30.79 20.11
N ASP B 239 -29.02 -30.75 21.06
CA ASP B 239 -27.59 -30.76 20.75
C ASP B 239 -26.95 -32.12 20.56
N LYS B 240 -27.48 -33.13 21.24
CA LYS B 240 -26.90 -34.45 21.16
C LYS B 240 -27.96 -35.49 21.37
N VAL B 241 -27.85 -36.59 20.63
CA VAL B 241 -28.80 -37.69 20.77
C VAL B 241 -28.06 -38.99 21.06
N ALA B 242 -28.56 -39.72 22.06
CA ALA B 242 -28.00 -41.01 22.45
C ALA B 242 -29.14 -42.00 22.25
N PHE B 243 -28.91 -43.01 21.43
CA PHE B 243 -29.92 -43.98 21.12
C PHE B 243 -29.49 -45.42 21.36
N THR B 244 -30.43 -46.22 21.86
CA THR B 244 -30.20 -47.64 22.09
C THR B 244 -31.41 -48.38 21.52
N GLY B 245 -31.14 -49.31 20.61
CA GLY B 245 -32.21 -50.07 19.99
C GLY B 245 -31.74 -50.86 18.78
N SER B 246 -32.61 -50.98 17.79
CA SER B 246 -32.29 -51.73 16.58
C SER B 246 -31.34 -50.97 15.67
N THR B 247 -30.56 -51.72 14.90
CA THR B 247 -29.60 -51.16 13.95
C THR B 247 -30.35 -50.33 12.89
N GLU B 248 -31.53 -50.82 12.51
CA GLU B 248 -32.37 -50.15 11.52
C GLU B 248 -32.73 -48.73 11.94
N ILE B 249 -33.23 -48.59 13.16
CA ILE B 249 -33.60 -47.28 13.69
C ILE B 249 -32.35 -46.44 13.98
N GLY B 250 -31.23 -47.12 14.24
CA GLY B 250 -29.99 -46.43 14.49
C GLY B 250 -29.60 -45.61 13.27
N ARG B 251 -29.82 -46.20 12.09
CA ARG B 251 -29.52 -45.53 10.81
C ARG B 251 -30.46 -44.35 10.64
N VAL B 252 -31.72 -44.54 11.00
CA VAL B 252 -32.72 -43.48 10.91
C VAL B 252 -32.32 -42.29 11.79
N ILE B 253 -31.80 -42.57 12.98
CA ILE B 253 -31.38 -41.52 13.91
C ILE B 253 -30.21 -40.71 13.34
N GLN B 254 -29.18 -41.39 12.88
CA GLN B 254 -28.01 -40.72 12.33
C GLN B 254 -28.38 -39.86 11.11
N VAL B 255 -29.26 -40.37 10.25
CA VAL B 255 -29.70 -39.61 9.08
C VAL B 255 -30.48 -38.38 9.53
N ALA B 256 -31.33 -38.54 10.54
CA ALA B 256 -32.13 -37.43 11.06
C ALA B 256 -31.22 -36.32 11.61
N ALA B 257 -30.16 -36.72 12.32
CA ALA B 257 -29.21 -35.77 12.89
C ALA B 257 -28.47 -34.99 11.81
N GLY B 258 -28.06 -35.69 10.75
CA GLY B 258 -27.37 -35.04 9.65
C GLY B 258 -28.29 -34.15 8.83
N SER B 259 -29.56 -34.55 8.72
CA SER B 259 -30.55 -33.78 7.96
C SER B 259 -31.11 -32.59 8.73
N SER B 260 -30.82 -32.52 10.04
CA SER B 260 -31.34 -31.43 10.85
C SER B 260 -30.28 -30.39 11.25
N ASN B 261 -29.84 -30.42 12.51
CA ASN B 261 -28.86 -29.46 13.01
C ASN B 261 -27.47 -30.02 13.30
N LEU B 262 -27.15 -31.17 12.72
CA LEU B 262 -25.84 -31.80 12.93
C LEU B 262 -25.56 -32.14 14.40
N LYS B 263 -26.61 -32.47 15.15
CA LYS B 263 -26.46 -32.82 16.55
C LYS B 263 -25.52 -34.04 16.66
N ARG B 264 -24.77 -34.11 17.75
CA ARG B 264 -23.83 -35.21 17.98
C ARG B 264 -24.57 -36.52 18.25
N VAL B 265 -24.05 -37.63 17.72
CA VAL B 265 -24.69 -38.94 17.85
C VAL B 265 -23.82 -40.09 18.37
N THR B 266 -24.44 -40.94 19.19
CA THR B 266 -23.81 -42.16 19.72
C THR B 266 -24.91 -43.21 19.65
N LEU B 267 -24.55 -44.43 19.26
CA LEU B 267 -25.54 -45.49 19.12
C LEU B 267 -25.13 -46.80 19.80
N GLU B 268 -26.11 -47.46 20.42
CA GLU B 268 -25.93 -48.75 21.09
C GLU B 268 -26.98 -49.64 20.44
N LEU B 269 -26.54 -50.44 19.49
CA LEU B 269 -27.45 -51.29 18.74
C LEU B 269 -27.36 -52.77 19.13
N GLY B 270 -27.88 -53.63 18.28
CA GLY B 270 -27.86 -55.05 18.58
C GLY B 270 -26.60 -55.78 18.19
N GLY B 271 -26.71 -57.10 18.09
CA GLY B 271 -25.58 -57.91 17.70
C GLY B 271 -25.94 -59.37 17.43
N LYS B 272 -24.89 -60.15 17.20
CA LYS B 272 -25.01 -61.60 16.97
C LYS B 272 -23.69 -62.11 17.54
N SER B 273 -23.49 -61.79 18.81
CA SER B 273 -22.28 -62.12 19.56
C SER B 273 -21.89 -63.58 19.64
N PRO B 274 -20.64 -63.89 19.27
CA PRO B 274 -20.10 -65.25 19.29
C PRO B 274 -19.49 -65.61 20.65
N ASN B 275 -19.87 -66.78 21.16
CA ASN B 275 -19.37 -67.29 22.43
C ASN B 275 -18.59 -68.54 22.05
N ILE B 276 -17.27 -68.43 22.05
CA ILE B 276 -16.35 -69.49 21.65
C ILE B 276 -15.88 -70.42 22.78
N ILE B 277 -16.15 -71.71 22.62
CA ILE B 277 -15.76 -72.70 23.62
C ILE B 277 -14.62 -73.57 23.08
N MET B 278 -13.42 -73.35 23.58
CA MET B 278 -12.26 -74.14 23.16
C MET B 278 -12.32 -75.48 23.86
N SER B 279 -11.70 -76.50 23.28
CA SER B 279 -11.72 -77.86 23.85
C SER B 279 -11.12 -78.01 25.25
N ASP B 280 -10.31 -77.04 25.68
CA ASP B 280 -9.69 -77.11 27.00
C ASP B 280 -10.49 -76.34 28.07
N ALA B 281 -11.69 -75.90 27.71
CA ALA B 281 -12.54 -75.15 28.65
C ALA B 281 -13.11 -76.05 29.74
N ASP B 282 -13.51 -75.44 30.85
CA ASP B 282 -14.14 -76.17 31.94
C ASP B 282 -15.55 -76.43 31.42
N MET B 283 -15.88 -77.71 31.19
CA MET B 283 -17.16 -78.11 30.64
C MET B 283 -18.38 -77.59 31.39
N ASP B 284 -18.47 -77.90 32.69
CA ASP B 284 -19.59 -77.48 33.52
C ASP B 284 -19.81 -75.97 33.49
N TRP B 285 -18.72 -75.24 33.70
CA TRP B 285 -18.76 -73.78 33.70
C TRP B 285 -19.13 -73.23 32.33
N ALA B 286 -18.52 -73.76 31.28
CA ALA B 286 -18.80 -73.30 29.91
C ALA B 286 -20.28 -73.51 29.54
N VAL B 287 -20.81 -74.67 29.89
CA VAL B 287 -22.21 -74.99 29.61
C VAL B 287 -23.18 -74.05 30.33
N GLU B 288 -22.98 -73.87 31.63
CA GLU B 288 -23.86 -73.00 32.41
C GLU B 288 -23.77 -71.55 31.92
N GLN B 289 -22.55 -71.09 31.64
CA GLN B 289 -22.32 -69.73 31.17
C GLN B 289 -22.91 -69.50 29.77
N ALA B 290 -22.80 -70.51 28.90
CA ALA B 290 -23.33 -70.38 27.54
C ALA B 290 -24.85 -70.32 27.60
N HIS B 291 -25.43 -71.03 28.56
CA HIS B 291 -26.89 -71.05 28.73
C HIS B 291 -27.33 -69.64 29.15
N PHE B 292 -26.63 -69.11 30.15
CA PHE B 292 -26.90 -67.77 30.68
C PHE B 292 -26.67 -66.73 29.58
N ALA B 293 -25.56 -66.86 28.86
CA ALA B 293 -25.17 -65.96 27.78
C ALA B 293 -26.27 -65.75 26.73
N LEU B 294 -27.06 -66.79 26.49
CA LEU B 294 -28.12 -66.69 25.50
C LEU B 294 -29.51 -66.42 26.08
N PHE B 295 -29.91 -67.22 27.05
CA PHE B 295 -31.24 -67.13 27.66
C PHE B 295 -31.52 -66.00 28.66
N PHE B 296 -30.49 -65.29 29.08
CA PHE B 296 -30.69 -64.20 30.03
C PHE B 296 -31.74 -63.17 29.58
N ASN B 297 -32.64 -62.81 30.50
CA ASN B 297 -33.68 -61.82 30.22
C ASN B 297 -34.56 -62.22 29.02
N GLN B 298 -35.02 -63.47 29.01
CA GLN B 298 -35.84 -63.99 27.92
C GLN B 298 -35.12 -63.90 26.58
N GLY B 299 -33.79 -63.89 26.63
CA GLY B 299 -33.00 -63.77 25.41
C GLY B 299 -33.04 -62.38 24.81
N GLN B 300 -33.62 -61.44 25.55
CA GLN B 300 -33.74 -60.05 25.09
C GLN B 300 -32.59 -59.19 25.57
N CYS B 301 -31.38 -59.56 25.13
N CYS B 301 -31.39 -59.55 25.13
CA CYS B 301 -30.17 -58.85 25.50
CA CYS B 301 -30.17 -58.85 25.50
C CYS B 301 -29.40 -58.52 24.23
C CYS B 301 -29.39 -58.52 24.24
N CYS B 302 -29.02 -57.25 24.08
CA CYS B 302 -28.26 -56.79 22.92
C CYS B 302 -27.01 -57.62 22.66
N CYS B 303 -26.32 -57.99 23.74
CA CYS B 303 -25.08 -58.76 23.66
C CYS B 303 -25.23 -60.27 23.87
N ALA B 304 -26.43 -60.80 23.68
CA ALA B 304 -26.68 -62.23 23.86
C ALA B 304 -25.73 -63.10 23.04
N GLY B 305 -25.23 -64.17 23.67
CA GLY B 305 -24.34 -65.10 23.00
C GLY B 305 -25.17 -65.97 22.07
N SER B 306 -25.56 -65.40 20.95
CA SER B 306 -26.41 -66.09 19.97
C SER B 306 -25.71 -66.95 18.91
N ARG B 307 -24.41 -67.12 19.06
CA ARG B 307 -23.62 -67.97 18.17
C ARG B 307 -22.63 -68.68 19.06
N THR B 308 -23.02 -69.86 19.53
CA THR B 308 -22.18 -70.67 20.41
C THR B 308 -21.28 -71.60 19.60
N PHE B 309 -20.02 -71.20 19.43
CA PHE B 309 -19.03 -71.99 18.70
C PHE B 309 -18.37 -72.99 19.64
N VAL B 310 -18.47 -74.27 19.33
CA VAL B 310 -17.90 -75.31 20.18
C VAL B 310 -16.93 -76.18 19.39
N GLN B 311 -15.69 -76.28 19.89
CA GLN B 311 -14.67 -77.08 19.23
C GLN B 311 -15.18 -78.52 19.08
N GLU B 312 -14.98 -79.10 17.91
CA GLU B 312 -15.46 -80.44 17.60
C GLU B 312 -15.22 -81.57 18.59
N ASP B 313 -14.08 -81.57 19.27
CA ASP B 313 -13.76 -82.62 20.23
C ASP B 313 -14.69 -82.68 21.44
N ILE B 314 -15.29 -81.55 21.78
CA ILE B 314 -16.20 -81.51 22.92
C ILE B 314 -17.62 -81.13 22.51
N TYR B 315 -17.84 -81.03 21.20
CA TYR B 315 -19.14 -80.65 20.66
C TYR B 315 -20.33 -81.49 21.15
N ASP B 316 -20.29 -82.81 20.92
CA ASP B 316 -21.38 -83.69 21.32
C ASP B 316 -21.76 -83.58 22.80
N GLU B 317 -20.77 -83.59 23.68
CA GLU B 317 -21.02 -83.50 25.11
C GLU B 317 -21.59 -82.14 25.49
N PHE B 318 -21.02 -81.08 24.91
CA PHE B 318 -21.47 -79.73 25.18
C PHE B 318 -22.96 -79.57 24.79
N VAL B 319 -23.29 -80.05 23.60
CA VAL B 319 -24.66 -79.97 23.10
C VAL B 319 -25.62 -80.73 23.99
N GLU B 320 -25.26 -81.97 24.31
CA GLU B 320 -26.08 -82.82 25.17
C GLU B 320 -26.37 -82.12 26.51
N ARG B 321 -25.35 -81.52 27.12
CA ARG B 321 -25.52 -80.83 28.39
C ARG B 321 -26.33 -79.54 28.23
N SER B 322 -26.14 -78.86 27.09
CA SER B 322 -26.85 -77.62 26.80
C SER B 322 -28.34 -77.87 26.64
N VAL B 323 -28.67 -78.96 25.96
CA VAL B 323 -30.07 -79.32 25.74
C VAL B 323 -30.74 -79.68 27.05
N ALA B 324 -30.03 -80.43 27.90
CA ALA B 324 -30.55 -80.82 29.20
C ALA B 324 -30.88 -79.58 30.03
N ARG B 325 -29.96 -78.62 30.05
CA ARG B 325 -30.13 -77.38 30.81
C ARG B 325 -31.30 -76.53 30.29
N ALA B 326 -31.45 -76.46 28.98
CA ALA B 326 -32.54 -75.71 28.38
C ALA B 326 -33.89 -76.34 28.69
N LYS B 327 -33.93 -77.67 28.75
CA LYS B 327 -35.18 -78.39 29.05
C LYS B 327 -35.62 -78.23 30.50
N SER B 328 -34.66 -78.02 31.40
CA SER B 328 -34.96 -77.86 32.82
C SER B 328 -35.30 -76.43 33.20
N ARG B 329 -35.04 -75.49 32.30
CA ARG B 329 -35.31 -74.08 32.55
C ARG B 329 -36.79 -73.84 32.79
N VAL B 330 -37.10 -73.26 33.95
CA VAL B 330 -38.49 -73.01 34.34
C VAL B 330 -39.11 -71.75 33.76
N VAL B 331 -40.09 -71.95 32.89
CA VAL B 331 -40.84 -70.87 32.26
C VAL B 331 -42.15 -70.71 33.03
N GLY B 332 -42.51 -69.47 33.33
CA GLY B 332 -43.75 -69.25 34.06
C GLY B 332 -43.96 -67.85 34.59
N ASN B 333 -44.89 -67.74 35.55
CA ASN B 333 -45.23 -66.47 36.18
C ASN B 333 -43.96 -65.83 36.74
N PRO B 334 -43.57 -64.66 36.19
CA PRO B 334 -42.36 -63.96 36.64
C PRO B 334 -42.33 -63.61 38.13
N PHE B 335 -43.51 -63.54 38.76
CA PHE B 335 -43.60 -63.22 40.19
C PHE B 335 -43.36 -64.43 41.07
N ASP B 336 -43.27 -65.62 40.47
CA ASP B 336 -43.01 -66.85 41.23
C ASP B 336 -41.50 -67.01 41.37
N SER B 337 -41.03 -67.24 42.60
CA SER B 337 -39.60 -67.39 42.89
C SER B 337 -38.87 -68.47 42.08
N LYS B 338 -39.60 -69.50 41.65
CA LYS B 338 -39.01 -70.58 40.87
C LYS B 338 -38.87 -70.26 39.37
N THR B 339 -39.55 -69.22 38.91
CA THR B 339 -39.50 -68.86 37.48
C THR B 339 -38.15 -68.29 37.03
N GLU B 340 -37.55 -68.96 36.05
CA GLU B 340 -36.26 -68.52 35.49
C GLU B 340 -36.50 -67.68 34.24
N GLN B 341 -37.57 -67.98 33.53
CA GLN B 341 -37.90 -67.28 32.30
C GLN B 341 -39.36 -66.82 32.24
N GLY B 342 -39.55 -65.52 32.09
CA GLY B 342 -40.89 -64.97 31.97
C GLY B 342 -41.27 -64.89 30.50
N PRO B 343 -42.33 -64.15 30.16
CA PRO B 343 -42.76 -64.02 28.77
C PRO B 343 -41.90 -63.01 28.02
N GLN B 344 -42.07 -62.97 26.70
CA GLN B 344 -41.36 -62.00 25.87
C GLN B 344 -42.10 -60.67 26.10
N VAL B 345 -41.48 -59.55 25.74
CA VAL B 345 -42.08 -58.24 25.99
C VAL B 345 -43.47 -57.95 25.41
N ASP B 346 -43.73 -58.38 24.18
CA ASP B 346 -45.04 -58.14 23.59
C ASP B 346 -45.36 -59.13 22.48
N GLU B 347 -46.51 -58.92 21.82
CA GLU B 347 -46.97 -59.80 20.74
C GLU B 347 -46.08 -59.73 19.50
N THR B 348 -45.63 -58.53 19.15
CA THR B 348 -44.77 -58.34 17.99
C THR B 348 -43.48 -59.15 18.13
N GLN B 349 -42.85 -59.05 19.29
CA GLN B 349 -41.61 -59.77 19.55
C GLN B 349 -41.89 -61.28 19.58
N PHE B 350 -43.00 -61.63 20.22
CA PHE B 350 -43.46 -63.01 20.35
C PHE B 350 -43.54 -63.65 18.97
N LYS B 351 -44.24 -62.98 18.06
CA LYS B 351 -44.42 -63.47 16.70
C LYS B 351 -43.11 -63.50 15.89
N LYS B 352 -42.27 -62.48 16.08
CA LYS B 352 -40.99 -62.41 15.36
C LYS B 352 -40.09 -63.58 15.73
N ILE B 353 -40.09 -63.95 17.01
CA ILE B 353 -39.29 -65.07 17.50
C ILE B 353 -39.78 -66.38 16.90
N LEU B 354 -41.09 -66.60 16.94
CA LEU B 354 -41.69 -67.81 16.38
C LEU B 354 -41.36 -67.87 14.88
N GLY B 355 -41.28 -66.70 14.24
CA GLY B 355 -40.95 -66.64 12.83
C GLY B 355 -39.53 -67.11 12.59
N TYR B 356 -38.60 -66.68 13.44
CA TYR B 356 -37.20 -67.09 13.33
C TYR B 356 -37.04 -68.60 13.58
N ILE B 357 -37.79 -69.13 14.54
CA ILE B 357 -37.75 -70.55 14.86
C ILE B 357 -38.18 -71.34 13.62
N ASN B 358 -39.22 -70.85 12.95
CA ASN B 358 -39.73 -71.49 11.74
C ASN B 358 -38.63 -71.51 10.67
N THR B 359 -37.94 -70.38 10.50
CA THR B 359 -36.87 -70.27 9.52
C THR B 359 -35.75 -71.27 9.86
N GLY B 360 -35.47 -71.42 11.15
CA GLY B 360 -34.46 -72.36 11.59
C GLY B 360 -34.81 -73.79 11.16
N LYS B 361 -36.07 -74.14 11.28
CA LYS B 361 -36.52 -75.48 10.89
C LYS B 361 -36.44 -75.62 9.37
N GLN B 362 -36.96 -74.62 8.68
CA GLN B 362 -36.98 -74.59 7.22
C GLN B 362 -35.61 -74.73 6.59
N GLU B 363 -34.61 -74.10 7.20
CA GLU B 363 -33.25 -74.11 6.68
C GLU B 363 -32.36 -75.30 7.05
N GLY B 364 -32.91 -76.26 7.79
CA GLY B 364 -32.13 -77.44 8.13
C GLY B 364 -31.36 -77.46 9.43
N ALA B 365 -31.57 -76.48 10.29
CA ALA B 365 -30.88 -76.47 11.59
C ALA B 365 -31.55 -77.57 12.41
N LYS B 366 -30.75 -78.28 13.21
CA LYS B 366 -31.27 -79.37 14.02
C LYS B 366 -31.98 -78.92 15.30
N LEU B 367 -33.30 -78.98 15.31
CA LEU B 367 -34.09 -78.61 16.48
C LEU B 367 -33.88 -79.69 17.53
N LEU B 368 -33.28 -79.32 18.66
CA LEU B 368 -32.98 -80.25 19.73
C LEU B 368 -33.94 -80.20 20.92
N CYS B 369 -34.62 -79.07 21.10
CA CYS B 369 -35.60 -78.92 22.18
C CYS B 369 -36.39 -77.64 21.98
N GLY B 370 -37.54 -77.56 22.64
CA GLY B 370 -38.41 -76.39 22.52
C GLY B 370 -38.93 -76.25 21.10
N GLY B 371 -39.10 -75.00 20.66
CA GLY B 371 -39.57 -74.77 19.31
C GLY B 371 -40.93 -74.10 19.17
N GLY B 372 -41.68 -74.00 20.26
CA GLY B 372 -42.99 -73.38 20.19
C GLY B 372 -43.39 -72.58 21.41
N ILE B 373 -44.68 -72.25 21.50
CA ILE B 373 -45.19 -71.49 22.63
C ILE B 373 -45.14 -72.32 23.91
N ALA B 374 -44.87 -71.66 25.03
CA ALA B 374 -44.78 -72.35 26.31
C ALA B 374 -46.06 -72.28 27.15
N ALA B 375 -47.00 -71.43 26.75
CA ALA B 375 -48.25 -71.29 27.48
C ALA B 375 -49.37 -70.79 26.57
N ASP B 376 -50.61 -71.00 27.01
CA ASP B 376 -51.76 -70.58 26.21
C ASP B 376 -52.18 -69.14 26.47
N ARG B 377 -51.57 -68.53 27.47
CA ARG B 377 -51.84 -67.15 27.81
C ARG B 377 -50.50 -66.47 28.07
N GLY B 378 -50.35 -65.24 27.59
CA GLY B 378 -49.10 -64.52 27.76
C GLY B 378 -48.16 -64.84 26.61
N TYR B 379 -47.08 -64.08 26.51
CA TYR B 379 -46.13 -64.27 25.42
C TYR B 379 -44.95 -65.16 25.76
N PHE B 380 -45.27 -66.36 26.24
CA PHE B 380 -44.26 -67.34 26.63
C PHE B 380 -43.81 -68.24 25.49
N ILE B 381 -42.49 -68.41 25.38
CA ILE B 381 -41.88 -69.26 24.35
C ILE B 381 -40.94 -70.25 25.01
N GLN B 382 -40.98 -71.50 24.56
CA GLN B 382 -40.13 -72.54 25.11
C GLN B 382 -38.65 -72.32 24.84
N PRO B 383 -37.78 -72.64 25.82
CA PRO B 383 -36.33 -72.46 25.62
C PRO B 383 -36.01 -73.37 24.44
N THR B 384 -35.50 -72.79 23.36
CA THR B 384 -35.21 -73.53 22.14
C THR B 384 -33.73 -73.62 21.82
N VAL B 385 -33.30 -74.80 21.37
CA VAL B 385 -31.90 -75.02 21.01
C VAL B 385 -31.77 -75.65 19.62
N PHE B 386 -31.00 -74.98 18.75
CA PHE B 386 -30.74 -75.49 17.42
C PHE B 386 -29.30 -75.94 17.38
N GLY B 387 -29.08 -77.17 16.93
CA GLY B 387 -27.73 -77.70 16.82
C GLY B 387 -27.31 -77.74 15.36
N ASP B 388 -26.02 -77.96 15.13
CA ASP B 388 -25.47 -78.04 13.77
C ASP B 388 -25.81 -76.83 12.91
N VAL B 389 -25.75 -75.65 13.52
CA VAL B 389 -26.05 -74.41 12.82
C VAL B 389 -24.87 -74.06 11.91
N GLN B 390 -25.18 -73.60 10.71
CA GLN B 390 -24.18 -73.20 9.74
C GLN B 390 -24.18 -71.68 9.61
N ASP B 391 -23.03 -71.11 9.29
CA ASP B 391 -22.86 -69.66 9.15
C ASP B 391 -23.84 -68.97 8.22
N GLY B 392 -24.22 -69.64 7.15
CA GLY B 392 -25.14 -69.06 6.19
C GLY B 392 -26.61 -69.08 6.58
N MET B 393 -26.96 -69.75 7.68
CA MET B 393 -28.36 -69.81 8.10
C MET B 393 -28.85 -68.49 8.69
N THR B 394 -30.13 -68.17 8.47
CA THR B 394 -30.73 -66.94 8.97
C THR B 394 -30.60 -66.79 10.48
N ILE B 395 -30.86 -67.87 11.22
CA ILE B 395 -30.75 -67.83 12.68
C ILE B 395 -29.30 -67.67 13.14
N ALA B 396 -28.36 -67.83 12.22
CA ALA B 396 -26.95 -67.68 12.55
C ALA B 396 -26.45 -66.27 12.20
N LYS B 397 -27.27 -65.51 11.49
CA LYS B 397 -26.89 -64.16 11.07
C LYS B 397 -27.69 -63.02 11.69
N GLU B 398 -29.00 -63.22 11.83
CA GLU B 398 -29.88 -62.18 12.37
C GLU B 398 -30.19 -62.28 13.86
N GLU B 399 -30.29 -61.12 14.50
CA GLU B 399 -30.60 -61.03 15.92
C GLU B 399 -32.04 -61.49 16.17
N ILE B 400 -32.18 -62.57 16.93
CA ILE B 400 -33.49 -63.14 17.22
C ILE B 400 -34.15 -62.46 18.42
N PHE B 401 -33.36 -62.16 19.44
CA PHE B 401 -33.85 -61.49 20.64
C PHE B 401 -34.90 -62.34 21.39
N GLY B 402 -34.68 -63.65 21.39
CA GLY B 402 -35.56 -64.59 22.06
C GLY B 402 -34.78 -65.76 22.63
N PRO B 403 -35.46 -66.67 23.33
CA PRO B 403 -34.82 -67.84 23.93
C PRO B 403 -34.54 -68.94 22.89
N VAL B 404 -33.74 -68.58 21.88
CA VAL B 404 -33.37 -69.49 20.80
C VAL B 404 -31.85 -69.50 20.68
N MET B 405 -31.27 -70.65 21.04
CA MET B 405 -29.83 -70.85 21.03
C MET B 405 -29.32 -71.56 19.78
N GLN B 406 -28.21 -71.07 19.24
CA GLN B 406 -27.58 -71.66 18.06
C GLN B 406 -26.22 -72.25 18.45
N ILE B 407 -26.01 -73.52 18.16
CA ILE B 407 -24.74 -74.14 18.49
C ILE B 407 -24.03 -74.59 17.19
N LEU B 408 -22.85 -74.00 16.97
CA LEU B 408 -22.04 -74.28 15.78
C LEU B 408 -20.76 -75.03 16.14
N LYS B 409 -20.27 -75.83 15.21
CA LYS B 409 -19.07 -76.62 15.41
C LYS B 409 -17.90 -76.03 14.62
N PHE B 410 -16.71 -76.04 15.22
CA PHE B 410 -15.51 -75.55 14.55
C PHE B 410 -14.32 -76.43 14.93
N LYS B 411 -13.23 -76.34 14.15
CA LYS B 411 -12.05 -77.14 14.42
C LYS B 411 -10.86 -76.34 14.96
N THR B 412 -10.41 -75.35 14.21
CA THR B 412 -9.24 -74.57 14.60
C THR B 412 -9.54 -73.16 15.11
N ILE B 413 -8.57 -72.62 15.85
CA ILE B 413 -8.67 -71.28 16.43
C ILE B 413 -8.64 -70.22 15.33
N GLU B 414 -7.90 -70.50 14.26
CA GLU B 414 -7.79 -69.59 13.13
C GLU B 414 -9.15 -69.54 12.43
N GLU B 415 -9.77 -70.71 12.29
CA GLU B 415 -11.06 -70.84 11.65
C GLU B 415 -12.16 -70.08 12.39
N VAL B 416 -12.26 -70.32 13.70
CA VAL B 416 -13.29 -69.68 14.50
C VAL B 416 -13.19 -68.17 14.54
N VAL B 417 -11.96 -67.64 14.46
CA VAL B 417 -11.75 -66.20 14.45
C VAL B 417 -12.40 -65.59 13.21
N GLY B 418 -12.14 -66.19 12.05
CA GLY B 418 -12.70 -65.70 10.80
C GLY B 418 -14.22 -65.79 10.76
N ARG B 419 -14.76 -66.89 11.27
CA ARG B 419 -16.20 -67.10 11.32
C ARG B 419 -16.88 -66.17 12.32
N ALA B 420 -16.26 -66.00 13.48
CA ALA B 420 -16.79 -65.11 14.52
C ALA B 420 -16.84 -63.67 14.01
N ASN B 421 -15.78 -63.25 13.31
CA ASN B 421 -15.69 -61.89 12.79
C ASN B 421 -16.48 -61.64 11.51
N ASN B 422 -16.85 -62.72 10.83
CA ASN B 422 -17.62 -62.60 9.58
C ASN B 422 -19.05 -62.21 9.92
N SER B 423 -19.23 -60.95 10.28
CA SER B 423 -20.53 -60.40 10.66
C SER B 423 -20.54 -58.89 10.60
N THR B 424 -21.72 -58.34 10.35
CA THR B 424 -21.90 -56.89 10.30
C THR B 424 -22.04 -56.35 11.74
N TYR B 425 -22.16 -57.27 12.70
CA TYR B 425 -22.27 -56.92 14.11
C TYR B 425 -20.94 -57.13 14.83
N GLY B 426 -20.80 -56.49 15.99
CA GLY B 426 -19.58 -56.62 16.78
C GLY B 426 -19.75 -55.98 18.16
N LEU B 427 -20.86 -56.31 18.82
CA LEU B 427 -21.15 -55.76 20.13
C LEU B 427 -20.31 -56.43 21.22
N ALA B 428 -20.32 -57.76 21.24
CA ALA B 428 -19.58 -58.51 22.25
C ALA B 428 -19.14 -59.87 21.72
N ALA B 429 -18.39 -60.57 22.55
CA ALA B 429 -17.90 -61.90 22.23
C ALA B 429 -17.31 -62.50 23.50
N ALA B 430 -17.17 -63.82 23.52
CA ALA B 430 -16.59 -64.47 24.69
C ALA B 430 -15.71 -65.63 24.29
N VAL B 431 -14.77 -65.94 25.17
CA VAL B 431 -13.81 -67.01 24.96
C VAL B 431 -13.71 -67.85 26.24
N PHE B 432 -13.87 -69.16 26.10
CA PHE B 432 -13.77 -70.07 27.22
C PHE B 432 -12.59 -71.00 26.97
N THR B 433 -11.56 -70.86 27.81
CA THR B 433 -10.33 -71.64 27.68
C THR B 433 -9.48 -71.47 28.94
N LYS B 434 -8.60 -72.43 29.20
CA LYS B 434 -7.71 -72.35 30.36
C LYS B 434 -6.32 -71.89 29.92
N ASP B 435 -6.08 -71.87 28.62
CA ASP B 435 -4.79 -71.49 28.05
C ASP B 435 -4.61 -69.99 27.90
N LEU B 436 -3.50 -69.50 28.46
CA LEU B 436 -3.16 -68.08 28.44
C LEU B 436 -3.04 -67.53 27.01
N ASP B 437 -2.23 -68.18 26.20
CA ASP B 437 -2.02 -67.76 24.81
C ASP B 437 -3.30 -67.74 23.98
N LYS B 438 -4.12 -68.78 24.08
CA LYS B 438 -5.38 -68.84 23.32
C LYS B 438 -6.27 -67.67 23.73
N ALA B 439 -6.31 -67.39 25.03
CA ALA B 439 -7.12 -66.29 25.56
C ALA B 439 -6.65 -64.95 25.00
N ASN B 440 -5.35 -64.69 25.04
CA ASN B 440 -4.81 -63.44 24.52
C ASN B 440 -4.91 -63.34 22.99
N TYR B 441 -4.74 -64.47 22.30
CA TYR B 441 -4.83 -64.51 20.85
C TYR B 441 -6.24 -64.13 20.42
N LEU B 442 -7.23 -64.73 21.06
CA LEU B 442 -8.63 -64.47 20.74
C LEU B 442 -9.17 -63.11 21.15
N SER B 443 -8.90 -62.69 22.39
CA SER B 443 -9.38 -61.39 22.84
C SER B 443 -8.86 -60.27 21.93
N GLN B 444 -7.66 -60.45 21.40
CA GLN B 444 -7.08 -59.45 20.50
C GLN B 444 -7.70 -59.53 19.10
N ALA B 445 -7.86 -60.74 18.59
CA ALA B 445 -8.40 -60.96 17.24
C ALA B 445 -9.89 -60.71 17.02
N LEU B 446 -10.71 -60.87 18.06
CA LEU B 446 -12.15 -60.67 17.93
C LEU B 446 -12.54 -59.21 17.77
N GLN B 447 -13.27 -58.92 16.70
CA GLN B 447 -13.70 -57.55 16.43
C GLN B 447 -15.00 -57.28 17.19
N ALA B 448 -14.87 -57.06 18.50
CA ALA B 448 -16.02 -56.82 19.36
C ALA B 448 -15.75 -55.81 20.47
N GLY B 449 -16.79 -55.04 20.80
CA GLY B 449 -16.69 -54.01 21.82
C GLY B 449 -16.26 -54.54 23.18
N THR B 450 -16.80 -55.70 23.54
CA THR B 450 -16.46 -56.32 24.81
C THR B 450 -16.17 -57.79 24.58
N VAL B 451 -15.03 -58.25 25.06
CA VAL B 451 -14.69 -59.67 24.95
C VAL B 451 -14.60 -60.21 26.37
N TRP B 452 -15.39 -61.23 26.67
CA TRP B 452 -15.37 -61.85 27.99
C TRP B 452 -14.55 -63.12 27.91
N VAL B 453 -13.73 -63.37 28.92
CA VAL B 453 -12.91 -64.56 28.95
C VAL B 453 -13.30 -65.39 30.18
N ASN B 454 -13.83 -66.58 29.93
CA ASN B 454 -14.29 -67.49 30.96
C ASN B 454 -15.47 -66.94 31.78
N CYS B 455 -16.24 -66.06 31.13
CA CYS B 455 -17.42 -65.46 31.74
C CYS B 455 -18.29 -64.83 30.64
N TYR B 456 -19.44 -64.30 31.01
CA TYR B 456 -20.33 -63.66 30.06
C TYR B 456 -21.27 -62.72 30.79
N ASP B 457 -21.69 -61.67 30.09
CA ASP B 457 -22.60 -60.68 30.64
C ASP B 457 -22.10 -60.06 31.94
N VAL B 458 -20.80 -59.83 32.01
CA VAL B 458 -20.21 -59.22 33.19
C VAL B 458 -20.10 -57.73 32.91
N PHE B 459 -21.06 -56.97 33.41
CA PHE B 459 -21.08 -55.53 33.23
C PHE B 459 -20.67 -54.83 34.50
N GLY B 460 -19.91 -53.76 34.33
CA GLY B 460 -19.47 -52.97 35.45
C GLY B 460 -19.60 -51.52 35.04
N ALA B 461 -20.13 -50.69 35.93
CA ALA B 461 -20.29 -49.27 35.65
C ALA B 461 -18.95 -48.63 35.29
N GLN B 462 -17.86 -49.27 35.74
CA GLN B 462 -16.50 -48.82 35.51
C GLN B 462 -15.94 -49.17 34.13
N SER B 463 -16.46 -50.22 33.49
CA SER B 463 -15.96 -50.63 32.18
C SER B 463 -16.88 -50.25 31.04
N PRO B 464 -16.34 -49.61 30.00
CA PRO B 464 -17.10 -49.17 28.83
C PRO B 464 -17.75 -50.31 28.05
N PHE B 465 -18.89 -50.00 27.45
CA PHE B 465 -19.66 -50.97 26.67
C PHE B 465 -20.15 -50.27 25.41
N GLY B 466 -20.01 -50.96 24.28
CA GLY B 466 -20.42 -50.39 23.01
C GLY B 466 -20.08 -51.34 21.88
N GLY B 467 -20.49 -51.01 20.67
CA GLY B 467 -20.20 -51.92 19.58
C GLY B 467 -19.24 -51.48 18.50
N TYR B 468 -18.69 -52.49 17.82
CA TYR B 468 -17.82 -52.30 16.67
C TYR B 468 -18.78 -52.38 15.50
N LYS B 469 -18.30 -52.01 14.31
CA LYS B 469 -19.10 -52.08 13.09
C LYS B 469 -20.50 -51.52 13.25
N MET B 470 -21.51 -52.29 12.85
CA MET B 470 -22.89 -51.83 12.91
C MET B 470 -23.64 -52.08 14.22
N SER B 471 -22.90 -52.51 15.24
CA SER B 471 -23.49 -52.74 16.55
C SER B 471 -23.55 -51.40 17.30
N GLY B 472 -23.08 -50.34 16.65
CA GLY B 472 -23.09 -49.03 17.27
C GLY B 472 -21.83 -48.21 17.09
N SER B 473 -21.81 -47.06 17.75
CA SER B 473 -20.66 -46.14 17.73
C SER B 473 -20.64 -45.42 19.07
N GLY B 474 -19.43 -45.20 19.60
CA GLY B 474 -19.30 -44.56 20.89
C GLY B 474 -19.41 -45.62 21.98
N ARG B 475 -19.16 -45.23 23.22
CA ARG B 475 -19.21 -46.18 24.33
C ARG B 475 -19.95 -45.58 25.52
N GLU B 476 -20.61 -46.44 26.28
CA GLU B 476 -21.31 -46.03 27.49
C GLU B 476 -20.62 -46.72 28.65
N LEU B 477 -20.86 -46.21 29.86
CA LEU B 477 -20.25 -46.72 31.09
C LEU B 477 -18.78 -46.33 31.16
N GLY B 478 -18.20 -46.41 32.37
CA GLY B 478 -16.81 -46.05 32.56
C GLY B 478 -16.57 -44.57 32.33
N GLU B 479 -15.30 -44.18 32.25
CA GLU B 479 -14.94 -42.79 32.02
C GLU B 479 -15.32 -42.42 30.58
N TYR B 480 -15.24 -43.41 29.70
CA TYR B 480 -15.57 -43.26 28.29
C TYR B 480 -16.99 -42.75 28.07
N GLY B 481 -17.89 -43.10 29.00
CA GLY B 481 -19.27 -42.66 28.90
C GLY B 481 -19.47 -41.16 29.03
N LEU B 482 -18.43 -40.45 29.48
CA LEU B 482 -18.51 -39.00 29.64
C LEU B 482 -18.12 -38.24 28.37
N GLN B 483 -17.37 -38.89 27.48
CA GLN B 483 -16.91 -38.25 26.25
C GLN B 483 -18.02 -37.63 25.39
N ALA B 484 -19.08 -38.39 25.13
CA ALA B 484 -20.20 -37.92 24.30
C ALA B 484 -21.07 -36.85 24.93
N TYR B 485 -20.91 -36.64 26.23
CA TYR B 485 -21.70 -35.64 26.95
C TYR B 485 -20.91 -34.40 27.25
N THR B 486 -19.78 -34.25 26.57
CA THR B 486 -18.88 -33.13 26.75
C THR B 486 -18.59 -32.41 25.46
N GLU B 487 -18.60 -31.08 25.51
CA GLU B 487 -18.26 -30.27 24.35
C GLU B 487 -16.96 -29.56 24.78
N VAL B 488 -15.90 -29.77 24.02
CA VAL B 488 -14.59 -29.20 24.34
C VAL B 488 -14.34 -27.78 23.81
N LYS B 489 -13.94 -26.90 24.70
CA LYS B 489 -13.62 -25.52 24.33
C LYS B 489 -12.17 -25.22 24.67
N THR B 490 -11.45 -24.70 23.70
CA THR B 490 -10.06 -24.32 23.91
C THR B 490 -10.02 -22.80 24.14
N VAL B 491 -9.34 -22.38 25.20
CA VAL B 491 -9.19 -20.97 25.50
C VAL B 491 -7.69 -20.71 25.43
N THR B 492 -7.28 -19.82 24.54
CA THR B 492 -5.87 -19.50 24.35
C THR B 492 -5.66 -18.01 24.62
N VAL B 493 -4.91 -17.74 25.68
CA VAL B 493 -4.64 -16.37 26.12
C VAL B 493 -3.20 -15.92 25.89
N LYS B 494 -3.05 -14.73 25.33
CA LYS B 494 -1.73 -14.15 25.10
C LYS B 494 -1.19 -13.75 26.48
N VAL B 495 0.05 -14.11 26.76
CA VAL B 495 0.69 -13.78 28.04
C VAL B 495 1.97 -13.00 27.75
N PRO B 496 2.42 -12.15 28.70
CA PRO B 496 3.65 -11.37 28.52
C PRO B 496 4.85 -12.21 28.08
N GLN B 497 5.10 -13.32 28.78
CA GLN B 497 6.22 -14.19 28.44
C GLN B 497 6.03 -15.61 29.01
N LYS B 498 5.81 -16.55 28.11
CA LYS B 498 5.61 -17.95 28.47
C LYS B 498 6.88 -18.62 28.99
N ASN B 499 6.73 -19.31 30.12
CA ASN B 499 7.83 -20.05 30.74
C ASN B 499 7.31 -21.43 31.10
N SER B 500 8.20 -22.42 31.13
CA SER B 500 7.79 -23.78 31.47
C SER B 500 7.39 -23.89 32.95
N GLN C 6 20.98 -58.18 14.76
CA GLN C 6 21.46 -59.15 13.71
C GLN C 6 22.90 -58.81 13.28
N ALA C 7 23.06 -57.91 12.31
CA ALA C 7 24.40 -57.55 11.85
C ALA C 7 25.04 -56.43 12.68
N VAL C 8 26.31 -56.63 13.05
CA VAL C 8 27.05 -55.67 13.86
C VAL C 8 28.33 -55.22 13.16
N PRO C 9 28.59 -53.91 13.10
CA PRO C 9 29.79 -53.38 12.44
C PRO C 9 31.03 -53.77 13.26
N ALA C 10 32.17 -54.00 12.60
CA ALA C 10 33.40 -54.37 13.31
C ALA C 10 33.77 -53.24 14.28
N PRO C 11 34.08 -53.60 15.53
CA PRO C 11 34.45 -52.63 16.57
C PRO C 11 35.91 -52.19 16.59
N ASN C 12 36.14 -50.99 17.10
CA ASN C 12 37.51 -50.49 17.26
C ASN C 12 37.76 -50.97 18.69
N GLN C 13 38.56 -52.01 18.83
CA GLN C 13 38.87 -52.60 20.13
C GLN C 13 39.69 -51.71 21.07
N GLN C 14 40.16 -50.58 20.55
CA GLN C 14 40.94 -49.63 21.34
C GLN C 14 40.45 -48.21 20.99
N PRO C 15 39.19 -47.89 21.31
CA PRO C 15 38.61 -46.58 21.03
C PRO C 15 39.29 -45.42 21.77
N GLU C 16 39.56 -44.36 21.03
CA GLU C 16 40.20 -43.18 21.59
C GLU C 16 39.24 -42.43 22.52
N VAL C 17 39.76 -41.95 23.65
CA VAL C 17 38.95 -41.20 24.61
C VAL C 17 39.11 -39.71 24.32
N PHE C 18 37.99 -39.03 24.09
CA PHE C 18 37.99 -37.60 23.79
C PHE C 18 37.53 -36.70 24.92
N CYS C 19 36.79 -37.28 25.87
CA CYS C 19 36.25 -36.52 26.99
C CYS C 19 36.58 -37.20 28.31
N ASN C 20 37.22 -36.47 29.21
CA ASN C 20 37.59 -37.01 30.52
C ASN C 20 37.64 -35.95 31.61
N GLN C 21 36.88 -34.87 31.43
CA GLN C 21 36.83 -33.78 32.38
C GLN C 21 35.42 -33.56 32.93
N ILE C 22 35.23 -32.43 33.60
CA ILE C 22 33.93 -32.07 34.17
C ILE C 22 33.18 -31.21 33.16
N PHE C 23 31.91 -31.54 32.93
CA PHE C 23 31.09 -30.82 31.96
C PHE C 23 30.14 -29.81 32.61
N ILE C 24 30.45 -28.53 32.50
CA ILE C 24 29.61 -27.48 33.07
C ILE C 24 29.45 -26.37 32.05
N ASN C 25 28.22 -25.91 31.82
CA ASN C 25 27.93 -24.86 30.84
C ASN C 25 28.46 -25.21 29.44
N ASN C 26 28.25 -26.45 29.03
CA ASN C 26 28.69 -26.92 27.72
C ASN C 26 30.18 -26.79 27.49
N GLU C 27 30.96 -26.80 28.56
CA GLU C 27 32.41 -26.69 28.45
C GLU C 27 33.10 -27.69 29.39
N TRP C 28 34.32 -28.08 29.03
CA TRP C 28 35.11 -29.03 29.80
C TRP C 28 36.00 -28.34 30.83
N HIS C 29 35.98 -28.85 32.04
CA HIS C 29 36.76 -28.28 33.12
C HIS C 29 37.50 -29.32 33.94
N ASP C 30 38.66 -28.94 34.44
CA ASP C 30 39.44 -29.81 35.32
C ASP C 30 38.82 -29.58 36.69
N ALA C 31 39.04 -30.50 37.62
CA ALA C 31 38.53 -30.33 38.97
C ALA C 31 39.25 -29.11 39.55
N VAL C 32 38.62 -28.40 40.48
CA VAL C 32 39.26 -27.24 41.08
C VAL C 32 40.59 -27.66 41.71
N SER C 33 40.62 -28.88 42.23
CA SER C 33 41.82 -29.44 42.88
C SER C 33 42.82 -29.97 41.86
N ARG C 34 42.37 -30.08 40.61
CA ARG C 34 43.17 -30.61 39.50
C ARG C 34 43.42 -32.10 39.65
N LYS C 35 42.75 -32.72 40.60
CA LYS C 35 42.89 -34.16 40.84
C LYS C 35 42.23 -34.99 39.75
N THR C 36 42.83 -36.14 39.45
CA THR C 36 42.28 -37.04 38.45
C THR C 36 42.33 -38.46 39.02
N PHE C 37 41.45 -39.32 38.54
CA PHE C 37 41.44 -40.71 38.99
C PHE C 37 41.44 -41.59 37.76
N PRO C 38 42.04 -42.78 37.85
CA PRO C 38 42.09 -43.68 36.70
C PRO C 38 40.88 -44.60 36.58
N THR C 39 40.44 -44.82 35.35
CA THR C 39 39.35 -45.74 35.10
C THR C 39 40.02 -46.93 34.44
N VAL C 40 39.67 -48.12 34.92
CA VAL C 40 40.24 -49.38 34.46
C VAL C 40 39.41 -50.17 33.46
N ASN C 41 40.09 -50.90 32.58
CA ASN C 41 39.45 -51.78 31.59
C ASN C 41 39.36 -53.10 32.37
N PRO C 42 38.14 -53.53 32.73
CA PRO C 42 37.95 -54.78 33.48
C PRO C 42 38.39 -56.07 32.79
N SER C 43 38.55 -56.02 31.47
CA SER C 43 38.99 -57.19 30.71
C SER C 43 40.49 -57.44 30.84
N THR C 44 41.26 -56.38 31.05
CA THR C 44 42.72 -56.50 31.15
C THR C 44 43.26 -56.06 32.51
N GLY C 45 42.46 -55.30 33.25
CA GLY C 45 42.90 -54.82 34.54
C GLY C 45 43.83 -53.62 34.41
N GLU C 46 44.01 -53.15 33.17
CA GLU C 46 44.88 -52.01 32.88
C GLU C 46 44.12 -50.68 32.87
N VAL C 47 44.82 -49.60 33.20
CA VAL C 47 44.23 -48.26 33.21
C VAL C 47 43.98 -47.77 31.79
N ILE C 48 42.77 -47.28 31.53
CA ILE C 48 42.42 -46.75 30.22
C ILE C 48 42.96 -45.33 30.12
N CYS C 49 42.63 -44.52 31.11
CA CYS C 49 43.06 -43.14 31.18
C CYS C 49 42.65 -42.54 32.52
N GLN C 50 43.01 -41.28 32.73
CA GLN C 50 42.67 -40.57 33.95
C GLN C 50 41.44 -39.70 33.67
N VAL C 51 40.65 -39.44 34.71
CA VAL C 51 39.45 -38.63 34.57
C VAL C 51 39.46 -37.61 35.70
N ALA C 52 38.96 -36.40 35.41
CA ALA C 52 38.89 -35.34 36.40
C ALA C 52 38.06 -35.82 37.60
N GLU C 53 38.58 -35.61 38.80
CA GLU C 53 37.90 -36.05 40.01
C GLU C 53 37.05 -34.95 40.65
N GLY C 54 35.79 -34.88 40.25
CA GLY C 54 34.90 -33.88 40.80
C GLY C 54 34.63 -34.07 42.27
N ASP C 55 34.45 -32.97 42.99
CA ASP C 55 34.16 -33.00 44.42
C ASP C 55 33.15 -31.90 44.71
N LYS C 56 32.94 -31.61 46.00
CA LYS C 56 31.99 -30.60 46.43
C LYS C 56 32.07 -29.27 45.70
N GLU C 57 33.28 -28.70 45.62
CA GLU C 57 33.46 -27.42 44.95
C GLU C 57 33.07 -27.44 43.50
N ASP C 58 33.24 -28.59 42.85
CA ASP C 58 32.90 -28.74 41.45
C ASP C 58 31.39 -28.89 41.31
N VAL C 59 30.77 -29.57 42.27
CA VAL C 59 29.34 -29.75 42.28
C VAL C 59 28.67 -28.39 42.44
N ASP C 60 29.20 -27.57 43.35
CA ASP C 60 28.66 -26.23 43.62
C ASP C 60 28.62 -25.41 42.33
N LYS C 61 29.68 -25.50 41.54
CA LYS C 61 29.74 -24.78 40.27
C LYS C 61 28.69 -25.29 39.32
N ALA C 62 28.56 -26.61 39.24
CA ALA C 62 27.59 -27.26 38.37
C ALA C 62 26.16 -26.89 38.78
N VAL C 63 25.89 -26.85 40.08
CA VAL C 63 24.57 -26.50 40.57
C VAL C 63 24.25 -25.04 40.26
N LYS C 64 25.23 -24.17 40.44
CA LYS C 64 25.03 -22.76 40.15
C LYS C 64 24.73 -22.55 38.67
N ALA C 65 25.42 -23.29 37.81
CA ALA C 65 25.21 -23.20 36.37
C ALA C 65 23.82 -23.70 36.01
N ALA C 66 23.38 -24.79 36.67
CA ALA C 66 22.06 -25.35 36.42
C ALA C 66 20.98 -24.34 36.88
N ARG C 67 21.18 -23.76 38.05
CA ARG C 67 20.24 -22.78 38.60
C ARG C 67 20.08 -21.58 37.66
N ALA C 68 21.19 -21.12 37.09
CA ALA C 68 21.16 -19.98 36.16
C ALA C 68 20.41 -20.35 34.88
N ALA C 69 20.61 -21.57 34.40
CA ALA C 69 19.93 -22.02 33.19
C ALA C 69 18.43 -22.20 33.42
N PHE C 70 18.04 -22.30 34.68
CA PHE C 70 16.64 -22.49 35.06
C PHE C 70 15.92 -21.18 35.44
N GLN C 71 16.62 -20.06 35.42
CA GLN C 71 16.01 -18.78 35.76
C GLN C 71 14.88 -18.42 34.80
N LEU C 72 13.83 -17.82 35.36
CA LEU C 72 12.68 -17.39 34.57
C LEU C 72 13.18 -16.46 33.46
N GLY C 73 12.75 -16.71 32.23
CA GLY C 73 13.17 -15.88 31.11
C GLY C 73 14.40 -16.39 30.37
N SER C 74 15.01 -17.43 30.90
CA SER C 74 16.19 -18.04 30.29
C SER C 74 15.76 -18.76 29.02
N PRO C 75 16.71 -19.06 28.12
CA PRO C 75 16.38 -19.75 26.87
C PRO C 75 15.72 -21.11 27.11
N TRP C 76 16.17 -21.82 28.14
CA TRP C 76 15.62 -23.14 28.44
C TRP C 76 14.22 -23.06 29.07
N ARG C 77 13.92 -21.98 29.79
CA ARG C 77 12.59 -21.82 30.39
C ARG C 77 11.54 -21.33 29.38
N ARG C 78 11.96 -20.49 28.44
CA ARG C 78 11.07 -19.94 27.42
C ARG C 78 10.86 -20.86 26.23
N MET C 79 11.82 -21.75 26.00
CA MET C 79 11.76 -22.69 24.88
C MET C 79 10.44 -23.45 24.82
N ASP C 80 9.83 -23.52 23.63
CA ASP C 80 8.57 -24.23 23.45
C ASP C 80 8.77 -25.69 23.85
N ALA C 81 7.79 -26.25 24.56
CA ALA C 81 7.90 -27.64 24.98
C ALA C 81 8.21 -28.55 23.79
N SER C 82 7.54 -28.29 22.66
CA SER C 82 7.73 -29.07 21.44
C SER C 82 9.19 -29.05 20.98
N HIS C 83 9.86 -27.92 21.18
CA HIS C 83 11.26 -27.79 20.78
C HIS C 83 12.17 -28.63 21.67
N ARG C 84 11.82 -28.76 22.96
CA ARG C 84 12.60 -29.60 23.87
C ARG C 84 12.58 -31.02 23.29
N GLY C 85 11.44 -31.38 22.72
CA GLY C 85 11.28 -32.69 22.10
C GLY C 85 12.17 -32.78 20.87
N ARG C 86 12.25 -31.68 20.12
CA ARG C 86 13.10 -31.61 18.93
C ARG C 86 14.56 -31.85 19.32
N LEU C 87 14.99 -31.20 20.40
CA LEU C 87 16.36 -31.34 20.88
C LEU C 87 16.69 -32.77 21.33
N LEU C 88 15.73 -33.43 22.00
CA LEU C 88 15.93 -34.80 22.44
C LEU C 88 16.07 -35.75 21.26
N ASN C 89 15.29 -35.51 20.21
CA ASN C 89 15.35 -36.32 19.00
C ASN C 89 16.69 -36.10 18.29
N ARG C 90 17.19 -34.87 18.38
CA ARG C 90 18.47 -34.54 17.76
C ARG C 90 19.60 -35.26 18.51
N LEU C 91 19.51 -35.27 19.83
CA LEU C 91 20.50 -35.95 20.66
C LEU C 91 20.52 -37.43 20.32
N ALA C 92 19.33 -38.01 20.15
CA ALA C 92 19.22 -39.42 19.80
C ALA C 92 19.89 -39.69 18.45
N ASP C 93 19.67 -38.80 17.47
CA ASP C 93 20.29 -38.96 16.15
C ASP C 93 21.80 -38.91 16.20
N LEU C 94 22.35 -38.05 17.06
CA LEU C 94 23.79 -37.91 17.21
C LEU C 94 24.38 -39.15 17.87
N ILE C 95 23.64 -39.70 18.84
CA ILE C 95 24.06 -40.90 19.55
C ILE C 95 24.06 -42.08 18.56
N GLU C 96 23.07 -42.12 17.68
CA GLU C 96 23.00 -43.19 16.68
C GLU C 96 24.14 -43.05 15.68
N ARG C 97 24.47 -41.82 15.32
CA ARG C 97 25.57 -41.57 14.37
C ARG C 97 26.87 -42.17 14.92
N ASP C 98 27.10 -41.98 16.22
CA ASP C 98 28.30 -42.47 16.89
C ASP C 98 28.08 -43.78 17.63
N ARG C 99 27.07 -44.53 17.20
CA ARG C 99 26.68 -45.80 17.83
C ARG C 99 27.82 -46.81 17.98
N THR C 100 28.51 -47.10 16.88
CA THR C 100 29.62 -48.06 16.88
C THR C 100 30.72 -47.62 17.85
N TYR C 101 31.05 -46.33 17.84
CA TYR C 101 32.07 -45.80 18.72
C TYR C 101 31.64 -45.96 20.18
N LEU C 102 30.44 -45.48 20.49
CA LEU C 102 29.91 -45.55 21.86
C LEU C 102 29.76 -46.98 22.38
N ALA C 103 29.42 -47.90 21.47
CA ALA C 103 29.25 -49.29 21.84
C ALA C 103 30.59 -49.89 22.27
N ALA C 104 31.64 -49.55 21.54
CA ALA C 104 32.98 -50.05 21.84
C ALA C 104 33.52 -49.43 23.12
N LEU C 105 33.31 -48.12 23.28
CA LEU C 105 33.77 -47.42 24.48
C LEU C 105 33.06 -47.96 25.73
N GLU C 106 31.77 -48.25 25.59
CA GLU C 106 30.98 -48.80 26.69
C GLU C 106 31.60 -50.12 27.14
N THR C 107 31.88 -50.99 26.18
CA THR C 107 32.48 -52.29 26.44
C THR C 107 33.89 -52.18 27.05
N LEU C 108 34.65 -51.20 26.58
CA LEU C 108 36.02 -51.00 27.08
C LEU C 108 36.03 -50.62 28.57
N ASP C 109 35.17 -49.68 28.93
CA ASP C 109 35.09 -49.18 30.30
C ASP C 109 34.28 -50.08 31.23
N ASN C 110 33.25 -50.73 30.70
CA ASN C 110 32.38 -51.60 31.49
C ASN C 110 32.73 -53.09 31.46
N GLY C 111 33.03 -53.62 30.27
CA GLY C 111 33.38 -55.03 30.16
C GLY C 111 32.34 -55.91 29.50
N LYS C 112 31.12 -55.40 29.29
CA LYS C 112 30.07 -56.18 28.66
C LYS C 112 30.39 -56.44 27.18
N PRO C 113 29.88 -57.56 26.63
CA PRO C 113 30.12 -57.90 25.22
C PRO C 113 29.74 -56.76 24.27
N TYR C 114 30.63 -56.45 23.35
CA TYR C 114 30.41 -55.38 22.37
C TYR C 114 29.11 -55.58 21.58
N VAL C 115 28.79 -56.83 21.24
CA VAL C 115 27.59 -57.15 20.48
C VAL C 115 26.35 -56.70 21.26
N ILE C 116 26.39 -56.87 22.58
CA ILE C 116 25.31 -56.49 23.47
C ILE C 116 25.27 -54.97 23.65
N SER C 117 26.44 -54.34 23.75
CA SER C 117 26.49 -52.89 23.89
C SER C 117 25.86 -52.24 22.66
N TYR C 118 26.17 -52.81 21.50
CA TYR C 118 25.68 -52.28 20.22
C TYR C 118 24.20 -52.55 19.95
N LEU C 119 23.81 -53.83 20.02
CA LEU C 119 22.43 -54.23 19.74
C LEU C 119 21.41 -54.01 20.85
N VAL C 120 21.88 -54.02 22.09
CA VAL C 120 20.99 -53.86 23.24
C VAL C 120 21.04 -52.48 23.89
N ASP C 121 22.14 -52.21 24.59
CA ASP C 121 22.32 -50.93 25.30
C ASP C 121 22.06 -49.69 24.45
N LEU C 122 22.74 -49.57 23.32
CA LEU C 122 22.57 -48.41 22.47
C LEU C 122 21.16 -48.29 21.89
N ASP C 123 20.58 -49.44 21.54
CA ASP C 123 19.22 -49.48 21.00
C ASP C 123 18.24 -48.94 22.04
N MET C 124 18.39 -49.42 23.27
CA MET C 124 17.52 -48.98 24.37
C MET C 124 17.71 -47.51 24.73
N VAL C 125 18.93 -47.03 24.53
CA VAL C 125 19.23 -45.62 24.81
C VAL C 125 18.46 -44.77 23.81
N LEU C 126 18.57 -45.13 22.53
CA LEU C 126 17.91 -44.42 21.45
C LEU C 126 16.39 -44.45 21.61
N LYS C 127 15.86 -45.61 21.98
CA LYS C 127 14.41 -45.77 22.18
C LYS C 127 13.90 -44.97 23.38
N CYS C 128 14.70 -44.87 24.43
CA CYS C 128 14.31 -44.13 25.61
C CYS C 128 14.24 -42.63 25.30
N LEU C 129 15.29 -42.11 24.68
CA LEU C 129 15.35 -40.69 24.32
C LEU C 129 14.25 -40.29 23.33
N ARG C 130 13.99 -41.15 22.34
CA ARG C 130 12.97 -40.86 21.35
C ARG C 130 11.57 -40.95 21.95
N TYR C 131 11.40 -41.83 22.93
CA TYR C 131 10.11 -41.97 23.59
C TYR C 131 9.82 -40.69 24.37
N TYR C 132 10.78 -40.27 25.20
CA TYR C 132 10.59 -39.06 25.98
C TYR C 132 10.50 -37.76 25.21
N ALA C 133 11.07 -37.72 24.02
CA ALA C 133 11.00 -36.53 23.16
C ALA C 133 9.53 -36.29 22.86
N GLY C 134 8.80 -37.38 22.63
CA GLY C 134 7.37 -37.29 22.34
C GLY C 134 6.54 -36.79 23.50
N TRP C 135 7.03 -36.96 24.72
CA TRP C 135 6.33 -36.54 25.93
C TRP C 135 6.44 -35.05 26.25
N ALA C 136 7.52 -34.44 25.76
CA ALA C 136 7.82 -33.03 25.99
C ALA C 136 6.65 -32.05 26.03
N ASP C 137 5.78 -32.13 25.02
CA ASP C 137 4.63 -31.23 24.94
C ASP C 137 3.28 -31.91 25.14
N LYS C 138 3.25 -32.99 25.93
CA LYS C 138 2.01 -33.71 26.17
C LYS C 138 1.65 -33.98 27.62
N TYR C 139 2.51 -33.62 28.56
CA TYR C 139 2.22 -33.86 29.98
C TYR C 139 1.34 -32.74 30.56
N HIS C 140 0.09 -32.73 30.12
CA HIS C 140 -0.89 -31.71 30.52
C HIS C 140 -1.22 -31.53 31.99
N GLY C 141 -1.58 -30.30 32.32
CA GLY C 141 -2.03 -29.97 33.66
C GLY C 141 -3.54 -30.15 33.58
N LYS C 142 -4.28 -29.61 34.55
CA LYS C 142 -5.73 -29.79 34.55
C LYS C 142 -6.55 -28.53 34.84
N THR C 143 -7.79 -28.51 34.35
CA THR C 143 -8.73 -27.43 34.64
C THR C 143 -9.73 -28.17 35.52
N ILE C 144 -9.93 -27.65 36.72
CA ILE C 144 -10.75 -28.32 37.73
C ILE C 144 -12.08 -27.64 38.10
N PRO C 145 -13.19 -28.41 38.08
CA PRO C 145 -14.54 -27.94 38.40
C PRO C 145 -14.73 -27.76 39.91
N ILE C 146 -14.00 -26.82 40.49
CA ILE C 146 -14.05 -26.53 41.91
C ILE C 146 -15.36 -25.84 42.34
N ASP C 147 -15.72 -25.98 43.62
CA ASP C 147 -16.92 -25.36 44.17
C ASP C 147 -16.79 -23.83 44.15
N GLY C 148 -17.93 -23.15 44.02
CA GLY C 148 -17.93 -21.70 44.04
C GLY C 148 -17.61 -20.98 42.75
N ASP C 149 -17.61 -19.66 42.81
CA ASP C 149 -17.31 -18.79 41.68
C ASP C 149 -15.81 -18.64 41.46
N PHE C 150 -15.19 -19.73 41.01
CA PHE C 150 -13.76 -19.73 40.78
C PHE C 150 -13.40 -20.55 39.55
N PHE C 151 -12.26 -20.22 38.96
CA PHE C 151 -11.71 -20.93 37.82
C PHE C 151 -10.44 -21.52 38.43
N SER C 152 -10.38 -22.85 38.50
CA SER C 152 -9.22 -23.50 39.08
C SER C 152 -8.52 -24.41 38.08
N TYR C 153 -7.20 -24.34 38.07
CA TYR C 153 -6.38 -25.13 37.18
C TYR C 153 -4.99 -25.38 37.76
N THR C 154 -4.26 -26.30 37.16
CA THR C 154 -2.92 -26.61 37.62
C THR C 154 -1.90 -26.49 36.49
N ARG C 155 -0.71 -26.06 36.86
CA ARG C 155 0.39 -25.95 35.92
C ARG C 155 1.35 -27.06 36.28
N HIS C 156 1.86 -27.76 35.28
CA HIS C 156 2.84 -28.81 35.51
C HIS C 156 4.19 -28.18 35.19
N GLU C 157 4.79 -27.60 36.23
CA GLU C 157 6.09 -26.93 36.11
C GLU C 157 7.22 -27.92 36.37
N PRO C 158 8.45 -27.58 35.93
CA PRO C 158 9.57 -28.49 36.16
C PRO C 158 9.91 -28.43 37.65
N VAL C 159 10.36 -29.54 38.21
CA VAL C 159 10.72 -29.55 39.63
C VAL C 159 11.95 -28.66 39.89
N GLY C 160 12.77 -28.42 38.87
CA GLY C 160 13.93 -27.55 39.04
C GLY C 160 15.27 -28.18 38.74
N VAL C 161 16.24 -27.91 39.61
CA VAL C 161 17.60 -28.44 39.49
C VAL C 161 17.57 -29.89 39.97
N CYS C 162 17.80 -30.82 39.03
CA CYS C 162 17.78 -32.23 39.34
C CYS C 162 19.14 -32.91 39.45
N GLY C 163 19.44 -33.41 40.64
CA GLY C 163 20.67 -34.12 40.85
C GLY C 163 20.39 -35.57 40.50
N GLN C 164 21.21 -36.14 39.63
CA GLN C 164 21.02 -37.53 39.20
C GLN C 164 22.31 -38.31 39.40
N ILE C 165 22.23 -39.34 40.24
CA ILE C 165 23.38 -40.18 40.54
C ILE C 165 23.12 -41.57 39.99
N ILE C 166 24.00 -42.04 39.10
CA ILE C 166 23.82 -43.33 38.47
C ILE C 166 24.93 -44.36 38.69
N PRO C 167 24.59 -45.65 38.51
CA PRO C 167 25.55 -46.74 38.69
C PRO C 167 26.35 -47.05 37.42
N TRP C 168 27.11 -48.14 37.49
CA TRP C 168 28.00 -48.58 36.44
C TRP C 168 27.57 -49.76 35.57
N ASN C 169 26.53 -50.47 35.96
CA ASN C 169 26.09 -51.64 35.20
C ASN C 169 25.54 -51.38 33.79
N PHE C 170 24.93 -50.20 33.60
CA PHE C 170 24.38 -49.80 32.29
C PHE C 170 24.65 -48.31 32.20
N PRO C 171 25.92 -47.93 31.99
CA PRO C 171 26.36 -46.52 31.89
C PRO C 171 25.52 -45.61 31.01
N LEU C 172 25.48 -45.90 29.71
CA LEU C 172 24.71 -45.08 28.78
C LEU C 172 23.22 -45.17 29.01
N LEU C 173 22.71 -46.37 29.26
CA LEU C 173 21.28 -46.55 29.49
C LEU C 173 20.79 -45.81 30.72
N MET C 174 21.53 -45.89 31.81
CA MET C 174 21.15 -45.22 33.06
C MET C 174 21.16 -43.71 32.84
N GLN C 175 22.12 -43.22 32.05
CA GLN C 175 22.18 -41.80 31.74
C GLN C 175 20.92 -41.39 30.97
N ALA C 176 20.52 -42.20 30.00
CA ALA C 176 19.34 -41.92 29.19
C ALA C 176 18.03 -41.96 29.98
N TRP C 177 17.90 -42.96 30.84
CA TRP C 177 16.72 -43.12 31.69
C TRP C 177 16.53 -41.91 32.60
N LYS C 178 17.65 -41.25 32.91
CA LYS C 178 17.63 -40.07 33.76
C LYS C 178 17.39 -38.78 32.96
N LEU C 179 18.16 -38.59 31.89
CA LEU C 179 18.04 -37.39 31.06
C LEU C 179 16.72 -37.25 30.32
N GLY C 180 16.26 -38.34 29.70
CA GLY C 180 15.01 -38.32 28.95
C GLY C 180 13.83 -37.63 29.62
N PRO C 181 13.32 -38.17 30.74
CA PRO C 181 12.18 -37.58 31.44
C PRO C 181 12.46 -36.19 32.03
N ALA C 182 13.69 -35.97 32.48
CA ALA C 182 14.07 -34.70 33.05
C ALA C 182 14.04 -33.57 32.03
N LEU C 183 14.69 -33.79 30.89
CA LEU C 183 14.74 -32.78 29.84
C LEU C 183 13.40 -32.59 29.15
N ALA C 184 12.64 -33.67 29.04
CA ALA C 184 11.33 -33.64 28.40
C ALA C 184 10.40 -32.67 29.15
N THR C 185 10.57 -32.62 30.47
CA THR C 185 9.75 -31.75 31.32
C THR C 185 10.37 -30.39 31.68
N GLY C 186 11.47 -30.03 31.00
CA GLY C 186 12.09 -28.74 31.23
C GLY C 186 12.98 -28.53 32.45
N ASN C 187 13.45 -29.60 33.08
CA ASN C 187 14.33 -29.45 34.24
C ASN C 187 15.76 -29.26 33.77
N VAL C 188 16.65 -29.00 34.73
CA VAL C 188 18.07 -28.86 34.46
C VAL C 188 18.75 -29.95 35.29
N VAL C 189 19.91 -30.40 34.86
CA VAL C 189 20.57 -31.51 35.52
C VAL C 189 22.04 -31.38 35.90
N VAL C 190 22.36 -31.98 37.05
CA VAL C 190 23.71 -32.09 37.60
C VAL C 190 23.80 -33.60 37.81
N MET C 191 24.47 -34.28 36.88
CA MET C 191 24.61 -35.74 36.93
C MET C 191 25.98 -36.20 37.42
N LYS C 192 25.97 -37.19 38.31
CA LYS C 192 27.19 -37.77 38.86
C LYS C 192 27.26 -39.20 38.33
N VAL C 193 28.13 -39.42 37.35
CA VAL C 193 28.29 -40.75 36.76
C VAL C 193 29.15 -41.63 37.66
N ALA C 194 29.05 -42.94 37.49
CA ALA C 194 29.82 -43.87 38.30
C ALA C 194 31.32 -43.77 38.06
N GLU C 195 32.10 -43.82 39.13
CA GLU C 195 33.55 -43.73 39.04
C GLU C 195 34.17 -44.87 38.23
N GLN C 196 33.49 -46.02 38.20
CA GLN C 196 33.99 -47.18 37.45
C GLN C 196 33.75 -47.06 35.94
N THR C 197 32.76 -46.26 35.53
CA THR C 197 32.42 -46.09 34.12
C THR C 197 32.00 -44.66 33.78
N PRO C 198 32.95 -43.73 33.77
CA PRO C 198 32.60 -42.35 33.46
C PRO C 198 32.66 -41.95 31.98
N LEU C 199 33.49 -42.64 31.22
CA LEU C 199 33.73 -42.32 29.81
C LEU C 199 32.56 -42.10 28.84
N THR C 200 31.69 -43.09 28.67
CA THR C 200 30.57 -42.94 27.72
C THR C 200 29.62 -41.78 28.02
N ALA C 201 29.37 -41.53 29.29
CA ALA C 201 28.47 -40.45 29.70
C ALA C 201 29.09 -39.09 29.38
N LEU C 202 30.41 -39.01 29.49
CA LEU C 202 31.13 -37.78 29.21
C LEU C 202 31.13 -37.46 27.72
N TYR C 203 31.26 -38.49 26.89
CA TYR C 203 31.24 -38.30 25.44
C TYR C 203 29.85 -37.82 25.03
N VAL C 204 28.81 -38.38 25.65
CA VAL C 204 27.44 -37.98 25.36
C VAL C 204 27.22 -36.50 25.69
N ALA C 205 27.99 -35.98 26.64
CA ALA C 205 27.90 -34.57 27.01
C ALA C 205 28.27 -33.73 25.79
N ASN C 206 29.27 -34.19 25.03
CA ASN C 206 29.72 -33.51 23.82
C ASN C 206 28.57 -33.48 22.80
N LEU C 207 27.81 -34.57 22.75
CA LEU C 207 26.68 -34.65 21.83
C LEU C 207 25.53 -33.76 22.30
N ILE C 208 25.41 -33.58 23.62
CA ILE C 208 24.38 -32.72 24.19
C ILE C 208 24.63 -31.28 23.76
N LYS C 209 25.91 -30.89 23.77
CA LYS C 209 26.29 -29.55 23.35
C LYS C 209 26.03 -29.44 21.84
N GLU C 210 26.47 -30.44 21.09
CA GLU C 210 26.30 -30.48 19.64
C GLU C 210 24.83 -30.42 19.23
N ALA C 211 23.95 -31.02 20.04
CA ALA C 211 22.53 -31.06 19.75
C ALA C 211 21.86 -29.70 19.84
N GLY C 212 22.40 -28.81 20.67
CA GLY C 212 21.83 -27.49 20.81
C GLY C 212 21.28 -27.13 22.18
N PHE C 213 21.49 -27.98 23.18
CA PHE C 213 21.00 -27.70 24.52
C PHE C 213 21.72 -26.50 25.11
N PRO C 214 20.97 -25.53 25.68
CA PRO C 214 21.57 -24.33 26.27
C PRO C 214 22.56 -24.70 27.38
N PRO C 215 23.62 -23.89 27.57
CA PRO C 215 24.61 -24.19 28.61
C PRO C 215 24.00 -24.23 30.00
N GLY C 216 24.42 -25.21 30.79
CA GLY C 216 23.89 -25.35 32.14
C GLY C 216 22.68 -26.26 32.27
N VAL C 217 22.05 -26.61 31.15
CA VAL C 217 20.89 -27.50 31.18
C VAL C 217 21.31 -28.90 31.62
N VAL C 218 22.49 -29.34 31.19
CA VAL C 218 23.02 -30.64 31.61
C VAL C 218 24.48 -30.45 31.98
N ASN C 219 24.80 -30.78 33.23
CA ASN C 219 26.15 -30.66 33.73
C ASN C 219 26.51 -32.02 34.32
N ILE C 220 27.67 -32.54 33.93
CA ILE C 220 28.12 -33.85 34.41
C ILE C 220 29.40 -33.75 35.25
N VAL C 221 29.35 -34.31 36.46
CA VAL C 221 30.49 -34.28 37.35
C VAL C 221 31.00 -35.69 37.67
N PRO C 222 32.05 -36.13 36.98
CA PRO C 222 32.59 -37.46 37.26
C PRO C 222 33.36 -37.38 38.59
N GLY C 223 33.28 -38.44 39.38
CA GLY C 223 33.96 -38.46 40.66
C GLY C 223 33.39 -39.57 41.51
N PHE C 224 33.79 -39.60 42.78
CA PHE C 224 33.32 -40.65 43.67
C PHE C 224 32.01 -40.34 44.39
N GLY C 225 31.50 -41.34 45.10
CA GLY C 225 30.24 -41.20 45.80
C GLY C 225 30.16 -40.31 47.03
N PRO C 226 30.88 -40.65 48.12
CA PRO C 226 30.89 -39.88 49.37
C PRO C 226 31.30 -38.43 49.20
N THR C 227 31.93 -38.14 48.07
CA THR C 227 32.37 -36.79 47.77
C THR C 227 31.40 -36.05 46.85
N ALA C 228 31.51 -36.30 45.55
CA ALA C 228 30.65 -35.65 44.56
C ALA C 228 29.17 -36.01 44.71
N GLY C 229 28.89 -37.31 44.88
CA GLY C 229 27.52 -37.76 45.03
C GLY C 229 26.83 -37.19 46.25
N ALA C 230 27.52 -37.25 47.38
CA ALA C 230 26.98 -36.73 48.64
C ALA C 230 26.76 -35.22 48.60
N ALA C 231 27.62 -34.50 47.90
CA ALA C 231 27.49 -33.05 47.78
C ALA C 231 26.20 -32.70 47.03
N ILE C 232 25.82 -33.55 46.09
CA ILE C 232 24.60 -33.32 45.33
C ILE C 232 23.38 -33.58 46.22
N ALA C 233 23.41 -34.72 46.92
CA ALA C 233 22.32 -35.12 47.81
C ALA C 233 22.07 -34.14 48.96
N SER C 234 23.15 -33.53 49.45
CA SER C 234 23.07 -32.57 50.56
C SER C 234 22.97 -31.11 50.11
N HIS C 235 23.07 -30.87 48.80
CA HIS C 235 23.04 -29.50 48.31
C HIS C 235 21.78 -28.72 48.65
N GLU C 236 21.97 -27.50 49.14
CA GLU C 236 20.86 -26.65 49.53
C GLU C 236 20.07 -26.06 48.36
N ASP C 237 20.61 -26.20 47.15
CA ASP C 237 19.93 -25.65 45.98
C ASP C 237 19.56 -26.66 44.91
N VAL C 238 19.63 -27.94 45.27
CA VAL C 238 19.24 -29.02 44.35
C VAL C 238 17.80 -29.34 44.80
N ASP C 239 16.86 -29.20 43.87
CA ASP C 239 15.45 -29.42 44.18
C ASP C 239 14.95 -30.85 44.22
N LYS C 240 15.63 -31.73 43.50
CA LYS C 240 15.21 -33.11 43.44
C LYS C 240 16.39 -34.01 43.12
N VAL C 241 16.39 -35.21 43.68
CA VAL C 241 17.46 -36.16 43.42
C VAL C 241 16.91 -37.52 43.00
N ALA C 242 17.48 -38.06 41.93
CA ALA C 242 17.10 -39.36 41.42
C ALA C 242 18.35 -40.20 41.58
N PHE C 243 18.21 -41.34 42.25
CA PHE C 243 19.35 -42.20 42.47
C PHE C 243 19.09 -43.65 42.11
N THR C 244 20.11 -44.28 41.53
CA THR C 244 20.05 -45.69 41.17
C THR C 244 21.35 -46.32 41.67
N GLY C 245 21.21 -47.39 42.45
CA GLY C 245 22.36 -48.08 42.99
C GLY C 245 21.97 -49.00 44.14
N SER C 246 22.85 -49.08 45.14
CA SER C 246 22.61 -49.93 46.30
C SER C 246 21.58 -49.39 47.27
N THR C 247 20.89 -50.31 47.94
CA THR C 247 19.89 -49.96 48.92
C THR C 247 20.51 -49.15 50.06
N GLU C 248 21.71 -49.51 50.46
CA GLU C 248 22.39 -48.79 51.54
C GLU C 248 22.66 -47.33 51.19
N ILE C 249 23.16 -47.07 49.98
CA ILE C 249 23.40 -45.69 49.58
C ILE C 249 22.05 -45.02 49.34
N GLY C 250 21.03 -45.83 49.04
CA GLY C 250 19.70 -45.28 48.84
C GLY C 250 19.25 -44.61 50.14
N ARG C 251 19.49 -45.30 51.27
CA ARG C 251 19.12 -44.78 52.58
C ARG C 251 19.92 -43.52 52.91
N VAL C 252 21.21 -43.51 52.56
CA VAL C 252 22.09 -42.38 52.80
C VAL C 252 21.57 -41.13 52.04
N ILE C 253 21.13 -41.34 50.80
CA ILE C 253 20.59 -40.26 49.97
C ILE C 253 19.34 -39.64 50.59
N GLN C 254 18.39 -40.49 50.98
CA GLN C 254 17.12 -40.03 51.58
C GLN C 254 17.39 -39.28 52.89
N VAL C 255 18.38 -39.73 53.65
CA VAL C 255 18.76 -39.08 54.91
C VAL C 255 19.39 -37.72 54.61
N ALA C 256 20.23 -37.67 53.58
CA ALA C 256 20.89 -36.42 53.19
C ALA C 256 19.85 -35.41 52.70
N ALA C 257 18.81 -35.90 52.05
CA ALA C 257 17.73 -35.06 51.52
C ALA C 257 16.94 -34.44 52.67
N GLY C 258 16.58 -35.28 53.64
CA GLY C 258 15.82 -34.82 54.80
C GLY C 258 16.60 -33.86 55.68
N SER C 259 17.89 -34.11 55.83
CA SER C 259 18.78 -33.29 56.67
C SER C 259 19.15 -31.96 56.02
N SER C 260 18.95 -31.84 54.71
CA SER C 260 19.28 -30.60 54.02
C SER C 260 18.07 -29.74 53.68
N ASN C 261 17.67 -29.69 52.41
CA ASN C 261 16.55 -28.85 51.98
C ASN C 261 15.24 -29.56 51.65
N LEU C 262 15.08 -30.80 52.10
CA LEU C 262 13.86 -31.55 51.81
C LEU C 262 13.62 -31.73 50.32
N LYS C 263 14.71 -31.87 49.57
CA LYS C 263 14.61 -32.07 48.14
C LYS C 263 13.80 -33.36 47.90
N ARG C 264 13.08 -33.41 46.79
CA ARG C 264 12.26 -34.59 46.47
C ARG C 264 13.18 -35.74 46.07
N VAL C 265 12.80 -36.95 46.47
CA VAL C 265 13.63 -38.12 46.19
C VAL C 265 12.96 -39.32 45.55
N THR C 266 13.63 -39.92 44.57
CA THR C 266 13.17 -41.15 43.92
C THR C 266 14.37 -42.08 43.93
N LEU C 267 14.11 -43.36 44.16
CA LEU C 267 15.18 -44.35 44.24
C LEU C 267 14.93 -45.61 43.44
N GLU C 268 15.98 -46.08 42.77
CA GLU C 268 15.93 -47.31 41.99
C GLU C 268 17.07 -48.14 42.57
N LEU C 269 16.70 -49.11 43.39
CA LEU C 269 17.69 -49.94 44.07
C LEU C 269 17.78 -51.35 43.50
N GLY C 270 18.40 -52.24 44.27
CA GLY C 270 18.55 -53.62 43.83
C GLY C 270 17.41 -54.53 44.23
N GLY C 271 17.67 -55.83 44.19
CA GLY C 271 16.66 -56.80 44.55
C GLY C 271 17.16 -58.23 44.60
N LYS C 272 16.24 -59.16 44.82
CA LYS C 272 16.51 -60.60 44.86
C LYS C 272 15.29 -61.21 44.19
N SER C 273 15.07 -60.79 42.96
CA SER C 273 13.94 -61.19 42.15
C SER C 273 13.70 -62.67 41.90
N PRO C 274 12.50 -63.14 42.25
CA PRO C 274 12.11 -64.54 42.07
C PRO C 274 11.56 -64.84 40.67
N ASN C 275 12.08 -65.89 40.07
CA ASN C 275 11.63 -66.34 38.75
C ASN C 275 10.97 -67.69 39.04
N ILE C 276 9.65 -67.71 38.96
CA ILE C 276 8.86 -68.90 39.26
C ILE C 276 8.51 -69.73 38.02
N ILE C 277 8.91 -70.99 38.04
CA ILE C 277 8.66 -71.90 36.93
C ILE C 277 7.65 -72.97 37.37
N MET C 278 6.41 -72.86 36.89
CA MET C 278 5.36 -73.83 37.22
C MET C 278 5.59 -75.10 36.39
N SER C 279 5.10 -76.23 36.89
CA SER C 279 5.27 -77.51 36.20
C SER C 279 4.73 -77.58 34.77
N ASP C 280 3.78 -76.73 34.44
CA ASP C 280 3.20 -76.73 33.10
C ASP C 280 3.87 -75.75 32.14
N ALA C 281 5.00 -75.18 32.55
CA ALA C 281 5.71 -74.23 31.69
C ALA C 281 6.43 -74.93 30.53
N ASP C 282 6.74 -74.16 29.49
CA ASP C 282 7.47 -74.66 28.33
C ASP C 282 8.90 -74.84 28.84
N MET C 283 9.33 -76.09 29.00
CA MET C 283 10.66 -76.39 29.51
C MET C 283 11.82 -75.67 28.82
N ASP C 284 11.97 -75.90 27.52
CA ASP C 284 13.06 -75.27 26.76
C ASP C 284 13.08 -73.76 26.87
N TRP C 285 11.89 -73.16 26.82
CA TRP C 285 11.76 -71.71 26.92
C TRP C 285 12.12 -71.22 28.33
N ALA C 286 11.59 -71.89 29.34
CA ALA C 286 11.85 -71.52 30.73
C ALA C 286 13.32 -71.64 31.12
N VAL C 287 13.99 -72.70 30.63
CA VAL C 287 15.40 -72.91 30.90
C VAL C 287 16.25 -71.79 30.28
N GLU C 288 16.02 -71.50 29.01
CA GLU C 288 16.77 -70.46 28.32
C GLU C 288 16.54 -69.09 28.96
N GLN C 289 15.28 -68.80 29.29
CA GLN C 289 14.89 -67.54 29.91
C GLN C 289 15.38 -67.38 31.35
N ALA C 290 15.46 -68.49 32.10
CA ALA C 290 15.93 -68.44 33.48
C ALA C 290 17.44 -68.14 33.47
N HIS C 291 18.13 -68.68 32.46
CA HIS C 291 19.56 -68.46 32.29
C HIS C 291 19.79 -66.98 32.01
N PHE C 292 19.04 -66.45 31.05
CA PHE C 292 19.14 -65.04 30.67
C PHE C 292 18.80 -64.13 31.86
N ALA C 293 17.71 -64.46 32.55
CA ALA C 293 17.24 -63.71 33.72
C ALA C 293 18.33 -63.50 34.78
N LEU C 294 19.23 -64.45 34.89
CA LEU C 294 20.29 -64.36 35.87
C LEU C 294 21.63 -63.88 35.36
N PHE C 295 22.13 -64.55 34.33
CA PHE C 295 23.44 -64.26 33.77
C PHE C 295 23.62 -63.03 32.88
N PHE C 296 22.52 -62.44 32.42
CA PHE C 296 22.61 -61.26 31.58
C PHE C 296 23.44 -60.15 32.22
N ASN C 297 24.28 -59.54 31.40
CA ASN C 297 25.15 -58.45 31.82
C ASN C 297 26.08 -58.87 32.97
N GLN C 298 26.63 -60.08 32.86
CA GLN C 298 27.53 -60.62 33.88
C GLN C 298 26.82 -60.73 35.23
N GLY C 299 25.50 -60.89 35.18
CA GLY C 299 24.72 -60.99 36.40
C GLY C 299 24.59 -59.66 37.14
N GLN C 300 25.04 -58.59 36.50
CA GLN C 300 25.01 -57.26 37.07
C GLN C 300 23.76 -56.49 36.66
N CYS C 301 22.60 -57.04 37.04
N CYS C 301 22.62 -57.04 37.03
CA CYS C 301 21.33 -56.43 36.71
CA CYS C 301 21.34 -56.43 36.71
C CYS C 301 20.54 -56.35 37.99
C CYS C 301 20.52 -56.35 37.99
N CYS C 302 19.99 -55.16 38.25
CA CYS C 302 19.18 -54.89 39.45
C CYS C 302 18.01 -55.86 39.62
N CYS C 303 17.36 -56.17 38.50
CA CYS C 303 16.21 -57.06 38.47
C CYS C 303 16.56 -58.51 38.10
N ALA C 304 17.82 -58.90 38.30
CA ALA C 304 18.25 -60.26 37.97
C ALA C 304 17.42 -61.32 38.69
N GLY C 305 16.98 -62.34 37.96
CA GLY C 305 16.19 -63.43 38.54
C GLY C 305 17.12 -64.32 39.33
N SER C 306 17.51 -63.85 40.50
CA SER C 306 18.43 -64.52 41.41
C SER C 306 17.84 -65.59 42.32
N ARG C 307 16.53 -65.80 42.25
CA ARG C 307 15.87 -66.85 43.03
C ARG C 307 14.97 -67.60 42.06
N THR C 308 15.50 -68.67 41.49
CA THR C 308 14.76 -69.47 40.51
C THR C 308 13.98 -70.58 41.24
N PHE C 309 12.68 -70.36 41.40
CA PHE C 309 11.80 -71.33 42.06
C PHE C 309 11.25 -72.29 41.01
N VAL C 310 11.54 -73.58 41.17
CA VAL C 310 11.07 -74.60 40.22
C VAL C 310 10.19 -75.64 40.90
N GLN C 311 9.01 -75.89 40.33
CA GLN C 311 8.07 -76.86 40.88
C GLN C 311 8.73 -78.24 40.91
N GLU C 312 8.58 -78.94 42.02
CA GLU C 312 9.21 -80.25 42.21
C GLU C 312 9.14 -81.28 41.09
N ASP C 313 8.00 -81.40 40.42
CA ASP C 313 7.84 -82.37 39.34
C ASP C 313 8.76 -82.17 38.15
N ILE C 314 9.27 -80.95 37.96
CA ILE C 314 10.18 -80.67 36.85
C ILE C 314 11.54 -80.17 37.33
N TYR C 315 11.76 -80.22 38.64
CA TYR C 315 13.01 -79.75 39.23
C TYR C 315 14.27 -80.39 38.67
N ASP C 316 14.36 -81.72 38.77
CA ASP C 316 15.52 -82.45 38.27
C ASP C 316 15.89 -82.11 36.84
N GLU C 317 14.89 -82.19 35.94
CA GLU C 317 15.13 -81.90 34.54
C GLU C 317 15.53 -80.43 34.34
N PHE C 318 14.84 -79.53 35.04
CA PHE C 318 15.14 -78.11 34.91
C PHE C 318 16.59 -77.82 35.31
N VAL C 319 17.02 -78.39 36.42
CA VAL C 319 18.38 -78.19 36.91
C VAL C 319 19.42 -78.75 35.93
N GLU C 320 19.22 -79.99 35.50
CA GLU C 320 20.14 -80.64 34.56
C GLU C 320 20.35 -79.77 33.32
N ARG C 321 19.26 -79.22 32.79
CA ARG C 321 19.33 -78.36 31.61
C ARG C 321 19.99 -77.02 31.91
N SER C 322 19.73 -76.48 33.10
CA SER C 322 20.30 -75.19 33.51
C SER C 322 21.82 -75.28 33.68
N VAL C 323 22.29 -76.37 34.26
CA VAL C 323 23.71 -76.61 34.48
C VAL C 323 24.44 -76.73 33.14
N ALA C 324 23.87 -77.52 32.23
CA ALA C 324 24.46 -77.72 30.91
C ALA C 324 24.57 -76.38 30.19
N ARG C 325 23.53 -75.55 30.32
CA ARG C 325 23.51 -74.24 29.69
C ARG C 325 24.55 -73.30 30.31
N ALA C 326 24.74 -73.42 31.63
CA ALA C 326 25.72 -72.60 32.32
C ALA C 326 27.14 -73.02 31.92
N LYS C 327 27.36 -74.32 31.75
CA LYS C 327 28.68 -74.84 31.37
C LYS C 327 29.06 -74.47 29.94
N SER C 328 28.07 -74.27 29.08
CA SER C 328 28.32 -73.94 27.68
C SER C 328 28.45 -72.42 27.43
N ARG C 329 28.17 -71.63 28.46
CA ARG C 329 28.25 -70.17 28.35
C ARG C 329 29.69 -69.74 28.11
N VAL C 330 29.93 -69.04 27.00
CA VAL C 330 31.26 -68.58 26.62
C VAL C 330 31.74 -67.33 27.35
N VAL C 331 32.81 -67.49 28.12
CA VAL C 331 33.41 -66.40 28.88
C VAL C 331 34.71 -66.00 28.18
N GLY C 332 34.90 -64.70 27.97
CA GLY C 332 36.11 -64.24 27.31
C GLY C 332 36.12 -62.78 26.91
N ASN C 333 37.06 -62.44 26.01
CA ASN C 333 37.23 -61.08 25.50
C ASN C 333 35.89 -60.55 24.97
N PRO C 334 35.34 -59.50 25.60
CA PRO C 334 34.06 -58.91 25.19
C PRO C 334 34.00 -58.41 23.75
N PHE C 335 35.15 -58.17 23.14
CA PHE C 335 35.19 -57.70 21.75
C PHE C 335 35.09 -58.86 20.75
N ASP C 336 35.22 -60.08 21.25
CA ASP C 336 35.10 -61.28 20.42
C ASP C 336 33.60 -61.59 20.28
N SER C 337 33.15 -61.77 19.04
CA SER C 337 31.75 -62.05 18.74
C SER C 337 31.17 -63.29 19.42
N LYS C 338 32.00 -64.30 19.64
CA LYS C 338 31.57 -65.55 20.30
C LYS C 338 31.33 -65.38 21.80
N THR C 339 31.89 -64.33 22.40
CA THR C 339 31.77 -64.08 23.82
C THR C 339 30.36 -63.75 24.32
N GLU C 340 29.91 -64.53 25.30
CA GLU C 340 28.59 -64.31 25.91
C GLU C 340 28.74 -63.55 27.22
N GLN C 341 29.84 -63.80 27.92
CA GLN C 341 30.08 -63.17 29.20
C GLN C 341 31.46 -62.53 29.33
N GLY C 342 31.47 -61.23 29.61
CA GLY C 342 32.71 -60.52 29.80
C GLY C 342 33.10 -60.58 31.26
N PRO C 343 34.02 -59.71 31.70
CA PRO C 343 34.45 -59.70 33.11
C PRO C 343 33.49 -58.89 33.97
N GLN C 344 33.64 -58.98 35.28
CA GLN C 344 32.82 -58.19 36.20
C GLN C 344 33.39 -56.77 36.10
N VAL C 345 32.62 -55.78 36.52
CA VAL C 345 33.04 -54.38 36.40
C VAL C 345 34.38 -53.96 37.04
N ASP C 346 34.71 -54.53 38.19
CA ASP C 346 35.96 -54.17 38.86
C ASP C 346 36.44 -55.20 39.87
N GLU C 347 37.58 -54.92 40.51
CA GLU C 347 38.13 -55.84 41.50
C GLU C 347 37.24 -55.99 42.71
N THR C 348 36.65 -54.87 43.15
CA THR C 348 35.78 -54.87 44.31
C THR C 348 34.61 -55.84 44.11
N GLN C 349 33.93 -55.73 42.97
CA GLN C 349 32.81 -56.63 42.68
C GLN C 349 33.30 -58.07 42.55
N PHE C 350 34.42 -58.23 41.85
CA PHE C 350 35.05 -59.52 41.63
C PHE C 350 35.24 -60.24 42.96
N LYS C 351 35.85 -59.56 43.92
CA LYS C 351 36.09 -60.11 45.26
C LYS C 351 34.78 -60.39 46.01
N LYS C 352 33.83 -59.47 45.88
CA LYS C 352 32.55 -59.58 46.54
C LYS C 352 31.77 -60.81 46.07
N ILE C 353 31.85 -61.10 44.77
CA ILE C 353 31.17 -62.26 44.20
C ILE C 353 31.85 -63.53 44.69
N LEU C 354 33.18 -63.54 44.69
CA LEU C 354 33.95 -64.69 45.17
C LEU C 354 33.54 -64.98 46.60
N GLY C 355 33.33 -63.92 47.38
CA GLY C 355 32.93 -64.07 48.76
C GLY C 355 31.57 -64.75 48.89
N TYR C 356 30.63 -64.35 48.05
CA TYR C 356 29.28 -64.93 48.08
C TYR C 356 29.30 -66.39 47.66
N ILE C 357 30.15 -66.73 46.70
CA ILE C 357 30.27 -68.12 46.23
C ILE C 357 30.77 -69.01 47.37
N ASN C 358 31.76 -68.53 48.12
CA ASN C 358 32.29 -69.29 49.24
C ASN C 358 31.22 -69.36 50.32
N THR C 359 30.44 -68.29 50.45
CA THR C 359 29.35 -68.24 51.44
C THR C 359 28.31 -69.32 51.12
N GLY C 360 28.00 -69.46 49.82
CA GLY C 360 27.05 -70.45 49.37
C GLY C 360 27.52 -71.85 49.70
N LYS C 361 28.80 -72.13 49.43
CA LYS C 361 29.37 -73.44 49.71
C LYS C 361 29.40 -73.71 51.20
N GLN C 362 29.75 -72.69 51.99
CA GLN C 362 29.83 -72.82 53.43
C GLN C 362 28.47 -73.07 54.09
N GLU C 363 27.40 -72.51 53.53
CA GLU C 363 26.07 -72.68 54.10
C GLU C 363 25.29 -73.93 53.66
N GLY C 364 25.89 -74.73 52.79
CA GLY C 364 25.23 -75.96 52.37
C GLY C 364 24.59 -76.05 51.00
N ALA C 365 24.65 -74.99 50.22
CA ALA C 365 24.07 -75.03 48.88
C ALA C 365 24.93 -75.95 48.02
N LYS C 366 24.29 -76.73 47.17
CA LYS C 366 24.99 -77.68 46.31
C LYS C 366 25.56 -76.99 45.06
N LEU C 367 26.89 -76.91 45.01
CA LEU C 367 27.58 -76.31 43.88
C LEU C 367 27.48 -77.29 42.73
N LEU C 368 26.83 -76.87 41.64
CA LEU C 368 26.63 -77.74 40.49
C LEU C 368 27.61 -77.55 39.33
N CYS C 369 28.18 -76.35 39.23
CA CYS C 369 29.14 -76.02 38.18
C CYS C 369 29.80 -74.70 38.51
N GLY C 370 30.94 -74.43 37.87
CA GLY C 370 31.65 -73.19 38.09
C GLY C 370 32.11 -73.01 39.54
N GLY C 371 32.01 -71.76 40.02
CA GLY C 371 32.40 -71.49 41.39
C GLY C 371 33.77 -70.88 41.57
N GLY C 372 34.50 -70.65 40.48
CA GLY C 372 35.83 -70.08 40.60
C GLY C 372 36.16 -69.00 39.58
N ILE C 373 37.42 -68.60 39.55
CA ILE C 373 37.90 -67.58 38.63
C ILE C 373 38.05 -68.21 37.25
N ALA C 374 37.51 -67.54 36.24
CA ALA C 374 37.54 -68.04 34.86
C ALA C 374 38.80 -67.72 34.05
N ALA C 375 39.50 -66.66 34.44
CA ALA C 375 40.70 -66.25 33.73
C ALA C 375 41.76 -65.69 34.67
N ASP C 376 43.01 -65.73 34.22
CA ASP C 376 44.15 -65.25 34.96
C ASP C 376 44.21 -63.73 34.98
N ARG C 377 43.76 -63.10 33.89
CA ARG C 377 43.76 -61.65 33.79
C ARG C 377 42.34 -61.09 33.74
N GLY C 378 42.19 -59.87 34.22
CA GLY C 378 40.88 -59.25 34.23
C GLY C 378 40.06 -59.73 35.42
N TYR C 379 38.75 -59.56 35.35
CA TYR C 379 37.87 -59.98 36.45
C TYR C 379 36.79 -60.95 35.98
N PHE C 380 37.22 -62.08 35.42
CA PHE C 380 36.29 -63.09 34.92
C PHE C 380 35.94 -64.14 35.96
N ILE C 381 34.65 -64.45 36.05
CA ILE C 381 34.16 -65.45 36.98
C ILE C 381 33.33 -66.49 36.23
N GLN C 382 33.53 -67.76 36.59
CA GLN C 382 32.83 -68.87 35.96
C GLN C 382 31.34 -68.84 36.27
N PRO C 383 30.49 -69.08 35.25
CA PRO C 383 29.04 -69.09 35.49
C PRO C 383 28.82 -70.15 36.57
N THR C 384 28.23 -69.74 37.68
CA THR C 384 28.02 -70.63 38.81
C THR C 384 26.56 -70.93 39.06
N VAL C 385 26.28 -72.18 39.43
CA VAL C 385 24.93 -72.61 39.71
C VAL C 385 24.84 -73.38 41.03
N PHE C 386 23.96 -72.92 41.91
CA PHE C 386 23.74 -73.56 43.19
C PHE C 386 22.35 -74.21 43.17
N GLY C 387 22.29 -75.48 43.58
CA GLY C 387 21.03 -76.18 43.63
C GLY C 387 20.59 -76.38 45.06
N ASP C 388 19.34 -76.82 45.26
CA ASP C 388 18.77 -77.06 46.58
C ASP C 388 19.00 -75.91 47.54
N VAL C 389 18.79 -74.69 47.04
CA VAL C 389 18.96 -73.49 47.84
C VAL C 389 17.74 -73.33 48.74
N GLN C 390 18.00 -72.95 50.00
CA GLN C 390 16.93 -72.75 50.97
C GLN C 390 16.74 -71.25 51.25
N ASP C 391 15.50 -70.86 51.51
CA ASP C 391 15.13 -69.46 51.78
C ASP C 391 16.00 -68.76 52.82
N GLY C 392 16.42 -69.49 53.85
CA GLY C 392 17.25 -68.89 54.89
C GLY C 392 18.71 -68.70 54.57
N MET C 393 19.15 -69.16 53.40
CA MET C 393 20.55 -69.00 53.04
C MET C 393 20.85 -67.58 52.62
N THR C 394 22.08 -67.15 52.88
CA THR C 394 22.49 -65.81 52.51
C THR C 394 22.45 -65.61 51.00
N ILE C 395 22.86 -66.62 50.23
CA ILE C 395 22.83 -66.49 48.78
C ILE C 395 21.40 -66.45 48.23
N ALA C 396 20.43 -66.79 49.07
CA ALA C 396 19.01 -66.76 48.70
C ALA C 396 18.39 -65.43 49.11
N LYS C 397 19.08 -64.68 49.97
CA LYS C 397 18.56 -63.41 50.46
C LYS C 397 19.23 -62.15 49.93
N GLU C 398 20.56 -62.15 49.89
CA GLU C 398 21.30 -60.97 49.46
C GLU C 398 21.67 -60.92 47.98
N GLU C 399 21.67 -59.70 47.44
CA GLU C 399 22.00 -59.47 46.04
C GLU C 399 23.48 -59.71 45.80
N ILE C 400 23.78 -60.70 44.97
CA ILE C 400 25.14 -61.07 44.64
C ILE C 400 25.73 -60.22 43.52
N PHE C 401 24.91 -59.92 42.52
CA PHE C 401 25.34 -59.10 41.37
C PHE C 401 26.48 -59.75 40.58
N GLY C 402 26.40 -61.08 40.46
CA GLY C 402 27.41 -61.82 39.72
C GLY C 402 26.79 -63.00 39.01
N PRO C 403 27.58 -63.77 38.25
CA PRO C 403 27.07 -64.93 37.52
C PRO C 403 26.92 -66.13 38.47
N VAL C 404 26.03 -65.99 39.44
CA VAL C 404 25.76 -67.01 40.44
C VAL C 404 24.24 -67.25 40.53
N MET C 405 23.82 -68.42 40.06
CA MET C 405 22.42 -68.80 40.03
C MET C 405 21.98 -69.63 41.23
N GLN C 406 20.77 -69.35 41.72
CA GLN C 406 20.20 -70.08 42.85
C GLN C 406 18.91 -70.76 42.38
N ILE C 407 18.84 -72.08 42.55
CA ILE C 407 17.65 -72.81 42.16
C ILE C 407 17.02 -73.39 43.42
N LEU C 408 15.76 -73.03 43.65
CA LEU C 408 15.02 -73.50 44.81
C LEU C 408 13.86 -74.38 44.35
N LYS C 409 13.44 -75.29 45.20
CA LYS C 409 12.35 -76.20 44.88
C LYS C 409 11.10 -75.87 45.68
N PHE C 410 9.94 -75.96 45.05
CA PHE C 410 8.68 -75.69 45.74
C PHE C 410 7.58 -76.66 45.28
N LYS C 411 6.51 -76.77 46.05
CA LYS C 411 5.43 -77.68 45.70
C LYS C 411 4.17 -77.01 45.18
N THR C 412 3.59 -76.11 45.98
CA THR C 412 2.34 -75.45 45.59
C THR C 412 2.47 -73.99 45.22
N ILE C 413 1.42 -73.49 44.58
CA ILE C 413 1.36 -72.11 44.15
C ILE C 413 1.19 -71.15 45.35
N GLU C 414 0.47 -71.59 46.37
CA GLU C 414 0.26 -70.78 47.58
C GLU C 414 1.59 -70.66 48.31
N GLU C 415 2.33 -71.76 48.34
CA GLU C 415 3.63 -71.79 49.00
C GLU C 415 4.65 -70.86 48.34
N VAL C 416 4.79 -70.95 47.01
CA VAL C 416 5.74 -70.13 46.29
C VAL C 416 5.48 -68.61 46.40
N VAL C 417 4.21 -68.22 46.47
CA VAL C 417 3.86 -66.81 46.61
C VAL C 417 4.42 -66.27 47.92
N GLY C 418 4.22 -67.03 48.99
CA GLY C 418 4.71 -66.64 50.30
C GLY C 418 6.23 -66.55 50.36
N ARG C 419 6.89 -67.56 49.82
CA ARG C 419 8.36 -67.60 49.82
C ARG C 419 8.96 -66.50 48.93
N ALA C 420 8.34 -66.26 47.78
CA ALA C 420 8.83 -65.23 46.86
C ALA C 420 8.68 -63.82 47.46
N ASN C 421 7.59 -63.59 48.18
CA ASN C 421 7.30 -62.31 48.81
C ASN C 421 8.03 -62.09 50.13
N ASN C 422 8.52 -63.17 50.74
CA ASN C 422 9.24 -63.05 52.00
C ASN C 422 10.64 -62.52 51.71
N SER C 423 10.72 -61.22 51.51
CA SER C 423 11.96 -60.53 51.19
C SER C 423 11.77 -59.04 51.38
N THR C 424 12.85 -58.37 51.72
CA THR C 424 12.86 -56.93 51.92
C THR C 424 12.95 -56.24 50.55
N TYR C 425 13.17 -57.04 49.51
CA TYR C 425 13.25 -56.54 48.14
C TYR C 425 11.95 -56.83 47.40
N GLY C 426 11.72 -56.11 46.31
CA GLY C 426 10.51 -56.31 45.52
C GLY C 426 10.59 -55.52 44.22
N LEU C 427 11.72 -55.64 43.53
CA LEU C 427 11.95 -54.93 42.29
C LEU C 427 11.21 -55.58 41.12
N ALA C 428 11.35 -56.89 40.98
CA ALA C 428 10.70 -57.61 39.90
C ALA C 428 10.49 -59.08 40.23
N ALA C 429 9.79 -59.76 39.33
CA ALA C 429 9.48 -61.18 39.47
C ALA C 429 8.97 -61.68 38.14
N ALA C 430 8.89 -63.00 37.98
CA ALA C 430 8.40 -63.60 36.75
C ALA C 430 7.69 -64.91 37.02
N VAL C 431 6.80 -65.26 36.10
CA VAL C 431 6.02 -66.47 36.19
C VAL C 431 6.00 -67.17 34.83
N PHE C 432 6.36 -68.45 34.84
CA PHE C 432 6.35 -69.24 33.63
C PHE C 432 5.28 -70.30 33.79
N THR C 433 4.25 -70.20 32.95
CA THR C 433 3.12 -71.11 32.99
C THR C 433 2.27 -70.91 31.74
N LYS C 434 1.53 -71.95 31.36
CA LYS C 434 0.65 -71.88 30.20
C LYS C 434 -0.78 -71.62 30.66
N ASP C 435 -1.00 -71.72 31.97
CA ASP C 435 -2.33 -71.54 32.53
C ASP C 435 -2.73 -70.10 32.83
N LEU C 436 -3.89 -69.71 32.31
CA LEU C 436 -4.44 -68.37 32.49
C LEU C 436 -4.59 -67.97 33.95
N ASP C 437 -5.28 -68.81 34.73
CA ASP C 437 -5.51 -68.53 36.14
C ASP C 437 -4.23 -68.44 36.97
N LYS C 438 -3.30 -69.37 36.76
CA LYS C 438 -2.04 -69.35 37.50
C LYS C 438 -1.27 -68.06 37.24
N ALA C 439 -1.32 -67.59 35.99
CA ALA C 439 -0.63 -66.36 35.62
C ALA C 439 -1.27 -65.16 36.31
N ASN C 440 -2.60 -65.06 36.26
CA ASN C 440 -3.31 -63.96 36.89
C ASN C 440 -3.22 -63.99 38.41
N TYR C 441 -3.25 -65.18 38.98
CA TYR C 441 -3.16 -65.35 40.43
C TYR C 441 -1.77 -64.87 40.90
N LEU C 442 -0.73 -65.33 40.23
CA LEU C 442 0.64 -64.95 40.59
C LEU C 442 0.99 -63.49 40.32
N SER C 443 0.66 -62.98 39.15
CA SER C 443 0.98 -61.59 38.83
C SER C 443 0.35 -60.63 39.83
N GLN C 444 -0.84 -60.97 40.31
CA GLN C 444 -1.52 -60.14 41.31
C GLN C 444 -0.86 -60.29 42.68
N ALA C 445 -0.58 -61.52 43.08
CA ALA C 445 0.00 -61.83 44.39
C ALA C 445 1.45 -61.41 44.65
N LEU C 446 2.28 -61.42 43.62
CA LEU C 446 3.68 -61.04 43.78
C LEU C 446 3.88 -59.57 44.10
N GLN C 447 4.58 -59.30 45.20
CA GLN C 447 4.85 -57.93 45.62
C GLN C 447 6.12 -57.46 44.93
N ALA C 448 5.99 -57.11 43.66
CA ALA C 448 7.11 -56.66 42.83
C ALA C 448 6.72 -55.55 41.87
N GLY C 449 7.68 -54.70 41.52
CA GLY C 449 7.42 -53.59 40.62
C GLY C 449 7.04 -54.03 39.22
N THR C 450 7.71 -55.08 38.73
CA THR C 450 7.43 -55.62 37.41
C THR C 450 7.29 -57.14 37.52
N VAL C 451 6.22 -57.66 36.93
CA VAL C 451 5.99 -59.10 36.92
C VAL C 451 5.96 -59.52 35.46
N TRP C 452 6.94 -60.31 35.05
CA TRP C 452 7.00 -60.80 33.68
C TRP C 452 6.32 -62.16 33.62
N VAL C 453 5.50 -62.38 32.61
CA VAL C 453 4.82 -63.66 32.46
C VAL C 453 5.33 -64.31 31.17
N ASN C 454 6.00 -65.46 31.33
CA ASN C 454 6.58 -66.21 30.21
C ASN C 454 7.69 -65.47 29.48
N CYS C 455 8.38 -64.58 30.20
CA CYS C 455 9.48 -63.82 29.65
C CYS C 455 10.23 -63.19 30.81
N TYR C 456 11.31 -62.49 30.51
CA TYR C 456 12.11 -61.85 31.54
C TYR C 456 12.96 -60.74 30.93
N ASP C 457 13.23 -59.70 31.73
CA ASP C 457 14.04 -58.57 31.29
C ASP C 457 13.48 -57.91 30.03
N VAL C 458 12.17 -57.79 29.98
CA VAL C 458 11.53 -57.15 28.85
C VAL C 458 11.22 -55.73 29.29
N PHE C 459 12.04 -54.79 28.85
CA PHE C 459 11.88 -53.39 29.19
C PHE C 459 11.34 -52.62 28.01
N GLY C 460 10.49 -51.65 28.29
CA GLY C 460 9.92 -50.82 27.25
C GLY C 460 9.95 -49.41 27.77
N ALA C 461 10.38 -48.47 26.94
CA ALA C 461 10.44 -47.07 27.36
C ALA C 461 9.02 -46.63 27.76
N GLN C 462 8.02 -47.33 27.24
CA GLN C 462 6.61 -47.05 27.51
C GLN C 462 6.10 -47.59 28.85
N SER C 463 6.73 -48.64 29.37
CA SER C 463 6.31 -49.24 30.63
C SER C 463 7.16 -48.86 31.84
N PRO C 464 6.51 -48.45 32.95
CA PRO C 464 7.23 -48.06 34.16
C PRO C 464 8.03 -49.19 34.80
N PHE C 465 9.10 -48.81 35.49
CA PHE C 465 9.99 -49.75 36.16
C PHE C 465 10.40 -49.14 37.51
N GLY C 466 10.39 -49.95 38.56
CA GLY C 466 10.72 -49.47 39.88
C GLY C 466 10.44 -50.52 40.93
N GLY C 467 10.92 -50.29 42.15
CA GLY C 467 10.71 -51.29 43.18
C GLY C 467 9.68 -51.07 44.25
N TYR C 468 9.27 -52.19 44.83
CA TYR C 468 8.35 -52.24 45.94
C TYR C 468 9.31 -52.36 47.11
N LYS C 469 8.82 -52.09 48.32
CA LYS C 469 9.62 -52.20 49.53
C LYS C 469 10.96 -51.47 49.42
N MET C 470 12.04 -52.16 49.80
CA MET C 470 13.38 -51.58 49.79
C MET C 470 14.14 -51.67 48.47
N SER C 471 13.42 -51.92 47.39
CA SER C 471 14.00 -51.99 46.06
C SER C 471 13.91 -50.60 45.42
N GLY C 472 13.32 -49.66 46.14
CA GLY C 472 13.20 -48.31 45.62
C GLY C 472 11.86 -47.68 45.92
N SER C 473 11.66 -46.49 45.36
CA SER C 473 10.43 -45.74 45.50
C SER C 473 10.34 -44.87 44.26
N GLY C 474 9.14 -44.78 43.71
CA GLY C 474 8.93 -44.01 42.49
C GLY C 474 9.16 -44.94 41.31
N ARG C 475 8.85 -44.44 40.12
CA ARG C 475 9.00 -45.24 38.91
C ARG C 475 9.70 -44.47 37.82
N GLU C 476 10.40 -45.20 36.96
CA GLU C 476 11.09 -44.62 35.82
C GLU C 476 10.48 -45.25 34.58
N LEU C 477 10.65 -44.59 33.44
CA LEU C 477 10.08 -45.03 32.16
C LEU C 477 8.58 -44.76 32.12
N GLY C 478 8.03 -44.75 30.90
CA GLY C 478 6.61 -44.51 30.70
C GLY C 478 6.16 -43.12 31.11
N GLU C 479 4.84 -42.94 31.22
CA GLU C 479 4.28 -41.66 31.63
C GLU C 479 4.63 -41.39 33.10
N TYR C 480 4.63 -42.46 33.89
CA TYR C 480 4.94 -42.38 35.31
C TYR C 480 6.30 -41.76 35.60
N GLY C 481 7.24 -41.96 34.67
CA GLY C 481 8.58 -41.41 34.83
C GLY C 481 8.66 -39.90 34.80
N LEU C 482 7.55 -39.25 34.45
CA LEU C 482 7.49 -37.78 34.40
C LEU C 482 7.00 -37.17 35.71
N GLN C 483 6.32 -37.96 36.53
CA GLN C 483 5.76 -37.48 37.80
C GLN C 483 6.74 -36.84 38.75
N ALA C 484 7.88 -37.50 38.99
CA ALA C 484 8.92 -37.01 39.89
C ALA C 484 9.65 -35.78 39.37
N TYR C 485 9.46 -35.46 38.09
CA TYR C 485 10.11 -34.31 37.49
C TYR C 485 9.16 -33.14 37.30
N THR C 486 8.02 -33.21 37.98
CA THR C 486 7.02 -32.18 37.89
C THR C 486 6.67 -31.62 39.27
N GLU C 487 6.54 -30.30 39.34
CA GLU C 487 6.14 -29.63 40.57
C GLU C 487 4.78 -29.05 40.19
N VAL C 488 3.74 -29.43 40.94
CA VAL C 488 2.38 -29.01 40.67
C VAL C 488 1.95 -27.71 41.32
N LYS C 489 1.41 -26.80 40.50
CA LYS C 489 0.93 -25.52 41.00
C LYS C 489 -0.54 -25.35 40.68
N THR C 490 -1.32 -25.06 41.72
CA THR C 490 -2.75 -24.81 41.56
C THR C 490 -2.99 -23.30 41.51
N VAL C 491 -3.71 -22.85 40.49
CA VAL C 491 -4.05 -21.45 40.36
C VAL C 491 -5.57 -21.36 40.43
N THR C 492 -6.07 -20.64 41.41
CA THR C 492 -7.51 -20.49 41.62
C THR C 492 -7.89 -19.03 41.52
N VAL C 493 -8.63 -18.72 40.47
CA VAL C 493 -9.06 -17.35 40.17
C VAL C 493 -10.53 -17.08 40.43
N LYS C 494 -10.82 -15.96 41.10
CA LYS C 494 -12.19 -15.57 41.37
C LYS C 494 -12.81 -15.09 40.05
N VAL C 495 -13.98 -15.61 39.70
CA VAL C 495 -14.69 -15.22 38.48
C VAL C 495 -16.05 -14.60 38.82
N PRO C 496 -16.58 -13.75 37.94
CA PRO C 496 -17.88 -13.12 38.20
C PRO C 496 -18.97 -14.15 38.50
N GLN C 497 -19.08 -15.18 37.67
CA GLN C 497 -20.08 -16.21 37.87
C GLN C 497 -19.73 -17.53 37.19
N LYS C 498 -19.37 -18.52 38.01
CA LYS C 498 -19.01 -19.86 37.55
C LYS C 498 -20.19 -20.62 36.94
N ASN C 499 -20.01 -21.10 35.73
CA ASN C 499 -21.03 -21.89 35.04
C ASN C 499 -20.36 -23.17 34.54
N SER C 500 -21.15 -24.24 34.45
CA SER C 500 -20.63 -25.52 33.97
C SER C 500 -20.18 -25.39 32.51
N ALA D 7 -28.36 -20.33 59.31
CA ALA D 7 -28.27 -20.33 60.80
C ALA D 7 -27.72 -21.65 61.32
N VAL D 8 -26.96 -21.56 62.42
CA VAL D 8 -26.32 -22.71 63.05
C VAL D 8 -27.08 -23.17 64.30
N PRO D 9 -27.23 -24.50 64.47
CA PRO D 9 -27.94 -25.05 65.64
C PRO D 9 -27.22 -24.66 66.93
N ALA D 10 -27.98 -24.56 68.01
CA ALA D 10 -27.42 -24.21 69.32
C ALA D 10 -26.41 -25.29 69.74
N PRO D 11 -25.20 -24.87 70.15
CA PRO D 11 -24.16 -25.80 70.57
C PRO D 11 -24.20 -26.23 72.03
N ASN D 12 -23.71 -27.44 72.29
CA ASN D 12 -23.61 -27.93 73.65
C ASN D 12 -22.23 -27.41 74.05
N GLN D 13 -22.21 -26.34 74.84
CA GLN D 13 -20.95 -25.73 75.26
C GLN D 13 -20.02 -26.59 76.11
N GLN D 14 -20.49 -27.77 76.51
CA GLN D 14 -19.67 -28.70 77.28
C GLN D 14 -20.04 -30.12 76.83
N PRO D 15 -19.71 -30.47 75.58
CA PRO D 15 -19.99 -31.78 75.00
C PRO D 15 -19.28 -32.92 75.71
N GLU D 16 -20.04 -33.99 75.96
CA GLU D 16 -19.51 -35.17 76.62
C GLU D 16 -18.47 -35.87 75.74
N VAL D 17 -17.39 -36.33 76.38
CA VAL D 17 -16.33 -37.05 75.68
C VAL D 17 -16.59 -38.55 75.82
N PHE D 18 -16.75 -39.22 74.69
CA PHE D 18 -17.02 -40.66 74.67
C PHE D 18 -15.81 -41.52 74.34
N CYS D 19 -14.83 -40.93 73.64
CA CYS D 19 -13.64 -41.66 73.22
C CYS D 19 -12.37 -40.94 73.63
N ASN D 20 -11.49 -41.64 74.32
CA ASN D 20 -10.23 -41.05 74.77
C ASN D 20 -9.12 -42.10 74.90
N GLN D 21 -9.23 -43.18 74.14
CA GLN D 21 -8.23 -44.24 74.20
C GLN D 21 -7.58 -44.50 72.85
N ILE D 22 -6.86 -45.61 72.75
CA ILE D 22 -6.17 -46.00 71.52
C ILE D 22 -7.10 -46.92 70.73
N PHE D 23 -7.30 -46.57 69.46
CA PHE D 23 -8.19 -47.31 68.56
C PHE D 23 -7.43 -48.32 67.69
N ILE D 24 -7.61 -49.61 67.98
CA ILE D 24 -6.94 -50.67 67.23
C ILE D 24 -7.93 -51.81 67.00
N ASN D 25 -8.07 -52.22 65.74
CA ASN D 25 -8.98 -53.31 65.37
C ASN D 25 -10.42 -53.01 65.80
N ASN D 26 -10.83 -51.77 65.60
CA ASN D 26 -12.17 -51.30 65.94
C ASN D 26 -12.50 -51.46 67.41
N GLU D 27 -11.47 -51.42 68.26
CA GLU D 27 -11.62 -51.56 69.70
C GLU D 27 -10.85 -50.47 70.42
N TRP D 28 -11.27 -50.17 71.66
CA TRP D 28 -10.62 -49.15 72.46
C TRP D 28 -9.68 -49.78 73.48
N HIS D 29 -8.43 -49.33 73.48
CA HIS D 29 -7.42 -49.85 74.37
C HIS D 29 -6.71 -48.75 75.13
N ASP D 30 -6.22 -49.08 76.31
CA ASP D 30 -5.45 -48.12 77.10
C ASP D 30 -4.03 -48.31 76.60
N ALA D 31 -3.14 -47.38 76.93
CA ALA D 31 -1.75 -47.50 76.53
C ALA D 31 -1.18 -48.69 77.28
N VAL D 32 -0.23 -49.39 76.67
CA VAL D 32 0.39 -50.56 77.31
C VAL D 32 0.96 -50.14 78.67
N SER D 33 1.47 -48.91 78.73
CA SER D 33 2.05 -48.36 79.94
C SER D 33 0.98 -47.86 80.91
N ARG D 34 -0.27 -47.82 80.45
CA ARG D 34 -1.41 -47.36 81.25
C ARG D 34 -1.34 -45.86 81.52
N LYS D 35 -0.37 -45.19 80.92
CA LYS D 35 -0.19 -43.75 81.09
C LYS D 35 -1.20 -42.97 80.26
N THR D 36 -1.52 -41.77 80.72
CA THR D 36 -2.47 -40.90 80.03
C THR D 36 -1.92 -39.48 80.05
N PHE D 37 -2.46 -38.63 79.20
CA PHE D 37 -2.03 -37.23 79.16
C PHE D 37 -3.28 -36.35 79.08
N PRO D 38 -3.23 -35.18 79.71
CA PRO D 38 -4.39 -34.28 79.70
C PRO D 38 -4.52 -33.44 78.42
N THR D 39 -5.76 -33.22 77.98
CA THR D 39 -5.99 -32.35 76.84
C THR D 39 -6.77 -31.18 77.43
N VAL D 40 -6.35 -29.98 77.07
CA VAL D 40 -6.91 -28.74 77.62
C VAL D 40 -7.82 -27.91 76.72
N ASN D 41 -8.77 -27.23 77.36
CA ASN D 41 -9.69 -26.32 76.69
C ASN D 41 -8.91 -25.00 76.68
N PRO D 42 -8.45 -24.57 75.50
CA PRO D 42 -7.69 -23.31 75.37
C PRO D 42 -8.41 -22.03 75.76
N SER D 43 -9.73 -22.07 75.84
CA SER D 43 -10.52 -20.90 76.21
C SER D 43 -10.51 -20.64 77.72
N THR D 44 -10.23 -21.67 78.51
CA THR D 44 -10.23 -21.52 79.97
C THR D 44 -8.95 -22.04 80.61
N GLY D 45 -8.18 -22.84 79.88
CA GLY D 45 -6.96 -23.38 80.44
C GLY D 45 -7.26 -24.56 81.36
N GLU D 46 -8.49 -25.06 81.32
CA GLU D 46 -8.91 -26.18 82.15
C GLU D 46 -8.78 -27.51 81.40
N VAL D 47 -8.52 -28.58 82.15
CA VAL D 47 -8.38 -29.91 81.58
C VAL D 47 -9.75 -30.46 81.19
N ILE D 48 -9.88 -30.91 79.94
CA ILE D 48 -11.13 -31.48 79.46
C ILE D 48 -11.26 -32.90 79.97
N CYS D 49 -10.21 -33.69 79.79
CA CYS D 49 -10.16 -35.07 80.23
C CYS D 49 -8.77 -35.65 79.98
N GLN D 50 -8.57 -36.89 80.39
CA GLN D 50 -7.31 -37.58 80.19
C GLN D 50 -7.44 -38.44 78.93
N VAL D 51 -6.33 -38.59 78.20
CA VAL D 51 -6.32 -39.39 76.98
C VAL D 51 -5.16 -40.37 77.06
N ALA D 52 -5.37 -41.60 76.57
CA ALA D 52 -4.35 -42.64 76.59
C ALA D 52 -3.09 -42.15 75.87
N GLU D 53 -1.95 -42.28 76.54
CA GLU D 53 -0.69 -41.84 75.96
C GLU D 53 -0.01 -42.96 75.17
N GLY D 54 -0.30 -43.03 73.88
CA GLY D 54 0.29 -44.06 73.05
C GLY D 54 1.79 -43.84 72.84
N ASP D 55 2.53 -44.94 72.78
CA ASP D 55 3.97 -44.89 72.57
C ASP D 55 4.34 -45.99 71.56
N LYS D 56 5.63 -46.31 71.46
CA LYS D 56 6.12 -47.31 70.53
C LYS D 56 5.40 -48.65 70.54
N GLU D 57 5.21 -49.22 71.73
CA GLU D 57 4.53 -50.51 71.84
C GLU D 57 3.09 -50.46 71.37
N ASP D 58 2.46 -49.30 71.49
CA ASP D 58 1.07 -49.15 71.06
C ASP D 58 1.05 -49.03 69.55
N VAL D 59 2.06 -48.36 69.00
CA VAL D 59 2.19 -48.20 67.56
C VAL D 59 2.43 -49.57 66.93
N ASP D 60 3.30 -50.37 67.56
CA ASP D 60 3.61 -51.71 67.09
C ASP D 60 2.35 -52.57 66.96
N LYS D 61 1.47 -52.46 67.95
CA LYS D 61 0.20 -53.19 67.95
C LYS D 61 -0.68 -52.70 66.79
N ALA D 62 -0.71 -51.39 66.59
CA ALA D 62 -1.52 -50.79 65.52
C ALA D 62 -1.02 -51.21 64.14
N VAL D 63 0.30 -51.20 63.96
CA VAL D 63 0.90 -51.59 62.68
C VAL D 63 0.60 -53.05 62.34
N LYS D 64 0.73 -53.94 63.33
CA LYS D 64 0.44 -55.36 63.12
C LYS D 64 -1.03 -55.53 62.72
N ALA D 65 -1.93 -54.80 63.38
CA ALA D 65 -3.35 -54.89 63.07
C ALA D 65 -3.58 -54.40 61.64
N ALA D 66 -2.93 -53.30 61.27
CA ALA D 66 -3.04 -52.73 59.93
C ALA D 66 -2.51 -53.73 58.89
N ARG D 67 -1.35 -54.33 59.20
CA ARG D 67 -0.74 -55.31 58.30
C ARG D 67 -1.63 -56.52 58.09
N ALA D 68 -2.29 -56.97 59.15
CA ALA D 68 -3.18 -58.11 59.08
C ALA D 68 -4.40 -57.79 58.22
N ALA D 69 -4.94 -56.59 58.38
CA ALA D 69 -6.10 -56.16 57.62
C ALA D 69 -5.76 -56.01 56.13
N PHE D 70 -4.48 -55.82 55.84
CA PHE D 70 -3.99 -55.64 54.47
C PHE D 70 -3.57 -56.94 53.75
N GLN D 71 -3.58 -58.07 54.45
CA GLN D 71 -3.17 -59.33 53.85
C GLN D 71 -4.03 -59.71 52.64
N LEU D 72 -3.38 -60.28 51.63
CA LEU D 72 -4.07 -60.72 50.43
C LEU D 72 -5.20 -61.66 50.83
N GLY D 73 -6.39 -61.44 50.28
CA GLY D 73 -7.53 -62.29 50.61
C GLY D 73 -8.37 -61.81 51.78
N SER D 74 -7.92 -60.76 52.46
CA SER D 74 -8.66 -60.20 53.59
C SER D 74 -9.93 -59.49 53.10
N PRO D 75 -10.87 -59.22 54.03
CA PRO D 75 -12.12 -58.54 53.66
C PRO D 75 -11.87 -57.16 53.01
N TRP D 76 -10.85 -56.45 53.48
CA TRP D 76 -10.53 -55.13 52.94
C TRP D 76 -9.85 -55.20 51.56
N ARG D 77 -9.03 -56.22 51.36
CA ARG D 77 -8.33 -56.41 50.08
C ARG D 77 -9.25 -56.89 48.96
N ARG D 78 -10.19 -57.77 49.30
CA ARG D 78 -11.13 -58.32 48.32
C ARG D 78 -12.31 -57.41 48.02
N MET D 79 -12.61 -56.51 48.96
CA MET D 79 -13.75 -55.60 48.79
C MET D 79 -13.73 -54.85 47.45
N ASP D 80 -14.87 -54.78 46.80
CA ASP D 80 -14.97 -54.08 45.52
C ASP D 80 -14.55 -52.64 45.73
N ALA D 81 -13.86 -52.07 44.75
CA ALA D 81 -13.42 -50.68 44.84
C ALA D 81 -14.62 -49.76 45.05
N SER D 82 -15.72 -50.06 44.36
CA SER D 82 -16.95 -49.27 44.47
C SER D 82 -17.52 -49.32 45.90
N HIS D 83 -17.33 -50.46 46.57
CA HIS D 83 -17.84 -50.58 47.93
C HIS D 83 -17.02 -49.73 48.90
N ARG D 84 -15.72 -49.57 48.64
CA ARG D 84 -14.88 -48.72 49.48
C ARG D 84 -15.47 -47.31 49.40
N GLY D 85 -15.96 -46.95 48.21
CA GLY D 85 -16.58 -45.64 48.02
C GLY D 85 -17.87 -45.54 48.82
N ARG D 86 -18.63 -46.63 48.85
CA ARG D 86 -19.87 -46.68 49.62
C ARG D 86 -19.58 -46.44 51.10
N LEU D 87 -18.54 -47.11 51.60
CA LEU D 87 -18.14 -46.99 52.99
C LEU D 87 -17.71 -45.56 53.34
N LEU D 88 -17.01 -44.90 52.43
CA LEU D 88 -16.58 -43.53 52.64
C LEU D 88 -17.80 -42.59 52.70
N ASN D 89 -18.79 -42.86 51.86
CA ASN D 89 -20.02 -42.07 51.83
C ASN D 89 -20.84 -42.28 53.10
N ARG D 90 -20.77 -43.49 53.64
CA ARG D 90 -21.48 -43.83 54.86
C ARG D 90 -20.86 -43.07 56.03
N LEU D 91 -19.52 -43.04 56.07
CA LEU D 91 -18.79 -42.33 57.12
C LEU D 91 -19.18 -40.86 57.07
N ALA D 92 -19.25 -40.31 55.87
CA ALA D 92 -19.63 -38.91 55.69
C ALA D 92 -21.02 -38.67 56.26
N ASP D 93 -21.92 -39.62 56.01
CA ASP D 93 -23.30 -39.51 56.50
C ASP D 93 -23.36 -39.53 58.02
N LEU D 94 -22.52 -40.36 58.64
CA LEU D 94 -22.50 -40.46 60.10
C LEU D 94 -21.93 -39.18 60.69
N ILE D 95 -20.90 -38.65 60.05
CA ILE D 95 -20.26 -37.42 60.47
C ILE D 95 -21.26 -36.26 60.38
N GLU D 96 -22.07 -36.24 59.32
CA GLU D 96 -23.07 -35.21 59.15
C GLU D 96 -24.17 -35.35 60.20
N ARG D 97 -24.55 -36.59 60.52
CA ARG D 97 -25.58 -36.84 61.54
C ARG D 97 -25.13 -36.28 62.89
N ASP D 98 -23.83 -36.42 63.18
CA ASP D 98 -23.25 -35.94 64.44
C ASP D 98 -22.50 -34.61 64.28
N ARG D 99 -22.88 -33.84 63.26
CA ARG D 99 -22.25 -32.56 62.96
C ARG D 99 -22.26 -31.52 64.10
N THR D 100 -23.42 -31.32 64.72
CA THR D 100 -23.54 -30.35 65.80
C THR D 100 -22.63 -30.70 66.97
N TYR D 101 -22.60 -31.99 67.30
CA TYR D 101 -21.77 -32.49 68.38
C TYR D 101 -20.28 -32.34 68.05
N LEU D 102 -19.86 -32.81 66.87
CA LEU D 102 -18.46 -32.74 66.46
C LEU D 102 -17.92 -31.32 66.34
N ALA D 103 -18.77 -30.39 65.90
CA ALA D 103 -18.39 -28.99 65.77
C ALA D 103 -18.12 -28.39 67.16
N ALA D 104 -18.98 -28.74 68.11
CA ALA D 104 -18.83 -28.26 69.48
C ALA D 104 -17.58 -28.86 70.15
N LEU D 105 -17.35 -30.15 69.93
CA LEU D 105 -16.19 -30.84 70.50
C LEU D 105 -14.90 -30.29 69.89
N GLU D 106 -14.96 -29.95 68.60
CA GLU D 106 -13.81 -29.40 67.89
C GLU D 106 -13.42 -28.08 68.55
N THR D 107 -14.41 -27.23 68.76
CA THR D 107 -14.23 -25.92 69.38
C THR D 107 -13.72 -26.03 70.82
N LEU D 108 -14.28 -26.97 71.58
CA LEU D 108 -13.87 -27.17 72.96
C LEU D 108 -12.39 -27.50 73.10
N ASP D 109 -11.92 -28.42 72.25
CA ASP D 109 -10.53 -28.89 72.27
C ASP D 109 -9.53 -27.99 71.53
N ASN D 110 -9.98 -27.36 70.45
CA ASN D 110 -9.13 -26.51 69.63
C ASN D 110 -9.21 -25.01 69.94
N GLY D 111 -10.42 -24.53 70.22
CA GLY D 111 -10.59 -23.12 70.53
C GLY D 111 -11.23 -22.28 69.44
N LYS D 112 -11.28 -22.78 68.21
CA LYS D 112 -11.88 -22.03 67.10
C LYS D 112 -13.38 -21.82 67.31
N PRO D 113 -13.93 -20.72 66.75
CA PRO D 113 -15.36 -20.41 66.88
C PRO D 113 -16.26 -21.55 66.43
N TYR D 114 -17.28 -21.84 67.25
CA TYR D 114 -18.23 -22.91 66.94
C TYR D 114 -18.89 -22.70 65.58
N VAL D 115 -19.26 -21.45 65.27
CA VAL D 115 -19.88 -21.14 63.99
C VAL D 115 -18.99 -21.58 62.83
N ILE D 116 -17.68 -21.34 62.99
CA ILE D 116 -16.72 -21.72 61.96
C ILE D 116 -16.52 -23.24 61.92
N SER D 117 -16.46 -23.87 63.09
CA SER D 117 -16.29 -25.32 63.17
C SER D 117 -17.44 -26.01 62.43
N TYR D 118 -18.65 -25.50 62.66
CA TYR D 118 -19.86 -26.05 62.06
C TYR D 118 -19.99 -25.75 60.57
N LEU D 119 -19.87 -24.48 60.21
CA LEU D 119 -20.03 -24.07 58.83
C LEU D 119 -18.84 -24.27 57.89
N VAL D 120 -17.64 -24.28 58.45
CA VAL D 120 -16.43 -24.44 57.64
C VAL D 120 -15.74 -25.80 57.77
N ASP D 121 -15.20 -26.10 58.94
CA ASP D 121 -14.51 -27.37 59.15
C ASP D 121 -15.33 -28.61 58.84
N LEU D 122 -16.48 -28.75 59.48
CA LEU D 122 -17.35 -29.90 59.25
C LEU D 122 -17.83 -29.99 57.81
N ASP D 123 -18.06 -28.85 57.18
CA ASP D 123 -18.51 -28.83 55.78
C ASP D 123 -17.39 -29.37 54.88
N MET D 124 -16.17 -28.88 55.11
CA MET D 124 -15.02 -29.31 54.32
C MET D 124 -14.67 -30.78 54.55
N VAL D 125 -14.90 -31.26 55.77
CA VAL D 125 -14.64 -32.65 56.09
C VAL D 125 -15.58 -33.52 55.25
N LEU D 126 -16.86 -33.16 55.25
CA LEU D 126 -17.88 -33.88 54.50
C LEU D 126 -17.58 -33.88 53.01
N LYS D 127 -17.21 -32.71 52.49
CA LYS D 127 -16.89 -32.56 51.07
C LYS D 127 -15.65 -33.34 50.65
N CYS D 128 -14.67 -33.41 51.54
CA CYS D 128 -13.43 -34.15 51.27
C CYS D 128 -13.69 -35.65 51.16
N LEU D 129 -14.40 -36.19 52.15
CA LEU D 129 -14.72 -37.62 52.18
C LEU D 129 -15.64 -38.02 51.02
N ARG D 130 -16.63 -37.20 50.72
CA ARG D 130 -17.56 -37.48 49.65
C ARG D 130 -16.88 -37.42 48.27
N TYR D 131 -15.91 -36.52 48.14
CA TYR D 131 -15.16 -36.39 46.90
C TYR D 131 -14.30 -37.64 46.67
N TYR D 132 -13.54 -38.03 47.70
CA TYR D 132 -12.70 -39.20 47.57
C TYR D 132 -13.47 -40.51 47.44
N ALA D 133 -14.69 -40.53 47.98
CA ALA D 133 -15.54 -41.71 47.87
C ALA D 133 -15.75 -41.95 46.37
N GLY D 134 -15.84 -40.86 45.61
CA GLY D 134 -16.05 -40.97 44.19
C GLY D 134 -14.85 -41.45 43.41
N TRP D 135 -13.65 -41.31 43.99
CA TRP D 135 -12.42 -41.74 43.33
C TRP D 135 -12.10 -43.22 43.51
N ALA D 136 -12.72 -43.85 44.51
CA ALA D 136 -12.48 -45.26 44.83
C ALA D 136 -12.34 -46.24 43.66
N ASP D 137 -13.25 -46.15 42.70
CA ASP D 137 -13.21 -47.06 41.55
C ASP D 137 -12.91 -46.38 40.21
N LYS D 138 -12.18 -45.27 40.25
CA LYS D 138 -11.88 -44.53 39.03
C LYS D 138 -10.40 -44.23 38.75
N TYR D 139 -9.50 -44.61 39.67
CA TYR D 139 -8.07 -44.37 39.49
C TYR D 139 -7.43 -45.50 38.69
N HIS D 140 -7.73 -45.52 37.40
CA HIS D 140 -7.27 -46.55 36.46
C HIS D 140 -5.77 -46.72 36.22
N GLY D 141 -5.38 -47.97 35.97
CA GLY D 141 -4.01 -48.28 35.63
C GLY D 141 -3.98 -48.13 34.10
N LYS D 142 -2.97 -48.64 33.42
CA LYS D 142 -2.89 -48.49 31.96
C LYS D 142 -2.57 -49.78 31.19
N THR D 143 -2.95 -49.80 29.91
CA THR D 143 -2.59 -50.90 29.00
C THR D 143 -1.66 -50.12 28.08
N ILE D 144 -0.42 -50.60 27.97
CA ILE D 144 0.66 -49.93 27.24
C ILE D 144 1.14 -50.60 25.95
N PRO D 145 1.22 -49.84 24.84
CA PRO D 145 1.66 -50.37 23.55
C PRO D 145 3.19 -50.52 23.47
N ILE D 146 3.71 -51.44 24.26
CA ILE D 146 5.14 -51.72 24.34
C ILE D 146 5.65 -52.40 23.05
N ASP D 147 6.95 -52.27 22.79
CA ASP D 147 7.59 -52.88 21.62
C ASP D 147 7.56 -54.39 21.76
N GLY D 148 7.57 -55.10 20.62
CA GLY D 148 7.59 -56.55 20.64
C GLY D 148 6.28 -57.28 20.90
N ASP D 149 6.34 -58.61 20.88
CA ASP D 149 5.16 -59.45 21.08
C ASP D 149 4.83 -59.64 22.55
N PHE D 150 4.38 -58.55 23.16
CA PHE D 150 4.02 -58.55 24.55
C PHE D 150 2.76 -57.73 24.77
N PHE D 151 2.13 -58.00 25.90
CA PHE D 151 0.95 -57.30 26.33
C PHE D 151 1.42 -56.73 27.67
N SER D 152 1.52 -55.41 27.75
CA SER D 152 1.98 -54.77 28.96
C SER D 152 0.91 -53.86 29.55
N TYR D 153 0.74 -53.94 30.87
CA TYR D 153 -0.23 -53.12 31.59
C TYR D 153 0.25 -52.83 32.99
N THR D 154 -0.38 -51.86 33.64
CA THR D 154 -0.04 -51.50 35.00
C THR D 154 -1.23 -51.65 35.92
N ARG D 155 -0.95 -52.10 37.15
CA ARG D 155 -1.95 -52.27 38.19
C ARG D 155 -1.63 -51.18 39.21
N HIS D 156 -2.65 -50.41 39.59
CA HIS D 156 -2.47 -49.39 40.60
C HIS D 156 -2.91 -50.03 41.90
N GLU D 157 -1.94 -50.54 42.64
CA GLU D 157 -2.19 -51.20 43.91
C GLU D 157 -2.00 -50.22 45.06
N PRO D 158 -2.52 -50.57 46.25
CA PRO D 158 -2.38 -49.68 47.41
C PRO D 158 -0.93 -49.76 47.90
N VAL D 159 -0.39 -48.63 48.37
CA VAL D 159 0.98 -48.62 48.86
C VAL D 159 1.13 -49.53 50.10
N GLY D 160 0.04 -49.71 50.84
CA GLY D 160 0.08 -50.58 52.00
C GLY D 160 -0.28 -49.92 53.33
N VAL D 161 0.54 -50.16 54.34
CA VAL D 161 0.33 -49.59 55.67
C VAL D 161 0.81 -48.14 55.65
N CYS D 162 -0.15 -47.23 55.83
CA CYS D 162 0.16 -45.80 55.80
C CYS D 162 0.17 -45.12 57.15
N GLY D 163 1.33 -44.56 57.50
CA GLY D 163 1.47 -43.84 58.75
C GLY D 163 1.07 -42.40 58.47
N GLN D 164 0.09 -41.91 59.23
CA GLN D 164 -0.38 -40.55 59.03
C GLN D 164 -0.29 -39.77 60.32
N ILE D 165 0.55 -38.74 60.30
CA ILE D 165 0.79 -37.87 61.46
C ILE D 165 0.25 -36.49 61.11
N ILE D 166 -0.69 -35.99 61.92
CA ILE D 166 -1.32 -34.71 61.67
C ILE D 166 -1.22 -33.73 62.84
N PRO D 167 -1.41 -32.43 62.54
CA PRO D 167 -1.36 -31.31 63.49
C PRO D 167 -2.70 -31.01 64.16
N TRP D 168 -2.71 -29.92 64.93
CA TRP D 168 -3.85 -29.46 65.71
C TRP D 168 -4.69 -28.31 65.17
N ASN D 169 -4.20 -27.59 64.18
CA ASN D 169 -4.94 -26.43 63.66
C ASN D 169 -6.30 -26.70 63.03
N PHE D 170 -6.46 -27.87 62.43
CA PHE D 170 -7.72 -28.30 61.81
C PHE D 170 -7.79 -29.80 62.06
N PRO D 171 -8.05 -30.22 63.31
CA PRO D 171 -8.13 -31.62 63.71
C PRO D 171 -8.97 -32.55 62.83
N LEU D 172 -10.27 -32.26 62.71
CA LEU D 172 -11.17 -33.08 61.88
C LEU D 172 -10.83 -33.03 60.40
N LEU D 173 -10.54 -31.83 59.89
CA LEU D 173 -10.24 -31.65 58.47
C LEU D 173 -8.95 -32.36 58.07
N MET D 174 -7.91 -32.23 58.90
CA MET D 174 -6.63 -32.88 58.64
C MET D 174 -6.82 -34.40 58.60
N GLN D 175 -7.65 -34.93 59.49
CA GLN D 175 -7.93 -36.36 59.54
C GLN D 175 -8.60 -36.79 58.22
N ALA D 176 -9.56 -35.99 57.76
CA ALA D 176 -10.28 -36.28 56.51
C ALA D 176 -9.37 -36.22 55.27
N TRP D 177 -8.46 -35.25 55.23
CA TRP D 177 -7.53 -35.11 54.10
C TRP D 177 -6.62 -36.32 53.97
N LYS D 178 -6.34 -36.97 55.10
CA LYS D 178 -5.48 -38.15 55.13
C LYS D 178 -6.25 -39.44 54.85
N LEU D 179 -7.39 -39.60 55.52
CA LEU D 179 -8.21 -40.81 55.36
C LEU D 179 -8.88 -40.97 54.00
N GLY D 180 -9.46 -39.87 53.48
CA GLY D 180 -10.13 -39.92 52.20
C GLY D 180 -9.36 -40.60 51.07
N PRO D 181 -8.18 -40.07 50.69
CA PRO D 181 -7.36 -40.63 49.61
C PRO D 181 -6.78 -42.00 49.94
N ALA D 182 -6.38 -42.20 51.18
CA ALA D 182 -5.82 -43.48 51.61
C ALA D 182 -6.83 -44.61 51.52
N LEU D 183 -8.02 -44.40 52.06
CA LEU D 183 -9.08 -45.41 52.05
C LEU D 183 -9.70 -45.60 50.67
N ALA D 184 -9.77 -44.53 49.88
CA ALA D 184 -10.34 -44.61 48.54
C ALA D 184 -9.53 -45.58 47.68
N THR D 185 -8.23 -45.64 47.90
CA THR D 185 -7.34 -46.51 47.14
C THR D 185 -7.03 -47.85 47.83
N GLY D 186 -7.75 -48.15 48.91
CA GLY D 186 -7.58 -49.42 49.61
C GLY D 186 -6.42 -49.62 50.56
N ASN D 187 -5.84 -48.54 51.06
CA ASN D 187 -4.74 -48.66 52.01
C ASN D 187 -5.28 -48.82 53.42
N VAL D 188 -4.38 -49.09 54.36
CA VAL D 188 -4.74 -49.23 55.77
C VAL D 188 -3.99 -48.12 56.51
N VAL D 189 -4.53 -47.69 57.65
CA VAL D 189 -3.95 -46.55 58.36
C VAL D 189 -3.63 -46.69 59.85
N VAL D 190 -2.53 -46.03 60.23
CA VAL D 190 -2.08 -45.95 61.62
C VAL D 190 -1.87 -44.44 61.74
N MET D 191 -2.88 -43.77 62.28
CA MET D 191 -2.87 -42.31 62.43
C MET D 191 -2.42 -41.86 63.81
N LYS D 192 -1.60 -40.81 63.83
CA LYS D 192 -1.11 -40.25 65.08
C LYS D 192 -1.63 -38.82 65.12
N VAL D 193 -2.65 -38.60 65.94
CA VAL D 193 -3.24 -37.27 66.07
C VAL D 193 -2.44 -36.39 67.02
N ALA D 194 -2.67 -35.09 66.94
CA ALA D 194 -1.96 -34.12 67.78
C ALA D 194 -2.38 -34.23 69.24
N GLU D 195 -1.39 -34.16 70.13
CA GLU D 195 -1.64 -34.23 71.56
C GLU D 195 -2.53 -33.09 72.04
N GLN D 196 -2.48 -31.97 71.34
CA GLN D 196 -3.30 -30.80 71.70
C GLN D 196 -4.77 -30.96 71.35
N THR D 197 -5.06 -31.74 70.32
CA THR D 197 -6.44 -31.93 69.86
C THR D 197 -6.72 -33.38 69.43
N PRO D 198 -6.79 -34.31 70.38
CA PRO D 198 -7.05 -35.71 70.01
C PRO D 198 -8.51 -36.14 69.97
N LEU D 199 -9.37 -35.44 70.71
CA LEU D 199 -10.76 -35.80 70.84
C LEU D 199 -11.65 -36.05 69.61
N THR D 200 -11.80 -35.07 68.73
CA THR D 200 -12.67 -35.25 67.56
C THR D 200 -12.28 -36.41 66.65
N ALA D 201 -10.98 -36.59 66.42
CA ALA D 201 -10.49 -37.69 65.58
C ALA D 201 -10.84 -39.05 66.20
N LEU D 202 -10.73 -39.13 67.53
CA LEU D 202 -11.03 -40.36 68.25
C LEU D 202 -12.52 -40.70 68.17
N TYR D 203 -13.37 -39.68 68.23
CA TYR D 203 -14.82 -39.91 68.12
C TYR D 203 -15.15 -40.42 66.72
N VAL D 204 -14.46 -39.88 65.71
CA VAL D 204 -14.67 -40.30 64.33
C VAL D 204 -14.26 -41.77 64.15
N ALA D 205 -13.33 -42.24 64.97
CA ALA D 205 -12.89 -43.64 64.91
C ALA D 205 -14.11 -44.52 65.19
N ASN D 206 -14.95 -44.07 66.11
CA ASN D 206 -16.18 -44.77 66.47
C ASN D 206 -17.11 -44.85 65.25
N LEU D 207 -17.19 -43.74 64.51
CA LEU D 207 -18.03 -43.66 63.31
C LEU D 207 -17.48 -44.57 62.21
N ILE D 208 -16.16 -44.68 62.15
CA ILE D 208 -15.49 -45.52 61.18
C ILE D 208 -15.93 -46.97 61.41
N LYS D 209 -15.98 -47.35 62.69
CA LYS D 209 -16.42 -48.68 63.09
C LYS D 209 -17.89 -48.86 62.74
N GLU D 210 -18.70 -47.84 63.05
CA GLU D 210 -20.13 -47.87 62.79
C GLU D 210 -20.45 -47.91 61.29
N ALA D 211 -19.60 -47.26 60.49
CA ALA D 211 -19.77 -47.23 59.05
C ALA D 211 -19.60 -48.61 58.41
N GLY D 212 -18.80 -49.46 59.04
CA GLY D 212 -18.59 -50.80 58.51
C GLY D 212 -17.19 -51.13 58.01
N PHE D 213 -16.22 -50.26 58.26
CA PHE D 213 -14.85 -50.54 57.84
C PHE D 213 -14.29 -51.72 58.63
N PRO D 214 -13.70 -52.69 57.92
CA PRO D 214 -13.12 -53.87 58.57
C PRO D 214 -12.13 -53.49 59.68
N PRO D 215 -12.01 -54.34 60.72
CA PRO D 215 -11.09 -54.08 61.83
C PRO D 215 -9.64 -53.97 61.33
N GLY D 216 -8.92 -52.97 61.83
CA GLY D 216 -7.53 -52.78 61.43
C GLY D 216 -7.30 -51.87 60.24
N VAL D 217 -8.35 -51.54 59.51
CA VAL D 217 -8.22 -50.65 58.35
C VAL D 217 -7.80 -49.26 58.81
N VAL D 218 -8.38 -48.78 59.91
CA VAL D 218 -8.01 -47.48 60.47
C VAL D 218 -7.71 -47.67 61.95
N ASN D 219 -6.49 -47.34 62.34
CA ASN D 219 -6.05 -47.43 63.72
C ASN D 219 -5.59 -46.04 64.11
N ILE D 220 -6.00 -45.57 65.28
CA ILE D 220 -5.59 -44.24 65.72
C ILE D 220 -4.86 -44.33 67.06
N VAL D 221 -3.67 -43.76 67.10
CA VAL D 221 -2.85 -43.76 68.30
C VAL D 221 -2.60 -42.35 68.84
N PRO D 222 -3.38 -41.92 69.85
CA PRO D 222 -3.15 -40.59 70.40
C PRO D 222 -1.86 -40.66 71.23
N GLY D 223 -1.12 -39.55 71.26
CA GLY D 223 0.12 -39.52 72.01
C GLY D 223 1.02 -38.39 71.52
N PHE D 224 2.27 -38.41 71.99
CA PHE D 224 3.21 -37.38 71.62
C PHE D 224 4.01 -37.65 70.35
N GLY D 225 4.67 -36.61 69.86
CA GLY D 225 5.45 -36.71 68.65
C GLY D 225 6.69 -37.58 68.68
N PRO D 226 7.71 -37.22 69.50
CA PRO D 226 8.97 -37.97 69.62
C PRO D 226 8.78 -39.43 70.04
N THR D 227 7.60 -39.74 70.57
CA THR D 227 7.28 -41.09 71.00
C THR D 227 6.47 -41.84 69.95
N ALA D 228 5.15 -41.63 69.96
CA ALA D 228 4.25 -42.30 69.00
C ALA D 228 4.53 -41.91 67.54
N GLY D 229 4.70 -40.62 67.30
CA GLY D 229 4.97 -40.15 65.95
C GLY D 229 6.23 -40.75 65.35
N ALA D 230 7.34 -40.63 66.07
CA ALA D 230 8.63 -41.15 65.62
C ALA D 230 8.62 -42.67 65.45
N ALA D 231 7.83 -43.36 66.27
CA ALA D 231 7.71 -44.81 66.19
C ALA D 231 7.09 -45.23 64.85
N ILE D 232 6.18 -44.40 64.36
CA ILE D 232 5.51 -44.65 63.08
C ILE D 232 6.48 -44.35 61.92
N ALA D 233 7.14 -43.21 62.01
CA ALA D 233 8.08 -42.78 60.98
C ALA D 233 9.27 -43.70 60.83
N SER D 234 9.67 -44.35 61.92
CA SER D 234 10.80 -45.27 61.92
C SER D 234 10.44 -46.74 61.85
N HIS D 235 9.13 -47.05 61.83
CA HIS D 235 8.71 -48.44 61.81
C HIS D 235 9.18 -49.20 60.58
N GLU D 236 9.61 -50.44 60.80
CA GLU D 236 10.12 -51.28 59.72
C GLU D 236 9.02 -51.87 58.84
N ASP D 237 7.78 -51.80 59.29
CA ASP D 237 6.68 -52.36 58.52
C ASP D 237 5.64 -51.36 58.03
N VAL D 238 5.95 -50.06 58.15
CA VAL D 238 5.07 -49.02 57.65
C VAL D 238 5.60 -48.72 56.25
N ASP D 239 4.74 -48.86 55.25
CA ASP D 239 5.11 -48.66 53.85
C ASP D 239 5.19 -47.22 53.37
N LYS D 240 4.39 -46.35 54.00
CA LYS D 240 4.35 -44.95 53.59
C LYS D 240 3.95 -44.07 54.75
N VAL D 241 4.49 -42.86 54.79
CA VAL D 241 4.17 -41.92 55.85
C VAL D 241 3.81 -40.56 55.27
N ALA D 242 2.68 -40.01 55.73
CA ALA D 242 2.23 -38.69 55.29
C ALA D 242 2.22 -37.82 56.54
N PHE D 243 2.94 -36.71 56.47
CA PHE D 243 3.06 -35.80 57.59
C PHE D 243 2.65 -34.36 57.29
N THR D 244 1.99 -33.75 58.27
CA THR D 244 1.59 -32.36 58.19
C THR D 244 1.97 -31.72 59.52
N GLY D 245 2.72 -30.63 59.44
CA GLY D 245 3.15 -29.93 60.63
C GLY D 245 4.28 -28.97 60.30
N SER D 246 5.22 -28.84 61.24
CA SER D 246 6.36 -27.94 61.09
C SER D 246 7.43 -28.46 60.12
N THR D 247 8.14 -27.52 59.50
CA THR D 247 9.22 -27.84 58.57
C THR D 247 10.31 -28.64 59.30
N GLU D 248 10.56 -28.27 60.55
CA GLU D 248 11.56 -28.94 61.38
C GLU D 248 11.28 -30.44 61.57
N ILE D 249 10.05 -30.77 61.97
CA ILE D 249 9.69 -32.17 62.15
C ILE D 249 9.59 -32.88 60.81
N GLY D 250 9.30 -32.12 59.75
CA GLY D 250 9.23 -32.68 58.41
C GLY D 250 10.56 -33.31 58.07
N ARG D 251 11.64 -32.62 58.40
CA ARG D 251 13.00 -33.10 58.14
C ARG D 251 13.27 -34.36 58.96
N VAL D 252 12.81 -34.37 60.20
CA VAL D 252 12.99 -35.51 61.09
C VAL D 252 12.27 -36.74 60.51
N ILE D 253 11.09 -36.53 59.94
CA ILE D 253 10.30 -37.60 59.33
C ILE D 253 11.04 -38.21 58.13
N GLN D 254 11.51 -37.35 57.23
CA GLN D 254 12.24 -37.82 56.05
C GLN D 254 13.53 -38.56 56.43
N VAL D 255 14.19 -38.11 57.49
CA VAL D 255 15.43 -38.75 57.95
C VAL D 255 15.09 -40.12 58.54
N ALA D 256 13.98 -40.17 59.28
CA ALA D 256 13.53 -41.42 59.90
C ALA D 256 13.20 -42.46 58.85
N ALA D 257 12.57 -42.02 57.76
CA ALA D 257 12.19 -42.90 56.66
C ALA D 257 13.42 -43.45 55.98
N GLY D 258 14.38 -42.57 55.72
CA GLY D 258 15.61 -42.97 55.07
C GLY D 258 16.42 -43.90 55.95
N SER D 259 16.42 -43.61 57.25
CA SER D 259 17.17 -44.40 58.23
C SER D 259 16.55 -45.75 58.50
N SER D 260 15.26 -45.89 58.24
CA SER D 260 14.57 -47.14 58.50
C SER D 260 14.39 -48.06 57.29
N ASN D 261 13.19 -48.10 56.72
CA ASN D 261 12.92 -49.01 55.61
C ASN D 261 12.66 -48.36 54.25
N LEU D 262 13.05 -47.10 54.09
CA LEU D 262 12.85 -46.39 52.83
C LEU D 262 11.37 -46.21 52.49
N LYS D 263 10.53 -46.14 53.51
CA LYS D 263 9.09 -45.94 53.31
C LYS D 263 8.90 -44.65 52.52
N ARG D 264 7.88 -44.63 51.67
CA ARG D 264 7.59 -43.46 50.84
C ARG D 264 7.13 -42.29 51.72
N VAL D 265 7.52 -41.07 51.34
CA VAL D 265 7.20 -39.87 52.11
C VAL D 265 6.58 -38.69 51.35
N THR D 266 5.61 -38.03 51.99
CA THR D 266 4.98 -36.81 51.48
C THR D 266 4.84 -35.90 52.69
N LEU D 267 5.10 -34.61 52.50
CA LEU D 267 5.06 -33.63 53.58
C LEU D 267 4.25 -32.38 53.25
N GLU D 268 3.49 -31.90 54.24
CA GLU D 268 2.70 -30.69 54.11
C GLU D 268 3.17 -29.86 55.30
N LEU D 269 4.06 -28.93 55.02
CA LEU D 269 4.64 -28.08 56.05
C LEU D 269 4.07 -26.66 56.06
N GLY D 270 4.71 -25.76 56.80
CA GLY D 270 4.22 -24.40 56.88
C GLY D 270 4.74 -23.48 55.80
N GLY D 271 4.64 -22.18 56.06
CA GLY D 271 5.12 -21.20 55.10
C GLY D 271 5.07 -19.78 55.61
N LYS D 272 5.28 -18.85 54.69
CA LYS D 272 5.26 -17.42 54.96
C LYS D 272 4.74 -16.87 53.64
N SER D 273 3.50 -17.25 53.33
CA SER D 273 2.84 -16.88 52.10
C SER D 273 2.62 -15.40 51.86
N PRO D 274 3.03 -14.91 50.68
CA PRO D 274 2.87 -13.51 50.34
C PRO D 274 1.52 -13.23 49.69
N ASN D 275 0.84 -12.19 50.18
CA ASN D 275 -0.45 -11.77 49.64
C ASN D 275 -0.17 -10.43 48.97
N ILE D 276 -0.12 -10.43 47.64
CA ILE D 276 0.18 -9.24 46.84
C ILE D 276 -0.99 -8.40 46.36
N ILE D 277 -1.03 -7.15 46.79
CA ILE D 277 -2.10 -6.23 46.44
C ILE D 277 -1.59 -5.18 45.45
N MET D 278 -1.97 -5.30 44.18
CA MET D 278 -1.56 -4.34 43.16
C MET D 278 -2.41 -3.08 43.32
N SER D 279 -1.94 -1.95 42.78
CA SER D 279 -2.65 -0.68 42.88
C SER D 279 -4.03 -0.63 42.24
N ASP D 280 -4.28 -1.50 41.27
CA ASP D 280 -5.57 -1.54 40.59
C ASP D 280 -6.55 -2.53 41.21
N ALA D 281 -6.22 -3.06 42.38
CA ALA D 281 -7.09 -4.01 43.06
C ALA D 281 -8.31 -3.32 43.64
N ASP D 282 -9.37 -4.10 43.85
CA ASP D 282 -10.60 -3.60 44.46
C ASP D 282 -10.19 -3.40 45.92
N MET D 283 -10.15 -2.14 46.36
CA MET D 283 -9.75 -1.79 47.72
C MET D 283 -10.52 -2.57 48.80
N ASP D 284 -11.82 -2.36 48.88
CA ASP D 284 -12.67 -3.04 49.88
C ASP D 284 -12.49 -4.56 49.91
N TRP D 285 -12.51 -5.18 48.73
CA TRP D 285 -12.36 -6.61 48.62
C TRP D 285 -10.99 -7.06 49.13
N ALA D 286 -9.93 -6.40 48.66
CA ALA D 286 -8.56 -6.72 49.04
C ALA D 286 -8.30 -6.60 50.54
N VAL D 287 -8.90 -5.59 51.17
CA VAL D 287 -8.71 -5.36 52.61
C VAL D 287 -9.36 -6.48 53.42
N GLU D 288 -10.61 -6.80 53.08
CA GLU D 288 -11.34 -7.85 53.79
C GLU D 288 -10.68 -9.21 53.59
N GLN D 289 -10.24 -9.48 52.36
CA GLN D 289 -9.59 -10.74 52.03
C GLN D 289 -8.20 -10.87 52.65
N ALA D 290 -7.50 -9.75 52.79
CA ALA D 290 -6.16 -9.75 53.39
C ALA D 290 -6.33 -10.03 54.89
N HIS D 291 -7.39 -9.48 55.46
CA HIS D 291 -7.70 -9.66 56.87
C HIS D 291 -7.98 -11.15 57.11
N PHE D 292 -8.83 -11.71 56.27
CA PHE D 292 -9.20 -13.11 56.34
C PHE D 292 -7.97 -13.99 56.10
N ALA D 293 -7.19 -13.62 55.09
CA ALA D 293 -5.96 -14.34 54.72
C ALA D 293 -4.99 -14.55 55.88
N LEU D 294 -4.89 -13.56 56.75
CA LEU D 294 -3.98 -13.65 57.89
C LEU D 294 -4.62 -14.16 59.17
N PHE D 295 -5.68 -13.49 59.59
CA PHE D 295 -6.38 -13.81 60.84
C PHE D 295 -7.25 -15.05 60.91
N PHE D 296 -7.53 -15.67 59.78
CA PHE D 296 -8.36 -16.88 59.79
C PHE D 296 -7.80 -17.95 60.71
N ASN D 297 -8.69 -18.57 61.49
CA ASN D 297 -8.33 -19.64 62.42
C ASN D 297 -7.29 -19.20 63.45
N GLN D 298 -7.48 -18.01 64.03
CA GLN D 298 -6.55 -17.47 65.02
C GLN D 298 -5.16 -17.32 64.43
N GLY D 299 -5.09 -17.22 63.10
CA GLY D 299 -3.83 -17.11 62.39
C GLY D 299 -3.06 -18.42 62.36
N GLN D 300 -3.74 -19.50 62.75
CA GLN D 300 -3.15 -20.83 62.79
C GLN D 300 -3.41 -21.64 61.52
N CYS D 301 -2.94 -21.08 60.39
N CYS D 301 -2.94 -21.09 60.41
CA CYS D 301 -3.12 -21.72 59.10
CA CYS D 301 -3.12 -21.71 59.11
C CYS D 301 -1.77 -21.77 58.39
C CYS D 301 -1.78 -21.77 58.39
N CYS D 302 -1.44 -22.94 57.86
CA CYS D 302 -0.18 -23.15 57.13
C CYS D 302 0.07 -22.19 55.99
N CYS D 303 -1.00 -21.87 55.26
CA CYS D 303 -0.92 -20.96 54.12
C CYS D 303 -1.37 -19.53 54.42
N ALA D 304 -1.35 -19.14 55.70
CA ALA D 304 -1.75 -17.78 56.09
C ALA D 304 -0.97 -16.73 55.31
N GLY D 305 -1.67 -15.68 54.87
CA GLY D 305 -1.02 -14.61 54.13
C GLY D 305 -0.34 -13.68 55.12
N SER D 306 0.82 -14.11 55.61
CA SER D 306 1.60 -13.38 56.62
C SER D 306 2.58 -12.35 56.08
N ARG D 307 2.57 -12.15 54.76
CA ARG D 307 3.41 -11.14 54.13
C ARG D 307 2.49 -10.40 53.15
N THR D 308 1.82 -9.37 53.67
CA THR D 308 0.90 -8.58 52.86
C THR D 308 1.65 -7.45 52.16
N PHE D 309 1.98 -7.67 50.88
CA PHE D 309 2.69 -6.68 50.08
C PHE D 309 1.68 -5.73 49.44
N VAL D 310 1.81 -4.42 49.71
CA VAL D 310 0.91 -3.42 49.16
C VAL D 310 1.64 -2.38 48.30
N GLN D 311 1.15 -2.12 47.09
CA GLN D 311 1.77 -1.14 46.19
C GLN D 311 1.70 0.24 46.85
N GLU D 312 2.81 0.97 46.77
CA GLU D 312 2.93 2.29 47.39
C GLU D 312 1.79 3.30 47.21
N ASP D 313 1.19 3.33 46.02
CA ASP D 313 0.10 4.27 45.75
C ASP D 313 -1.17 4.08 46.58
N ILE D 314 -1.40 2.85 47.05
CA ILE D 314 -2.59 2.57 47.85
C ILE D 314 -2.22 2.09 49.25
N TYR D 315 -0.93 2.14 49.57
CA TYR D 315 -0.45 1.69 50.87
C TYR D 315 -1.12 2.35 52.09
N ASP D 316 -1.06 3.67 52.17
CA ASP D 316 -1.64 4.41 53.29
C ASP D 316 -3.11 4.10 53.56
N GLU D 317 -3.91 4.06 52.51
CA GLU D 317 -5.34 3.78 52.63
C GLU D 317 -5.58 2.33 53.04
N PHE D 318 -4.87 1.41 52.39
CA PHE D 318 -4.99 -0.02 52.67
C PHE D 318 -4.67 -0.28 54.15
N VAL D 319 -3.59 0.31 54.64
CA VAL D 319 -3.19 0.15 56.02
C VAL D 319 -4.26 0.68 56.98
N GLU D 320 -4.71 1.90 56.75
CA GLU D 320 -5.72 2.53 57.59
C GLU D 320 -6.97 1.64 57.70
N ARG D 321 -7.42 1.11 56.57
CA ARG D 321 -8.59 0.24 56.54
C ARG D 321 -8.31 -1.11 57.21
N SER D 322 -7.08 -1.60 57.05
CA SER D 322 -6.69 -2.87 57.64
C SER D 322 -6.63 -2.78 59.17
N VAL D 323 -6.12 -1.68 59.69
CA VAL D 323 -6.03 -1.46 61.13
C VAL D 323 -7.43 -1.37 61.73
N ALA D 324 -8.31 -0.62 61.07
CA ALA D 324 -9.69 -0.45 61.53
C ALA D 324 -10.41 -1.81 61.61
N ARG D 325 -10.20 -2.65 60.60
CA ARG D 325 -10.83 -3.96 60.55
C ARG D 325 -10.27 -4.86 61.65
N ALA D 326 -8.96 -4.77 61.89
CA ALA D 326 -8.32 -5.57 62.93
C ALA D 326 -8.83 -5.14 64.31
N LYS D 327 -9.03 -3.83 64.49
CA LYS D 327 -9.52 -3.28 65.76
C LYS D 327 -10.95 -3.67 66.07
N SER D 328 -11.74 -3.95 65.03
CA SER D 328 -13.14 -4.33 65.21
C SER D 328 -13.35 -5.84 65.36
N ARG D 329 -12.32 -6.61 65.06
CA ARG D 329 -12.40 -8.08 65.15
C ARG D 329 -12.74 -8.52 66.58
N VAL D 330 -13.86 -9.21 66.73
CA VAL D 330 -14.32 -9.67 68.04
C VAL D 330 -13.58 -10.89 68.57
N VAL D 331 -12.89 -10.71 69.69
CA VAL D 331 -12.15 -11.78 70.35
C VAL D 331 -12.89 -12.16 71.62
N GLY D 332 -13.16 -13.45 71.80
CA GLY D 332 -13.86 -13.90 73.00
C GLY D 332 -14.21 -15.37 73.03
N ASN D 333 -15.22 -15.71 73.83
CA ASN D 333 -15.69 -17.08 73.97
C ASN D 333 -16.10 -17.65 72.61
N PRO D 334 -15.38 -18.68 72.14
CA PRO D 334 -15.65 -19.33 70.85
C PRO D 334 -17.07 -19.86 70.67
N PHE D 335 -17.79 -20.01 71.78
CA PHE D 335 -19.17 -20.50 71.73
C PHE D 335 -20.20 -19.39 71.54
N ASP D 336 -19.77 -18.13 71.67
CA ASP D 336 -20.66 -16.98 71.47
C ASP D 336 -20.71 -16.71 69.97
N SER D 337 -21.91 -16.54 69.43
CA SER D 337 -22.12 -16.30 68.01
C SER D 337 -21.45 -15.05 67.46
N LYS D 338 -21.13 -14.11 68.35
CA LYS D 338 -20.49 -12.86 67.97
C LYS D 338 -18.98 -12.94 67.86
N THR D 339 -18.40 -14.01 68.42
CA THR D 339 -16.95 -14.22 68.41
C THR D 339 -16.36 -14.59 67.04
N GLU D 340 -15.38 -13.81 66.60
CA GLU D 340 -14.71 -14.05 65.34
C GLU D 340 -13.38 -14.73 65.60
N GLN D 341 -12.79 -14.46 66.76
CA GLN D 341 -11.50 -15.02 67.11
C GLN D 341 -11.46 -15.64 68.50
N GLY D 342 -11.19 -16.95 68.52
CA GLY D 342 -11.10 -17.66 69.79
C GLY D 342 -9.67 -17.56 70.29
N PRO D 343 -9.28 -18.41 71.27
CA PRO D 343 -7.92 -18.38 71.80
C PRO D 343 -6.95 -19.20 70.93
N GLN D 344 -5.66 -19.11 71.23
CA GLN D 344 -4.64 -19.88 70.51
C GLN D 344 -4.74 -21.32 71.06
N VAL D 345 -4.24 -22.31 70.32
CA VAL D 345 -4.35 -23.70 70.74
C VAL D 345 -3.83 -24.07 72.14
N ASP D 346 -2.69 -23.51 72.53
CA ASP D 346 -2.14 -23.81 73.85
C ASP D 346 -1.21 -22.72 74.36
N GLU D 347 -0.71 -22.90 75.58
CA GLU D 347 0.19 -21.93 76.21
C GLU D 347 1.51 -21.79 75.45
N THR D 348 2.00 -22.90 74.90
CA THR D 348 3.25 -22.89 74.15
C THR D 348 3.14 -21.94 72.95
N GLN D 349 2.05 -22.08 72.20
CA GLN D 349 1.81 -21.25 71.03
C GLN D 349 1.56 -19.81 71.45
N PHE D 350 0.77 -19.66 72.51
CA PHE D 350 0.42 -18.37 73.09
C PHE D 350 1.69 -17.54 73.36
N LYS D 351 2.65 -18.14 74.06
CA LYS D 351 3.92 -17.49 74.40
C LYS D 351 4.82 -17.27 73.18
N LYS D 352 4.79 -18.21 72.25
CA LYS D 352 5.62 -18.09 71.05
C LYS D 352 5.21 -16.85 70.27
N ILE D 353 3.90 -16.64 70.12
CA ILE D 353 3.36 -15.50 69.40
C ILE D 353 3.72 -14.18 70.08
N LEU D 354 3.55 -14.13 71.40
CA LEU D 354 3.89 -12.92 72.15
C LEU D 354 5.36 -12.60 71.91
N GLY D 355 6.18 -13.64 71.90
CA GLY D 355 7.60 -13.47 71.68
C GLY D 355 7.88 -12.86 70.32
N TYR D 356 7.12 -13.27 69.30
CA TYR D 356 7.29 -12.74 67.96
C TYR D 356 6.88 -11.27 67.91
N ILE D 357 5.79 -10.94 68.59
CA ILE D 357 5.30 -9.57 68.65
C ILE D 357 6.39 -8.67 69.28
N ASN D 358 7.02 -9.16 70.35
CA ASN D 358 8.08 -8.40 71.00
C ASN D 358 9.26 -8.21 70.06
N THR D 359 9.54 -9.23 69.25
CA THR D 359 10.63 -9.20 68.28
C THR D 359 10.32 -8.16 67.19
N GLY D 360 9.05 -8.10 66.80
CA GLY D 360 8.61 -7.16 65.78
C GLY D 360 8.83 -5.73 66.24
N LYS D 361 8.54 -5.48 67.51
CA LYS D 361 8.71 -4.15 68.07
C LYS D 361 10.18 -3.77 68.21
N GLN D 362 11.00 -4.71 68.67
CA GLN D 362 12.43 -4.46 68.84
C GLN D 362 13.16 -4.19 67.53
N GLU D 363 12.75 -4.88 66.47
CA GLU D 363 13.39 -4.72 65.18
C GLU D 363 13.00 -3.51 64.34
N GLY D 364 12.05 -2.72 64.83
CA GLY D 364 11.67 -1.52 64.11
C GLY D 364 10.36 -1.52 63.34
N ALA D 365 9.62 -2.63 63.35
CA ALA D 365 8.35 -2.67 62.64
C ALA D 365 7.42 -1.72 63.38
N LYS D 366 6.51 -1.09 62.65
CA LYS D 366 5.58 -0.15 63.26
C LYS D 366 4.31 -0.80 63.79
N LEU D 367 4.17 -0.85 65.11
CA LEU D 367 2.99 -1.44 65.75
C LEU D 367 1.81 -0.47 65.58
N LEU D 368 0.82 -0.89 64.80
CA LEU D 368 -0.34 -0.07 64.53
C LEU D 368 -1.56 -0.37 65.41
N CYS D 369 -1.62 -1.58 65.95
CA CYS D 369 -2.73 -1.98 66.83
C CYS D 369 -2.45 -3.32 67.49
N GLY D 370 -3.14 -3.58 68.61
CA GLY D 370 -2.96 -4.83 69.33
C GLY D 370 -1.58 -4.93 69.92
N GLY D 371 -1.03 -6.15 69.92
CA GLY D 371 0.31 -6.35 70.44
C GLY D 371 0.39 -6.98 71.82
N GLY D 372 -0.75 -7.27 72.43
CA GLY D 372 -0.73 -7.88 73.75
C GLY D 372 -1.82 -8.90 74.01
N ILE D 373 -1.88 -9.37 75.25
CA ILE D 373 -2.85 -10.35 75.70
C ILE D 373 -4.26 -9.74 75.64
N ALA D 374 -5.23 -10.52 75.16
CA ALA D 374 -6.61 -10.05 75.02
C ALA D 374 -7.54 -10.40 76.19
N ALA D 375 -7.11 -11.29 77.07
CA ALA D 375 -7.91 -11.70 78.22
C ALA D 375 -7.06 -12.33 79.32
N ASP D 376 -7.50 -12.23 80.57
CA ASP D 376 -6.75 -12.78 81.70
C ASP D 376 -6.89 -14.29 81.84
N ARG D 377 -7.85 -14.87 81.13
CA ARG D 377 -8.06 -16.31 81.15
C ARG D 377 -8.06 -16.87 79.73
N GLY D 378 -7.44 -18.03 79.56
CA GLY D 378 -7.36 -18.63 78.24
C GLY D 378 -6.16 -18.07 77.49
N TYR D 379 -6.00 -18.47 76.23
CA TYR D 379 -4.87 -18.00 75.43
C TYR D 379 -5.29 -17.05 74.32
N PHE D 380 -5.89 -15.92 74.72
CA PHE D 380 -6.36 -14.92 73.78
C PHE D 380 -5.30 -13.83 73.52
N ILE D 381 -5.10 -13.52 72.24
CA ILE D 381 -4.14 -12.49 71.84
C ILE D 381 -4.85 -11.48 70.94
N GLN D 382 -4.62 -10.20 71.20
CA GLN D 382 -5.24 -9.12 70.42
C GLN D 382 -4.81 -9.14 68.96
N PRO D 383 -5.75 -8.87 68.04
CA PRO D 383 -5.40 -8.86 66.61
C PRO D 383 -4.31 -7.78 66.46
N THR D 384 -3.14 -8.21 65.99
CA THR D 384 -2.00 -7.32 65.86
C THR D 384 -1.61 -7.04 64.40
N VAL D 385 -1.28 -5.79 64.11
CA VAL D 385 -0.89 -5.36 62.78
C VAL D 385 0.41 -4.55 62.83
N PHE D 386 1.39 -4.95 62.04
CA PHE D 386 2.67 -4.25 61.94
C PHE D 386 2.77 -3.60 60.57
N GLY D 387 3.20 -2.34 60.55
CA GLY D 387 3.34 -1.63 59.30
C GLY D 387 4.81 -1.39 59.00
N ASP D 388 5.10 -1.05 57.74
CA ASP D 388 6.46 -0.77 57.29
C ASP D 388 7.42 -1.92 57.60
N VAL D 389 6.95 -3.15 57.42
CA VAL D 389 7.77 -4.32 57.67
C VAL D 389 8.79 -4.45 56.54
N GLN D 390 10.00 -4.85 56.90
CA GLN D 390 11.09 -5.04 55.95
C GLN D 390 11.40 -6.53 55.83
N ASP D 391 11.78 -6.96 54.64
CA ASP D 391 12.09 -8.37 54.36
C ASP D 391 13.07 -9.03 55.32
N GLY D 392 14.03 -8.25 55.82
CA GLY D 392 15.02 -8.81 56.73
C GLY D 392 14.54 -8.99 58.16
N MET D 393 13.34 -8.50 58.45
CA MET D 393 12.80 -8.63 59.80
C MET D 393 12.33 -10.05 60.14
N THR D 394 12.56 -10.45 61.39
CA THR D 394 12.18 -11.78 61.87
C THR D 394 10.70 -12.09 61.60
N ILE D 395 9.82 -11.14 61.88
CA ILE D 395 8.39 -11.33 61.66
C ILE D 395 8.02 -11.43 60.18
N ALA D 396 8.97 -11.08 59.30
CA ALA D 396 8.74 -11.14 57.86
C ALA D 396 9.31 -12.43 57.28
N LYS D 397 10.09 -13.16 58.07
CA LYS D 397 10.72 -14.39 57.61
C LYS D 397 10.18 -15.67 58.21
N GLU D 398 9.95 -15.65 59.52
CA GLU D 398 9.48 -16.81 60.26
C GLU D 398 7.97 -16.90 60.45
N GLU D 399 7.46 -18.14 60.40
CA GLU D 399 6.05 -18.41 60.57
C GLU D 399 5.66 -18.16 62.03
N ILE D 400 4.73 -17.22 62.21
CA ILE D 400 4.27 -16.85 63.55
C ILE D 400 3.11 -17.71 64.02
N PHE D 401 2.20 -18.04 63.09
CA PHE D 401 1.03 -18.88 63.38
C PHE D 401 0.12 -18.24 64.42
N GLY D 402 -0.03 -16.92 64.33
CA GLY D 402 -0.89 -16.20 65.26
C GLY D 402 -1.55 -15.01 64.60
N PRO D 403 -2.38 -14.25 65.34
CA PRO D 403 -3.07 -13.07 64.79
C PRO D 403 -2.13 -11.86 64.71
N VAL D 404 -1.07 -12.00 63.93
CA VAL D 404 -0.07 -10.95 63.75
C VAL D 404 0.14 -10.72 62.26
N MET D 405 -0.31 -9.55 61.80
CA MET D 405 -0.24 -9.17 60.39
C MET D 405 1.00 -8.34 60.05
N GLN D 406 1.61 -8.64 58.91
CA GLN D 406 2.77 -7.91 58.41
C GLN D 406 2.39 -7.20 57.11
N ILE D 407 2.57 -5.89 57.07
CA ILE D 407 2.26 -5.13 55.86
C ILE D 407 3.53 -4.50 55.32
N LEU D 408 3.90 -4.89 54.10
CA LEU D 408 5.10 -4.38 53.44
C LEU D 408 4.72 -3.53 52.23
N LYS D 409 5.57 -2.57 51.90
CA LYS D 409 5.34 -1.68 50.77
C LYS D 409 6.27 -2.03 49.61
N PHE D 410 5.75 -1.93 48.39
CA PHE D 410 6.54 -2.21 47.20
C PHE D 410 6.15 -1.24 46.10
N LYS D 411 6.98 -1.16 45.07
CA LYS D 411 6.70 -0.27 43.96
C LYS D 411 6.34 -0.98 42.65
N THR D 412 7.24 -1.82 42.16
CA THR D 412 7.03 -2.50 40.90
C THR D 412 6.62 -3.98 40.98
N ILE D 413 6.14 -4.49 39.86
CA ILE D 413 5.72 -5.90 39.79
C ILE D 413 6.93 -6.84 39.80
N GLU D 414 8.03 -6.44 39.17
CA GLU D 414 9.24 -7.27 39.14
C GLU D 414 9.84 -7.34 40.53
N GLU D 415 9.71 -6.25 41.27
CA GLU D 415 10.20 -6.15 42.63
C GLU D 415 9.46 -7.11 43.55
N VAL D 416 8.13 -7.01 43.55
CA VAL D 416 7.30 -7.85 44.41
C VAL D 416 7.42 -9.34 44.14
N VAL D 417 7.61 -9.74 42.88
CA VAL D 417 7.75 -11.15 42.56
C VAL D 417 9.05 -11.70 43.14
N GLY D 418 10.13 -10.91 43.06
CA GLY D 418 11.41 -11.33 43.58
C GLY D 418 11.44 -11.39 45.09
N ARG D 419 10.81 -10.40 45.73
CA ARG D 419 10.75 -10.35 47.18
C ARG D 419 9.84 -11.45 47.72
N ALA D 420 8.78 -11.76 46.98
CA ALA D 420 7.84 -12.80 47.39
C ALA D 420 8.52 -14.16 47.29
N ASN D 421 9.29 -14.37 46.22
CA ASN D 421 10.01 -15.62 46.01
C ASN D 421 11.29 -15.75 46.86
N ASN D 422 11.75 -14.65 47.43
CA ASN D 422 12.95 -14.70 48.27
C ASN D 422 12.54 -15.24 49.63
N SER D 423 12.34 -16.54 49.68
CA SER D 423 11.92 -17.23 50.88
C SER D 423 12.20 -18.72 50.70
N THR D 424 12.44 -19.40 51.82
CA THR D 424 12.70 -20.83 51.81
C THR D 424 11.36 -21.58 51.74
N TYR D 425 10.26 -20.84 51.96
CA TYR D 425 8.91 -21.39 51.92
C TYR D 425 8.28 -21.13 50.55
N GLY D 426 7.18 -21.83 50.27
CA GLY D 426 6.49 -21.65 48.99
C GLY D 426 5.20 -22.45 48.96
N LEU D 427 4.47 -22.42 50.06
CA LEU D 427 3.22 -23.15 50.15
C LEU D 427 2.12 -22.49 49.32
N ALA D 428 1.93 -21.19 49.52
CA ALA D 428 0.91 -20.46 48.77
C ALA D 428 1.25 -18.98 48.58
N ALA D 429 0.42 -18.31 47.81
CA ALA D 429 0.56 -16.89 47.51
C ALA D 429 -0.75 -16.41 46.91
N ALA D 430 -0.94 -15.10 46.85
CA ALA D 430 -2.15 -14.53 46.28
C ALA D 430 -1.86 -13.22 45.56
N VAL D 431 -2.67 -12.92 44.56
CA VAL D 431 -2.53 -11.71 43.77
C VAL D 431 -3.88 -11.03 43.63
N PHE D 432 -3.92 -9.75 44.00
CA PHE D 432 -5.14 -8.96 43.89
C PHE D 432 -4.89 -7.86 42.87
N THR D 433 -5.54 -8.01 41.71
CA THR D 433 -5.41 -7.07 40.60
C THR D 433 -6.57 -7.31 39.62
N LYS D 434 -6.93 -6.27 38.87
CA LYS D 434 -8.01 -6.38 37.89
C LYS D 434 -7.45 -6.62 36.50
N ASP D 435 -6.13 -6.52 36.38
CA ASP D 435 -5.45 -6.68 35.10
C ASP D 435 -5.07 -8.12 34.73
N LEU D 436 -5.56 -8.58 33.57
CA LEU D 436 -5.29 -9.92 33.06
C LEU D 436 -3.80 -10.29 32.99
N ASP D 437 -3.02 -9.45 32.32
CA ASP D 437 -1.60 -9.68 32.16
C ASP D 437 -0.84 -9.73 33.49
N LYS D 438 -1.19 -8.83 34.41
CA LYS D 438 -0.54 -8.80 35.72
C LYS D 438 -0.86 -10.09 36.47
N ALA D 439 -2.11 -10.54 36.36
CA ALA D 439 -2.55 -11.76 37.02
C ALA D 439 -1.78 -12.97 36.48
N ASN D 440 -1.72 -13.08 35.15
CA ASN D 440 -1.01 -14.20 34.51
C ASN D 440 0.50 -14.16 34.72
N TYR D 441 1.08 -12.97 34.77
CA TYR D 441 2.51 -12.82 34.98
C TYR D 441 2.87 -13.29 36.38
N LEU D 442 2.13 -12.83 37.38
CA LEU D 442 2.39 -13.19 38.76
C LEU D 442 2.11 -14.66 39.08
N SER D 443 0.97 -15.17 38.62
CA SER D 443 0.61 -16.57 38.88
C SER D 443 1.67 -17.51 38.31
N GLN D 444 2.29 -17.14 37.18
CA GLN D 444 3.33 -17.98 36.58
C GLN D 444 4.65 -17.87 37.32
N ALA D 445 5.04 -16.63 37.65
CA ALA D 445 6.31 -16.35 38.32
C ALA D 445 6.44 -16.74 39.78
N LEU D 446 5.33 -16.70 40.52
CA LEU D 446 5.35 -17.05 41.94
C LEU D 446 5.65 -18.52 42.19
N GLN D 447 6.68 -18.78 42.99
CA GLN D 447 7.11 -20.13 43.33
C GLN D 447 6.30 -20.63 44.53
N ALA D 448 5.03 -20.95 44.29
CA ALA D 448 4.13 -21.40 45.34
C ALA D 448 3.22 -22.53 44.87
N GLY D 449 2.86 -23.42 45.81
CA GLY D 449 2.00 -24.54 45.51
C GLY D 449 0.61 -24.13 45.08
N THR D 450 0.13 -23.02 45.62
CA THR D 450 -1.18 -22.51 45.25
C THR D 450 -1.11 -21.00 45.13
N VAL D 451 -1.62 -20.49 44.02
CA VAL D 451 -1.66 -19.06 43.80
C VAL D 451 -3.12 -18.67 43.62
N TRP D 452 -3.63 -17.90 44.57
CA TRP D 452 -5.01 -17.44 44.49
C TRP D 452 -5.03 -16.07 43.82
N VAL D 453 -6.07 -15.83 43.02
CA VAL D 453 -6.20 -14.56 42.32
C VAL D 453 -7.53 -13.92 42.71
N ASN D 454 -7.44 -12.77 43.37
CA ASN D 454 -8.62 -12.03 43.84
C ASN D 454 -9.43 -12.81 44.86
N CYS D 455 -8.74 -13.64 45.63
CA CYS D 455 -9.35 -14.44 46.69
C CYS D 455 -8.23 -15.01 47.54
N TYR D 456 -8.60 -15.71 48.62
CA TYR D 456 -7.62 -16.31 49.50
C TYR D 456 -8.25 -17.46 50.29
N ASP D 457 -7.43 -18.46 50.61
CA ASP D 457 -7.88 -19.63 51.36
C ASP D 457 -9.06 -20.34 50.72
N VAL D 458 -9.02 -20.43 49.38
CA VAL D 458 -10.08 -21.11 48.64
C VAL D 458 -9.64 -22.54 48.44
N PHE D 459 -10.18 -23.43 49.26
CA PHE D 459 -9.85 -24.83 49.16
C PHE D 459 -10.98 -25.60 48.49
N GLY D 460 -10.59 -26.56 47.68
CA GLY D 460 -11.55 -27.39 47.00
C GLY D 460 -10.98 -28.78 47.03
N ALA D 461 -11.82 -29.75 47.39
CA ALA D 461 -11.36 -31.13 47.44
C ALA D 461 -10.85 -31.56 46.07
N GLN D 462 -11.33 -30.86 45.03
CA GLN D 462 -10.97 -31.14 43.65
C GLN D 462 -9.59 -30.62 43.23
N SER D 463 -9.11 -29.57 43.89
CA SER D 463 -7.83 -28.98 43.55
C SER D 463 -6.73 -29.31 44.55
N PRO D 464 -5.56 -29.72 44.04
CA PRO D 464 -4.41 -30.09 44.88
C PRO D 464 -3.83 -28.95 45.70
N PHE D 465 -3.22 -29.32 46.83
CA PHE D 465 -2.62 -28.36 47.74
C PHE D 465 -1.29 -28.96 48.21
N GLY D 466 -0.27 -28.12 48.29
CA GLY D 466 1.04 -28.60 48.71
C GLY D 466 2.07 -27.51 48.55
N GLY D 467 3.28 -27.75 49.02
CA GLY D 467 4.28 -26.71 48.92
C GLY D 467 5.46 -26.90 48.01
N TYR D 468 6.07 -25.77 47.66
CA TYR D 468 7.27 -25.73 46.85
C TYR D 468 8.37 -25.61 47.90
N LYS D 469 9.61 -25.84 47.51
CA LYS D 469 10.75 -25.71 48.42
C LYS D 469 10.56 -26.46 49.75
N MET D 470 10.80 -25.76 50.86
CA MET D 470 10.69 -26.37 52.18
C MET D 470 9.31 -26.29 52.84
N SER D 471 8.30 -26.03 52.03
CA SER D 471 6.92 -25.98 52.52
C SER D 471 6.29 -27.37 52.35
N GLY D 472 7.09 -28.31 51.84
CA GLY D 472 6.61 -29.67 51.65
C GLY D 472 7.01 -30.33 50.35
N SER D 473 6.48 -31.54 50.14
CA SER D 473 6.72 -32.33 48.94
C SER D 473 5.49 -33.20 48.75
N GLY D 474 5.04 -33.31 47.50
CA GLY D 474 3.84 -34.08 47.22
C GLY D 474 2.64 -33.15 47.33
N ARG D 475 1.48 -33.65 46.92
CA ARG D 475 0.26 -32.86 46.96
C ARG D 475 -0.89 -33.63 47.58
N GLU D 476 -1.79 -32.90 48.23
CA GLU D 476 -2.97 -33.51 48.81
C GLU D 476 -4.17 -32.90 48.11
N LEU D 477 -5.33 -33.55 48.22
CA LEU D 477 -6.57 -33.11 47.58
C LEU D 477 -6.49 -33.35 46.07
N GLY D 478 -7.65 -33.37 45.40
CA GLY D 478 -7.69 -33.61 43.98
C GLY D 478 -7.28 -35.02 43.58
N GLU D 479 -7.08 -35.24 42.29
CA GLU D 479 -6.64 -36.54 41.78
C GLU D 479 -5.20 -36.80 42.21
N TYR D 480 -4.43 -35.72 42.29
CA TYR D 480 -3.03 -35.77 42.68
C TYR D 480 -2.84 -36.41 44.05
N GLY D 481 -3.82 -36.24 44.94
CA GLY D 481 -3.75 -36.82 46.28
C GLY D 481 -3.74 -38.34 46.32
N LEU D 482 -4.08 -38.97 45.20
CA LEU D 482 -4.12 -40.43 45.11
C LEU D 482 -2.74 -41.03 44.78
N GLN D 483 -1.91 -40.25 44.09
CA GLN D 483 -0.57 -40.69 43.66
C GLN D 483 0.29 -41.33 44.74
N ALA D 484 0.44 -40.65 45.86
CA ALA D 484 1.27 -41.14 46.96
C ALA D 484 0.70 -42.36 47.67
N TYR D 485 -0.56 -42.69 47.39
CA TYR D 485 -1.22 -43.83 48.02
C TYR D 485 -1.31 -45.04 47.09
N THR D 486 -0.60 -44.95 45.98
CA THR D 486 -0.58 -45.99 44.95
C THR D 486 0.81 -46.54 44.71
N GLU D 487 0.92 -47.86 44.66
CA GLU D 487 2.18 -48.51 44.33
C GLU D 487 1.90 -49.07 42.95
N VAL D 488 2.75 -48.74 41.99
CA VAL D 488 2.57 -49.17 40.60
C VAL D 488 3.28 -50.46 40.25
N LYS D 489 2.55 -51.39 39.65
CA LYS D 489 3.09 -52.66 39.23
C LYS D 489 2.87 -52.86 37.73
N THR D 490 3.94 -53.17 37.02
CA THR D 490 3.87 -53.40 35.59
C THR D 490 3.85 -54.92 35.37
N VAL D 491 2.92 -55.39 34.54
CA VAL D 491 2.84 -56.81 34.21
C VAL D 491 3.02 -56.88 32.70
N THR D 492 4.08 -57.57 32.28
CA THR D 492 4.40 -57.73 30.86
C THR D 492 4.31 -59.19 30.48
N VAL D 493 3.35 -59.48 29.61
CA VAL D 493 3.06 -60.85 29.18
C VAL D 493 3.42 -61.13 27.73
N LYS D 494 4.12 -62.25 27.52
CA LYS D 494 4.49 -62.67 26.18
C LYS D 494 3.20 -63.13 25.50
N VAL D 495 2.99 -62.66 24.27
CA VAL D 495 1.81 -63.05 23.51
C VAL D 495 2.28 -63.64 22.17
N PRO D 496 1.46 -64.51 21.55
CA PRO D 496 1.81 -65.14 20.26
C PRO D 496 2.18 -64.15 19.16
N GLN D 497 1.39 -63.09 19.02
CA GLN D 497 1.67 -62.09 17.98
C GLN D 497 0.93 -60.80 18.31
N LYS D 498 1.69 -59.78 18.66
CA LYS D 498 1.12 -58.50 19.01
C LYS D 498 0.66 -57.69 17.81
N ASN D 499 -0.55 -57.14 17.90
CA ASN D 499 -1.10 -56.32 16.84
C ASN D 499 -1.68 -55.07 17.48
N SER D 500 -1.76 -54.00 16.71
CA SER D 500 -2.32 -52.74 17.20
C SER D 500 -3.82 -52.90 17.50
N ALA E 7 -16.99 64.04 -12.96
CA ALA E 7 -18.17 64.95 -12.82
C ALA E 7 -18.68 65.37 -14.20
N VAL E 8 -19.93 65.08 -14.49
CA VAL E 8 -20.52 65.42 -15.78
C VAL E 8 -21.08 66.85 -15.79
N PRO E 9 -20.51 67.72 -16.62
CA PRO E 9 -20.91 69.12 -16.77
C PRO E 9 -22.32 69.28 -17.35
N ALA E 10 -22.97 70.39 -17.02
CA ALA E 10 -24.31 70.66 -17.54
C ALA E 10 -24.19 70.81 -19.05
N PRO E 11 -25.01 70.07 -19.81
CA PRO E 11 -25.00 70.11 -21.27
C PRO E 11 -25.80 71.25 -21.89
N ASN E 12 -25.37 71.66 -23.07
CA ASN E 12 -26.07 72.69 -23.82
C ASN E 12 -27.07 71.83 -24.57
N GLN E 13 -28.34 71.89 -24.17
CA GLN E 13 -29.38 71.10 -24.80
C GLN E 13 -29.68 71.47 -26.25
N GLN E 14 -29.09 72.56 -26.72
CA GLN E 14 -29.27 73.02 -28.09
C GLN E 14 -27.94 73.52 -28.65
N PRO E 15 -26.96 72.62 -28.80
CA PRO E 15 -25.64 72.98 -29.31
C PRO E 15 -25.65 73.47 -30.75
N GLU E 16 -24.86 74.51 -31.00
CA GLU E 16 -24.76 75.09 -32.33
C GLU E 16 -24.00 74.14 -33.26
N VAL E 17 -24.41 74.11 -34.53
CA VAL E 17 -23.76 73.28 -35.53
C VAL E 17 -22.83 74.17 -36.35
N PHE E 18 -21.54 73.85 -36.32
CA PHE E 18 -20.54 74.63 -37.05
C PHE E 18 -20.10 73.98 -38.36
N CYS E 19 -20.24 72.66 -38.45
CA CYS E 19 -19.82 71.91 -39.64
C CYS E 19 -20.94 71.07 -40.22
N ASN E 20 -21.19 71.23 -41.51
CA ASN E 20 -22.26 70.49 -42.16
C ASN E 20 -22.02 70.32 -43.66
N GLN E 21 -20.75 70.34 -44.05
CA GLN E 21 -20.39 70.20 -45.46
C GLN E 21 -19.45 69.01 -45.72
N ILE E 22 -18.90 68.97 -46.93
CA ILE E 22 -17.96 67.91 -47.31
C ILE E 22 -16.54 68.38 -46.99
N PHE E 23 -15.78 67.51 -46.33
CA PHE E 23 -14.40 67.82 -45.92
C PHE E 23 -13.36 67.19 -46.83
N ILE E 24 -12.68 68.03 -47.61
CA ILE E 24 -11.65 67.57 -48.53
C ILE E 24 -10.48 68.55 -48.44
N ASN E 25 -9.27 68.01 -48.31
CA ASN E 25 -8.07 68.84 -48.20
C ASN E 25 -8.16 69.89 -47.09
N ASN E 26 -8.67 69.49 -45.94
CA ASN E 26 -8.83 70.37 -44.77
C ASN E 26 -9.68 71.59 -45.06
N GLU E 27 -10.56 71.48 -46.06
CA GLU E 27 -11.46 72.57 -46.44
C GLU E 27 -12.90 72.05 -46.54
N TRP E 28 -13.84 72.97 -46.37
CA TRP E 28 -15.26 72.63 -46.43
C TRP E 28 -15.87 72.96 -47.79
N HIS E 29 -16.51 71.96 -48.39
CA HIS E 29 -17.13 72.11 -49.70
C HIS E 29 -18.60 71.70 -49.71
N ASP E 30 -19.36 72.32 -50.62
CA ASP E 30 -20.76 71.95 -50.79
C ASP E 30 -20.66 70.78 -51.77
N ALA E 31 -21.74 70.01 -51.88
CA ALA E 31 -21.74 68.90 -52.84
C ALA E 31 -21.71 69.52 -54.23
N VAL E 32 -21.12 68.81 -55.20
CA VAL E 32 -21.04 69.31 -56.57
C VAL E 32 -22.44 69.67 -57.08
N SER E 33 -23.42 68.84 -56.73
CA SER E 33 -24.80 69.05 -57.13
C SER E 33 -25.49 70.16 -56.32
N ARG E 34 -24.83 70.62 -55.25
CA ARG E 34 -25.36 71.65 -54.37
C ARG E 34 -26.53 71.13 -53.53
N LYS E 35 -26.84 69.84 -53.64
CA LYS E 35 -27.92 69.22 -52.89
C LYS E 35 -27.55 69.00 -51.42
N THR E 36 -28.55 69.01 -50.56
CA THR E 36 -28.35 68.80 -49.12
C THR E 36 -29.47 67.92 -48.60
N PHE E 37 -29.22 67.25 -47.48
CA PHE E 37 -30.21 66.40 -46.85
C PHE E 37 -30.32 66.82 -45.40
N PRO E 38 -31.50 66.65 -44.80
CA PRO E 38 -31.71 67.02 -43.40
C PRO E 38 -31.31 65.93 -42.41
N THR E 39 -30.90 66.34 -41.22
CA THR E 39 -30.57 65.39 -40.17
C THR E 39 -31.54 65.74 -39.05
N VAL E 40 -32.23 64.73 -38.55
CA VAL E 40 -33.25 64.88 -37.52
C VAL E 40 -32.86 64.55 -36.08
N ASN E 41 -33.43 65.32 -35.14
CA ASN E 41 -33.23 65.11 -33.72
C ASN E 41 -34.31 64.07 -33.39
N PRO E 42 -33.91 62.81 -33.15
CA PRO E 42 -34.83 61.71 -32.84
C PRO E 42 -35.74 61.89 -31.61
N SER E 43 -35.37 62.80 -30.72
CA SER E 43 -36.15 63.07 -29.52
C SER E 43 -37.41 63.89 -29.80
N THR E 44 -37.34 64.74 -30.82
CA THR E 44 -38.46 65.61 -31.20
C THR E 44 -38.98 65.33 -32.60
N GLY E 45 -38.19 64.65 -33.41
CA GLY E 45 -38.57 64.36 -34.77
C GLY E 45 -38.43 65.58 -35.67
N GLU E 46 -37.67 66.57 -35.20
CA GLU E 46 -37.45 67.80 -35.94
C GLU E 46 -36.06 67.88 -36.56
N VAL E 47 -35.98 68.60 -37.69
CA VAL E 47 -34.73 68.78 -38.41
C VAL E 47 -33.76 69.67 -37.63
N ILE E 48 -32.53 69.20 -37.49
CA ILE E 48 -31.50 69.95 -36.79
C ILE E 48 -30.91 70.96 -37.77
N CYS E 49 -30.59 70.48 -38.97
CA CYS E 49 -30.01 71.33 -40.02
C CYS E 49 -29.86 70.51 -41.29
N GLN E 50 -29.44 71.18 -42.37
CA GLN E 50 -29.20 70.54 -43.65
C GLN E 50 -27.72 70.16 -43.68
N VAL E 51 -27.39 69.11 -44.42
CA VAL E 51 -26.02 68.64 -44.53
C VAL E 51 -25.74 68.38 -46.01
N ALA E 52 -24.57 68.78 -46.50
CA ALA E 52 -24.21 68.58 -47.90
C ALA E 52 -24.37 67.10 -48.29
N GLU E 53 -25.07 66.85 -49.39
CA GLU E 53 -25.31 65.49 -49.85
C GLU E 53 -24.24 65.05 -50.84
N GLY E 54 -23.19 64.41 -50.34
CA GLY E 54 -22.12 63.94 -51.20
C GLY E 54 -22.52 62.75 -52.05
N ASP E 55 -22.04 62.73 -53.29
CA ASP E 55 -22.32 61.65 -54.23
C ASP E 55 -20.98 61.22 -54.86
N LYS E 56 -21.06 60.46 -55.94
CA LYS E 56 -19.89 59.95 -56.65
C LYS E 56 -18.85 61.01 -57.01
N GLU E 57 -19.28 62.14 -57.57
CA GLU E 57 -18.36 63.19 -57.96
C GLU E 57 -17.62 63.79 -56.78
N ASP E 58 -18.27 63.82 -55.62
CA ASP E 58 -17.65 64.36 -54.42
C ASP E 58 -16.64 63.34 -53.89
N VAL E 59 -16.97 62.06 -54.05
CA VAL E 59 -16.09 60.98 -53.61
C VAL E 59 -14.83 60.98 -54.48
N ASP E 60 -15.03 61.20 -55.78
CA ASP E 60 -13.92 61.24 -56.74
C ASP E 60 -12.92 62.32 -56.35
N LYS E 61 -13.41 63.48 -55.93
CA LYS E 61 -12.56 64.58 -55.50
C LYS E 61 -11.81 64.19 -54.22
N ALA E 62 -12.53 63.60 -53.27
CA ALA E 62 -11.94 63.18 -51.99
C ALA E 62 -10.83 62.15 -52.17
N VAL E 63 -11.07 61.18 -53.06
CA VAL E 63 -10.09 60.14 -53.34
C VAL E 63 -8.85 60.70 -54.00
N LYS E 64 -9.02 61.66 -54.90
CA LYS E 64 -7.89 62.29 -55.59
C LYS E 64 -7.02 63.00 -54.56
N ALA E 65 -7.67 63.66 -53.61
CA ALA E 65 -7.00 64.39 -52.53
C ALA E 65 -6.21 63.42 -51.65
N ALA E 66 -6.82 62.29 -51.32
CA ALA E 66 -6.18 61.27 -50.49
C ALA E 66 -4.97 60.72 -51.23
N ARG E 67 -5.14 60.40 -52.51
CA ARG E 67 -4.06 59.86 -53.33
C ARG E 67 -2.88 60.84 -53.37
N ALA E 68 -3.17 62.12 -53.56
CA ALA E 68 -2.11 63.13 -53.62
C ALA E 68 -1.38 63.21 -52.29
N ALA E 69 -2.13 63.13 -51.19
CA ALA E 69 -1.53 63.20 -49.86
C ALA E 69 -0.70 61.95 -49.54
N PHE E 70 -0.96 60.87 -50.27
CA PHE E 70 -0.24 59.60 -50.08
C PHE E 70 0.97 59.45 -51.00
N GLN E 71 1.15 60.40 -51.91
CA GLN E 71 2.27 60.37 -52.85
C GLN E 71 3.63 60.28 -52.15
N LEU E 72 4.52 59.48 -52.70
CA LEU E 72 5.85 59.31 -52.13
C LEU E 72 6.54 60.68 -52.04
N GLY E 73 7.14 60.96 -50.88
CA GLY E 73 7.81 62.24 -50.69
C GLY E 73 6.91 63.32 -50.14
N SER E 74 5.63 63.03 -49.96
CA SER E 74 4.69 64.00 -49.42
C SER E 74 4.93 64.19 -47.92
N PRO E 75 4.37 65.26 -47.34
CA PRO E 75 4.55 65.50 -45.90
C PRO E 75 4.07 64.32 -45.04
N TRP E 76 2.98 63.69 -45.45
CA TRP E 76 2.42 62.56 -44.72
C TRP E 76 3.26 61.29 -44.82
N ARG E 77 3.84 61.03 -45.98
CA ARG E 77 4.67 59.84 -46.18
C ARG E 77 6.04 59.94 -45.52
N ARG E 78 6.61 61.14 -45.52
CA ARG E 78 7.92 61.40 -44.95
C ARG E 78 7.89 61.58 -43.44
N MET E 79 6.73 61.97 -42.92
CA MET E 79 6.56 62.20 -41.49
C MET E 79 7.01 61.01 -40.63
N ASP E 80 7.77 61.30 -39.57
CA ASP E 80 8.24 60.25 -38.66
C ASP E 80 7.03 59.50 -38.09
N ALA E 81 7.15 58.18 -37.99
CA ALA E 81 6.08 57.36 -37.45
C ALA E 81 5.70 57.87 -36.05
N SER E 82 6.70 58.24 -35.26
CA SER E 82 6.46 58.76 -33.91
C SER E 82 5.66 60.06 -33.95
N HIS E 83 5.83 60.84 -35.01
CA HIS E 83 5.09 62.09 -35.11
C HIS E 83 3.62 61.82 -35.43
N ARG E 84 3.34 60.73 -36.16
CA ARG E 84 1.95 60.38 -36.47
C ARG E 84 1.27 60.13 -35.13
N GLY E 85 2.03 59.54 -34.20
CA GLY E 85 1.54 59.26 -32.87
C GLY E 85 1.26 60.55 -32.13
N ARG E 86 2.15 61.53 -32.29
CA ARG E 86 1.99 62.84 -31.66
C ARG E 86 0.71 63.52 -32.17
N LEU E 87 0.46 63.41 -33.47
CA LEU E 87 -0.74 64.01 -34.06
C LEU E 87 -2.03 63.38 -33.53
N LEU E 88 -2.02 62.05 -33.35
CA LEU E 88 -3.18 61.35 -32.82
C LEU E 88 -3.43 61.79 -31.39
N ASN E 89 -2.36 61.93 -30.60
CA ASN E 89 -2.49 62.39 -29.22
C ASN E 89 -3.03 63.82 -29.17
N ARG E 90 -2.60 64.66 -30.11
CA ARG E 90 -3.06 66.04 -30.19
C ARG E 90 -4.56 66.04 -30.49
N LEU E 91 -4.98 65.21 -31.42
CA LEU E 91 -6.39 65.10 -31.79
C LEU E 91 -7.23 64.67 -30.59
N ALA E 92 -6.68 63.75 -29.80
CA ALA E 92 -7.36 63.27 -28.61
C ALA E 92 -7.51 64.40 -27.60
N ASP E 93 -6.47 65.22 -27.46
CA ASP E 93 -6.49 66.36 -26.54
C ASP E 93 -7.54 67.40 -26.97
N LEU E 94 -7.66 67.62 -28.28
CA LEU E 94 -8.65 68.57 -28.81
C LEU E 94 -10.06 68.07 -28.59
N ILE E 95 -10.25 66.76 -28.70
CA ILE E 95 -11.56 66.14 -28.50
C ILE E 95 -11.95 66.23 -27.03
N GLU E 96 -10.97 66.08 -26.14
CA GLU E 96 -11.25 66.17 -24.71
C GLU E 96 -11.60 67.62 -24.35
N ARG E 97 -10.90 68.58 -24.99
CA ARG E 97 -11.17 70.00 -24.76
C ARG E 97 -12.63 70.30 -25.09
N ASP E 98 -13.11 69.74 -26.20
CA ASP E 98 -14.49 69.95 -26.63
C ASP E 98 -15.40 68.78 -26.26
N ARG E 99 -15.05 68.04 -25.21
CA ARG E 99 -15.81 66.88 -24.76
C ARG E 99 -17.28 67.17 -24.45
N THR E 100 -17.52 68.22 -23.66
CA THR E 100 -18.88 68.60 -23.28
C THR E 100 -19.73 68.94 -24.49
N TYR E 101 -19.13 69.66 -25.44
CA TYR E 101 -19.83 70.04 -26.66
C TYR E 101 -20.17 68.83 -27.52
N LEU E 102 -19.18 67.99 -27.77
CA LEU E 102 -19.33 66.79 -28.59
C LEU E 102 -20.34 65.79 -28.06
N ALA E 103 -20.36 65.60 -26.74
CA ALA E 103 -21.29 64.67 -26.12
C ALA E 103 -22.73 65.17 -26.29
N ALA E 104 -22.91 66.48 -26.20
CA ALA E 104 -24.23 67.08 -26.36
C ALA E 104 -24.70 66.94 -27.81
N LEU E 105 -23.82 67.29 -28.75
CA LEU E 105 -24.14 67.19 -30.17
C LEU E 105 -24.44 65.74 -30.53
N GLU E 106 -23.65 64.82 -29.98
CA GLU E 106 -23.84 63.40 -30.24
C GLU E 106 -25.25 62.99 -29.81
N THR E 107 -25.68 63.46 -28.64
CA THR E 107 -27.01 63.16 -28.11
C THR E 107 -28.12 63.79 -28.95
N LEU E 108 -27.86 65.00 -29.45
CA LEU E 108 -28.83 65.72 -30.26
C LEU E 108 -29.14 64.97 -31.57
N ASP E 109 -28.07 64.55 -32.24
CA ASP E 109 -28.16 63.85 -33.52
C ASP E 109 -28.49 62.36 -33.45
N ASN E 110 -28.04 61.70 -32.39
CA ASN E 110 -28.24 60.27 -32.21
C ASN E 110 -29.41 59.88 -31.30
N GLY E 111 -29.58 60.61 -30.20
CA GLY E 111 -30.67 60.32 -29.28
C GLY E 111 -30.28 59.63 -27.98
N LYS E 112 -29.04 59.17 -27.85
CA LYS E 112 -28.60 58.50 -26.63
C LYS E 112 -28.47 59.50 -25.48
N PRO E 113 -28.65 59.03 -24.23
CA PRO E 113 -28.53 59.91 -23.06
C PRO E 113 -27.20 60.67 -23.03
N TYR E 114 -27.27 61.97 -22.76
CA TYR E 114 -26.09 62.81 -22.68
C TYR E 114 -25.04 62.27 -21.70
N VAL E 115 -25.49 61.78 -20.55
CA VAL E 115 -24.57 61.24 -19.56
C VAL E 115 -23.75 60.08 -20.13
N ILE E 116 -24.39 59.26 -20.95
CA ILE E 116 -23.71 58.12 -21.59
C ILE E 116 -22.75 58.62 -22.67
N SER E 117 -23.20 59.58 -23.48
CA SER E 117 -22.36 60.15 -24.54
C SER E 117 -21.08 60.71 -23.92
N TYR E 118 -21.23 61.41 -22.81
CA TYR E 118 -20.11 62.03 -22.11
C TYR E 118 -19.18 61.03 -21.43
N LEU E 119 -19.75 60.19 -20.56
CA LEU E 119 -18.98 59.20 -19.80
C LEU E 119 -18.56 57.94 -20.53
N VAL E 120 -19.30 57.56 -21.56
CA VAL E 120 -18.98 56.34 -22.29
C VAL E 120 -18.37 56.56 -23.68
N ASP E 121 -19.17 57.12 -24.59
CA ASP E 121 -18.71 57.35 -25.96
C ASP E 121 -17.44 58.17 -26.07
N LEU E 122 -17.46 59.37 -25.50
CA LEU E 122 -16.28 60.24 -25.56
C LEU E 122 -15.07 59.64 -24.87
N ASP E 123 -15.31 58.93 -23.76
CA ASP E 123 -14.22 58.30 -23.02
C ASP E 123 -13.58 57.22 -23.88
N MET E 124 -14.41 56.40 -24.52
CA MET E 124 -13.94 55.32 -25.38
C MET E 124 -13.24 55.87 -26.63
N VAL E 125 -13.71 57.02 -27.10
CA VAL E 125 -13.10 57.67 -28.27
C VAL E 125 -11.67 58.06 -27.89
N LEU E 126 -11.52 58.74 -26.76
CA LEU E 126 -10.22 59.19 -26.27
C LEU E 126 -9.26 58.02 -26.08
N LYS E 127 -9.74 56.96 -25.45
CA LYS E 127 -8.92 55.78 -25.20
C LYS E 127 -8.47 55.09 -26.48
N CYS E 128 -9.35 55.04 -27.48
CA CYS E 128 -9.03 54.41 -28.75
C CYS E 128 -7.92 55.19 -29.48
N LEU E 129 -8.09 56.51 -29.59
CA LEU E 129 -7.11 57.34 -30.27
C LEU E 129 -5.77 57.36 -29.56
N ARG E 130 -5.80 57.39 -28.23
CA ARG E 130 -4.57 57.41 -27.45
C ARG E 130 -3.88 56.06 -27.51
N TYR E 131 -4.66 54.98 -27.60
CA TYR E 131 -4.08 53.65 -27.68
C TYR E 131 -3.32 53.51 -29.00
N TYR E 132 -3.98 53.83 -30.12
CA TYR E 132 -3.36 53.72 -31.43
C TYR E 132 -2.23 54.71 -31.67
N ALA E 133 -2.26 55.82 -30.95
CA ALA E 133 -1.18 56.81 -31.07
C ALA E 133 0.11 56.10 -30.65
N GLY E 134 -0.01 55.20 -29.67
CA GLY E 134 1.14 54.47 -29.18
C GLY E 134 1.68 53.44 -30.16
N TRP E 135 0.81 52.94 -31.05
CA TRP E 135 1.18 51.94 -32.05
C TRP E 135 1.95 52.48 -33.25
N ALA E 136 1.75 53.76 -33.55
CA ALA E 136 2.37 54.42 -34.70
C ALA E 136 3.77 54.00 -35.09
N ASP E 137 4.68 53.98 -34.10
CA ASP E 137 6.07 53.62 -34.36
C ASP E 137 6.48 52.29 -33.73
N LYS E 138 5.55 51.34 -33.65
CA LYS E 138 5.84 50.04 -33.04
C LYS E 138 5.43 48.79 -33.82
N TYR E 139 4.75 48.96 -34.96
CA TYR E 139 4.31 47.81 -35.76
C TYR E 139 5.42 47.39 -36.72
N HIS E 140 6.44 46.76 -36.16
CA HIS E 140 7.64 46.32 -36.89
C HIS E 140 7.47 45.26 -37.97
N GLY E 141 8.32 45.38 -39.00
CA GLY E 141 8.35 44.38 -40.05
C GLY E 141 9.34 43.34 -39.53
N LYS E 142 9.86 42.47 -40.38
CA LYS E 142 10.79 41.44 -39.90
C LYS E 142 12.07 41.29 -40.73
N THR E 143 13.10 40.76 -40.10
CA THR E 143 14.36 40.44 -40.78
C THR E 143 14.26 38.91 -40.74
N ILE E 144 14.38 38.28 -41.90
CA ILE E 144 14.17 36.83 -42.05
C ILE E 144 15.35 35.96 -42.44
N PRO E 145 15.60 34.88 -41.68
CA PRO E 145 16.70 33.93 -41.92
C PRO E 145 16.40 32.97 -43.08
N ILE E 146 16.23 33.54 -44.27
CA ILE E 146 15.95 32.80 -45.50
C ILE E 146 17.16 31.94 -45.94
N ASP E 147 16.92 30.90 -46.72
CA ASP E 147 17.99 30.03 -47.22
C ASP E 147 18.86 30.78 -48.22
N GLY E 148 20.12 30.36 -48.33
CA GLY E 148 21.03 30.96 -49.28
C GLY E 148 21.71 32.27 -48.87
N ASP E 149 22.59 32.76 -49.75
CA ASP E 149 23.32 33.99 -49.49
C ASP E 149 22.47 35.22 -49.76
N PHE E 150 21.51 35.45 -48.88
CA PHE E 150 20.60 36.59 -49.03
C PHE E 150 20.26 37.22 -47.69
N PHE E 151 19.84 38.47 -47.75
CA PHE E 151 19.38 39.23 -46.60
C PHE E 151 17.93 39.54 -46.97
N SER E 152 16.99 38.94 -46.26
CA SER E 152 15.58 39.16 -46.56
C SER E 152 14.86 39.81 -45.39
N TYR E 153 14.03 40.80 -45.69
CA TYR E 153 13.26 41.50 -44.66
C TYR E 153 11.93 41.98 -45.22
N THR E 154 11.04 42.42 -44.33
CA THR E 154 9.76 42.93 -44.77
C THR E 154 9.52 44.34 -44.27
N ARG E 155 8.83 45.11 -45.10
CA ARG E 155 8.48 46.47 -44.76
C ARG E 155 6.98 46.48 -44.56
N HIS E 156 6.53 47.03 -43.44
CA HIS E 156 5.11 47.11 -43.19
C HIS E 156 4.69 48.50 -43.66
N GLU E 157 4.28 48.57 -44.92
CA GLU E 157 3.87 49.83 -45.52
C GLU E 157 2.36 50.03 -45.37
N PRO E 158 1.89 51.28 -45.53
CA PRO E 158 0.45 51.54 -45.41
C PRO E 158 -0.25 50.94 -46.61
N VAL E 159 -1.48 50.47 -46.43
CA VAL E 159 -2.22 49.90 -47.54
C VAL E 159 -2.57 50.99 -48.57
N GLY E 160 -2.65 52.25 -48.12
CA GLY E 160 -2.94 53.34 -49.04
C GLY E 160 -4.20 54.14 -48.79
N VAL E 161 -4.99 54.34 -49.84
CA VAL E 161 -6.23 55.10 -49.75
C VAL E 161 -7.31 54.18 -49.16
N CYS E 162 -7.72 54.51 -47.94
CA CYS E 162 -8.72 53.71 -47.24
C CYS E 162 -10.12 54.29 -47.18
N GLY E 163 -11.07 53.56 -47.77
CA GLY E 163 -12.45 53.98 -47.74
C GLY E 163 -13.04 53.44 -46.44
N GLN E 164 -13.66 54.30 -45.66
CA GLN E 164 -14.24 53.88 -44.38
C GLN E 164 -15.70 54.30 -44.28
N ILE E 165 -16.57 53.30 -44.26
CA ILE E 165 -18.01 53.50 -44.21
C ILE E 165 -18.51 53.05 -42.84
N ILE E 166 -19.15 53.98 -42.12
CA ILE E 166 -19.60 53.69 -40.77
C ILE E 166 -21.08 53.92 -40.50
N PRO E 167 -21.62 53.28 -39.45
CA PRO E 167 -23.02 53.37 -39.02
C PRO E 167 -23.33 54.53 -38.08
N TRP E 168 -24.58 54.59 -37.64
CA TRP E 168 -25.09 55.65 -36.78
C TRP E 168 -25.25 55.38 -35.28
N ASN E 169 -25.10 54.13 -34.84
CA ASN E 169 -25.29 53.80 -33.43
C ASN E 169 -24.27 54.38 -32.46
N PHE E 170 -23.03 54.52 -32.92
CA PHE E 170 -21.93 55.09 -32.14
C PHE E 170 -21.12 55.94 -33.15
N PRO E 171 -21.66 57.10 -33.55
CA PRO E 171 -21.03 58.02 -34.51
C PRO E 171 -19.57 58.35 -34.26
N LEU E 172 -19.28 58.96 -33.11
CA LEU E 172 -17.91 59.33 -32.79
C LEU E 172 -17.03 58.11 -32.57
N LEU E 173 -17.54 57.14 -31.81
CA LEU E 173 -16.78 55.94 -31.51
C LEU E 173 -16.40 55.17 -32.78
N MET E 174 -17.36 55.03 -33.69
CA MET E 174 -17.11 54.33 -34.96
C MET E 174 -16.05 55.07 -35.77
N GLN E 175 -16.07 56.40 -35.74
CA GLN E 175 -15.09 57.19 -36.47
C GLN E 175 -13.69 56.97 -35.87
N ALA E 176 -13.61 56.91 -34.55
CA ALA E 176 -12.34 56.69 -33.86
C ALA E 176 -11.78 55.31 -34.16
N TRP E 177 -12.65 54.29 -34.10
CA TRP E 177 -12.24 52.91 -34.39
C TRP E 177 -11.61 52.74 -35.75
N LYS E 178 -12.02 53.56 -36.71
CA LYS E 178 -11.50 53.52 -38.08
C LYS E 178 -10.26 54.39 -38.27
N LEU E 179 -10.31 55.62 -37.76
CA LEU E 179 -9.19 56.57 -37.90
C LEU E 179 -7.94 56.17 -37.12
N GLY E 180 -8.13 55.73 -35.89
CA GLY E 180 -7.00 55.34 -35.05
C GLY E 180 -6.00 54.42 -35.73
N PRO E 181 -6.38 53.20 -36.10
CA PRO E 181 -5.49 52.24 -36.76
C PRO E 181 -4.98 52.68 -38.13
N ALA E 182 -5.86 53.32 -38.90
CA ALA E 182 -5.51 53.79 -40.24
C ALA E 182 -4.43 54.89 -40.19
N LEU E 183 -4.63 55.87 -39.32
CA LEU E 183 -3.68 56.98 -39.20
C LEU E 183 -2.37 56.58 -38.51
N ALA E 184 -2.45 55.64 -37.57
CA ALA E 184 -1.26 55.18 -36.86
C ALA E 184 -0.29 54.50 -37.83
N THR E 185 -0.84 53.85 -38.86
CA THR E 185 -0.03 53.17 -39.85
C THR E 185 0.31 53.98 -41.12
N GLY E 186 -0.01 55.26 -41.11
CA GLY E 186 0.31 56.11 -42.25
C GLY E 186 -0.57 56.10 -43.48
N ASN E 187 -1.81 55.60 -43.35
CA ASN E 187 -2.74 55.56 -44.47
C ASN E 187 -3.46 56.90 -44.59
N VAL E 188 -4.23 57.05 -45.66
CA VAL E 188 -5.04 58.24 -45.89
C VAL E 188 -6.49 57.76 -45.94
N VAL E 189 -7.42 58.62 -45.56
CA VAL E 189 -8.82 58.23 -45.46
C VAL E 189 -9.90 59.04 -46.20
N VAL E 190 -10.88 58.31 -46.72
CA VAL E 190 -12.06 58.89 -47.37
C VAL E 190 -13.15 58.20 -46.56
N MET E 191 -13.71 58.94 -45.62
CA MET E 191 -14.77 58.41 -44.75
C MET E 191 -16.18 58.82 -45.11
N LYS E 192 -17.08 57.85 -45.11
CA LYS E 192 -18.48 58.10 -45.44
C LYS E 192 -19.28 57.86 -44.16
N VAL E 193 -19.68 58.95 -43.51
CA VAL E 193 -20.46 58.86 -42.28
C VAL E 193 -21.92 58.57 -42.59
N ALA E 194 -22.65 58.07 -41.60
CA ALA E 194 -24.07 57.73 -41.76
C ALA E 194 -24.94 58.97 -41.90
N GLU E 195 -25.90 58.90 -42.81
CA GLU E 195 -26.81 60.01 -43.07
C GLU E 195 -27.63 60.40 -41.84
N GLN E 196 -27.87 59.43 -40.96
CA GLN E 196 -28.63 59.67 -39.74
C GLN E 196 -27.84 60.46 -38.71
N THR E 197 -26.52 60.31 -38.73
CA THR E 197 -25.67 60.97 -37.74
C THR E 197 -24.36 61.51 -38.32
N PRO E 198 -24.44 62.55 -39.17
CA PRO E 198 -23.20 63.09 -39.74
C PRO E 198 -22.51 64.19 -38.95
N LEU E 199 -23.27 64.92 -38.14
CA LEU E 199 -22.75 66.06 -37.38
C LEU E 199 -21.46 65.95 -36.57
N THR E 200 -21.42 65.08 -35.57
CA THR E 200 -20.22 64.96 -34.75
C THR E 200 -18.94 64.62 -35.51
N ALA E 201 -19.03 63.72 -36.48
CA ALA E 201 -17.86 63.33 -37.28
C ALA E 201 -17.31 64.53 -38.05
N LEU E 202 -18.21 65.36 -38.56
CA LEU E 202 -17.82 66.54 -39.32
C LEU E 202 -17.12 67.57 -38.43
N TYR E 203 -17.57 67.71 -37.19
CA TYR E 203 -16.94 68.64 -36.26
C TYR E 203 -15.52 68.14 -35.96
N VAL E 204 -15.39 66.82 -35.80
CA VAL E 204 -14.09 66.22 -35.52
C VAL E 204 -13.10 66.50 -36.65
N ALA E 205 -13.61 66.66 -37.87
CA ALA E 205 -12.76 66.96 -39.01
C ALA E 205 -12.08 68.31 -38.78
N ASN E 206 -12.79 69.24 -38.14
CA ASN E 206 -12.24 70.56 -37.83
C ASN E 206 -11.07 70.39 -36.87
N LEU E 207 -11.20 69.45 -35.94
CA LEU E 207 -10.16 69.17 -34.96
C LEU E 207 -8.98 68.47 -35.60
N ILE E 208 -9.25 67.68 -36.64
CA ILE E 208 -8.20 66.97 -37.36
C ILE E 208 -7.31 68.00 -38.06
N LYS E 209 -7.95 69.04 -38.62
CA LYS E 209 -7.22 70.11 -39.28
C LYS E 209 -6.45 70.89 -38.21
N GLU E 210 -7.12 71.18 -37.10
CA GLU E 210 -6.50 71.92 -36.00
C GLU E 210 -5.33 71.18 -35.37
N ALA E 211 -5.40 69.85 -35.37
CA ALA E 211 -4.34 69.02 -34.79
C ALA E 211 -3.06 69.09 -35.62
N GLY E 212 -3.19 69.42 -36.91
CA GLY E 212 -2.02 69.53 -37.76
C GLY E 212 -1.86 68.45 -38.83
N PHE E 213 -2.89 67.66 -39.06
CA PHE E 213 -2.83 66.62 -40.08
C PHE E 213 -2.75 67.28 -41.45
N PRO E 214 -1.81 66.84 -42.30
CA PRO E 214 -1.69 67.42 -43.64
C PRO E 214 -3.00 67.29 -44.42
N PRO E 215 -3.27 68.24 -45.33
CA PRO E 215 -4.49 68.23 -46.15
C PRO E 215 -4.62 66.92 -46.92
N GLY E 216 -5.83 66.35 -46.96
CA GLY E 216 -6.05 65.12 -47.70
C GLY E 216 -5.80 63.81 -46.97
N VAL E 217 -5.19 63.88 -45.78
CA VAL E 217 -4.94 62.66 -45.00
C VAL E 217 -6.29 62.10 -44.53
N VAL E 218 -7.21 62.99 -44.18
CA VAL E 218 -8.56 62.58 -43.76
C VAL E 218 -9.58 63.43 -44.52
N ASN E 219 -10.41 62.75 -45.30
CA ASN E 219 -11.46 63.39 -46.08
C ASN E 219 -12.77 62.70 -45.67
N ILE E 220 -13.80 63.52 -45.38
CA ILE E 220 -15.09 62.99 -44.98
C ILE E 220 -16.19 63.44 -45.94
N VAL E 221 -16.94 62.47 -46.47
CA VAL E 221 -18.02 62.74 -47.41
C VAL E 221 -19.37 62.32 -46.85
N PRO E 222 -20.12 63.28 -46.27
CA PRO E 222 -21.43 62.90 -45.74
C PRO E 222 -22.37 62.64 -46.93
N GLY E 223 -23.34 61.75 -46.75
CA GLY E 223 -24.25 61.43 -47.83
C GLY E 223 -24.91 60.10 -47.62
N PHE E 224 -25.61 59.61 -48.64
CA PHE E 224 -26.29 58.33 -48.54
C PHE E 224 -25.40 57.14 -48.90
N GLY E 225 -25.89 55.94 -48.63
CA GLY E 225 -25.13 54.73 -48.90
C GLY E 225 -25.01 54.29 -50.35
N PRO E 226 -26.13 54.06 -51.07
CA PRO E 226 -26.07 53.63 -52.47
C PRO E 226 -25.38 54.63 -53.37
N THR E 227 -25.24 55.86 -52.90
CA THR E 227 -24.59 56.92 -53.66
C THR E 227 -23.12 57.08 -53.22
N ALA E 228 -22.90 57.81 -52.13
CA ALA E 228 -21.54 58.06 -51.65
C ALA E 228 -20.81 56.80 -51.18
N GLY E 229 -21.49 55.97 -50.41
CA GLY E 229 -20.89 54.74 -49.91
C GLY E 229 -20.46 53.80 -51.01
N ALA E 230 -21.37 53.52 -51.94
CA ALA E 230 -21.09 52.62 -53.05
C ALA E 230 -19.99 53.16 -53.97
N ALA E 231 -19.91 54.48 -54.10
CA ALA E 231 -18.90 55.10 -54.95
C ALA E 231 -17.51 54.82 -54.40
N ILE E 232 -17.42 54.77 -53.07
CA ILE E 232 -16.16 54.48 -52.39
C ILE E 232 -15.80 53.01 -52.57
N ALA E 233 -16.77 52.13 -52.36
CA ALA E 233 -16.56 50.69 -52.47
C ALA E 233 -16.18 50.24 -53.88
N SER E 234 -16.69 50.95 -54.89
CA SER E 234 -16.42 50.61 -56.28
C SER E 234 -15.30 51.43 -56.91
N HIS E 235 -14.74 52.37 -56.16
CA HIS E 235 -13.69 53.23 -56.72
C HIS E 235 -12.46 52.46 -57.18
N GLU E 236 -11.98 52.81 -58.37
CA GLU E 236 -10.82 52.16 -58.94
C GLU E 236 -9.49 52.55 -58.31
N ASP E 237 -9.47 53.61 -57.50
CA ASP E 237 -8.23 54.04 -56.86
C ASP E 237 -8.27 53.99 -55.34
N VAL E 238 -9.25 53.26 -54.81
CA VAL E 238 -9.36 53.07 -53.36
C VAL E 238 -8.73 51.70 -53.14
N ASP E 239 -7.68 51.66 -52.31
CA ASP E 239 -6.94 50.42 -52.04
C ASP E 239 -7.57 49.46 -51.04
N LYS E 240 -8.29 50.01 -50.08
CA LYS E 240 -8.89 49.20 -49.04
C LYS E 240 -10.18 49.85 -48.55
N VAL E 241 -11.11 49.00 -48.12
CA VAL E 241 -12.37 49.46 -47.60
C VAL E 241 -12.72 48.76 -46.29
N ALA E 242 -13.11 49.55 -45.30
CA ALA E 242 -13.51 49.02 -44.01
C ALA E 242 -14.96 49.43 -43.85
N PHE E 243 -15.81 48.46 -43.54
CA PHE E 243 -17.23 48.70 -43.39
C PHE E 243 -17.84 48.16 -42.10
N THR E 244 -18.76 48.93 -41.55
CA THR E 244 -19.48 48.56 -40.34
C THR E 244 -20.96 48.90 -40.57
N GLY E 245 -21.80 47.88 -40.48
CA GLY E 245 -23.22 48.06 -40.67
C GLY E 245 -23.95 46.73 -40.76
N SER E 246 -24.98 46.67 -41.61
CA SER E 246 -25.77 45.46 -41.79
C SER E 246 -25.04 44.41 -42.63
N THR E 247 -25.37 43.15 -42.37
CA THR E 247 -24.79 42.02 -43.09
C THR E 247 -25.11 42.12 -44.57
N GLU E 248 -26.31 42.62 -44.87
CA GLU E 248 -26.73 42.78 -46.26
C GLU E 248 -25.85 43.76 -47.04
N ILE E 249 -25.58 44.91 -46.43
CA ILE E 249 -24.73 45.89 -47.09
C ILE E 249 -23.28 45.41 -47.11
N GLY E 250 -22.93 44.59 -46.13
CA GLY E 250 -21.59 44.02 -46.09
C GLY E 250 -21.31 43.19 -47.33
N ARG E 251 -22.33 42.46 -47.81
CA ARG E 251 -22.21 41.63 -49.00
C ARG E 251 -22.04 42.50 -50.23
N VAL E 252 -22.82 43.58 -50.28
CA VAL E 252 -22.77 44.53 -51.39
C VAL E 252 -21.37 45.13 -51.49
N ILE E 253 -20.76 45.41 -50.34
CA ILE E 253 -19.42 45.98 -50.27
C ILE E 253 -18.38 45.02 -50.84
N GLN E 254 -18.42 43.76 -50.41
CA GLN E 254 -17.48 42.74 -50.87
C GLN E 254 -17.65 42.48 -52.37
N VAL E 255 -18.89 42.52 -52.86
CA VAL E 255 -19.16 42.30 -54.27
C VAL E 255 -18.63 43.49 -55.08
N ALA E 256 -18.77 44.68 -54.53
CA ALA E 256 -18.30 45.92 -55.16
C ALA E 256 -16.77 45.91 -55.27
N ALA E 257 -16.11 45.48 -54.19
CA ALA E 257 -14.65 45.40 -54.14
C ALA E 257 -14.15 44.40 -55.17
N GLY E 258 -14.82 43.25 -55.24
CA GLY E 258 -14.44 42.22 -56.19
C GLY E 258 -14.72 42.60 -57.63
N SER E 259 -15.79 43.37 -57.85
CA SER E 259 -16.20 43.82 -59.19
C SER E 259 -15.37 44.99 -59.70
N SER E 260 -14.67 45.65 -58.79
CA SER E 260 -13.85 46.80 -59.14
C SER E 260 -12.35 46.50 -59.27
N ASN E 261 -11.57 46.98 -58.31
CA ASN E 261 -10.13 46.81 -58.36
C ASN E 261 -9.52 45.83 -57.36
N LEU E 262 -10.35 44.93 -56.80
CA LEU E 262 -9.87 43.95 -55.83
C LEU E 262 -9.29 44.60 -54.56
N LYS E 263 -9.86 45.73 -54.17
CA LYS E 263 -9.43 46.43 -52.97
C LYS E 263 -9.63 45.50 -51.77
N ARG E 264 -8.73 45.62 -50.79
CA ARG E 264 -8.79 44.79 -49.58
C ARG E 264 -10.04 45.14 -48.76
N VAL E 265 -10.68 44.12 -48.18
CA VAL E 265 -11.91 44.30 -47.43
C VAL E 265 -11.98 43.72 -46.01
N THR E 266 -12.53 44.51 -45.09
CA THR E 266 -12.78 44.07 -43.71
C THR E 266 -14.21 44.52 -43.41
N LEU E 267 -14.95 43.68 -42.69
CA LEU E 267 -16.34 43.98 -42.37
C LEU E 267 -16.71 43.75 -40.91
N GLU E 268 -17.48 44.67 -40.35
CA GLU E 268 -17.96 44.58 -38.98
C GLU E 268 -19.47 44.67 -39.13
N LEU E 269 -20.13 43.52 -39.01
CA LEU E 269 -21.56 43.45 -39.19
C LEU E 269 -22.33 43.21 -37.89
N GLY E 270 -23.62 42.90 -38.02
CA GLY E 270 -24.44 42.68 -36.84
C GLY E 270 -24.40 41.27 -36.30
N GLY E 271 -25.43 40.93 -35.53
CA GLY E 271 -25.50 39.59 -34.97
C GLY E 271 -26.76 39.33 -34.17
N LYS E 272 -26.76 38.17 -33.52
CA LYS E 272 -27.87 37.75 -32.66
C LYS E 272 -27.18 37.02 -31.50
N SER E 273 -26.26 37.74 -30.88
CA SER E 273 -25.44 37.23 -29.79
C SER E 273 -26.15 36.62 -28.59
N PRO E 274 -25.75 35.39 -28.21
CA PRO E 274 -26.34 34.68 -27.08
C PRO E 274 -25.68 35.04 -25.76
N ASN E 275 -26.52 35.25 -24.74
CA ASN E 275 -26.04 35.58 -23.40
C ASN E 275 -26.54 34.43 -22.54
N ILE E 276 -25.63 33.51 -22.24
CA ILE E 276 -25.93 32.30 -21.49
C ILE E 276 -25.81 32.40 -19.96
N ILE E 277 -26.90 32.08 -19.28
CA ILE E 277 -26.95 32.14 -17.82
C ILE E 277 -27.05 30.73 -17.23
N MET E 278 -25.93 30.20 -16.72
CA MET E 278 -25.95 28.87 -16.11
C MET E 278 -26.61 28.96 -14.73
N SER E 279 -27.07 27.82 -14.21
CA SER E 279 -27.75 27.78 -12.90
C SER E 279 -26.94 28.22 -11.69
N ASP E 280 -25.62 28.15 -11.79
CA ASP E 280 -24.75 28.55 -10.68
C ASP E 280 -24.26 29.99 -10.77
N ALA E 281 -24.85 30.78 -11.66
CA ALA E 281 -24.46 32.16 -11.82
C ALA E 281 -24.92 33.04 -10.65
N ASP E 282 -24.33 34.23 -10.54
CA ASP E 282 -24.74 35.17 -9.50
C ASP E 282 -26.02 35.78 -10.06
N MET E 283 -27.15 35.46 -9.46
CA MET E 283 -28.45 35.95 -9.91
C MET E 283 -28.54 37.45 -10.14
N ASP E 284 -28.31 38.25 -9.09
CA ASP E 284 -28.39 39.71 -9.20
C ASP E 284 -27.47 40.28 -10.28
N TRP E 285 -26.23 39.79 -10.31
CA TRP E 285 -25.26 40.26 -11.29
C TRP E 285 -25.70 39.87 -12.71
N ALA E 286 -26.11 38.61 -12.87
CA ALA E 286 -26.56 38.10 -14.17
C ALA E 286 -27.78 38.87 -14.68
N VAL E 287 -28.70 39.21 -13.79
CA VAL E 287 -29.89 39.96 -14.16
C VAL E 287 -29.56 41.37 -14.64
N GLU E 288 -28.74 42.09 -13.88
CA GLU E 288 -28.36 43.46 -14.25
C GLU E 288 -27.53 43.48 -15.53
N GLN E 289 -26.59 42.54 -15.65
CA GLN E 289 -25.74 42.46 -16.83
C GLN E 289 -26.53 42.05 -18.08
N ALA E 290 -27.54 41.21 -17.91
CA ALA E 290 -28.38 40.75 -19.02
C ALA E 290 -29.22 41.92 -19.52
N HIS E 291 -29.66 42.76 -18.57
CA HIS E 291 -30.45 43.94 -18.89
C HIS E 291 -29.58 44.88 -19.70
N PHE E 292 -28.39 45.15 -19.19
CA PHE E 292 -27.44 46.02 -19.85
C PHE E 292 -27.08 45.45 -21.22
N ALA E 293 -26.79 44.15 -21.26
CA ALA E 293 -26.42 43.44 -22.48
C ALA E 293 -27.39 43.65 -23.63
N LEU E 294 -28.68 43.74 -23.33
CA LEU E 294 -29.69 43.92 -24.37
C LEU E 294 -30.10 45.35 -24.60
N PHE E 295 -30.41 46.05 -23.53
CA PHE E 295 -30.90 47.44 -23.58
C PHE E 295 -29.93 48.59 -23.79
N PHE E 296 -28.63 48.32 -23.64
CA PHE E 296 -27.63 49.37 -23.81
C PHE E 296 -27.77 50.08 -25.15
N ASN E 297 -27.68 51.40 -25.11
CA ASN E 297 -27.78 52.23 -26.30
C ASN E 297 -29.08 52.03 -27.08
N GLN E 298 -30.20 51.97 -26.38
CA GLN E 298 -31.51 51.75 -26.98
C GLN E 298 -31.59 50.40 -27.72
N GLY E 299 -30.70 49.49 -27.33
CA GLY E 299 -30.64 48.19 -27.96
C GLY E 299 -29.97 48.24 -29.32
N GLN E 300 -29.45 49.41 -29.66
CA GLN E 300 -28.78 49.62 -30.94
C GLN E 300 -27.30 49.30 -30.89
N CYS E 301 -27.00 48.04 -30.56
N CYS E 301 -27.00 48.05 -30.56
CA CYS E 301 -25.62 47.58 -30.46
CA CYS E 301 -25.62 47.59 -30.47
C CYS E 301 -25.45 46.29 -31.24
C CYS E 301 -25.45 46.29 -31.24
N CYS E 302 -24.43 46.28 -32.11
CA CYS E 302 -24.13 45.13 -32.95
C CYS E 302 -24.00 43.82 -32.17
N CYS E 303 -23.41 43.89 -30.99
CA CYS E 303 -23.21 42.70 -30.16
C CYS E 303 -24.20 42.56 -29.01
N ALA E 304 -25.38 43.17 -29.15
CA ALA E 304 -26.42 43.09 -28.13
C ALA E 304 -26.76 41.66 -27.78
N GLY E 305 -26.92 41.38 -26.49
CA GLY E 305 -27.26 40.04 -26.04
C GLY E 305 -28.75 39.82 -26.27
N SER E 306 -29.11 39.63 -27.54
CA SER E 306 -30.48 39.45 -27.97
C SER E 306 -31.08 38.04 -27.85
N ARG E 307 -30.29 37.11 -27.32
CA ARG E 307 -30.77 35.75 -27.10
C ARG E 307 -30.28 35.38 -25.70
N THR E 308 -31.11 35.65 -24.71
CA THR E 308 -30.77 35.37 -23.33
C THR E 308 -31.19 33.97 -22.94
N PHE E 309 -30.24 33.04 -22.98
CA PHE E 309 -30.50 31.66 -22.62
C PHE E 309 -30.36 31.50 -21.10
N VAL E 310 -31.40 30.99 -20.45
CA VAL E 310 -31.40 30.82 -19.00
C VAL E 310 -31.72 29.37 -18.62
N GLN E 311 -30.90 28.79 -17.75
CA GLN E 311 -31.09 27.41 -17.30
C GLN E 311 -32.43 27.30 -16.57
N GLU E 312 -33.17 26.24 -16.89
CA GLU E 312 -34.50 26.00 -16.35
C GLU E 312 -34.69 26.10 -14.84
N ASP E 313 -33.68 25.72 -14.05
CA ASP E 313 -33.80 25.77 -12.61
C ASP E 313 -33.87 27.19 -12.03
N ILE E 314 -33.36 28.17 -12.79
CA ILE E 314 -33.37 29.57 -12.35
C ILE E 314 -34.15 30.45 -13.31
N TYR E 315 -34.86 29.82 -14.25
CA TYR E 315 -35.63 30.56 -15.24
C TYR E 315 -36.69 31.52 -14.69
N ASP E 316 -37.63 30.97 -13.92
CA ASP E 316 -38.70 31.78 -13.35
C ASP E 316 -38.23 32.99 -12.58
N GLU E 317 -37.27 32.79 -11.69
CA GLU E 317 -36.74 33.89 -10.88
C GLU E 317 -36.03 34.93 -11.74
N PHE E 318 -35.22 34.47 -12.69
CA PHE E 318 -34.51 35.37 -13.57
C PHE E 318 -35.47 36.24 -14.38
N VAL E 319 -36.51 35.62 -14.92
CA VAL E 319 -37.50 36.33 -15.71
C VAL E 319 -38.25 37.37 -14.89
N GLU E 320 -38.64 36.99 -13.67
CA GLU E 320 -39.37 37.87 -12.76
C GLU E 320 -38.52 39.12 -12.49
N ARG E 321 -37.25 38.90 -12.18
CA ARG E 321 -36.33 40.00 -11.90
C ARG E 321 -36.03 40.84 -13.14
N SER E 322 -35.97 40.17 -14.29
CA SER E 322 -35.69 40.85 -15.55
C SER E 322 -36.83 41.77 -15.97
N VAL E 323 -38.07 41.31 -15.74
CA VAL E 323 -39.25 42.11 -16.08
C VAL E 323 -39.33 43.34 -15.18
N ALA E 324 -39.06 43.15 -13.90
CA ALA E 324 -39.08 44.26 -12.94
C ALA E 324 -38.04 45.31 -13.33
N ARG E 325 -36.85 44.86 -13.71
CA ARG E 325 -35.78 45.77 -14.11
C ARG E 325 -36.13 46.54 -15.39
N ALA E 326 -36.82 45.87 -16.30
CA ALA E 326 -37.22 46.50 -17.55
C ALA E 326 -38.31 47.53 -17.32
N LYS E 327 -39.25 47.23 -16.42
CA LYS E 327 -40.34 48.15 -16.13
C LYS E 327 -39.88 49.42 -15.42
N SER E 328 -38.78 49.31 -14.69
CA SER E 328 -38.23 50.46 -13.96
C SER E 328 -37.28 51.32 -14.80
N ARG E 329 -36.94 50.85 -16.00
CA ARG E 329 -36.02 51.57 -16.88
C ARG E 329 -36.63 52.89 -17.34
N VAL E 330 -35.98 53.99 -16.96
CA VAL E 330 -36.45 55.33 -17.30
C VAL E 330 -36.20 55.74 -18.75
N VAL E 331 -37.29 55.94 -19.48
CA VAL E 331 -37.23 56.36 -20.87
C VAL E 331 -37.69 57.81 -20.89
N GLY E 332 -36.94 58.67 -21.58
CA GLY E 332 -37.30 60.07 -21.65
C GLY E 332 -36.30 60.96 -22.37
N ASN E 333 -36.41 62.27 -22.15
CA ASN E 333 -35.50 63.24 -22.78
C ASN E 333 -34.05 62.85 -22.44
N PRO E 334 -33.24 62.56 -23.47
CA PRO E 334 -31.83 62.17 -23.30
C PRO E 334 -30.96 63.18 -22.56
N PHE E 335 -31.42 64.42 -22.45
CA PHE E 335 -30.67 65.45 -21.73
C PHE E 335 -30.98 65.48 -20.24
N ASP E 336 -32.03 64.78 -19.81
CA ASP E 336 -32.37 64.71 -18.38
C ASP E 336 -31.45 63.66 -17.75
N SER E 337 -30.84 64.01 -16.61
CA SER E 337 -29.92 63.11 -15.92
C SER E 337 -30.52 61.77 -15.47
N LYS E 338 -31.84 61.73 -15.27
CA LYS E 338 -32.52 60.50 -14.85
C LYS E 338 -32.77 59.52 -15.99
N THR E 339 -32.73 60.01 -17.23
CA THR E 339 -32.96 59.19 -18.41
C THR E 339 -31.94 58.07 -18.64
N GLU E 340 -32.44 56.85 -18.76
CA GLU E 340 -31.59 55.69 -19.01
C GLU E 340 -31.69 55.32 -20.49
N GLN E 341 -32.83 55.63 -21.09
CA GLN E 341 -33.06 55.31 -22.49
C GLN E 341 -33.67 56.43 -23.30
N GLY E 342 -32.97 56.83 -24.36
CA GLY E 342 -33.46 57.87 -25.23
C GLY E 342 -34.30 57.24 -26.32
N PRO E 343 -34.55 57.94 -27.43
CA PRO E 343 -35.35 57.42 -28.54
C PRO E 343 -34.47 56.59 -29.48
N GLN E 344 -35.10 55.91 -30.44
CA GLN E 344 -34.36 55.13 -31.44
C GLN E 344 -33.82 56.18 -32.42
N VAL E 345 -32.82 55.81 -33.21
CA VAL E 345 -32.20 56.77 -34.14
C VAL E 345 -33.12 57.50 -35.12
N ASP E 346 -34.05 56.77 -35.74
CA ASP E 346 -34.97 57.39 -36.68
C ASP E 346 -36.33 56.68 -36.78
N GLU E 347 -37.19 57.23 -37.62
CA GLU E 347 -38.54 56.70 -37.84
C GLU E 347 -38.50 55.31 -38.48
N THR E 348 -37.59 55.10 -39.41
CA THR E 348 -37.44 53.82 -40.08
C THR E 348 -37.16 52.71 -39.06
N GLN E 349 -36.22 52.98 -38.15
CA GLN E 349 -35.87 52.02 -37.11
C GLN E 349 -37.01 51.85 -36.13
N PHE E 350 -37.63 52.97 -35.76
CA PHE E 350 -38.77 53.03 -34.85
C PHE E 350 -39.86 52.06 -35.32
N LYS E 351 -40.21 52.15 -36.59
CA LYS E 351 -41.24 51.30 -37.19
C LYS E 351 -40.82 49.84 -37.30
N LYS E 352 -39.56 49.62 -37.70
CA LYS E 352 -39.02 48.27 -37.86
C LYS E 352 -39.10 47.49 -36.54
N ILE E 353 -38.76 48.16 -35.44
CA ILE E 353 -38.77 47.54 -34.11
C ILE E 353 -40.20 47.18 -33.70
N LEU E 354 -41.14 48.12 -33.89
CA LEU E 354 -42.54 47.85 -33.55
C LEU E 354 -43.03 46.68 -34.41
N GLY E 355 -42.50 46.57 -35.63
CA GLY E 355 -42.89 45.47 -36.51
C GLY E 355 -42.43 44.14 -35.91
N TYR E 356 -41.20 44.11 -35.42
CA TYR E 356 -40.65 42.91 -34.79
C TYR E 356 -41.44 42.53 -33.54
N ILE E 357 -41.84 43.52 -32.76
CA ILE E 357 -42.61 43.29 -31.55
C ILE E 357 -43.93 42.61 -31.91
N ASN E 358 -44.62 43.14 -32.91
CA ASN E 358 -45.90 42.56 -33.36
C ASN E 358 -45.70 41.13 -33.82
N THR E 359 -44.56 40.88 -34.47
CA THR E 359 -44.20 39.56 -34.95
C THR E 359 -44.02 38.62 -33.76
N GLY E 360 -43.34 39.10 -32.72
CA GLY E 360 -43.12 38.31 -31.53
C GLY E 360 -44.43 37.85 -30.91
N LYS E 361 -45.42 38.74 -30.89
CA LYS E 361 -46.73 38.41 -30.34
C LYS E 361 -47.45 37.36 -31.18
N GLN E 362 -47.52 37.59 -32.49
CA GLN E 362 -48.19 36.67 -33.40
C GLN E 362 -47.58 35.28 -33.43
N GLU E 363 -46.27 35.17 -33.23
CA GLU E 363 -45.59 33.89 -33.26
C GLU E 363 -45.65 33.07 -31.97
N GLY E 364 -46.27 33.63 -30.94
CA GLY E 364 -46.41 32.89 -29.70
C GLY E 364 -45.46 33.21 -28.56
N ALA E 365 -44.59 34.21 -28.73
CA ALA E 365 -43.69 34.57 -27.65
C ALA E 365 -44.53 35.25 -26.56
N LYS E 366 -44.18 35.01 -25.30
CA LYS E 366 -44.93 35.59 -24.20
C LYS E 366 -44.50 37.02 -23.87
N LEU E 367 -45.35 37.99 -24.21
CA LEU E 367 -45.07 39.39 -23.93
C LEU E 367 -45.22 39.63 -22.43
N LEU E 368 -44.12 39.96 -21.76
CA LEU E 368 -44.13 40.18 -20.33
C LEU E 368 -44.27 41.62 -19.87
N CYS E 369 -43.78 42.56 -20.69
CA CYS E 369 -43.86 43.98 -20.38
C CYS E 369 -43.54 44.81 -21.61
N GLY E 370 -43.97 46.06 -21.62
CA GLY E 370 -43.73 46.94 -22.76
C GLY E 370 -44.51 46.47 -23.98
N GLY E 371 -43.92 46.65 -25.16
CA GLY E 371 -44.57 46.22 -26.39
C GLY E 371 -45.14 47.31 -27.27
N GLY E 372 -45.02 48.56 -26.82
CA GLY E 372 -45.54 49.66 -27.62
C GLY E 372 -44.74 50.93 -27.54
N ILE E 373 -45.31 51.99 -28.10
CA ILE E 373 -44.70 53.32 -28.13
C ILE E 373 -44.67 53.90 -26.72
N ALA E 374 -43.55 54.51 -26.35
CA ALA E 374 -43.38 55.11 -25.03
C ALA E 374 -43.76 56.59 -24.96
N ALA E 375 -43.80 57.27 -26.11
CA ALA E 375 -44.15 58.69 -26.13
C ALA E 375 -44.85 59.13 -27.41
N ASP E 376 -45.61 60.21 -27.29
CA ASP E 376 -46.37 60.78 -28.40
C ASP E 376 -45.51 61.60 -29.38
N ARG E 377 -44.28 61.87 -28.98
CA ARG E 377 -43.35 62.66 -29.77
C ARG E 377 -41.98 62.01 -29.75
N GLY E 378 -41.30 61.99 -30.90
CA GLY E 378 -39.99 61.37 -30.98
C GLY E 378 -40.13 59.90 -31.30
N TYR E 379 -39.03 59.15 -31.19
CA TYR E 379 -39.06 57.72 -31.51
C TYR E 379 -38.77 56.86 -30.29
N PHE E 380 -39.60 57.01 -29.26
CA PHE E 380 -39.43 56.27 -28.02
C PHE E 380 -40.25 54.99 -27.95
N ILE E 381 -39.58 53.88 -27.61
CA ILE E 381 -40.22 52.58 -27.50
C ILE E 381 -40.06 52.03 -26.09
N GLN E 382 -41.14 51.49 -25.54
CA GLN E 382 -41.12 50.92 -24.20
C GLN E 382 -40.20 49.70 -24.11
N PRO E 383 -39.45 49.57 -23.00
CA PRO E 383 -38.56 48.42 -22.82
C PRO E 383 -39.42 47.16 -22.87
N THR E 384 -39.16 46.30 -23.86
CA THR E 384 -39.95 45.11 -24.06
C THR E 384 -39.22 43.81 -23.74
N VAL E 385 -39.92 42.90 -23.08
CA VAL E 385 -39.35 41.60 -22.72
C VAL E 385 -40.27 40.48 -23.17
N PHE E 386 -39.72 39.54 -23.93
CA PHE E 386 -40.47 38.38 -24.39
C PHE E 386 -39.95 37.14 -23.67
N GLY E 387 -40.87 36.33 -23.17
CA GLY E 387 -40.50 35.12 -22.49
C GLY E 387 -40.85 33.90 -23.31
N ASP E 388 -40.33 32.75 -22.92
CA ASP E 388 -40.58 31.48 -23.61
C ASP E 388 -40.32 31.58 -25.11
N VAL E 389 -39.24 32.28 -25.47
CA VAL E 389 -38.88 32.43 -26.87
C VAL E 389 -38.33 31.11 -27.40
N GLN E 390 -38.71 30.76 -28.62
CA GLN E 390 -38.24 29.52 -29.23
C GLN E 390 -37.28 29.87 -30.38
N ASP E 391 -36.29 29.01 -30.60
CA ASP E 391 -35.27 29.22 -31.63
C ASP E 391 -35.79 29.53 -33.03
N GLY E 392 -36.92 28.94 -33.40
CA GLY E 392 -37.49 29.18 -34.72
C GLY E 392 -38.23 30.51 -34.89
N MET E 393 -38.45 31.23 -33.80
CA MET E 393 -39.17 32.51 -33.88
C MET E 393 -38.33 33.60 -34.54
N THR E 394 -39.00 34.50 -35.24
CA THR E 394 -38.36 35.60 -35.94
C THR E 394 -37.54 36.47 -34.99
N ILE E 395 -38.11 36.78 -33.83
CA ILE E 395 -37.39 37.60 -32.84
C ILE E 395 -36.18 36.90 -32.23
N ALA E 396 -36.04 35.60 -32.50
CA ALA E 396 -34.91 34.82 -31.99
C ALA E 396 -33.85 34.62 -33.07
N LYS E 397 -34.18 34.99 -34.31
CA LYS E 397 -33.28 34.83 -35.45
C LYS E 397 -32.75 36.12 -36.05
N GLU E 398 -33.60 37.13 -36.16
CA GLU E 398 -33.23 38.39 -36.78
C GLU E 398 -32.84 39.50 -35.81
N GLU E 399 -31.84 40.29 -36.23
CA GLU E 399 -31.35 41.40 -35.42
C GLU E 399 -32.44 42.48 -35.36
N ILE E 400 -32.96 42.72 -34.16
CA ILE E 400 -34.02 43.70 -33.97
C ILE E 400 -33.46 45.12 -33.83
N PHE E 401 -32.32 45.25 -33.16
CA PHE E 401 -31.66 46.54 -32.94
C PHE E 401 -32.54 47.53 -32.16
N GLY E 402 -33.29 47.01 -31.19
CA GLY E 402 -34.17 47.84 -30.38
C GLY E 402 -34.29 47.30 -28.97
N PRO E 403 -34.96 48.03 -28.07
CA PRO E 403 -35.15 47.61 -26.67
C PRO E 403 -36.16 46.48 -26.54
N VAL E 404 -35.82 45.34 -27.14
CA VAL E 404 -36.68 44.15 -27.14
C VAL E 404 -35.82 42.96 -26.71
N MET E 405 -36.13 42.42 -25.53
CA MET E 405 -35.40 41.29 -24.96
C MET E 405 -36.06 39.93 -25.20
N GLN E 406 -35.22 38.94 -25.51
CA GLN E 406 -35.68 37.57 -25.75
C GLN E 406 -35.10 36.66 -24.67
N ILE E 407 -35.97 35.95 -23.95
CA ILE E 407 -35.48 35.04 -22.92
C ILE E 407 -35.88 33.62 -23.30
N LEU E 408 -34.87 32.76 -23.48
CA LEU E 408 -35.06 31.37 -23.86
C LEU E 408 -34.61 30.42 -22.74
N LYS E 409 -35.37 29.34 -22.57
CA LYS E 409 -35.08 28.35 -21.54
C LYS E 409 -34.29 27.18 -22.09
N PHE E 410 -33.33 26.67 -21.31
CA PHE E 410 -32.54 25.52 -21.74
C PHE E 410 -32.26 24.63 -20.53
N LYS E 411 -31.83 23.41 -20.80
CA LYS E 411 -31.54 22.48 -19.71
C LYS E 411 -30.07 22.16 -19.52
N THR E 412 -29.42 21.68 -20.59
CA THR E 412 -28.02 21.26 -20.49
C THR E 412 -27.03 22.20 -21.15
N ILE E 413 -25.76 21.99 -20.82
CA ILE E 413 -24.67 22.79 -21.37
C ILE E 413 -24.41 22.41 -22.83
N GLU E 414 -24.57 21.14 -23.17
CA GLU E 414 -24.36 20.69 -24.55
C GLU E 414 -25.44 21.31 -25.43
N GLU E 415 -26.64 21.39 -24.86
CA GLU E 415 -27.80 21.95 -25.54
C GLU E 415 -27.65 23.43 -25.84
N VAL E 416 -27.25 24.20 -24.83
CA VAL E 416 -27.10 25.64 -25.01
C VAL E 416 -25.98 26.00 -26.00
N VAL E 417 -24.91 25.21 -26.01
CA VAL E 417 -23.79 25.44 -26.92
C VAL E 417 -24.29 25.27 -28.35
N GLY E 418 -25.05 24.21 -28.59
CA GLY E 418 -25.57 23.94 -29.92
C GLY E 418 -26.59 24.95 -30.40
N ARG E 419 -27.46 25.39 -29.49
CA ARG E 419 -28.49 26.37 -29.84
C ARG E 419 -27.87 27.75 -30.03
N ALA E 420 -26.85 28.06 -29.22
CA ALA E 420 -26.18 29.35 -29.33
C ALA E 420 -25.42 29.43 -30.66
N ASN E 421 -24.83 28.31 -31.05
CA ASN E 421 -24.05 28.23 -32.29
C ASN E 421 -24.88 28.03 -33.56
N ASN E 422 -26.15 27.64 -33.40
CA ASN E 422 -27.02 27.44 -34.57
C ASN E 422 -27.50 28.82 -35.03
N SER E 423 -26.61 29.53 -35.70
CA SER E 423 -26.90 30.86 -36.19
C SER E 423 -25.93 31.24 -37.30
N THR E 424 -26.38 32.12 -38.19
CA THR E 424 -25.56 32.60 -39.29
C THR E 424 -24.65 33.70 -38.74
N TYR E 425 -24.96 34.19 -37.54
CA TYR E 425 -24.17 35.23 -36.88
C TYR E 425 -23.18 34.64 -35.86
N GLY E 426 -22.23 35.46 -35.43
CA GLY E 426 -21.25 35.02 -34.46
C GLY E 426 -20.34 36.16 -34.06
N LEU E 427 -20.95 37.30 -33.73
CA LEU E 427 -20.21 38.48 -33.34
C LEU E 427 -19.71 38.39 -31.91
N ALA E 428 -20.60 38.06 -30.98
CA ALA E 428 -20.25 37.94 -29.58
C ALA E 428 -21.12 36.93 -28.86
N ALA E 429 -20.76 36.64 -27.62
CA ALA E 429 -21.49 35.71 -26.77
C ALA E 429 -21.02 35.97 -25.35
N ALA E 430 -21.79 35.50 -24.37
CA ALA E 430 -21.42 35.67 -22.97
C ALA E 430 -21.84 34.44 -22.18
N VAL E 431 -21.13 34.20 -21.08
CA VAL E 431 -21.39 33.07 -20.20
C VAL E 431 -21.33 33.52 -18.76
N PHE E 432 -22.39 33.23 -18.01
CA PHE E 432 -22.44 33.58 -16.60
C PHE E 432 -22.45 32.30 -15.77
N THR E 433 -21.35 32.08 -15.06
CA THR E 433 -21.17 30.90 -14.23
C THR E 433 -20.02 31.10 -13.24
N LYS E 434 -20.06 30.35 -12.14
CA LYS E 434 -19.00 30.44 -11.14
C LYS E 434 -18.02 29.28 -11.32
N ASP E 435 -18.39 28.31 -12.15
CA ASP E 435 -17.57 27.13 -12.39
C ASP E 435 -16.48 27.35 -13.45
N LEU E 436 -15.25 27.01 -13.08
CA LEU E 436 -14.09 27.14 -13.94
C LEU E 436 -14.24 26.33 -15.23
N ASP E 437 -14.50 25.03 -15.09
CA ASP E 437 -14.66 24.14 -16.22
C ASP E 437 -15.76 24.57 -17.17
N LYS E 438 -16.90 25.00 -16.64
CA LYS E 438 -18.02 25.44 -17.49
C LYS E 438 -17.62 26.65 -18.33
N ALA E 439 -16.93 27.60 -17.72
CA ALA E 439 -16.48 28.81 -18.40
C ALA E 439 -15.52 28.46 -19.54
N ASN E 440 -14.53 27.62 -19.25
CA ASN E 440 -13.56 27.22 -20.28
C ASN E 440 -14.18 26.37 -21.38
N TYR E 441 -15.11 25.51 -21.00
CA TYR E 441 -15.80 24.65 -21.96
C TYR E 441 -16.60 25.51 -22.94
N LEU E 442 -17.36 26.46 -22.39
CA LEU E 442 -18.19 27.33 -23.20
C LEU E 442 -17.41 28.35 -24.03
N SER E 443 -16.42 29.01 -23.42
CA SER E 443 -15.64 30.01 -24.16
C SER E 443 -14.92 29.38 -25.35
N GLN E 444 -14.55 28.11 -25.22
CA GLN E 444 -13.88 27.43 -26.32
C GLN E 444 -14.87 26.97 -27.39
N ALA E 445 -16.01 26.44 -26.95
CA ALA E 445 -17.03 25.92 -27.87
C ALA E 445 -17.83 26.96 -28.64
N LEU E 446 -18.06 28.12 -28.04
CA LEU E 446 -18.84 29.17 -28.69
C LEU E 446 -18.16 29.75 -29.92
N GLN E 447 -18.87 29.74 -31.05
CA GLN E 447 -18.33 30.26 -32.31
C GLN E 447 -18.67 31.76 -32.43
N ALA E 448 -17.92 32.59 -31.71
CA ALA E 448 -18.16 34.03 -31.72
C ALA E 448 -16.86 34.80 -31.54
N GLY E 449 -16.80 35.99 -32.14
CA GLY E 449 -15.62 36.82 -32.08
C GLY E 449 -15.14 37.19 -30.69
N THR E 450 -16.09 37.47 -29.80
CA THR E 450 -15.79 37.82 -28.41
C THR E 450 -16.72 37.05 -27.50
N VAL E 451 -16.15 36.45 -26.47
CA VAL E 451 -16.92 35.71 -25.48
C VAL E 451 -16.60 36.34 -24.14
N TRP E 452 -17.60 36.96 -23.52
CA TRP E 452 -17.43 37.57 -22.22
C TRP E 452 -17.84 36.57 -21.15
N VAL E 453 -17.08 36.51 -20.06
CA VAL E 453 -17.42 35.59 -18.96
C VAL E 453 -17.75 36.42 -17.73
N ASN E 454 -18.99 36.29 -17.26
CA ASN E 454 -19.48 37.02 -16.08
C ASN E 454 -19.46 38.54 -16.27
N CYS E 455 -19.64 38.97 -17.52
CA CYS E 455 -19.66 40.38 -17.88
C CYS E 455 -20.23 40.49 -19.29
N TYR E 456 -20.40 41.72 -19.77
CA TYR E 456 -20.92 41.94 -21.11
C TYR E 456 -20.58 43.34 -21.59
N ASP E 457 -20.42 43.49 -22.90
CA ASP E 457 -20.09 44.78 -23.51
C ASP E 457 -18.84 45.41 -22.93
N VAL E 458 -17.85 44.56 -22.64
CA VAL E 458 -16.59 45.01 -22.10
C VAL E 458 -15.61 45.21 -23.24
N PHE E 459 -15.51 46.47 -23.68
CA PHE E 459 -14.61 46.81 -24.77
C PHE E 459 -13.35 47.47 -24.26
N GLY E 460 -12.25 47.14 -24.93
CA GLY E 460 -10.98 47.72 -24.57
C GLY E 460 -10.23 47.93 -25.86
N ALA E 461 -9.66 49.11 -26.05
CA ALA E 461 -8.90 49.40 -27.25
C ALA E 461 -7.79 48.36 -27.46
N GLN E 462 -7.40 47.67 -26.39
CA GLN E 462 -6.34 46.66 -26.42
C GLN E 462 -6.77 45.29 -26.97
N SER E 463 -8.05 44.95 -26.80
CA SER E 463 -8.56 43.65 -27.26
C SER E 463 -9.36 43.72 -28.56
N PRO E 464 -9.05 42.84 -29.53
CA PRO E 464 -9.73 42.80 -30.82
C PRO E 464 -11.22 42.46 -30.75
N PHE E 465 -11.96 42.99 -31.72
CA PHE E 465 -13.39 42.79 -31.84
C PHE E 465 -13.72 42.51 -33.31
N GLY E 466 -14.62 41.57 -33.53
CA GLY E 466 -15.00 41.20 -34.88
C GLY E 466 -15.89 39.98 -34.86
N GLY E 467 -16.44 39.62 -36.00
CA GLY E 467 -17.32 38.47 -36.02
C GLY E 467 -16.86 37.24 -36.76
N TYR E 468 -17.49 36.12 -36.38
CA TYR E 468 -17.28 34.84 -37.03
C TYR E 468 -18.43 34.78 -38.03
N LYS E 469 -18.40 33.81 -38.92
CA LYS E 469 -19.46 33.62 -39.90
C LYS E 469 -19.87 34.91 -40.64
N MET E 470 -21.17 35.18 -40.68
CA MET E 470 -21.66 36.35 -41.38
C MET E 470 -21.76 37.63 -40.55
N SER E 471 -21.08 37.63 -39.40
CA SER E 471 -21.05 38.80 -38.52
C SER E 471 -19.88 39.71 -38.88
N GLY E 472 -19.07 39.28 -39.86
CA GLY E 472 -17.93 40.06 -40.30
C GLY E 472 -16.73 39.23 -40.72
N SER E 473 -15.61 39.92 -40.97
CA SER E 473 -14.36 39.29 -41.35
C SER E 473 -13.27 40.29 -40.99
N GLY E 474 -12.19 39.81 -40.38
CA GLY E 474 -11.13 40.69 -39.95
C GLY E 474 -11.48 41.17 -38.55
N ARG E 475 -10.54 41.86 -37.91
CA ARG E 475 -10.76 42.36 -36.55
C ARG E 475 -10.37 43.82 -36.39
N GLU E 476 -11.06 44.50 -35.47
CA GLU E 476 -10.76 45.89 -35.16
C GLU E 476 -10.30 45.96 -33.72
N LEU E 477 -9.62 47.05 -33.37
CA LEU E 477 -9.05 47.27 -32.03
C LEU E 477 -7.85 46.35 -31.77
N GLY E 478 -7.05 46.66 -30.77
CA GLY E 478 -5.88 45.86 -30.46
C GLY E 478 -4.82 45.90 -31.54
N GLU E 479 -3.81 45.04 -31.41
CA GLU E 479 -2.74 44.97 -32.40
C GLU E 479 -3.31 44.47 -33.73
N TYR E 480 -4.27 43.56 -33.65
CA TYR E 480 -4.92 42.97 -34.83
C TYR E 480 -5.51 44.02 -35.76
N GLY E 481 -6.03 45.09 -35.18
CA GLY E 481 -6.64 46.17 -35.96
C GLY E 481 -5.69 46.88 -36.91
N LEU E 482 -4.39 46.62 -36.80
CA LEU E 482 -3.39 47.24 -37.68
C LEU E 482 -3.13 46.40 -38.92
N GLN E 483 -3.42 45.10 -38.83
CA GLN E 483 -3.19 44.17 -39.93
C GLN E 483 -3.80 44.56 -41.27
N ALA E 484 -5.08 44.90 -41.28
CA ALA E 484 -5.76 45.27 -42.51
C ALA E 484 -5.33 46.63 -43.06
N TYR E 485 -4.56 47.37 -42.28
CA TYR E 485 -4.07 48.67 -42.69
C TYR E 485 -2.61 48.65 -43.11
N THR E 486 -2.11 47.44 -43.34
CA THR E 486 -0.73 47.25 -43.73
C THR E 486 -0.59 46.42 -45.00
N GLU E 487 0.30 46.86 -45.88
CA GLU E 487 0.60 46.14 -47.12
C GLU E 487 2.03 45.66 -46.88
N VAL E 488 2.23 44.34 -46.96
CA VAL E 488 3.53 43.76 -46.70
C VAL E 488 4.42 43.64 -47.93
N LYS E 489 5.64 44.15 -47.82
CA LYS E 489 6.61 44.08 -48.90
C LYS E 489 7.83 43.31 -48.42
N THR E 490 8.24 42.31 -49.19
CA THR E 490 9.42 41.54 -48.87
C THR E 490 10.56 42.05 -49.75
N VAL E 491 11.71 42.32 -49.14
CA VAL E 491 12.90 42.77 -49.88
C VAL E 491 13.97 41.69 -49.67
N THR E 492 14.42 41.08 -50.76
CA THR E 492 15.44 40.04 -50.67
C THR E 492 16.67 40.47 -51.45
N VAL E 493 17.76 40.67 -50.70
CA VAL E 493 19.02 41.14 -51.23
C VAL E 493 20.13 40.10 -51.27
N LYS E 494 20.79 39.99 -52.42
CA LYS E 494 21.89 39.06 -52.58
C LYS E 494 23.07 39.62 -51.79
N VAL E 495 23.71 38.78 -50.97
CA VAL E 495 24.86 39.19 -50.17
C VAL E 495 26.03 38.27 -50.47
N PRO E 496 27.28 38.74 -50.21
CA PRO E 496 28.51 37.97 -50.47
C PRO E 496 28.54 36.60 -49.80
N GLN E 497 28.19 36.56 -48.51
CA GLN E 497 28.19 35.33 -47.76
C GLN E 497 27.32 35.46 -46.51
N LYS E 498 26.16 34.80 -46.53
CA LYS E 498 25.22 34.81 -45.41
C LYS E 498 25.80 34.05 -44.23
N ASN E 499 25.64 34.61 -43.04
CA ASN E 499 26.09 34.00 -41.80
C ASN E 499 25.01 34.22 -40.75
N SER E 500 24.92 33.29 -39.80
CA SER E 500 23.93 33.41 -38.74
C SER E 500 24.23 34.63 -37.85
N ALA F 7 23.58 16.20 -59.01
CA ALA F 7 23.28 14.78 -59.30
C ALA F 7 21.77 14.51 -59.34
N VAL F 8 21.27 14.16 -60.53
CA VAL F 8 19.84 13.89 -60.71
C VAL F 8 19.61 12.46 -61.19
N PRO F 9 18.80 11.68 -60.45
CA PRO F 9 18.48 10.29 -60.79
C PRO F 9 17.79 10.18 -62.15
N ALA F 10 18.13 9.14 -62.90
CA ALA F 10 17.53 8.91 -64.22
C ALA F 10 16.01 8.84 -64.05
N PRO F 11 15.26 9.57 -64.90
CA PRO F 11 13.81 9.59 -64.82
C PRO F 11 13.08 8.49 -65.58
N ASN F 12 11.90 8.13 -65.08
CA ASN F 12 11.05 7.16 -65.76
C ASN F 12 10.26 8.09 -66.69
N GLN F 13 10.61 8.07 -67.98
CA GLN F 13 9.95 8.94 -68.96
C GLN F 13 8.47 8.65 -69.22
N GLN F 14 7.98 7.51 -68.73
CA GLN F 14 6.58 7.14 -68.87
C GLN F 14 6.10 6.64 -67.50
N PRO F 15 5.99 7.56 -66.52
CA PRO F 15 5.55 7.22 -65.16
C PRO F 15 4.13 6.68 -65.15
N GLU F 16 3.92 5.61 -64.37
CA GLU F 16 2.59 5.02 -64.27
C GLU F 16 1.71 5.94 -63.42
N VAL F 17 0.44 6.05 -63.78
CA VAL F 17 -0.50 6.87 -63.04
C VAL F 17 -1.32 5.95 -62.13
N PHE F 18 -1.24 6.20 -60.83
CA PHE F 18 -1.96 5.39 -59.85
C PHE F 18 -3.22 6.05 -59.30
N CYS F 19 -3.28 7.37 -59.37
CA CYS F 19 -4.42 8.12 -58.84
C CYS F 19 -4.99 9.05 -59.90
N ASN F 20 -6.30 8.96 -60.12
CA ASN F 20 -6.98 9.79 -61.11
C ASN F 20 -8.46 9.98 -60.80
N GLN F 21 -8.80 9.87 -59.53
CA GLN F 21 -10.19 10.03 -59.08
C GLN F 21 -10.33 11.19 -58.11
N ILE F 22 -11.50 11.30 -57.47
CA ILE F 22 -11.79 12.35 -56.51
C ILE F 22 -11.41 11.83 -55.12
N PHE F 23 -10.67 12.64 -54.36
CA PHE F 23 -10.21 12.25 -53.03
C PHE F 23 -11.05 12.87 -51.90
N ILE F 24 -11.87 12.05 -51.26
CA ILE F 24 -12.72 12.49 -50.17
C ILE F 24 -12.64 11.48 -49.04
N ASN F 25 -12.48 11.96 -47.82
CA ASN F 25 -12.39 11.08 -46.65
C ASN F 25 -11.33 10.00 -46.79
N ASN F 26 -10.18 10.37 -47.34
CA ASN F 26 -9.07 9.44 -47.55
C ASN F 26 -9.38 8.27 -48.48
N GLU F 27 -10.41 8.44 -49.32
CA GLU F 27 -10.79 7.40 -50.27
C GLU F 27 -10.93 7.97 -51.68
N TRP F 28 -10.85 7.08 -52.67
CA TRP F 28 -10.98 7.46 -54.07
C TRP F 28 -12.39 7.22 -54.58
N HIS F 29 -12.98 8.27 -55.16
CA HIS F 29 -14.35 8.23 -55.68
C HIS F 29 -14.40 8.71 -57.12
N ASP F 30 -15.34 8.16 -57.89
CA ASP F 30 -15.56 8.60 -59.25
C ASP F 30 -16.51 9.78 -59.06
N ALA F 31 -16.64 10.61 -60.08
CA ALA F 31 -17.56 11.74 -59.99
C ALA F 31 -18.96 11.13 -59.89
N VAL F 32 -19.88 11.82 -59.23
CA VAL F 32 -21.26 11.33 -59.12
C VAL F 32 -21.81 11.08 -60.53
N SER F 33 -21.42 11.94 -61.47
CA SER F 33 -21.86 11.83 -62.85
C SER F 33 -21.10 10.75 -63.62
N ARG F 34 -19.99 10.28 -63.04
CA ARG F 34 -19.13 9.26 -63.65
C ARG F 34 -18.29 9.83 -64.80
N LYS F 35 -18.39 11.13 -65.03
CA LYS F 35 -17.65 11.79 -66.10
C LYS F 35 -16.16 11.88 -65.79
N THR F 36 -15.37 11.84 -66.84
CA THR F 36 -13.91 11.96 -66.73
C THR F 36 -13.44 12.88 -67.83
N PHE F 37 -12.27 13.46 -67.65
CA PHE F 37 -11.70 14.34 -68.66
C PHE F 37 -10.26 13.93 -68.89
N PRO F 38 -9.79 14.07 -70.13
CA PRO F 38 -8.40 13.69 -70.43
C PRO F 38 -7.40 14.79 -70.10
N THR F 39 -6.25 14.40 -69.56
CA THR F 39 -5.19 15.34 -69.27
C THR F 39 -4.11 15.01 -70.31
N VAL F 40 -3.57 16.06 -70.92
CA VAL F 40 -2.59 15.92 -72.00
C VAL F 40 -1.12 16.14 -71.62
N ASN F 41 -0.24 15.45 -72.34
CA ASN F 41 1.21 15.58 -72.17
C ASN F 41 1.52 16.69 -73.18
N PRO F 42 1.87 17.89 -72.68
CA PRO F 42 2.18 19.03 -73.55
C PRO F 42 3.36 18.86 -74.50
N SER F 43 4.24 17.91 -74.21
CA SER F 43 5.42 17.67 -75.05
C SER F 43 5.08 16.87 -76.30
N THR F 44 4.06 16.02 -76.20
CA THR F 44 3.65 15.17 -77.31
C THR F 44 2.28 15.52 -77.87
N GLY F 45 1.46 16.18 -77.05
CA GLY F 45 0.11 16.53 -77.47
C GLY F 45 -0.83 15.34 -77.35
N GLU F 46 -0.33 14.27 -76.73
CA GLU F 46 -1.11 13.05 -76.53
C GLU F 46 -1.72 12.97 -75.13
N VAL F 47 -2.83 12.24 -75.03
CA VAL F 47 -3.54 12.06 -73.77
C VAL F 47 -2.77 11.11 -72.85
N ILE F 48 -2.59 11.53 -71.61
CA ILE F 48 -1.89 10.71 -70.62
C ILE F 48 -2.86 9.67 -70.06
N CYS F 49 -4.03 10.13 -69.63
CA CYS F 49 -5.07 9.27 -69.07
C CYS F 49 -6.31 10.13 -68.79
N GLN F 50 -7.40 9.49 -68.36
CA GLN F 50 -8.63 10.20 -68.03
C GLN F 50 -8.64 10.45 -66.53
N VAL F 51 -9.32 11.52 -66.11
CA VAL F 51 -9.39 11.88 -64.69
C VAL F 51 -10.83 12.20 -64.32
N ALA F 52 -11.26 11.78 -63.14
CA ALA F 52 -12.63 12.04 -62.69
C ALA F 52 -12.93 13.52 -62.76
N GLU F 53 -14.05 13.88 -63.39
CA GLU F 53 -14.43 15.28 -63.51
C GLU F 53 -15.36 15.72 -62.39
N GLY F 54 -14.79 16.33 -61.36
CA GLY F 54 -15.60 16.78 -60.23
C GLY F 54 -16.43 17.99 -60.58
N ASP F 55 -17.61 18.09 -59.97
CA ASP F 55 -18.53 19.20 -60.19
C ASP F 55 -19.17 19.55 -58.85
N LYS F 56 -20.22 20.37 -58.87
CA LYS F 56 -20.91 20.82 -57.67
C LYS F 56 -21.23 19.72 -56.65
N GLU F 57 -21.89 18.66 -57.11
CA GLU F 57 -22.26 17.55 -56.22
C GLU F 57 -21.08 16.86 -55.56
N ASP F 58 -19.93 16.86 -56.23
CA ASP F 58 -18.74 16.25 -55.68
C ASP F 58 -18.12 17.19 -54.66
N VAL F 59 -18.21 18.49 -54.94
CA VAL F 59 -17.71 19.51 -54.03
C VAL F 59 -18.55 19.47 -52.75
N ASP F 60 -19.86 19.32 -52.89
CA ASP F 60 -20.75 19.26 -51.74
C ASP F 60 -20.39 18.12 -50.81
N LYS F 61 -20.01 16.98 -51.39
CA LYS F 61 -19.62 15.80 -50.60
C LYS F 61 -18.33 16.09 -49.87
N ALA F 62 -17.40 16.73 -50.57
CA ALA F 62 -16.10 17.08 -50.01
C ALA F 62 -16.26 18.06 -48.85
N VAL F 63 -17.13 19.04 -49.03
CA VAL F 63 -17.35 20.04 -48.00
C VAL F 63 -17.95 19.40 -46.75
N LYS F 64 -18.92 18.50 -46.93
CA LYS F 64 -19.53 17.82 -45.79
C LYS F 64 -18.50 16.98 -45.05
N ALA F 65 -17.62 16.32 -45.80
CA ALA F 65 -16.57 15.50 -45.20
C ALA F 65 -15.59 16.39 -44.42
N ALA F 66 -15.28 17.55 -44.97
CA ALA F 66 -14.37 18.49 -44.32
C ALA F 66 -14.99 19.03 -43.03
N ARG F 67 -16.25 19.46 -43.10
CA ARG F 67 -16.96 19.98 -41.94
C ARG F 67 -17.04 18.94 -40.82
N ALA F 68 -17.19 17.67 -41.20
CA ALA F 68 -17.27 16.58 -40.23
C ALA F 68 -15.94 16.43 -39.51
N ALA F 69 -14.85 16.47 -40.27
CA ALA F 69 -13.52 16.33 -39.68
C ALA F 69 -13.17 17.54 -38.80
N PHE F 70 -13.88 18.65 -38.98
CA PHE F 70 -13.63 19.87 -38.22
C PHE F 70 -14.51 20.01 -36.98
N GLN F 71 -15.43 19.07 -36.78
CA GLN F 71 -16.32 19.13 -35.61
C GLN F 71 -15.56 19.08 -34.29
N LEU F 72 -16.04 19.86 -33.33
CA LEU F 72 -15.45 19.91 -32.00
C LEU F 72 -15.43 18.48 -31.45
N GLY F 73 -14.28 18.06 -30.93
CA GLY F 73 -14.18 16.72 -30.36
C GLY F 73 -13.62 15.69 -31.33
N SER F 74 -13.49 16.06 -32.60
CA SER F 74 -12.98 15.16 -33.62
C SER F 74 -11.48 14.91 -33.42
N PRO F 75 -10.93 13.88 -34.07
CA PRO F 75 -9.50 13.58 -33.94
C PRO F 75 -8.60 14.73 -34.39
N TRP F 76 -9.01 15.44 -35.44
CA TRP F 76 -8.23 16.56 -35.97
C TRP F 76 -8.30 17.81 -35.08
N ARG F 77 -9.45 18.03 -34.44
CA ARG F 77 -9.60 19.19 -33.55
C ARG F 77 -8.92 18.97 -32.20
N ARG F 78 -8.96 17.75 -31.70
CA ARG F 78 -8.35 17.40 -30.42
C ARG F 78 -6.83 17.20 -30.49
N MET F 79 -6.35 16.77 -31.66
CA MET F 79 -4.93 16.51 -31.89
C MET F 79 -4.01 17.64 -31.45
N ASP F 80 -2.96 17.29 -30.71
CA ASP F 80 -1.99 18.29 -30.25
C ASP F 80 -1.43 19.05 -31.44
N ALA F 81 -1.21 20.35 -31.25
CA ALA F 81 -0.67 21.17 -32.33
C ALA F 81 0.69 20.62 -32.76
N SER F 82 1.47 20.13 -31.80
CA SER F 82 2.77 19.55 -32.11
C SER F 82 2.65 18.32 -33.03
N HIS F 83 1.59 17.54 -32.83
CA HIS F 83 1.39 16.36 -33.65
C HIS F 83 1.07 16.71 -35.10
N ARG F 84 0.37 17.84 -35.31
CA ARG F 84 0.06 18.29 -36.66
C ARG F 84 1.41 18.53 -37.35
N GLY F 85 2.36 19.06 -36.58
CA GLY F 85 3.69 19.30 -37.10
C GLY F 85 4.35 18.00 -37.49
N ARG F 86 4.17 16.98 -36.65
CA ARG F 86 4.73 15.65 -36.91
C ARG F 86 4.15 15.11 -38.22
N LEU F 87 2.84 15.25 -38.39
CA LEU F 87 2.19 14.77 -39.60
C LEU F 87 2.69 15.47 -40.86
N LEU F 88 2.91 16.79 -40.78
CA LEU F 88 3.42 17.54 -41.93
C LEU F 88 4.83 17.07 -42.29
N ASN F 89 5.65 16.81 -41.26
CA ASN F 89 7.00 16.31 -41.49
C ASN F 89 6.96 14.92 -42.09
N ARG F 90 5.98 14.12 -41.67
CA ARG F 90 5.81 12.76 -42.18
C ARG F 90 5.43 12.81 -43.67
N LEU F 91 4.53 13.75 -44.01
CA LEU F 91 4.11 13.91 -45.39
C LEU F 91 5.32 14.30 -46.25
N ALA F 92 6.18 15.16 -45.70
CA ALA F 92 7.38 15.60 -46.43
C ALA F 92 8.28 14.39 -46.70
N ASP F 93 8.51 13.57 -45.67
CA ASP F 93 9.36 12.40 -45.82
C ASP F 93 8.84 11.48 -46.91
N LEU F 94 7.51 11.32 -46.96
CA LEU F 94 6.89 10.47 -47.97
C LEU F 94 7.09 11.04 -49.37
N ILE F 95 6.94 12.35 -49.50
CA ILE F 95 7.14 13.03 -50.78
C ILE F 95 8.61 12.87 -51.21
N GLU F 96 9.53 12.95 -50.26
CA GLU F 96 10.95 12.79 -50.59
C GLU F 96 11.24 11.35 -50.99
N ARG F 97 10.56 10.39 -50.37
CA ARG F 97 10.75 8.98 -50.72
C ARG F 97 10.39 8.79 -52.20
N ASP F 98 9.29 9.39 -52.62
CA ASP F 98 8.81 9.26 -54.01
C ASP F 98 9.19 10.47 -54.88
N ARG F 99 10.29 11.13 -54.52
CA ARG F 99 10.75 12.32 -55.24
C ARG F 99 11.00 12.12 -56.73
N THR F 100 11.77 11.09 -57.08
CA THR F 100 12.08 10.80 -58.49
C THR F 100 10.81 10.58 -59.31
N TYR F 101 9.87 9.84 -58.74
CA TYR F 101 8.60 9.55 -59.40
C TYR F 101 7.80 10.84 -59.60
N LEU F 102 7.56 11.56 -58.51
CA LEU F 102 6.79 12.80 -58.55
C LEU F 102 7.35 13.83 -59.51
N ALA F 103 8.67 13.94 -59.59
CA ALA F 103 9.31 14.90 -60.49
C ALA F 103 9.04 14.51 -61.94
N ALA F 104 9.10 13.21 -62.24
CA ALA F 104 8.84 12.74 -63.59
C ALA F 104 7.37 12.95 -63.96
N LEU F 105 6.48 12.64 -63.02
CA LEU F 105 5.05 12.80 -63.26
C LEU F 105 4.70 14.28 -63.45
N GLU F 106 5.40 15.15 -62.71
CA GLU F 106 5.20 16.59 -62.81
C GLU F 106 5.53 17.06 -64.22
N THR F 107 6.68 16.62 -64.72
CA THR F 107 7.14 16.97 -66.07
C THR F 107 6.22 16.42 -67.16
N LEU F 108 5.76 15.18 -66.98
CA LEU F 108 4.88 14.54 -67.93
C LEU F 108 3.58 15.33 -68.11
N ASP F 109 3.00 15.75 -66.99
CA ASP F 109 1.73 16.47 -66.99
C ASP F 109 1.84 17.98 -67.27
N ASN F 110 2.91 18.61 -66.76
CA ASN F 110 3.13 20.05 -66.92
C ASN F 110 4.02 20.45 -68.10
N GLY F 111 5.08 19.69 -68.35
CA GLY F 111 5.99 19.99 -69.44
C GLY F 111 7.33 20.58 -69.06
N LYS F 112 7.48 21.04 -67.82
CA LYS F 112 8.74 21.63 -67.38
C LYS F 112 9.87 20.59 -67.35
N PRO F 113 11.13 21.02 -67.57
CA PRO F 113 12.26 20.09 -67.57
C PRO F 113 12.30 19.24 -66.29
N TYR F 114 12.53 17.94 -66.45
CA TYR F 114 12.60 17.02 -65.32
C TYR F 114 13.67 17.43 -64.30
N VAL F 115 14.79 17.92 -64.78
CA VAL F 115 15.88 18.35 -63.89
C VAL F 115 15.38 19.44 -62.94
N ILE F 116 14.54 20.34 -63.47
CA ILE F 116 13.98 21.42 -62.67
C ILE F 116 12.90 20.91 -61.72
N SER F 117 12.03 20.02 -62.20
CA SER F 117 10.98 19.45 -61.36
C SER F 117 11.62 18.80 -60.12
N TYR F 118 12.71 18.08 -60.37
CA TYR F 118 13.43 17.37 -59.31
C TYR F 118 14.20 18.25 -58.34
N LEU F 119 15.11 19.06 -58.89
CA LEU F 119 15.96 19.93 -58.08
C LEU F 119 15.29 21.19 -57.55
N VAL F 120 14.33 21.72 -58.30
CA VAL F 120 13.65 22.94 -57.89
C VAL F 120 12.28 22.71 -57.25
N ASP F 121 11.30 22.34 -58.06
CA ASP F 121 9.93 22.12 -57.57
C ASP F 121 9.80 21.24 -56.33
N LEU F 122 10.30 20.01 -56.42
CA LEU F 122 10.24 19.10 -55.28
C LEU F 122 11.02 19.56 -54.06
N ASP F 123 12.15 20.22 -54.30
CA ASP F 123 12.98 20.72 -53.20
C ASP F 123 12.20 21.78 -52.44
N MET F 124 11.55 22.66 -53.20
CA MET F 124 10.75 23.73 -52.61
C MET F 124 9.49 23.21 -51.92
N VAL F 125 8.96 22.09 -52.42
CA VAL F 125 7.77 21.50 -51.82
C VAL F 125 8.15 20.97 -50.43
N LEU F 126 9.26 20.24 -50.38
CA LEU F 126 9.76 19.65 -49.13
C LEU F 126 10.04 20.76 -48.11
N LYS F 127 10.71 21.82 -48.56
CA LYS F 127 11.05 22.93 -47.68
C LYS F 127 9.82 23.68 -47.16
N CYS F 128 8.81 23.84 -48.01
CA CYS F 128 7.59 24.52 -47.61
C CYS F 128 6.88 23.74 -46.50
N LEU F 129 6.69 22.44 -46.72
CA LEU F 129 6.03 21.59 -45.74
C LEU F 129 6.80 21.49 -44.41
N ARG F 130 8.12 21.32 -44.49
CA ARG F 130 8.93 21.24 -43.27
C ARG F 130 8.95 22.54 -42.51
N TYR F 131 8.90 23.66 -43.23
CA TYR F 131 8.87 24.98 -42.61
C TYR F 131 7.58 25.11 -41.80
N TYR F 132 6.45 24.86 -42.46
CA TYR F 132 5.15 24.99 -41.81
C TYR F 132 4.89 23.98 -40.70
N ALA F 133 5.52 22.82 -40.80
CA ALA F 133 5.39 21.80 -39.75
C ALA F 133 5.88 22.43 -38.44
N GLY F 134 6.93 23.24 -38.55
CA GLY F 134 7.49 23.90 -37.38
C GLY F 134 6.61 24.96 -36.76
N TRP F 135 5.72 25.56 -37.57
CA TRP F 135 4.80 26.60 -37.12
C TRP F 135 3.61 26.09 -36.33
N ALA F 136 3.24 24.83 -36.58
CA ALA F 136 2.09 24.17 -35.97
C ALA F 136 1.74 24.52 -34.53
N ASP F 137 2.74 24.51 -33.65
CA ASP F 137 2.52 24.80 -32.25
C ASP F 137 3.20 26.06 -31.78
N LYS F 138 3.33 27.04 -32.67
CA LYS F 138 4.01 28.29 -32.33
C LYS F 138 3.26 29.59 -32.67
N TYR F 139 2.08 29.48 -33.29
CA TYR F 139 1.30 30.67 -33.64
C TYR F 139 0.44 31.11 -32.46
N HIS F 140 1.09 31.65 -31.45
CA HIS F 140 0.47 32.09 -30.20
C HIS F 140 -0.61 33.17 -30.26
N GLY F 141 -1.61 33.03 -29.38
CA GLY F 141 -2.63 34.05 -29.24
C GLY F 141 -2.02 35.03 -28.25
N LYS F 142 -2.81 35.89 -27.63
CA LYS F 142 -2.26 36.88 -26.70
C LYS F 142 -3.04 37.06 -25.40
N THR F 143 -2.35 37.52 -24.35
CA THR F 143 -2.97 37.83 -23.08
C THR F 143 -2.85 39.35 -23.09
N ILE F 144 -3.98 40.03 -22.95
CA ILE F 144 -4.04 41.49 -23.07
C ILE F 144 -4.34 42.28 -21.79
N PRO F 145 -3.53 43.32 -21.51
CA PRO F 145 -3.68 44.20 -20.33
C PRO F 145 -4.78 45.23 -20.52
N ILE F 146 -6.02 44.73 -20.62
CA ILE F 146 -7.20 45.57 -20.81
C ILE F 146 -7.57 46.36 -19.54
N ASP F 147 -8.26 47.48 -19.71
CA ASP F 147 -8.71 48.33 -18.60
C ASP F 147 -9.74 47.57 -17.75
N GLY F 148 -9.81 47.92 -16.47
CA GLY F 148 -10.77 47.30 -15.57
C GLY F 148 -10.39 45.94 -15.01
N ASP F 149 -11.27 45.41 -14.17
CA ASP F 149 -11.06 44.13 -13.52
C ASP F 149 -11.43 42.96 -14.41
N PHE F 150 -10.60 42.75 -15.43
CA PHE F 150 -10.83 41.68 -16.39
C PHE F 150 -9.54 41.02 -16.81
N PHE F 151 -9.66 39.77 -17.22
CA PHE F 151 -8.55 38.99 -17.74
C PHE F 151 -8.97 38.82 -19.20
N SER F 152 -8.26 39.49 -20.11
CA SER F 152 -8.59 39.37 -21.52
C SER F 152 -7.49 38.69 -22.31
N TYR F 153 -7.88 37.79 -23.22
CA TYR F 153 -6.93 37.07 -24.05
C TYR F 153 -7.54 36.63 -25.37
N THR F 154 -6.72 36.16 -26.29
CA THR F 154 -7.20 35.70 -27.58
C THR F 154 -6.76 34.29 -27.94
N ARG F 155 -7.67 33.56 -28.57
CA ARG F 155 -7.40 32.21 -29.03
C ARG F 155 -7.23 32.33 -30.54
N HIS F 156 -6.20 31.70 -31.08
CA HIS F 156 -5.99 31.70 -32.51
C HIS F 156 -6.57 30.38 -33.02
N GLU F 157 -7.86 30.42 -33.31
CA GLU F 157 -8.60 29.26 -33.79
C GLU F 157 -8.48 29.10 -35.30
N PRO F 158 -8.67 27.89 -35.82
CA PRO F 158 -8.57 27.69 -37.27
C PRO F 158 -9.76 28.39 -37.91
N VAL F 159 -9.57 28.93 -39.11
CA VAL F 159 -10.67 29.59 -39.80
C VAL F 159 -11.78 28.56 -40.14
N GLY F 160 -11.38 27.30 -40.37
CA GLY F 160 -12.35 26.26 -40.65
C GLY F 160 -12.19 25.49 -41.94
N VAL F 161 -13.27 25.37 -42.70
CA VAL F 161 -13.25 24.67 -43.98
C VAL F 161 -12.66 25.61 -45.03
N CYS F 162 -11.50 25.24 -45.57
CA CYS F 162 -10.83 26.07 -46.55
C CYS F 162 -10.83 25.56 -47.97
N GLY F 163 -11.41 26.36 -48.86
CA GLY F 163 -11.44 26.02 -50.26
C GLY F 163 -10.15 26.56 -50.82
N GLN F 164 -9.40 25.72 -51.52
CA GLN F 164 -8.13 26.15 -52.10
C GLN F 164 -8.13 25.77 -53.57
N ILE F 165 -8.08 26.79 -54.42
CA ILE F 165 -8.09 26.62 -55.87
C ILE F 165 -6.73 27.04 -56.38
N ILE F 166 -6.06 26.13 -57.09
CA ILE F 166 -4.72 26.41 -57.60
C ILE F 166 -4.55 26.26 -59.10
N PRO F 167 -3.51 26.89 -59.66
CA PRO F 167 -3.18 26.85 -61.09
C PRO F 167 -2.31 25.65 -61.50
N TRP F 168 -1.90 25.67 -62.76
CA TRP F 168 -1.11 24.61 -63.37
C TRP F 168 0.40 24.82 -63.55
N ASN F 169 0.90 26.05 -63.37
CA ASN F 169 2.31 26.33 -63.57
C ASN F 169 3.30 25.66 -62.61
N PHE F 170 2.88 25.47 -61.36
CA PHE F 170 3.69 24.79 -60.33
C PHE F 170 2.70 23.93 -59.54
N PRO F 171 2.22 22.82 -60.14
CA PRO F 171 1.26 21.90 -59.52
C PRO F 171 1.55 21.48 -58.08
N LEU F 172 2.68 20.80 -57.88
CA LEU F 172 3.07 20.33 -56.55
C LEU F 172 3.38 21.46 -55.58
N LEU F 173 4.14 22.45 -56.05
CA LEU F 173 4.51 23.57 -55.18
C LEU F 173 3.29 24.37 -54.74
N MET F 174 2.36 24.64 -55.66
CA MET F 174 1.15 25.39 -55.32
C MET F 174 0.35 24.62 -54.27
N GLN F 175 0.26 23.30 -54.43
CA GLN F 175 -0.45 22.45 -53.49
C GLN F 175 0.19 22.58 -52.11
N ALA F 176 1.52 22.58 -52.08
CA ALA F 176 2.27 22.70 -50.83
C ALA F 176 2.09 24.06 -50.14
N TRP F 177 2.13 25.13 -50.92
CA TRP F 177 1.97 26.48 -50.38
C TRP F 177 0.61 26.66 -49.71
N LYS F 178 -0.38 25.90 -50.19
CA LYS F 178 -1.74 25.94 -49.66
C LYS F 178 -1.90 25.02 -48.44
N LEU F 179 -1.47 23.77 -48.58
CA LEU F 179 -1.62 22.79 -47.50
C LEU F 179 -0.79 23.08 -46.26
N GLY F 180 0.46 23.49 -46.47
CA GLY F 180 1.35 23.78 -45.36
C GLY F 180 0.76 24.66 -44.26
N PRO F 181 0.42 25.92 -44.56
CA PRO F 181 -0.16 26.84 -43.55
C PRO F 181 -1.53 26.42 -43.04
N ALA F 182 -2.38 25.89 -43.93
CA ALA F 182 -3.73 25.47 -43.54
C ALA F 182 -3.71 24.35 -42.52
N LEU F 183 -2.95 23.31 -42.79
CA LEU F 183 -2.85 22.17 -41.88
C LEU F 183 -2.05 22.50 -40.62
N ALA F 184 -1.04 23.34 -40.76
CA ALA F 184 -0.23 23.73 -39.61
C ALA F 184 -1.10 24.40 -38.57
N THR F 185 -2.12 25.12 -39.02
CA THR F 185 -3.04 25.82 -38.13
C THR F 185 -4.32 25.06 -37.77
N GLY F 186 -4.40 23.78 -38.15
CA GLY F 186 -5.57 22.98 -37.83
C GLY F 186 -6.84 23.10 -38.65
N ASN F 187 -6.74 23.64 -39.87
CA ASN F 187 -7.90 23.78 -40.74
C ASN F 187 -8.14 22.50 -41.52
N VAL F 188 -9.26 22.48 -42.26
CA VAL F 188 -9.59 21.36 -43.13
C VAL F 188 -9.63 21.91 -44.54
N VAL F 189 -9.39 21.07 -45.53
CA VAL F 189 -9.31 21.54 -46.91
C VAL F 189 -10.11 20.82 -47.98
N VAL F 190 -10.57 21.60 -48.95
CA VAL F 190 -11.28 21.11 -50.13
C VAL F 190 -10.48 21.82 -51.22
N MET F 191 -9.57 21.06 -51.84
CA MET F 191 -8.70 21.62 -52.88
C MET F 191 -9.13 21.28 -54.29
N LYS F 192 -9.14 22.30 -55.15
CA LYS F 192 -9.51 22.11 -56.54
C LYS F 192 -8.25 22.35 -57.36
N VAL F 193 -7.69 21.26 -57.88
CA VAL F 193 -6.47 21.33 -58.68
C VAL F 193 -6.79 21.71 -60.12
N ALA F 194 -5.79 22.24 -60.83
CA ALA F 194 -5.96 22.67 -62.21
C ALA F 194 -6.28 21.50 -63.12
N GLU F 195 -7.22 21.72 -64.03
CA GLU F 195 -7.65 20.68 -64.95
C GLU F 195 -6.52 20.23 -65.87
N GLN F 196 -5.58 21.14 -66.14
CA GLN F 196 -4.43 20.86 -67.00
C GLN F 196 -3.38 19.99 -66.32
N THR F 197 -3.29 20.07 -64.99
CA THR F 197 -2.30 19.31 -64.23
C THR F 197 -2.84 18.77 -62.91
N PRO F 198 -3.69 17.74 -62.98
CA PRO F 198 -4.26 17.17 -61.76
C PRO F 198 -3.51 15.98 -61.16
N LEU F 199 -2.74 15.28 -61.98
CA LEU F 199 -2.05 14.07 -61.54
C LEU F 199 -1.14 14.08 -60.30
N THR F 200 -0.14 14.96 -60.23
CA THR F 200 0.74 14.95 -59.06
C THR F 200 0.04 15.27 -57.75
N ALA F 201 -0.91 16.21 -57.77
CA ALA F 201 -1.65 16.59 -56.57
C ALA F 201 -2.46 15.39 -56.06
N LEU F 202 -3.00 14.60 -56.98
CA LEU F 202 -3.78 13.43 -56.62
C LEU F 202 -2.91 12.35 -56.00
N TYR F 203 -1.71 12.17 -56.52
CA TYR F 203 -0.80 11.16 -55.96
C TYR F 203 -0.43 11.55 -54.53
N VAL F 204 -0.23 12.85 -54.31
CA VAL F 204 0.12 13.37 -52.97
C VAL F 204 -1.00 13.10 -51.98
N ALA F 205 -2.24 13.04 -52.48
CA ALA F 205 -3.39 12.76 -51.64
C ALA F 205 -3.20 11.38 -51.03
N ASN F 206 -2.66 10.46 -51.82
CA ASN F 206 -2.39 9.11 -51.36
C ASN F 206 -1.37 9.16 -50.22
N LEU F 207 -0.39 10.05 -50.35
CA LEU F 207 0.65 10.20 -49.33
C LEU F 207 0.09 10.84 -48.07
N ILE F 208 -0.92 11.70 -48.24
CA ILE F 208 -1.57 12.38 -47.12
C ILE F 208 -2.26 11.31 -46.27
N LYS F 209 -2.88 10.35 -46.93
CA LYS F 209 -3.55 9.25 -46.25
C LYS F 209 -2.51 8.39 -45.54
N GLU F 210 -1.45 8.06 -46.26
CA GLU F 210 -0.36 7.24 -45.72
C GLU F 210 0.31 7.90 -44.50
N ALA F 211 0.43 9.23 -44.55
CA ALA F 211 1.04 9.99 -43.46
C ALA F 211 0.23 9.87 -42.18
N GLY F 212 -1.06 9.61 -42.30
CA GLY F 212 -1.90 9.46 -41.11
C GLY F 212 -2.87 10.59 -40.82
N PHE F 213 -3.09 11.48 -41.79
CA PHE F 213 -4.04 12.57 -41.58
C PHE F 213 -5.44 12.00 -41.49
N PRO F 214 -6.23 12.44 -40.50
CA PRO F 214 -7.61 11.96 -40.32
C PRO F 214 -8.43 12.15 -41.60
N PRO F 215 -9.37 11.23 -41.87
CA PRO F 215 -10.23 11.32 -43.06
C PRO F 215 -10.96 12.66 -43.12
N GLY F 216 -10.98 13.29 -44.30
CA GLY F 216 -11.66 14.56 -44.45
C GLY F 216 -10.86 15.82 -44.17
N VAL F 217 -9.64 15.68 -43.63
CA VAL F 217 -8.81 16.84 -43.35
C VAL F 217 -8.38 17.46 -44.68
N VAL F 218 -8.07 16.61 -45.66
CA VAL F 218 -7.69 17.08 -46.98
C VAL F 218 -8.51 16.33 -48.04
N ASN F 219 -9.31 17.08 -48.78
CA ASN F 219 -10.14 16.51 -49.84
C ASN F 219 -9.74 17.21 -51.12
N ILE F 220 -9.53 16.45 -52.18
CA ILE F 220 -9.14 17.03 -53.45
C ILE F 220 -10.13 16.69 -54.55
N VAL F 221 -10.64 17.72 -55.22
CA VAL F 221 -11.59 17.54 -56.29
C VAL F 221 -11.05 18.02 -57.63
N PRO F 222 -10.63 17.08 -58.49
CA PRO F 222 -10.12 17.48 -59.81
C PRO F 222 -11.32 17.83 -60.69
N GLY F 223 -11.13 18.76 -61.62
CA GLY F 223 -12.22 19.17 -62.49
C GLY F 223 -11.97 20.57 -63.02
N PHE F 224 -12.97 21.14 -63.70
CA PHE F 224 -12.84 22.48 -64.26
C PHE F 224 -13.19 23.61 -63.29
N GLY F 225 -12.91 24.84 -63.74
CA GLY F 225 -13.13 26.02 -62.92
C GLY F 225 -14.55 26.51 -62.68
N PRO F 226 -15.31 26.84 -63.74
CA PRO F 226 -16.68 27.34 -63.63
C PRO F 226 -17.62 26.34 -62.95
N THR F 227 -17.17 25.08 -62.88
CA THR F 227 -17.94 24.01 -62.25
C THR F 227 -17.46 23.75 -60.81
N ALA F 228 -16.41 22.94 -60.66
CA ALA F 228 -15.89 22.62 -59.32
C ALA F 228 -15.36 23.82 -58.54
N GLY F 229 -14.60 24.67 -59.21
CA GLY F 229 -14.04 25.84 -58.56
C GLY F 229 -15.09 26.82 -58.06
N ALA F 230 -16.05 27.14 -58.93
CA ALA F 230 -17.13 28.06 -58.60
C ALA F 230 -17.98 27.50 -57.46
N ALA F 231 -18.18 26.19 -57.47
CA ALA F 231 -18.96 25.52 -56.44
C ALA F 231 -18.33 25.75 -55.06
N ILE F 232 -17.00 25.76 -55.02
CA ILE F 232 -16.28 25.99 -53.77
C ILE F 232 -16.37 27.46 -53.34
N ALA F 233 -16.17 28.36 -54.28
CA ALA F 233 -16.22 29.80 -53.99
C ALA F 233 -17.59 30.28 -53.51
N SER F 234 -18.65 29.66 -54.02
CA SER F 234 -20.03 30.02 -53.66
C SER F 234 -20.63 29.17 -52.56
N HIS F 235 -19.89 28.19 -52.06
CA HIS F 235 -20.44 27.30 -51.04
C HIS F 235 -20.82 28.00 -49.73
N GLU F 236 -22.01 27.67 -49.23
CA GLU F 236 -22.51 28.27 -48.00
C GLU F 236 -21.80 27.75 -46.74
N ASP F 237 -21.07 26.65 -46.86
CA ASP F 237 -20.39 26.11 -45.69
C ASP F 237 -18.86 26.11 -45.75
N VAL F 238 -18.30 26.84 -46.71
CA VAL F 238 -16.85 26.98 -46.82
C VAL F 238 -16.55 28.31 -46.12
N ASP F 239 -15.67 28.28 -45.13
CA ASP F 239 -15.36 29.48 -44.35
C ASP F 239 -14.34 30.43 -44.96
N LYS F 240 -13.42 29.88 -45.74
CA LYS F 240 -12.36 30.68 -46.32
C LYS F 240 -11.91 30.12 -47.66
N VAL F 241 -11.61 31.01 -48.59
CA VAL F 241 -11.14 30.58 -49.90
C VAL F 241 -9.80 31.22 -50.26
N ALA F 242 -8.86 30.37 -50.69
CA ALA F 242 -7.54 30.84 -51.12
C ALA F 242 -7.44 30.50 -52.61
N PHE F 243 -7.13 31.51 -53.43
CA PHE F 243 -7.03 31.32 -54.87
C PHE F 243 -5.75 31.85 -55.48
N THR F 244 -5.21 31.10 -56.44
CA THR F 244 -4.03 31.49 -57.19
C THR F 244 -4.35 31.26 -58.66
N GLY F 245 -4.24 32.33 -59.44
CA GLY F 245 -4.51 32.25 -60.86
C GLY F 245 -4.63 33.61 -61.49
N SER F 246 -5.47 33.72 -62.52
CA SER F 246 -5.67 34.98 -63.22
C SER F 246 -6.39 36.02 -62.38
N THR F 247 -6.12 37.29 -62.70
CA THR F 247 -6.74 38.41 -62.00
C THR F 247 -8.25 38.38 -62.23
N GLU F 248 -8.66 38.05 -63.45
CA GLU F 248 -10.08 37.99 -63.77
C GLU F 248 -10.85 36.98 -62.93
N ILE F 249 -10.32 35.77 -62.78
CA ILE F 249 -10.99 34.77 -61.97
C ILE F 249 -10.88 35.18 -60.49
N GLY F 250 -9.86 35.97 -60.17
CA GLY F 250 -9.72 36.45 -58.81
C GLY F 250 -10.93 37.34 -58.49
N ARG F 251 -11.36 38.13 -59.48
CA ARG F 251 -12.51 39.01 -59.30
C ARG F 251 -13.76 38.16 -59.13
N VAL F 252 -13.90 37.13 -59.96
CA VAL F 252 -15.03 36.22 -59.89
C VAL F 252 -15.10 35.55 -58.50
N ILE F 253 -13.95 35.19 -57.95
CA ILE F 253 -13.90 34.54 -56.63
C ILE F 253 -14.37 35.49 -55.52
N GLN F 254 -13.83 36.70 -55.49
CA GLN F 254 -14.21 37.68 -54.47
C GLN F 254 -15.70 38.03 -54.56
N VAL F 255 -16.24 38.06 -55.78
CA VAL F 255 -17.65 38.35 -55.96
C VAL F 255 -18.48 37.21 -55.42
N ALA F 256 -18.07 35.97 -55.72
CA ALA F 256 -18.76 34.78 -55.26
C ALA F 256 -18.82 34.71 -53.75
N ALA F 257 -17.71 35.09 -53.11
CA ALA F 257 -17.62 35.09 -51.65
C ALA F 257 -18.59 36.10 -51.04
N GLY F 258 -18.60 37.31 -51.60
CA GLY F 258 -19.50 38.33 -51.12
C GLY F 258 -20.94 37.99 -51.39
N SER F 259 -21.20 37.34 -52.52
CA SER F 259 -22.55 36.94 -52.92
C SER F 259 -23.10 35.74 -52.15
N SER F 260 -22.22 35.00 -51.49
CA SER F 260 -22.64 33.82 -50.74
C SER F 260 -22.69 34.00 -49.22
N ASN F 261 -21.68 33.47 -48.51
CA ASN F 261 -21.64 33.52 -47.05
C ASN F 261 -20.59 34.43 -46.42
N LEU F 262 -20.00 35.32 -47.21
CA LEU F 262 -18.97 36.23 -46.71
C LEU F 262 -17.71 35.51 -46.25
N LYS F 263 -17.41 34.41 -46.92
CA LYS F 263 -16.21 33.64 -46.61
C LYS F 263 -14.99 34.53 -46.84
N ARG F 264 -13.97 34.34 -46.00
CA ARG F 264 -12.74 35.11 -46.08
C ARG F 264 -11.97 34.78 -47.37
N VAL F 265 -11.37 35.80 -47.96
CA VAL F 265 -10.65 35.64 -49.22
C VAL F 265 -9.22 36.17 -49.26
N THR F 266 -8.34 35.42 -49.91
CA THR F 266 -6.94 35.82 -50.16
C THR F 266 -6.67 35.40 -51.59
N LEU F 267 -5.96 36.26 -52.33
CA LEU F 267 -5.71 36.00 -53.73
C LEU F 267 -4.26 36.21 -54.13
N GLU F 268 -3.76 35.31 -54.98
CA GLU F 268 -2.39 35.38 -55.49
C GLU F 268 -2.61 35.38 -56.99
N LEU F 269 -2.50 36.54 -57.61
CA LEU F 269 -2.75 36.66 -59.04
C LEU F 269 -1.48 36.88 -59.84
N GLY F 270 -1.61 37.30 -61.09
CA GLY F 270 -0.44 37.51 -61.93
C GLY F 270 0.20 38.89 -61.83
N GLY F 271 0.96 39.24 -62.87
CA GLY F 271 1.62 40.53 -62.89
C GLY F 271 2.37 40.86 -64.17
N LYS F 272 3.10 41.97 -64.13
CA LYS F 272 3.91 42.44 -65.25
C LYS F 272 5.09 43.08 -64.54
N SER F 273 5.81 42.25 -63.79
CA SER F 273 6.95 42.63 -62.97
C SER F 273 8.13 43.30 -63.66
N PRO F 274 8.51 44.49 -63.18
CA PRO F 274 9.63 45.25 -63.73
C PRO F 274 10.98 44.83 -63.15
N ASN F 275 11.94 44.55 -64.04
CA ASN F 275 13.29 44.18 -63.65
C ASN F 275 14.17 45.35 -64.09
N ILE F 276 14.61 46.14 -63.13
CA ILE F 276 15.40 47.34 -63.38
C ILE F 276 16.91 47.14 -63.33
N ILE F 277 17.57 47.41 -64.45
CA ILE F 277 19.03 47.27 -64.54
C ILE F 277 19.69 48.64 -64.60
N MET F 278 20.31 49.07 -63.50
CA MET F 278 21.00 50.36 -63.45
C MET F 278 22.33 50.24 -64.20
N SER F 279 22.90 51.38 -64.61
CA SER F 279 24.15 51.37 -65.37
C SER F 279 25.37 50.80 -64.64
N ASP F 280 25.34 50.83 -63.31
CA ASP F 280 26.46 50.33 -62.51
C ASP F 280 26.30 48.87 -62.10
N ALA F 281 25.32 48.19 -62.67
CA ALA F 281 25.09 46.78 -62.35
C ALA F 281 26.18 45.89 -62.95
N ASP F 282 26.27 44.67 -62.44
CA ASP F 282 27.22 43.69 -62.94
C ASP F 282 26.57 43.18 -64.23
N MET F 283 27.15 43.54 -65.36
CA MET F 283 26.62 43.15 -66.67
C MET F 283 26.33 41.67 -66.84
N ASP F 284 27.36 40.83 -66.70
CA ASP F 284 27.19 39.38 -66.84
C ASP F 284 26.10 38.83 -65.94
N TRP F 285 26.12 39.22 -64.67
CA TRP F 285 25.13 38.76 -63.70
C TRP F 285 23.72 39.27 -64.03
N ALA F 286 23.61 40.55 -64.36
CA ALA F 286 22.33 41.16 -64.71
C ALA F 286 21.70 40.53 -65.94
N VAL F 287 22.53 40.19 -66.93
CA VAL F 287 22.06 39.56 -68.16
C VAL F 287 21.54 38.14 -67.91
N GLU F 288 22.31 37.36 -67.16
CA GLU F 288 21.91 35.99 -66.86
C GLU F 288 20.68 35.94 -65.96
N GLN F 289 20.60 36.87 -65.01
CA GLN F 289 19.47 36.91 -64.10
C GLN F 289 18.21 37.46 -64.79
N ALA F 290 18.39 38.35 -65.75
CA ALA F 290 17.25 38.91 -66.49
C ALA F 290 16.67 37.82 -67.37
N HIS F 291 17.53 36.98 -67.91
CA HIS F 291 17.11 35.87 -68.76
C HIS F 291 16.30 34.88 -67.94
N PHE F 292 16.83 34.53 -66.77
CA PHE F 292 16.18 33.61 -65.85
C PHE F 292 14.85 34.19 -65.37
N ALA F 293 14.88 35.47 -65.00
CA ALA F 293 13.70 36.18 -64.50
C ALA F 293 12.50 36.08 -65.44
N LEU F 294 12.76 36.12 -66.74
CA LEU F 294 11.70 36.04 -67.72
C LEU F 294 11.37 34.64 -68.21
N PHE F 295 12.40 33.93 -68.65
CA PHE F 295 12.25 32.58 -69.23
C PHE F 295 12.03 31.38 -68.32
N PHE F 296 12.21 31.55 -67.02
CA PHE F 296 12.02 30.43 -66.10
C PHE F 296 10.64 29.81 -66.19
N ASN F 297 10.59 28.48 -66.18
CA ASN F 297 9.34 27.72 -66.26
C ASN F 297 8.55 28.05 -67.53
N GLN F 298 9.24 28.17 -68.66
CA GLN F 298 8.62 28.49 -69.94
C GLN F 298 7.92 29.84 -69.87
N GLY F 299 8.42 30.71 -69.00
CA GLY F 299 7.84 32.03 -68.82
C GLY F 299 6.51 32.00 -68.10
N GLN F 300 6.14 30.81 -67.64
CA GLN F 300 4.87 30.60 -66.94
C GLN F 300 5.03 30.81 -65.43
N CYS F 301 5.41 32.05 -65.06
N CYS F 301 5.42 32.04 -65.06
CA CYS F 301 5.61 32.39 -63.67
CA CYS F 301 5.61 32.38 -63.66
C CYS F 301 4.88 33.70 -63.38
C CYS F 301 4.88 33.70 -63.38
N CYS F 302 4.11 33.69 -62.31
CA CYS F 302 3.34 34.86 -61.88
C CYS F 302 4.16 36.14 -61.73
N CYS F 303 5.38 35.98 -61.21
CA CYS F 303 6.28 37.11 -60.98
C CYS F 303 7.37 37.25 -62.04
N ALA F 304 7.14 36.71 -63.23
CA ALA F 304 8.12 36.81 -64.32
C ALA F 304 8.53 38.26 -64.57
N GLY F 305 9.83 38.49 -64.73
CA GLY F 305 10.32 39.84 -64.99
C GLY F 305 10.06 40.16 -66.44
N SER F 306 8.81 40.48 -66.75
CA SER F 306 8.36 40.76 -68.10
C SER F 306 8.55 42.19 -68.61
N ARG F 307 9.11 43.05 -67.77
CA ARG F 307 9.42 44.42 -68.16
C ARG F 307 10.86 44.68 -67.71
N THR F 308 11.80 44.40 -68.61
CA THR F 308 13.22 44.59 -68.33
C THR F 308 13.65 46.02 -68.67
N PHE F 309 13.70 46.88 -67.66
CA PHE F 309 14.11 48.26 -67.85
C PHE F 309 15.63 48.32 -67.77
N VAL F 310 16.27 48.87 -68.80
CA VAL F 310 17.73 48.97 -68.86
C VAL F 310 18.18 50.41 -69.11
N GLN F 311 19.04 50.94 -68.23
CA GLN F 311 19.55 52.30 -68.36
C GLN F 311 20.23 52.44 -69.73
N GLU F 312 19.96 53.56 -70.40
CA GLU F 312 20.50 53.78 -71.75
C GLU F 312 21.98 53.56 -72.03
N ASP F 313 22.85 53.93 -71.09
CA ASP F 313 24.28 53.77 -71.29
C ASP F 313 24.73 52.33 -71.52
N ILE F 314 23.97 51.39 -70.97
CA ILE F 314 24.29 49.97 -71.12
C ILE F 314 23.26 49.20 -71.95
N TYR F 315 22.26 49.91 -72.47
CA TYR F 315 21.20 49.29 -73.27
C TYR F 315 21.66 48.40 -74.40
N ASP F 316 22.43 48.97 -75.33
CA ASP F 316 22.94 48.23 -76.49
C ASP F 316 23.65 46.94 -76.16
N GLU F 317 24.58 47.00 -75.21
CA GLU F 317 25.36 45.82 -74.80
C GLU F 317 24.45 44.78 -74.16
N PHE F 318 23.63 45.22 -73.21
CA PHE F 318 22.70 44.33 -72.51
C PHE F 318 21.79 43.58 -73.48
N VAL F 319 21.25 44.32 -74.45
CA VAL F 319 20.36 43.71 -75.44
C VAL F 319 21.09 42.67 -76.28
N GLU F 320 22.29 43.02 -76.74
CA GLU F 320 23.10 42.14 -77.56
C GLU F 320 23.38 40.80 -76.84
N ARG F 321 23.69 40.89 -75.56
CA ARG F 321 23.97 39.71 -74.74
C ARG F 321 22.71 38.92 -74.42
N SER F 322 21.59 39.63 -74.27
CA SER F 322 20.32 39.00 -73.96
C SER F 322 19.83 38.18 -75.16
N VAL F 323 19.97 38.76 -76.36
CA VAL F 323 19.56 38.09 -77.60
C VAL F 323 20.40 36.83 -77.80
N ALA F 324 21.69 36.94 -77.52
CA ALA F 324 22.60 35.81 -77.67
C ALA F 324 22.18 34.68 -76.72
N ARG F 325 21.92 35.04 -75.46
CA ARG F 325 21.51 34.08 -74.45
C ARG F 325 20.17 33.41 -74.81
N ALA F 326 19.26 34.18 -75.41
CA ALA F 326 17.96 33.65 -75.82
C ALA F 326 18.11 32.69 -76.99
N LYS F 327 19.00 33.02 -77.92
CA LYS F 327 19.25 32.18 -79.09
C LYS F 327 19.94 30.86 -78.75
N SER F 328 20.68 30.83 -77.63
CA SER F 328 21.37 29.61 -77.21
C SER F 328 20.52 28.73 -76.30
N ARG F 329 19.39 29.27 -75.82
CA ARG F 329 18.50 28.52 -74.94
C ARG F 329 17.99 27.26 -75.64
N VAL F 330 18.28 26.10 -75.04
CA VAL F 330 17.87 24.82 -75.63
C VAL F 330 16.42 24.47 -75.34
N VAL F 331 15.66 24.28 -76.40
CA VAL F 331 14.25 23.92 -76.31
C VAL F 331 14.11 22.49 -76.80
N GLY F 332 13.43 21.65 -76.03
CA GLY F 332 13.24 20.26 -76.43
C GLY F 332 12.53 19.40 -75.42
N ASN F 333 12.64 18.08 -75.61
CA ASN F 333 12.05 17.08 -74.73
C ASN F 333 12.49 17.38 -73.29
N PRO F 334 11.54 17.73 -72.41
CA PRO F 334 11.81 18.04 -71.01
C PRO F 334 12.52 16.95 -70.21
N PHE F 335 12.53 15.73 -70.74
CA PHE F 335 13.20 14.61 -70.08
C PHE F 335 14.68 14.50 -70.43
N ASP F 336 15.11 15.25 -71.45
CA ASP F 336 16.50 15.28 -71.89
C ASP F 336 17.22 16.29 -70.99
N SER F 337 18.32 15.86 -70.38
CA SER F 337 19.09 16.72 -69.48
C SER F 337 19.60 18.03 -70.09
N LYS F 338 19.73 18.06 -71.41
CA LYS F 338 20.22 19.26 -72.10
C LYS F 338 19.13 20.32 -72.27
N THR F 339 17.87 19.90 -72.15
CA THR F 339 16.74 20.80 -72.30
C THR F 339 16.59 21.85 -71.20
N GLU F 340 16.56 23.11 -71.62
CA GLU F 340 16.40 24.23 -70.70
C GLU F 340 14.93 24.67 -70.71
N GLN F 341 14.26 24.47 -71.84
CA GLN F 341 12.87 24.89 -72.00
C GLN F 341 11.99 23.84 -72.65
N GLY F 342 10.95 23.43 -71.93
CA GLY F 342 10.01 22.45 -72.47
C GLY F 342 8.87 23.15 -73.19
N PRO F 343 7.74 22.47 -73.38
CA PRO F 343 6.60 23.09 -74.07
C PRO F 343 5.76 23.93 -73.12
N GLN F 344 4.82 24.69 -73.68
CA GLN F 344 3.91 25.48 -72.88
C GLN F 344 2.93 24.46 -72.32
N VAL F 345 2.14 24.83 -71.31
CA VAL F 345 1.22 23.88 -70.68
C VAL F 345 0.13 23.25 -71.57
N ASP F 346 -0.44 24.02 -72.49
CA ASP F 346 -1.48 23.49 -73.35
C ASP F 346 -1.68 24.30 -74.63
N GLU F 347 -2.62 23.88 -75.47
CA GLU F 347 -2.89 24.57 -76.71
C GLU F 347 -3.43 25.98 -76.49
N THR F 348 -4.28 26.14 -75.48
CA THR F 348 -4.86 27.44 -75.18
C THR F 348 -3.76 28.46 -74.89
N GLN F 349 -2.81 28.09 -74.02
CA GLN F 349 -1.70 28.98 -73.68
C GLN F 349 -0.82 29.21 -74.89
N PHE F 350 -0.55 28.13 -75.62
CA PHE F 350 0.26 28.14 -76.82
C PHE F 350 -0.25 29.20 -77.81
N LYS F 351 -1.55 29.14 -78.09
CA LYS F 351 -2.19 30.08 -79.01
C LYS F 351 -2.21 31.51 -78.47
N LYS F 352 -2.44 31.63 -77.17
CA LYS F 352 -2.47 32.94 -76.55
C LYS F 352 -1.11 33.65 -76.68
N ILE F 353 -0.04 32.89 -76.50
CA ILE F 353 1.31 33.44 -76.61
C ILE F 353 1.59 33.88 -78.06
N LEU F 354 1.19 33.04 -79.02
CA LEU F 354 1.36 33.37 -80.44
C LEU F 354 0.60 34.65 -80.75
N GLY F 355 -0.55 34.83 -80.09
CA GLY F 355 -1.34 36.02 -80.28
C GLY F 355 -0.58 37.26 -79.82
N TYR F 356 0.03 37.17 -78.63
CA TYR F 356 0.79 38.28 -78.08
C TYR F 356 2.03 38.62 -78.91
N ILE F 357 2.71 37.59 -79.42
CA ILE F 357 3.89 37.81 -80.24
C ILE F 357 3.49 38.62 -81.48
N ASN F 358 2.41 38.20 -82.15
CA ASN F 358 1.95 38.92 -83.32
C ASN F 358 1.56 40.34 -82.94
N THR F 359 0.97 40.48 -81.75
CA THR F 359 0.56 41.80 -81.23
C THR F 359 1.80 42.69 -81.11
N GLY F 360 2.85 42.15 -80.52
CA GLY F 360 4.09 42.89 -80.36
C GLY F 360 4.62 43.37 -81.70
N LYS F 361 4.59 42.50 -82.70
CA LYS F 361 5.06 42.83 -84.04
C LYS F 361 4.24 43.96 -84.66
N GLN F 362 2.92 43.87 -84.52
CA GLN F 362 2.02 44.89 -85.07
C GLN F 362 2.14 46.23 -84.35
N GLU F 363 2.57 46.19 -83.10
CA GLU F 363 2.73 47.39 -82.28
C GLU F 363 4.00 48.18 -82.53
N GLY F 364 4.95 47.60 -83.27
CA GLY F 364 6.19 48.31 -83.53
C GLY F 364 7.34 47.90 -82.65
N ALA F 365 7.13 46.90 -81.79
CA ALA F 365 8.20 46.40 -80.94
C ALA F 365 9.16 45.69 -81.89
N LYS F 366 10.45 45.87 -81.66
CA LYS F 366 11.47 45.28 -82.50
C LYS F 366 11.73 43.81 -82.16
N LEU F 367 11.35 42.91 -83.07
CA LEU F 367 11.57 41.47 -82.88
C LEU F 367 13.06 41.20 -83.10
N LEU F 368 13.74 40.79 -82.03
CA LEU F 368 15.18 40.53 -82.12
C LEU F 368 15.55 39.06 -82.38
N CYS F 369 14.72 38.15 -81.89
CA CYS F 369 14.97 36.73 -82.10
C CYS F 369 13.72 35.91 -81.82
N GLY F 370 13.69 34.69 -82.35
CA GLY F 370 12.55 33.81 -82.17
C GLY F 370 11.26 34.36 -82.77
N GLY F 371 10.18 34.31 -81.99
CA GLY F 371 8.90 34.81 -82.46
C GLY F 371 7.99 33.81 -83.14
N GLY F 372 8.38 32.53 -83.12
CA GLY F 372 7.56 31.52 -83.76
C GLY F 372 7.49 30.20 -83.02
N ILE F 373 6.89 29.21 -83.67
CA ILE F 373 6.75 27.86 -83.12
C ILE F 373 8.09 27.14 -83.23
N ALA F 374 8.52 26.51 -82.14
CA ALA F 374 9.81 25.81 -82.10
C ALA F 374 9.81 24.34 -82.50
N ALA F 375 8.63 23.73 -82.61
CA ALA F 375 8.55 22.32 -82.99
C ALA F 375 7.20 21.94 -83.58
N ASP F 376 7.19 20.81 -84.29
CA ASP F 376 5.99 20.30 -84.94
C ASP F 376 5.02 19.70 -83.92
N ARG F 377 5.54 18.85 -83.06
CA ARG F 377 4.73 18.20 -82.03
C ARG F 377 4.79 18.96 -80.72
N GLY F 378 3.73 18.84 -79.92
CA GLY F 378 3.69 19.52 -78.64
C GLY F 378 3.38 21.00 -78.75
N TYR F 379 3.66 21.75 -77.69
CA TYR F 379 3.38 23.19 -77.68
C TYR F 379 4.62 24.02 -77.39
N PHE F 380 5.64 23.87 -78.25
CA PHE F 380 6.92 24.57 -78.11
C PHE F 380 6.98 25.89 -78.84
N ILE F 381 7.44 26.92 -78.14
CA ILE F 381 7.58 28.26 -78.69
C ILE F 381 9.03 28.72 -78.53
N GLN F 382 9.58 29.35 -79.57
CA GLN F 382 10.96 29.83 -79.56
C GLN F 382 11.15 30.95 -78.57
N PRO F 383 12.29 30.95 -77.84
CA PRO F 383 12.55 32.03 -76.87
C PRO F 383 12.49 33.32 -77.68
N THR F 384 11.61 34.23 -77.28
CA THR F 384 11.41 35.47 -78.03
C THR F 384 11.79 36.74 -77.27
N VAL F 385 12.54 37.62 -77.95
CA VAL F 385 12.97 38.88 -77.35
C VAL F 385 12.51 40.08 -78.17
N PHE F 386 11.86 41.02 -77.50
CA PHE F 386 11.39 42.26 -78.13
C PHE F 386 12.18 43.43 -77.56
N GLY F 387 12.78 44.24 -78.44
CA GLY F 387 13.55 45.39 -78.00
C GLY F 387 12.80 46.68 -78.26
N ASP F 388 13.27 47.79 -77.68
CA ASP F 388 12.63 49.09 -77.85
C ASP F 388 11.13 49.10 -77.53
N VAL F 389 10.77 48.35 -76.49
CA VAL F 389 9.40 48.26 -76.05
C VAL F 389 9.02 49.55 -75.33
N GLN F 390 7.82 50.05 -75.59
CA GLN F 390 7.34 51.27 -74.95
C GLN F 390 6.23 50.92 -73.96
N ASP F 391 6.07 51.76 -72.93
CA ASP F 391 5.09 51.54 -71.87
C ASP F 391 3.65 51.33 -72.35
N GLY F 392 3.23 52.11 -73.35
CA GLY F 392 1.88 52.00 -73.88
C GLY F 392 1.57 50.77 -74.70
N MET F 393 2.59 49.96 -75.00
CA MET F 393 2.37 48.75 -75.79
C MET F 393 1.68 47.67 -74.98
N THR F 394 0.81 46.92 -75.65
CA THR F 394 0.07 45.84 -75.03
C THR F 394 1.01 44.78 -74.46
N ILE F 395 2.10 44.48 -75.17
CA ILE F 395 3.05 43.49 -74.66
C ILE F 395 3.84 44.00 -73.46
N ALA F 396 3.74 45.31 -73.21
CA ALA F 396 4.42 45.93 -72.07
C ALA F 396 3.45 46.03 -70.88
N LYS F 397 2.16 45.87 -71.16
CA LYS F 397 1.14 45.97 -70.12
C LYS F 397 0.54 44.65 -69.65
N GLU F 398 0.24 43.76 -70.59
CA GLU F 398 -0.41 42.48 -70.26
C GLU F 398 0.50 41.28 -70.04
N GLU F 399 0.08 40.42 -69.12
CA GLU F 399 0.82 39.21 -68.78
C GLU F 399 0.72 38.24 -69.95
N ILE F 400 1.86 37.91 -70.54
CA ILE F 400 1.92 37.01 -71.68
C ILE F 400 2.01 35.55 -71.24
N PHE F 401 2.77 35.30 -70.17
CA PHE F 401 2.94 33.97 -69.60
C PHE F 401 3.63 32.99 -70.55
N GLY F 402 4.58 33.51 -71.31
CA GLY F 402 5.33 32.68 -72.26
C GLY F 402 6.75 33.18 -72.38
N PRO F 403 7.61 32.49 -73.15
CA PRO F 403 9.01 32.87 -73.34
C PRO F 403 9.13 34.07 -74.26
N VAL F 404 8.57 35.20 -73.83
CA VAL F 404 8.58 36.42 -74.61
C VAL F 404 9.08 37.54 -73.69
N MET F 405 10.27 38.05 -74.03
CA MET F 405 10.93 39.09 -73.25
C MET F 405 10.74 40.49 -73.83
N GLN F 406 10.53 41.46 -72.94
CA GLN F 406 10.36 42.85 -73.34
C GLN F 406 11.48 43.69 -72.74
N ILE F 407 12.22 44.39 -73.58
CA ILE F 407 13.32 45.22 -73.08
C ILE F 407 13.03 46.69 -73.37
N LEU F 408 12.98 47.48 -72.31
CA LEU F 408 12.71 48.91 -72.39
C LEU F 408 13.94 49.70 -71.97
N LYS F 409 14.07 50.91 -72.52
CA LYS F 409 15.20 51.78 -72.22
C LYS F 409 14.73 52.94 -71.33
N PHE F 410 15.59 53.36 -70.41
CA PHE F 410 15.26 54.47 -69.52
C PHE F 410 16.51 55.29 -69.21
N LYS F 411 16.32 56.51 -68.75
CA LYS F 411 17.45 57.38 -68.44
C LYS F 411 17.73 57.59 -66.95
N THR F 412 16.74 58.10 -66.21
CA THR F 412 16.94 58.37 -64.79
C THR F 412 16.24 57.42 -63.82
N ILE F 413 16.70 57.43 -62.58
CA ILE F 413 16.14 56.57 -61.54
C ILE F 413 14.73 57.03 -61.15
N GLU F 414 14.48 58.33 -61.20
CA GLU F 414 13.17 58.87 -60.87
C GLU F 414 12.18 58.47 -61.96
N GLU F 415 12.64 58.53 -63.21
CA GLU F 415 11.82 58.16 -64.36
C GLU F 415 11.42 56.68 -64.33
N VAL F 416 12.38 55.80 -64.10
CA VAL F 416 12.09 54.37 -64.07
C VAL F 416 11.14 53.95 -62.94
N VAL F 417 11.21 54.65 -61.80
CA VAL F 417 10.33 54.36 -60.67
C VAL F 417 8.88 54.60 -61.09
N GLY F 418 8.65 55.74 -61.74
CA GLY F 418 7.31 56.09 -62.20
C GLY F 418 6.76 55.13 -63.23
N ARG F 419 7.59 54.74 -64.19
CA ARG F 419 7.18 53.83 -65.25
C ARG F 419 6.94 52.42 -64.71
N ALA F 420 7.80 51.99 -63.78
CA ALA F 420 7.67 50.66 -63.19
C ALA F 420 6.39 50.54 -62.37
N ASN F 421 6.04 51.61 -61.66
CA ASN F 421 4.84 51.63 -60.83
C ASN F 421 3.56 51.91 -61.61
N ASN F 422 3.68 52.39 -62.85
CA ASN F 422 2.50 52.68 -63.66
C ASN F 422 1.94 51.39 -64.25
N SER F 423 1.28 50.63 -63.39
CA SER F 423 0.68 49.35 -63.78
C SER F 423 -0.39 49.01 -62.77
N THR F 424 -1.36 48.21 -63.18
CA THR F 424 -2.42 47.77 -62.27
C THR F 424 -1.91 46.53 -61.51
N TYR F 425 -0.73 46.05 -61.90
CA TYR F 425 -0.09 44.89 -61.27
C TYR F 425 0.98 45.37 -60.29
N GLY F 426 1.38 44.49 -59.36
CA GLY F 426 2.38 44.85 -58.38
C GLY F 426 2.80 43.63 -57.58
N LEU F 427 3.05 42.53 -58.29
CA LEU F 427 3.43 41.30 -57.63
C LEU F 427 4.88 41.31 -57.18
N ALA F 428 5.77 41.66 -58.10
CA ALA F 428 7.19 41.69 -57.79
C ALA F 428 7.93 42.70 -58.64
N ALA F 429 9.20 42.88 -58.31
CA ALA F 429 10.10 43.80 -59.01
C ALA F 429 11.52 43.48 -58.58
N ALA F 430 12.49 43.93 -59.38
CA ALA F 430 13.89 43.70 -59.06
C ALA F 430 14.75 44.90 -59.44
N VAL F 431 15.86 45.05 -58.73
CA VAL F 431 16.78 46.14 -58.97
C VAL F 431 18.21 45.60 -58.98
N PHE F 432 18.92 45.88 -60.07
CA PHE F 432 20.32 45.46 -60.18
C PHE F 432 21.21 46.68 -60.17
N THR F 433 21.97 46.83 -59.08
CA THR F 433 22.88 47.95 -58.88
C THR F 433 23.87 47.61 -57.77
N LYS F 434 25.03 48.26 -57.80
CA LYS F 434 26.05 48.04 -56.78
C LYS F 434 25.99 49.16 -55.74
N ASP F 435 25.18 50.17 -56.02
CA ASP F 435 25.03 51.32 -55.14
C ASP F 435 24.02 51.11 -54.01
N LEU F 436 24.46 51.36 -52.78
CA LEU F 436 23.65 51.22 -51.58
C LEU F 436 22.41 52.12 -51.59
N ASP F 437 22.62 53.41 -51.88
CA ASP F 437 21.53 54.38 -51.91
C ASP F 437 20.50 54.08 -53.00
N LYS F 438 20.96 53.72 -54.20
CA LYS F 438 20.05 53.40 -55.30
C LYS F 438 19.21 52.17 -54.95
N ALA F 439 19.83 51.19 -54.31
CA ALA F 439 19.14 49.96 -53.92
C ALA F 439 18.03 50.27 -52.92
N ASN F 440 18.35 51.09 -51.92
CA ASN F 440 17.38 51.47 -50.90
C ASN F 440 16.29 52.40 -51.42
N TYR F 441 16.67 53.28 -52.34
CA TYR F 441 15.73 54.22 -52.95
C TYR F 441 14.68 53.45 -53.73
N LEU F 442 15.14 52.54 -54.58
CA LEU F 442 14.25 51.73 -55.40
C LEU F 442 13.39 50.73 -54.66
N SER F 443 13.99 49.97 -53.74
CA SER F 443 13.23 48.97 -52.98
C SER F 443 12.09 49.64 -52.21
N GLN F 444 12.33 50.85 -51.71
CA GLN F 444 11.29 51.57 -50.99
C GLN F 444 10.20 52.14 -51.93
N ALA F 445 10.63 52.70 -53.05
CA ALA F 445 9.74 53.32 -54.02
C ALA F 445 8.85 52.39 -54.84
N LEU F 446 9.37 51.20 -55.16
CA LEU F 446 8.64 50.22 -55.95
C LEU F 446 7.40 49.66 -55.24
N GLN F 447 6.27 49.76 -55.91
CA GLN F 447 5.00 49.27 -55.37
C GLN F 447 4.83 47.81 -55.77
N ALA F 448 5.54 46.92 -55.09
CA ALA F 448 5.50 45.49 -55.38
C ALA F 448 5.60 44.64 -54.11
N GLY F 449 4.96 43.48 -54.13
CA GLY F 449 4.97 42.59 -52.99
C GLY F 449 6.37 42.11 -52.61
N THR F 450 7.18 41.82 -53.62
CA THR F 450 8.55 41.36 -53.41
C THR F 450 9.48 42.17 -54.30
N VAL F 451 10.52 42.71 -53.69
CA VAL F 451 11.53 43.46 -54.43
C VAL F 451 12.85 42.74 -54.24
N TRP F 452 13.41 42.23 -55.34
CA TRP F 452 14.68 41.54 -55.31
C TRP F 452 15.79 42.53 -55.64
N VAL F 453 16.92 42.40 -54.95
CA VAL F 453 18.07 43.27 -55.19
C VAL F 453 19.23 42.39 -55.64
N ASN F 454 19.68 42.60 -56.88
CA ASN F 454 20.77 41.83 -57.48
C ASN F 454 20.50 40.33 -57.55
N CYS F 455 19.22 39.98 -57.70
CA CYS F 455 18.79 38.61 -57.82
C CYS F 455 17.35 38.61 -58.31
N TYR F 456 16.78 37.43 -58.53
CA TYR F 456 15.40 37.30 -59.00
C TYR F 456 14.88 35.91 -58.69
N ASP F 457 13.57 35.79 -58.54
CA ASP F 457 12.92 34.52 -58.24
C ASP F 457 13.56 33.79 -57.06
N VAL F 458 13.93 34.56 -56.03
CA VAL F 458 14.51 33.97 -54.84
C VAL F 458 13.37 33.83 -53.84
N PHE F 459 12.84 32.62 -53.75
CA PHE F 459 11.74 32.33 -52.84
C PHE F 459 12.25 31.57 -51.62
N GLY F 460 11.66 31.91 -50.48
CA GLY F 460 12.02 31.25 -49.25
C GLY F 460 10.74 31.03 -48.49
N ALA F 461 10.56 29.83 -47.95
CA ALA F 461 9.37 29.50 -47.19
C ALA F 461 9.22 30.44 -45.99
N GLN F 462 10.33 31.06 -45.59
CA GLN F 462 10.34 31.97 -44.45
C GLN F 462 9.88 33.39 -44.81
N SER F 463 10.02 33.76 -46.08
CA SER F 463 9.64 35.10 -46.55
C SER F 463 8.31 35.15 -47.27
N PRO F 464 7.41 36.06 -46.86
CA PRO F 464 6.09 36.20 -47.50
C PRO F 464 6.14 36.57 -48.99
N PHE F 465 5.07 36.22 -49.68
CA PHE F 465 4.95 36.49 -51.11
C PHE F 465 3.49 36.83 -51.38
N GLY F 466 3.26 37.87 -52.17
CA GLY F 466 1.91 38.28 -52.50
C GLY F 466 1.94 39.57 -53.28
N GLY F 467 0.81 39.97 -53.84
CA GLY F 467 0.82 41.18 -54.64
C GLY F 467 0.19 42.44 -54.08
N TYR F 468 0.59 43.56 -54.66
CA TYR F 468 0.06 44.87 -54.36
C TYR F 468 -0.99 45.04 -55.44
N LYS F 469 -1.84 46.05 -55.30
CA LYS F 469 -2.87 46.34 -56.30
C LYS F 469 -3.67 45.12 -56.76
N MET F 470 -3.78 44.95 -58.07
CA MET F 470 -4.53 43.84 -58.64
C MET F 470 -3.76 42.53 -58.84
N SER F 471 -2.62 42.42 -58.18
CA SER F 471 -1.80 41.20 -58.25
C SER F 471 -2.19 40.25 -57.12
N GLY F 472 -3.17 40.64 -56.32
CA GLY F 472 -3.62 39.80 -55.23
C GLY F 472 -3.87 40.57 -53.96
N SER F 473 -4.16 39.84 -52.90
CA SER F 473 -4.40 40.41 -51.58
C SER F 473 -4.01 39.34 -50.57
N GLY F 474 -3.33 39.77 -49.50
CA GLY F 474 -2.90 38.82 -48.50
C GLY F 474 -1.55 38.26 -48.92
N ARG F 475 -0.91 37.53 -48.01
CA ARG F 475 0.40 36.97 -48.30
C ARG F 475 0.48 35.49 -48.00
N GLU F 476 1.36 34.80 -48.72
CA GLU F 476 1.61 33.38 -48.50
C GLU F 476 3.08 33.24 -48.12
N LEU F 477 3.42 32.10 -47.51
CA LEU F 477 4.79 31.82 -47.04
C LEU F 477 5.09 32.63 -45.78
N GLY F 478 6.09 32.19 -45.02
CA GLY F 478 6.45 32.88 -43.79
C GLY F 478 5.36 32.86 -42.73
N GLU F 479 5.56 33.65 -41.69
CA GLU F 479 4.60 33.73 -40.60
C GLU F 479 3.29 34.36 -41.09
N TYR F 480 3.41 35.30 -42.02
CA TYR F 480 2.25 36.00 -42.59
C TYR F 480 1.27 35.04 -43.26
N GLY F 481 1.80 33.91 -43.76
CA GLY F 481 0.97 32.92 -44.42
C GLY F 481 -0.05 32.23 -43.51
N LEU F 482 0.12 32.39 -42.19
CA LEU F 482 -0.78 31.81 -41.22
C LEU F 482 -1.96 32.72 -40.87
N GLN F 483 -1.79 34.02 -41.09
CA GLN F 483 -2.84 35.01 -40.76
C GLN F 483 -4.23 34.72 -41.34
N ALA F 484 -4.29 34.41 -42.64
CA ALA F 484 -5.55 34.13 -43.32
C ALA F 484 -6.18 32.80 -42.91
N TYR F 485 -5.40 31.96 -42.24
CA TYR F 485 -5.89 30.66 -41.78
C TYR F 485 -6.25 30.64 -40.32
N THR F 486 -6.40 31.83 -39.75
CA THR F 486 -6.73 31.98 -38.34
C THR F 486 -7.94 32.88 -38.12
N GLU F 487 -8.85 32.42 -37.27
CA GLU F 487 -10.03 33.21 -36.90
C GLU F 487 -9.72 33.58 -35.44
N VAL F 488 -9.77 34.87 -35.13
CA VAL F 488 -9.45 35.36 -33.80
C VAL F 488 -10.62 35.50 -32.84
N LYS F 489 -10.48 34.88 -31.67
CA LYS F 489 -11.51 34.96 -30.64
C LYS F 489 -10.94 35.64 -29.40
N THR F 490 -11.64 36.66 -28.92
CA THR F 490 -11.24 37.36 -27.71
C THR F 490 -12.10 36.82 -26.58
N VAL F 491 -11.46 36.44 -25.48
CA VAL F 491 -12.20 35.97 -24.31
C VAL F 491 -11.86 36.94 -23.19
N THR F 492 -12.88 37.64 -22.70
CA THR F 492 -12.71 38.62 -21.64
C THR F 492 -13.46 38.17 -20.39
N VAL F 493 -12.70 37.87 -19.34
CA VAL F 493 -13.24 37.36 -18.08
C VAL F 493 -13.20 38.34 -16.93
N LYS F 494 -14.32 38.44 -16.20
CA LYS F 494 -14.40 39.31 -15.04
C LYS F 494 -13.59 38.64 -13.94
N VAL F 495 -12.75 39.42 -13.24
CA VAL F 495 -11.93 38.90 -12.15
C VAL F 495 -12.16 39.74 -10.88
N PRO F 496 -11.92 39.15 -9.69
CA PRO F 496 -12.10 39.88 -8.44
C PRO F 496 -11.33 41.20 -8.38
N GLN F 497 -10.04 41.15 -8.70
CA GLN F 497 -9.21 42.34 -8.68
C GLN F 497 -8.00 42.23 -9.59
N LYS F 498 -8.06 42.96 -10.71
CA LYS F 498 -6.98 42.97 -11.69
C LYS F 498 -5.75 43.70 -11.15
N ASN F 499 -4.58 43.08 -11.32
CA ASN F 499 -3.31 43.65 -10.90
C ASN F 499 -2.32 43.37 -12.01
N SER F 500 -1.33 44.25 -12.15
CA SER F 500 -0.30 44.09 -13.18
C SER F 500 0.54 42.84 -12.93
N ALA G 7 15.83 77.25 -33.16
CA ALA G 7 15.32 78.42 -32.39
C ALA G 7 15.33 78.10 -30.90
N VAL G 8 16.44 78.41 -30.24
CA VAL G 8 16.61 78.15 -28.81
C VAL G 8 16.35 79.37 -27.93
N PRO G 9 15.49 79.22 -26.92
CA PRO G 9 15.15 80.30 -25.98
C PRO G 9 16.37 80.72 -25.17
N ALA G 10 16.40 81.99 -24.77
CA ALA G 10 17.50 82.52 -23.96
C ALA G 10 17.50 81.82 -22.61
N PRO G 11 18.64 81.20 -22.24
CA PRO G 11 18.75 80.50 -20.96
C PRO G 11 19.03 81.40 -19.76
N ASN G 12 18.70 80.89 -18.58
CA ASN G 12 18.97 81.59 -17.34
C ASN G 12 20.29 80.94 -16.97
N GLN G 13 21.40 81.63 -17.24
CA GLN G 13 22.73 81.10 -16.98
C GLN G 13 23.04 80.72 -15.54
N GLN G 14 22.14 81.06 -14.63
CA GLN G 14 22.30 80.73 -13.22
C GLN G 14 20.95 80.28 -12.66
N PRO G 15 20.44 79.13 -13.15
CA PRO G 15 19.15 78.60 -12.69
C PRO G 15 19.13 78.25 -11.21
N GLU G 16 18.02 78.57 -10.56
CA GLU G 16 17.85 78.29 -9.14
C GLU G 16 17.64 76.79 -8.92
N VAL G 17 18.19 76.28 -7.82
CA VAL G 17 18.05 74.88 -7.48
C VAL G 17 16.97 74.72 -6.43
N PHE G 18 15.94 73.93 -6.76
CA PHE G 18 14.83 73.70 -5.85
C PHE G 18 14.88 72.32 -5.18
N CYS G 19 15.57 71.39 -5.80
CA CYS G 19 15.64 70.02 -5.28
C CYS G 19 17.07 69.53 -5.10
N ASN G 20 17.40 69.11 -3.87
CA ASN G 20 18.74 68.64 -3.56
C ASN G 20 18.74 67.63 -2.42
N GLN G 21 17.61 66.96 -2.23
CA GLN G 21 17.49 65.98 -1.16
C GLN G 21 17.19 64.57 -1.67
N ILE G 22 16.80 63.68 -0.77
CA ILE G 22 16.46 62.31 -1.12
C ILE G 22 14.95 62.19 -1.33
N PHE G 23 14.56 61.72 -2.50
CA PHE G 23 13.15 61.58 -2.88
C PHE G 23 12.59 60.20 -2.56
N ILE G 24 11.74 60.13 -1.53
CA ILE G 24 11.11 58.88 -1.12
C ILE G 24 9.64 59.12 -0.79
N ASN G 25 8.77 58.29 -1.35
CA ASN G 25 7.32 58.43 -1.12
C ASN G 25 6.80 59.82 -1.48
N ASN G 26 7.31 60.35 -2.59
CA ASN G 26 6.94 61.66 -3.10
C ASN G 26 7.23 62.82 -2.16
N GLU G 27 8.14 62.59 -1.22
CA GLU G 27 8.53 63.62 -0.25
C GLU G 27 10.05 63.76 -0.22
N TRP G 28 10.53 64.92 0.23
CA TRP G 28 11.95 65.20 0.32
C TRP G 28 12.49 64.93 1.71
N HIS G 29 13.61 64.21 1.77
CA HIS G 29 14.24 63.85 3.04
C HIS G 29 15.73 64.13 3.03
N ASP G 30 16.27 64.46 4.20
CA ASP G 30 17.71 64.66 4.34
C ASP G 30 18.22 63.26 4.55
N ALA G 31 19.53 63.06 4.36
CA ALA G 31 20.12 61.74 4.60
C ALA G 31 19.96 61.48 6.10
N VAL G 32 19.80 60.21 6.48
CA VAL G 32 19.64 59.86 7.89
C VAL G 32 20.85 60.37 8.70
N SER G 33 21.99 60.42 8.05
CA SER G 33 23.23 60.89 8.69
C SER G 33 23.33 62.41 8.65
N ARG G 34 22.41 63.06 7.95
CA ARG G 34 22.37 64.53 7.80
C ARG G 34 23.54 65.07 6.97
N LYS G 35 24.38 64.16 6.47
CA LYS G 35 25.54 64.52 5.66
C LYS G 35 25.13 64.95 4.26
N THR G 36 25.91 65.85 3.67
CA THR G 36 25.66 66.34 2.33
C THR G 36 26.97 66.38 1.54
N PHE G 37 26.86 66.35 0.22
CA PHE G 37 28.04 66.42 -0.63
C PHE G 37 27.84 67.53 -1.66
N PRO G 38 28.94 68.16 -2.10
CA PRO G 38 28.83 69.24 -3.07
C PRO G 38 28.80 68.79 -4.54
N THR G 39 28.07 69.54 -5.35
CA THR G 39 28.02 69.27 -6.78
C THR G 39 28.63 70.52 -7.43
N VAL G 40 29.61 70.30 -8.29
CA VAL G 40 30.35 71.36 -8.95
C VAL G 40 29.95 71.73 -10.38
N ASN G 41 30.13 73.01 -10.71
CA ASN G 41 29.87 73.51 -12.06
C ASN G 41 31.24 73.34 -12.71
N PRO G 42 31.36 72.37 -13.64
CA PRO G 42 32.62 72.10 -14.34
C PRO G 42 33.20 73.24 -15.19
N SER G 43 32.40 74.26 -15.45
CA SER G 43 32.87 75.38 -16.25
C SER G 43 33.68 76.37 -15.42
N THR G 44 33.36 76.48 -14.13
CA THR G 44 34.06 77.41 -13.23
C THR G 44 34.82 76.69 -12.13
N GLY G 45 34.38 75.47 -11.82
CA GLY G 45 35.01 74.70 -10.75
C GLY G 45 34.38 75.04 -9.41
N GLU G 46 33.43 75.96 -9.43
CA GLU G 46 32.74 76.41 -8.22
C GLU G 46 31.63 75.47 -7.80
N VAL G 47 31.32 75.46 -6.51
CA VAL G 47 30.26 74.62 -5.98
C VAL G 47 28.90 75.24 -6.27
N ILE G 48 27.98 74.44 -6.80
CA ILE G 48 26.63 74.90 -7.12
C ILE G 48 25.79 74.91 -5.85
N CYS G 49 25.83 73.79 -5.12
CA CYS G 49 25.08 73.64 -3.88
C CYS G 49 25.41 72.29 -3.24
N GLN G 50 24.85 72.07 -2.06
CA GLN G 50 25.03 70.81 -1.34
C GLN G 50 23.89 69.88 -1.72
N VAL G 51 24.15 68.57 -1.65
CA VAL G 51 23.14 67.57 -1.97
C VAL G 51 23.16 66.48 -0.91
N ALA G 52 21.98 66.09 -0.43
CA ALA G 52 21.87 65.05 0.58
C ALA G 52 22.67 63.82 0.16
N GLU G 53 23.59 63.38 1.01
CA GLU G 53 24.43 62.23 0.71
C GLU G 53 23.79 60.93 1.15
N GLY G 54 23.01 60.31 0.26
CA GLY G 54 22.34 59.07 0.59
C GLY G 54 23.28 57.89 0.72
N ASP G 55 22.98 57.01 1.67
CA ASP G 55 23.78 55.81 1.91
C ASP G 55 22.84 54.61 2.12
N LYS G 56 23.37 53.52 2.67
CA LYS G 56 22.60 52.30 2.90
C LYS G 56 21.27 52.48 3.61
N GLU G 57 21.29 53.20 4.73
CA GLU G 57 20.08 53.44 5.52
C GLU G 57 19.01 54.16 4.70
N ASP G 58 19.45 55.05 3.80
CA ASP G 58 18.54 55.80 2.95
C ASP G 58 17.99 54.90 1.85
N VAL G 59 18.85 54.05 1.31
CA VAL G 59 18.45 53.09 0.28
C VAL G 59 17.42 52.14 0.88
N ASP G 60 17.64 51.73 2.12
CA ASP G 60 16.73 50.82 2.81
C ASP G 60 15.34 51.42 2.92
N LYS G 61 15.26 52.71 3.25
CA LYS G 61 13.99 53.40 3.36
C LYS G 61 13.30 53.46 2.00
N ALA G 62 14.08 53.73 0.95
CA ALA G 62 13.55 53.84 -0.41
C ALA G 62 13.05 52.48 -0.91
N VAL G 63 13.80 51.41 -0.63
CA VAL G 63 13.41 50.08 -1.06
C VAL G 63 12.11 49.67 -0.36
N LYS G 64 11.98 49.96 0.93
CA LYS G 64 10.77 49.63 1.67
C LYS G 64 9.58 50.38 1.07
N ALA G 65 9.79 51.62 0.66
CA ALA G 65 8.74 52.44 0.06
C ALA G 65 8.31 51.86 -1.29
N ALA G 66 9.30 51.40 -2.06
CA ALA G 66 9.06 50.80 -3.36
C ALA G 66 8.28 49.49 -3.21
N ARG G 67 8.70 48.68 -2.25
CA ARG G 67 8.05 47.40 -1.98
C ARG G 67 6.59 47.62 -1.60
N ALA G 68 6.34 48.62 -0.76
CA ALA G 68 4.99 48.94 -0.31
C ALA G 68 4.11 49.38 -1.49
N ALA G 69 4.69 50.20 -2.36
CA ALA G 69 3.97 50.69 -3.53
C ALA G 69 3.72 49.57 -4.54
N PHE G 70 4.50 48.50 -4.44
CA PHE G 70 4.38 47.36 -5.35
C PHE G 70 3.49 46.24 -4.80
N GLN G 71 2.93 46.42 -3.61
CA GLN G 71 2.06 45.40 -3.03
C GLN G 71 0.80 45.17 -3.84
N LEU G 72 0.37 43.92 -3.89
CA LEU G 72 -0.84 43.53 -4.61
C LEU G 72 -2.02 44.31 -4.03
N GLY G 73 -2.81 44.95 -4.89
CA GLY G 73 -3.94 45.73 -4.43
C GLY G 73 -3.66 47.21 -4.27
N SER G 74 -2.39 47.60 -4.41
CA SER G 74 -2.01 49.00 -4.29
C SER G 74 -2.46 49.78 -5.52
N PRO G 75 -2.54 51.12 -5.42
CA PRO G 75 -2.97 51.96 -6.55
C PRO G 75 -2.14 51.75 -7.81
N TRP G 76 -0.83 51.54 -7.65
CA TRP G 76 0.05 51.32 -8.78
C TRP G 76 -0.10 49.94 -9.42
N ARG G 77 -0.43 48.93 -8.61
CA ARG G 77 -0.61 47.57 -9.12
C ARG G 77 -1.97 47.37 -9.79
N ARG G 78 -2.99 48.05 -9.26
CA ARG G 78 -4.35 47.97 -9.78
C ARG G 78 -4.58 48.88 -10.99
N MET G 79 -3.77 49.93 -11.08
CA MET G 79 -3.89 50.91 -12.16
C MET G 79 -3.89 50.29 -13.56
N ASP G 80 -4.81 50.76 -14.40
CA ASP G 80 -4.91 50.28 -15.78
C ASP G 80 -3.58 50.53 -16.48
N ALA G 81 -3.13 49.57 -17.28
CA ALA G 81 -1.89 49.70 -18.02
C ALA G 81 -1.95 50.95 -18.88
N SER G 82 -3.11 51.18 -19.51
CA SER G 82 -3.29 52.35 -20.36
C SER G 82 -3.08 53.64 -19.56
N HIS G 83 -3.45 53.61 -18.28
CA HIS G 83 -3.30 54.79 -17.44
C HIS G 83 -1.85 55.07 -17.10
N ARG G 84 -1.03 54.03 -16.99
CA ARG G 84 0.39 54.21 -16.72
C ARG G 84 0.93 55.02 -17.90
N GLY G 85 0.42 54.72 -19.09
CA GLY G 85 0.83 55.41 -20.29
C GLY G 85 0.42 56.87 -20.23
N ARG G 86 -0.78 57.14 -19.70
CA ARG G 86 -1.28 58.50 -19.56
C ARG G 86 -0.36 59.28 -18.62
N LEU G 87 0.10 58.62 -17.56
CA LEU G 87 0.99 59.26 -16.59
C LEU G 87 2.36 59.57 -17.18
N LEU G 88 2.87 58.66 -18.00
CA LEU G 88 4.17 58.87 -18.66
C LEU G 88 4.08 60.03 -19.63
N ASN G 89 2.97 60.11 -20.36
CA ASN G 89 2.75 61.19 -21.32
C ASN G 89 2.63 62.52 -20.56
N ARG G 90 2.02 62.48 -19.38
CA ARG G 90 1.85 63.66 -18.55
C ARG G 90 3.22 64.12 -18.06
N LEU G 91 4.06 63.17 -17.64
CA LEU G 91 5.41 63.49 -17.17
C LEU G 91 6.21 64.16 -18.27
N ALA G 92 6.05 63.68 -19.51
CA ALA G 92 6.74 64.27 -20.65
C ALA G 92 6.26 65.70 -20.88
N ASP G 93 4.96 65.93 -20.73
CA ASP G 93 4.38 67.26 -20.89
C ASP G 93 4.98 68.27 -19.91
N LEU G 94 5.13 67.83 -18.66
CA LEU G 94 5.69 68.69 -17.61
C LEU G 94 7.17 68.96 -17.84
N ILE G 95 7.88 67.98 -18.39
CA ILE G 95 9.30 68.15 -18.70
C ILE G 95 9.44 69.14 -19.86
N GLU G 96 8.49 69.11 -20.79
CA GLU G 96 8.50 70.04 -21.92
C GLU G 96 8.17 71.45 -21.43
N ARG G 97 7.23 71.54 -20.50
CA ARG G 97 6.85 72.84 -19.93
C ARG G 97 8.07 73.49 -19.28
N ASP G 98 8.92 72.68 -18.64
CA ASP G 98 10.12 73.16 -17.97
C ASP G 98 11.39 72.84 -18.76
N ARG G 99 11.27 72.76 -20.08
CA ARG G 99 12.39 72.43 -20.95
C ARG G 99 13.58 73.41 -20.88
N THR G 100 13.28 74.71 -20.93
CA THR G 100 14.31 75.74 -20.87
C THR G 100 15.08 75.68 -19.57
N TYR G 101 14.34 75.58 -18.47
CA TYR G 101 14.93 75.50 -17.15
C TYR G 101 15.78 74.24 -16.99
N LEU G 102 15.23 73.09 -17.40
CA LEU G 102 15.93 71.82 -17.29
C LEU G 102 17.21 71.76 -18.11
N ALA G 103 17.17 72.30 -19.32
CA ALA G 103 18.34 72.31 -20.20
C ALA G 103 19.44 73.20 -19.65
N ALA G 104 19.05 74.28 -18.98
CA ALA G 104 20.00 75.22 -18.38
C ALA G 104 20.66 74.56 -17.18
N LEU G 105 19.84 73.93 -16.34
CA LEU G 105 20.31 73.23 -15.15
C LEU G 105 21.20 72.04 -15.53
N GLU G 106 20.87 71.40 -16.65
CA GLU G 106 21.64 70.25 -17.14
C GLU G 106 23.05 70.74 -17.46
N THR G 107 23.11 71.83 -18.23
CA THR G 107 24.37 72.44 -18.62
C THR G 107 25.17 72.93 -17.42
N LEU G 108 24.51 73.57 -16.46
CA LEU G 108 25.20 74.08 -15.29
C LEU G 108 25.94 72.98 -14.52
N ASP G 109 25.24 71.87 -14.30
CA ASP G 109 25.80 70.75 -13.55
C ASP G 109 26.69 69.80 -14.35
N ASN G 110 26.40 69.64 -15.63
CA ASN G 110 27.16 68.73 -16.48
C ASN G 110 28.29 69.36 -17.29
N GLY G 111 28.04 70.53 -17.86
CA GLY G 111 29.05 71.21 -18.65
C GLY G 111 28.83 71.22 -20.15
N LYS G 112 27.89 70.42 -20.64
CA LYS G 112 27.62 70.36 -22.07
C LYS G 112 26.95 71.65 -22.56
N PRO G 113 27.15 72.03 -23.83
CA PRO G 113 26.57 73.25 -24.41
C PRO G 113 25.07 73.33 -24.23
N TYR G 114 24.59 74.49 -23.80
CA TYR G 114 23.15 74.71 -23.58
C TYR G 114 22.33 74.36 -24.81
N VAL G 115 22.81 74.77 -25.98
CA VAL G 115 22.11 74.50 -27.25
C VAL G 115 21.89 73.01 -27.44
N ILE G 116 22.89 72.20 -27.07
CA ILE G 116 22.80 70.76 -27.17
C ILE G 116 21.84 70.19 -26.12
N SER G 117 21.96 70.67 -24.89
CA SER G 117 21.08 70.21 -23.82
C SER G 117 19.61 70.45 -24.19
N TYR G 118 19.32 71.59 -24.82
CA TYR G 118 17.97 71.95 -25.21
C TYR G 118 17.45 71.19 -26.43
N LEU G 119 18.21 71.22 -27.52
CA LEU G 119 17.80 70.58 -28.77
C LEU G 119 18.05 69.07 -28.87
N VAL G 120 19.04 68.56 -28.13
CA VAL G 120 19.36 67.15 -28.18
C VAL G 120 18.87 66.37 -26.96
N ASP G 121 19.49 66.63 -25.80
CA ASP G 121 19.12 65.92 -24.57
C ASP G 121 17.64 65.98 -24.21
N LEU G 122 17.11 67.18 -24.06
CA LEU G 122 15.69 67.33 -23.70
C LEU G 122 14.75 66.75 -24.76
N ASP G 123 15.14 66.83 -26.03
CA ASP G 123 14.30 66.28 -27.10
C ASP G 123 14.27 64.76 -27.00
N MET G 124 15.44 64.16 -26.83
CA MET G 124 15.56 62.70 -26.72
C MET G 124 14.88 62.16 -25.46
N VAL G 125 14.82 62.99 -24.42
CA VAL G 125 14.16 62.62 -23.18
C VAL G 125 12.65 62.54 -23.45
N LEU G 126 12.12 63.59 -24.07
CA LEU G 126 10.70 63.66 -24.40
C LEU G 126 10.29 62.51 -25.31
N LYS G 127 11.13 62.20 -26.30
CA LYS G 127 10.85 61.12 -27.23
C LYS G 127 10.91 59.72 -26.61
N CYS G 128 11.76 59.57 -25.60
CA CYS G 128 11.88 58.29 -24.92
C CYS G 128 10.65 58.04 -24.04
N LEU G 129 10.29 59.04 -23.24
CA LEU G 129 9.14 58.93 -22.36
C LEU G 129 7.80 58.75 -23.12
N ARG G 130 7.65 59.46 -24.24
CA ARG G 130 6.44 59.37 -25.05
C ARG G 130 6.38 58.06 -25.81
N TYR G 131 7.54 57.55 -26.20
CA TYR G 131 7.61 56.26 -26.90
C TYR G 131 7.18 55.14 -25.97
N TYR G 132 7.75 55.12 -24.76
CA TYR G 132 7.41 54.08 -23.79
C TYR G 132 6.01 54.20 -23.23
N ALA G 133 5.45 55.40 -23.27
CA ALA G 133 4.08 55.62 -22.80
C ALA G 133 3.18 54.75 -23.66
N GLY G 134 3.51 54.68 -24.95
CA GLY G 134 2.74 53.88 -25.90
C GLY G 134 2.85 52.38 -25.71
N TRP G 135 3.93 51.93 -25.08
CA TRP G 135 4.14 50.49 -24.83
C TRP G 135 3.39 49.96 -23.62
N ALA G 136 3.06 50.85 -22.69
CA ALA G 136 2.38 50.50 -21.45
C ALA G 136 1.31 49.41 -21.49
N ASP G 137 0.42 49.47 -22.49
CA ASP G 137 -0.66 48.49 -22.60
C ASP G 137 -0.58 47.63 -23.86
N LYS G 138 0.62 47.42 -24.37
CA LYS G 138 0.79 46.63 -25.59
C LYS G 138 1.79 45.49 -25.53
N TYR G 139 2.44 45.30 -24.39
CA TYR G 139 3.40 44.22 -24.24
C TYR G 139 2.69 42.94 -23.78
N HIS G 140 1.97 42.34 -24.71
CA HIS G 140 1.17 41.13 -24.46
C HIS G 140 1.91 39.87 -24.05
N GLY G 141 1.20 39.01 -23.31
CA GLY G 141 1.72 37.72 -22.94
C GLY G 141 1.22 36.80 -24.03
N LYS G 142 1.26 35.49 -23.81
CA LYS G 142 0.84 34.56 -24.86
C LYS G 142 -0.13 33.45 -24.42
N THR G 143 -0.93 32.98 -25.38
CA THR G 143 -1.83 31.85 -25.15
C THR G 143 -1.14 30.79 -26.00
N ILE G 144 -0.72 29.71 -25.36
CA ILE G 144 0.07 28.65 -25.98
C ILE G 144 -0.63 27.30 -26.21
N PRO G 145 -0.54 26.77 -27.45
CA PRO G 145 -1.15 25.49 -27.82
C PRO G 145 -0.34 24.28 -27.32
N ILE G 146 -0.27 24.15 -26.01
CA ILE G 146 0.47 23.07 -25.35
C ILE G 146 -0.23 21.72 -25.54
N ASP G 147 0.53 20.63 -25.40
CA ASP G 147 -0.01 19.27 -25.54
C ASP G 147 -1.00 18.96 -24.41
N GLY G 148 -1.91 18.01 -24.68
CA GLY G 148 -2.88 17.61 -23.68
C GLY G 148 -4.07 18.51 -23.48
N ASP G 149 -4.97 18.10 -22.58
CA ASP G 149 -6.17 18.85 -22.27
C ASP G 149 -5.88 19.98 -21.28
N PHE G 150 -5.18 21.00 -21.77
CA PHE G 150 -4.82 22.14 -20.95
C PHE G 150 -4.94 23.45 -21.72
N PHE G 151 -5.13 24.51 -20.95
CA PHE G 151 -5.18 25.86 -21.47
C PHE G 151 -3.97 26.50 -20.83
N SER G 152 -2.96 26.82 -21.63
CA SER G 152 -1.75 27.43 -21.10
C SER G 152 -1.51 28.82 -21.68
N TYR G 153 -1.15 29.75 -20.81
CA TYR G 153 -0.87 31.12 -21.20
C TYR G 153 0.18 31.76 -20.30
N THR G 154 0.71 32.90 -20.72
CA THR G 154 1.72 33.58 -19.92
C THR G 154 1.30 34.98 -19.53
N ARG G 155 1.63 35.35 -18.30
CA ARG G 155 1.36 36.68 -17.79
C ARG G 155 2.69 37.41 -17.81
N HIS G 156 2.70 38.62 -18.35
CA HIS G 156 3.92 39.41 -18.37
C HIS G 156 3.79 40.39 -17.22
N GLU G 157 4.24 39.96 -16.05
CA GLU G 157 4.16 40.75 -14.83
C GLU G 157 5.42 41.61 -14.66
N PRO G 158 5.33 42.67 -13.84
CA PRO G 158 6.50 43.55 -13.62
C PRO G 158 7.53 42.73 -12.83
N VAL G 159 8.82 42.99 -13.08
CA VAL G 159 9.87 42.27 -12.36
C VAL G 159 9.86 42.64 -10.86
N GLY G 160 9.38 43.84 -10.55
CA GLY G 160 9.29 44.27 -9.16
C GLY G 160 10.03 45.55 -8.82
N VAL G 161 10.76 45.51 -7.71
CA VAL G 161 11.55 46.64 -7.24
C VAL G 161 12.82 46.69 -8.09
N CYS G 162 12.95 47.76 -8.86
CA CYS G 162 14.09 47.92 -9.74
C CYS G 162 15.09 48.97 -9.30
N GLY G 163 16.32 48.51 -9.10
CA GLY G 163 17.39 49.41 -8.74
C GLY G 163 17.99 49.90 -10.04
N GLN G 164 18.06 51.22 -10.21
CA GLN G 164 18.59 51.80 -11.42
C GLN G 164 19.74 52.77 -11.10
N ILE G 165 20.95 52.38 -11.49
CA ILE G 165 22.14 53.19 -11.24
C ILE G 165 22.62 53.79 -12.56
N ILE G 166 22.71 55.11 -12.60
CA ILE G 166 23.11 55.80 -13.82
C ILE G 166 24.34 56.70 -13.70
N PRO G 167 24.98 56.99 -14.85
CA PRO G 167 26.17 57.84 -14.94
C PRO G 167 25.84 59.34 -15.07
N TRP G 168 26.88 60.11 -15.38
CA TRP G 168 26.77 61.57 -15.50
C TRP G 168 26.84 62.20 -16.88
N ASN G 169 27.24 61.43 -17.90
CA ASN G 169 27.36 61.98 -19.25
C ASN G 169 26.07 62.51 -19.88
N PHE G 170 24.95 61.88 -19.57
CA PHE G 170 23.63 62.29 -20.08
C PHE G 170 22.67 62.08 -18.92
N PRO G 171 22.74 62.95 -17.89
CA PRO G 171 21.89 62.85 -16.70
C PRO G 171 20.40 62.62 -16.94
N LEU G 172 19.75 63.56 -17.61
CA LEU G 172 18.31 63.44 -17.89
C LEU G 172 17.97 62.30 -18.84
N LEU G 173 18.76 62.13 -19.90
CA LEU G 173 18.49 61.08 -20.87
C LEU G 173 18.64 59.69 -20.24
N MET G 174 19.66 59.51 -19.40
CA MET G 174 19.89 58.23 -18.73
C MET G 174 18.74 57.93 -17.80
N GLN G 175 18.26 58.94 -17.09
CA GLN G 175 17.13 58.78 -16.18
C GLN G 175 15.88 58.36 -16.98
N ALA G 176 15.67 59.00 -18.12
CA ALA G 176 14.52 58.70 -18.97
C ALA G 176 14.59 57.28 -19.55
N TRP G 177 15.77 56.88 -19.98
CA TRP G 177 15.98 55.53 -20.53
C TRP G 177 15.67 54.45 -19.52
N LYS G 178 15.82 54.79 -18.24
CA LYS G 178 15.56 53.87 -17.16
C LYS G 178 14.10 53.90 -16.73
N LEU G 179 13.56 55.09 -16.50
CA LEU G 179 12.18 55.23 -16.05
C LEU G 179 11.13 54.81 -17.09
N GLY G 180 11.35 55.17 -18.35
CA GLY G 180 10.42 54.84 -19.42
C GLY G 180 9.96 53.38 -19.45
N PRO G 181 10.86 52.42 -19.74
CA PRO G 181 10.49 51.00 -19.80
C PRO G 181 10.04 50.42 -18.46
N ALA G 182 10.63 50.89 -17.36
CA ALA G 182 10.27 50.38 -16.03
C ALA G 182 8.84 50.76 -15.64
N LEU G 183 8.52 52.04 -15.79
CA LEU G 183 7.18 52.52 -15.44
C LEU G 183 6.12 52.05 -16.43
N ALA G 184 6.52 51.87 -17.68
CA ALA G 184 5.61 51.39 -18.72
C ALA G 184 5.12 49.99 -18.38
N THR G 185 6.01 49.18 -17.82
CA THR G 185 5.67 47.80 -17.44
C THR G 185 5.16 47.64 -16.00
N GLY G 186 4.94 48.75 -15.30
CA GLY G 186 4.40 48.69 -13.95
C GLY G 186 5.32 48.37 -12.79
N ASN G 187 6.62 48.59 -12.98
CA ASN G 187 7.60 48.34 -11.93
C ASN G 187 7.73 49.55 -11.00
N VAL G 188 8.45 49.37 -9.90
CA VAL G 188 8.70 50.45 -8.96
C VAL G 188 10.21 50.68 -9.03
N VAL G 189 10.64 51.89 -8.70
CA VAL G 189 12.05 52.24 -8.84
C VAL G 189 12.78 52.89 -7.67
N VAL G 190 14.05 52.53 -7.55
CA VAL G 190 14.98 53.08 -6.57
C VAL G 190 16.17 53.48 -7.45
N MET G 191 16.23 54.76 -7.80
CA MET G 191 17.28 55.28 -8.66
C MET G 191 18.42 55.96 -7.93
N LYS G 192 19.65 55.64 -8.35
CA LYS G 192 20.84 56.23 -7.76
C LYS G 192 21.53 57.02 -8.88
N VAL G 193 21.34 58.33 -8.87
CA VAL G 193 21.94 59.21 -9.87
C VAL G 193 23.40 59.46 -9.55
N ALA G 194 24.16 59.87 -10.55
CA ALA G 194 25.59 60.15 -10.40
C ALA G 194 25.83 61.32 -9.47
N GLU G 195 26.81 61.17 -8.58
CA GLU G 195 27.15 62.22 -7.62
C GLU G 195 27.62 63.49 -8.35
N GLN G 196 28.11 63.33 -9.59
CA GLN G 196 28.58 64.45 -10.38
C GLN G 196 27.46 65.29 -10.98
N THR G 197 26.32 64.65 -11.24
CA THR G 197 25.17 65.31 -11.86
C THR G 197 23.85 64.85 -11.26
N PRO G 198 23.56 65.21 -10.00
CA PRO G 198 22.31 64.79 -9.39
C PRO G 198 21.12 65.73 -9.55
N LEU G 199 21.41 67.00 -9.81
CA LEU G 199 20.39 68.04 -9.90
C LEU G 199 19.18 67.89 -10.82
N THR G 200 19.40 67.69 -12.12
CA THR G 200 18.28 67.56 -13.04
C THR G 200 17.33 66.39 -12.72
N ALA G 201 17.89 65.24 -12.34
CA ALA G 201 17.08 64.08 -12.01
C ALA G 201 16.20 64.33 -10.78
N LEU G 202 16.73 65.10 -9.83
CA LEU G 202 16.00 65.42 -8.60
C LEU G 202 14.85 66.37 -8.91
N TYR G 203 15.03 67.26 -9.88
CA TYR G 203 13.97 68.18 -10.24
C TYR G 203 12.87 67.37 -10.92
N VAL G 204 13.26 66.41 -11.76
CA VAL G 204 12.30 65.58 -12.46
C VAL G 204 11.44 64.82 -11.46
N ALA G 205 12.01 64.51 -10.30
CA ALA G 205 11.26 63.80 -9.26
C ALA G 205 10.06 64.65 -8.84
N ASN G 206 10.25 65.97 -8.84
CA ASN G 206 9.16 66.87 -8.48
C ASN G 206 8.06 66.75 -9.53
N LEU G 207 8.46 66.61 -10.79
CA LEU G 207 7.51 66.48 -11.90
C LEU G 207 6.80 65.14 -11.85
N ILE G 208 7.50 64.11 -11.37
CA ILE G 208 6.92 62.77 -11.24
C ILE G 208 5.75 62.83 -10.24
N LYS G 209 5.94 63.59 -9.16
CA LYS G 209 4.91 63.76 -8.14
C LYS G 209 3.74 64.56 -8.73
N GLU G 210 4.06 65.66 -9.40
CA GLU G 210 3.06 66.52 -10.01
C GLU G 210 2.27 65.79 -11.09
N ALA G 211 2.91 64.84 -11.77
CA ALA G 211 2.28 64.05 -12.82
C ALA G 211 1.16 63.15 -12.29
N GLY G 212 1.30 62.71 -11.05
CA GLY G 212 0.28 61.87 -10.45
C GLY G 212 0.72 60.46 -10.09
N PHE G 213 2.01 60.19 -10.17
CA PHE G 213 2.52 58.86 -9.82
C PHE G 213 2.36 58.61 -8.32
N PRO G 214 1.83 57.44 -7.95
CA PRO G 214 1.63 57.10 -6.53
C PRO G 214 2.96 57.13 -5.78
N PRO G 215 2.92 57.48 -4.49
CA PRO G 215 4.13 57.55 -3.66
C PRO G 215 4.84 56.21 -3.62
N GLY G 216 6.17 56.23 -3.74
CA GLY G 216 6.94 55.01 -3.70
C GLY G 216 7.25 54.38 -5.05
N VAL G 217 6.52 54.78 -6.10
CA VAL G 217 6.74 54.24 -7.44
C VAL G 217 8.13 54.60 -7.95
N VAL G 218 8.53 55.85 -7.75
CA VAL G 218 9.87 56.28 -8.15
C VAL G 218 10.52 56.95 -6.95
N ASN G 219 11.65 56.39 -6.52
CA ASN G 219 12.39 56.94 -5.40
C ASN G 219 13.81 57.19 -5.89
N ILE G 220 14.34 58.37 -5.56
CA ILE G 220 15.69 58.71 -5.99
C ILE G 220 16.58 59.00 -4.80
N VAL G 221 17.73 58.34 -4.78
CA VAL G 221 18.71 58.49 -3.72
C VAL G 221 20.04 59.00 -4.25
N PRO G 222 20.27 60.33 -4.18
CA PRO G 222 21.54 60.87 -4.67
C PRO G 222 22.62 60.44 -3.68
N GLY G 223 23.83 60.20 -4.16
CA GLY G 223 24.92 59.78 -3.31
C GLY G 223 26.05 59.15 -4.09
N PHE G 224 27.03 58.60 -3.37
CA PHE G 224 28.18 57.97 -4.00
C PHE G 224 27.92 56.53 -4.44
N GLY G 225 28.83 56.00 -5.26
CA GLY G 225 28.70 54.65 -5.76
C GLY G 225 28.90 53.51 -4.77
N PRO G 226 30.09 53.38 -4.17
CA PRO G 226 30.42 52.32 -3.19
C PRO G 226 29.49 52.30 -1.99
N THR G 227 28.75 53.39 -1.80
CA THR G 227 27.81 53.50 -0.70
C THR G 227 26.38 53.22 -1.13
N ALA G 228 25.71 54.24 -1.68
CA ALA G 228 24.31 54.11 -2.11
C ALA G 228 24.16 53.12 -3.26
N GLY G 229 25.07 53.19 -4.23
CA GLY G 229 25.02 52.29 -5.36
C GLY G 229 25.12 50.82 -4.97
N ALA G 230 26.18 50.47 -4.25
CA ALA G 230 26.40 49.08 -3.80
C ALA G 230 25.30 48.58 -2.88
N ALA G 231 24.68 49.50 -2.13
CA ALA G 231 23.59 49.15 -1.22
C ALA G 231 22.40 48.63 -2.03
N ILE G 232 22.16 49.27 -3.16
CA ILE G 232 21.06 48.89 -4.06
C ILE G 232 21.37 47.54 -4.71
N ALA G 233 22.59 47.41 -5.23
CA ALA G 233 23.05 46.20 -5.90
C ALA G 233 23.11 44.95 -5.01
N SER G 234 23.36 45.15 -3.71
CA SER G 234 23.45 44.03 -2.77
C SER G 234 22.18 43.85 -1.95
N HIS G 235 21.19 44.71 -2.14
CA HIS G 235 19.95 44.62 -1.38
C HIS G 235 19.20 43.30 -1.57
N GLU G 236 18.75 42.74 -0.46
CA GLU G 236 18.02 41.48 -0.48
C GLU G 236 16.57 41.60 -0.98
N ASP G 237 16.04 42.83 -1.03
CA ASP G 237 14.68 43.03 -1.49
C ASP G 237 14.55 43.76 -2.83
N VAL G 238 15.66 43.91 -3.54
CA VAL G 238 15.63 44.55 -4.86
C VAL G 238 15.63 43.39 -5.86
N ASP G 239 14.60 43.34 -6.69
CA ASP G 239 14.42 42.27 -7.66
C ASP G 239 15.26 42.33 -8.91
N LYS G 240 15.55 43.53 -9.38
CA LYS G 240 16.31 43.70 -10.60
C LYS G 240 17.15 44.96 -10.55
N VAL G 241 18.32 44.90 -11.17
CA VAL G 241 19.22 46.05 -11.21
C VAL G 241 19.64 46.34 -12.65
N ALA G 242 19.52 47.62 -13.00
CA ALA G 242 19.89 48.11 -14.32
C ALA G 242 21.01 49.12 -14.05
N PHE G 243 22.16 48.90 -14.68
CA PHE G 243 23.32 49.76 -14.49
C PHE G 243 23.96 50.25 -15.79
N THR G 244 24.34 51.52 -15.79
CA THR G 244 25.02 52.14 -16.93
C THR G 244 26.26 52.82 -16.34
N GLY G 245 27.43 52.45 -16.84
CA GLY G 245 28.66 53.06 -16.34
C GLY G 245 29.88 52.34 -16.86
N SER G 246 30.93 52.30 -16.04
CA SER G 246 32.18 51.65 -16.42
C SER G 246 32.08 50.13 -16.39
N THR G 247 32.90 49.48 -17.21
CA THR G 247 32.92 48.02 -17.29
C THR G 247 33.37 47.43 -15.96
N GLU G 248 34.30 48.12 -15.29
CA GLU G 248 34.82 47.70 -13.99
C GLU G 248 33.70 47.56 -12.99
N ILE G 249 32.92 48.63 -12.81
CA ILE G 249 31.82 48.63 -11.84
C ILE G 249 30.70 47.69 -12.31
N GLY G 250 30.63 47.46 -13.62
CA GLY G 250 29.63 46.54 -14.16
C GLY G 250 29.85 45.17 -13.55
N ARG G 251 31.13 44.80 -13.39
CA ARG G 251 31.50 43.51 -12.82
C ARG G 251 31.12 43.46 -11.35
N VAL G 252 31.37 44.56 -10.65
CA VAL G 252 31.05 44.68 -9.23
C VAL G 252 29.54 44.49 -9.01
N ILE G 253 28.75 45.09 -9.89
CA ILE G 253 27.29 44.99 -9.82
C ILE G 253 26.85 43.54 -9.98
N GLN G 254 27.34 42.88 -11.02
CA GLN G 254 26.98 41.50 -11.30
C GLN G 254 27.39 40.58 -10.13
N VAL G 255 28.58 40.83 -9.58
CA VAL G 255 29.08 40.05 -8.45
C VAL G 255 28.20 40.27 -7.21
N ALA G 256 27.80 41.53 -6.99
CA ALA G 256 26.93 41.88 -5.86
C ALA G 256 25.55 41.23 -5.99
N ALA G 257 25.08 41.11 -7.23
CA ALA G 257 23.79 40.49 -7.51
C ALA G 257 23.83 39.00 -7.23
N GLY G 258 24.93 38.36 -7.62
CA GLY G 258 25.07 36.93 -7.39
C GLY G 258 25.34 36.61 -5.93
N SER G 259 26.04 37.51 -5.24
CA SER G 259 26.36 37.34 -3.83
C SER G 259 25.18 37.63 -2.90
N SER G 260 24.16 38.32 -3.42
CA SER G 260 23.01 38.64 -2.60
C SER G 260 21.78 37.76 -2.84
N ASN G 261 20.77 38.29 -3.53
CA ASN G 261 19.53 37.56 -3.77
C ASN G 261 19.29 37.09 -5.21
N LEU G 262 20.34 37.04 -6.03
CA LEU G 262 20.20 36.61 -7.42
C LEU G 262 19.28 37.50 -8.24
N LYS G 263 19.29 38.79 -7.92
CA LYS G 263 18.48 39.78 -8.63
C LYS G 263 18.88 39.77 -10.09
N ARG G 264 17.92 40.02 -10.98
CA ARG G 264 18.19 40.04 -12.42
C ARG G 264 19.06 41.25 -12.75
N VAL G 265 20.00 41.06 -13.68
CA VAL G 265 20.93 42.11 -14.07
C VAL G 265 21.07 42.40 -15.57
N THR G 266 21.16 43.69 -15.90
CA THR G 266 21.40 44.15 -17.27
C THR G 266 22.43 45.26 -17.15
N LEU G 267 23.36 45.33 -18.09
CA LEU G 267 24.42 46.33 -18.02
C LEU G 267 24.66 47.08 -19.32
N GLU G 268 24.89 48.38 -19.22
CA GLU G 268 25.19 49.23 -20.37
C GLU G 268 26.54 49.85 -20.03
N LEU G 269 27.60 49.29 -20.59
CA LEU G 269 28.95 49.73 -20.30
C LEU G 269 29.58 50.58 -21.41
N GLY G 270 30.89 50.77 -21.32
CA GLY G 270 31.56 51.58 -22.32
C GLY G 270 32.00 50.81 -23.55
N GLY G 271 32.95 51.38 -24.27
CA GLY G 271 33.45 50.74 -25.46
C GLY G 271 34.62 51.47 -26.07
N LYS G 272 35.08 50.94 -27.21
CA LYS G 272 36.19 51.49 -27.96
C LYS G 272 35.73 51.25 -29.41
N SER G 273 34.55 51.80 -29.69
CA SER G 273 33.87 51.67 -30.98
C SER G 273 34.64 52.08 -32.23
N PRO G 274 34.79 51.15 -33.18
CA PRO G 274 35.49 51.38 -34.44
C PRO G 274 34.61 52.03 -35.50
N ASN G 275 35.10 53.11 -36.10
CA ASN G 275 34.40 53.83 -37.15
C ASN G 275 35.24 53.60 -38.42
N ILE G 276 34.75 52.73 -39.29
CA ILE G 276 35.43 52.33 -40.51
C ILE G 276 35.11 53.15 -41.78
N ILE G 277 36.14 53.74 -42.36
CA ILE G 277 36.00 54.57 -43.57
C ILE G 277 36.62 53.87 -44.78
N MET G 278 35.78 53.36 -45.68
CA MET G 278 36.25 52.71 -46.89
C MET G 278 36.65 53.78 -47.90
N SER G 279 37.51 53.44 -48.86
CA SER G 279 37.98 54.40 -49.85
C SER G 279 36.92 54.99 -50.79
N ASP G 280 35.76 54.34 -50.88
CA ASP G 280 34.70 54.85 -51.74
C ASP G 280 33.66 55.67 -50.98
N ALA G 281 33.98 56.01 -49.73
CA ALA G 281 33.07 56.81 -48.91
C ALA G 281 33.05 58.27 -49.36
N ASP G 282 31.98 58.96 -49.00
CA ASP G 282 31.85 60.39 -49.31
C ASP G 282 32.82 61.04 -48.31
N MET G 283 33.93 61.57 -48.82
CA MET G 283 34.94 62.21 -47.98
C MET G 283 34.43 63.27 -47.01
N ASP G 284 33.74 64.28 -47.53
CA ASP G 284 33.21 65.37 -46.70
C ASP G 284 32.32 64.85 -45.58
N TRP G 285 31.35 64.02 -45.95
CA TRP G 285 30.41 63.44 -44.99
C TRP G 285 31.15 62.58 -43.95
N ALA G 286 32.02 61.71 -44.42
CA ALA G 286 32.77 60.83 -43.53
C ALA G 286 33.62 61.61 -42.52
N VAL G 287 34.25 62.69 -42.99
CA VAL G 287 35.09 63.51 -42.11
C VAL G 287 34.25 64.19 -41.04
N GLU G 288 33.14 64.81 -41.47
CA GLU G 288 32.25 65.50 -40.53
C GLU G 288 31.62 64.53 -39.52
N GLN G 289 31.24 63.35 -40.01
CA GLN G 289 30.62 62.35 -39.17
C GLN G 289 31.63 61.72 -38.20
N ALA G 290 32.84 61.47 -38.69
CA ALA G 290 33.89 60.88 -37.84
C ALA G 290 34.23 61.86 -36.71
N HIS G 291 34.19 63.15 -37.03
CA HIS G 291 34.47 64.20 -36.05
C HIS G 291 33.39 64.20 -34.97
N PHE G 292 32.14 64.19 -35.42
CA PHE G 292 30.99 64.17 -34.53
C PHE G 292 31.00 62.89 -33.69
N ALA G 293 31.31 61.76 -34.34
CA ALA G 293 31.36 60.45 -33.71
C ALA G 293 32.27 60.38 -32.49
N LEU G 294 33.38 61.10 -32.54
CA LEU G 294 34.34 61.09 -31.44
C LEU G 294 34.19 62.24 -30.44
N PHE G 295 34.07 63.46 -30.96
CA PHE G 295 33.95 64.66 -30.12
C PHE G 295 32.60 64.98 -29.48
N PHE G 296 31.54 64.30 -29.91
CA PHE G 296 30.22 64.58 -29.34
C PHE G 296 30.21 64.51 -27.82
N ASN G 297 29.53 65.47 -27.19
CA ASN G 297 29.41 65.53 -25.74
C ASN G 297 30.76 65.53 -25.02
N GLN G 298 31.71 66.32 -25.54
CA GLN G 298 33.05 66.41 -24.97
C GLN G 298 33.74 65.03 -24.95
N GLY G 299 33.36 64.18 -25.91
CA GLY G 299 33.90 62.85 -26.03
C GLY G 299 33.43 61.89 -24.96
N GLN G 300 32.50 62.35 -24.13
CA GLN G 300 31.95 61.55 -23.04
C GLN G 300 30.74 60.76 -23.47
N CYS G 301 30.94 59.90 -24.48
N CYS G 301 30.94 59.91 -24.46
CA CYS G 301 29.88 59.07 -25.01
CA CYS G 301 29.88 59.07 -25.01
C CYS G 301 30.35 57.63 -25.04
C CYS G 301 30.34 57.63 -25.04
N CYS G 302 29.54 56.76 -24.44
CA CYS G 302 29.84 55.32 -24.36
C CYS G 302 30.19 54.70 -25.72
N CYS G 303 29.47 55.12 -26.75
CA CYS G 303 29.67 54.59 -28.11
C CYS G 303 30.53 55.46 -29.02
N ALA G 304 31.32 56.35 -28.42
CA ALA G 304 32.19 57.23 -29.21
C ALA G 304 33.07 56.45 -30.19
N GLY G 305 33.18 56.97 -31.41
CA GLY G 305 34.01 56.33 -32.43
C GLY G 305 35.47 56.64 -32.15
N SER G 306 36.02 55.98 -31.12
CA SER G 306 37.39 56.20 -30.70
C SER G 306 38.48 55.48 -31.48
N ARG G 307 38.08 54.78 -32.55
CA ARG G 307 39.04 54.08 -33.40
C ARG G 307 38.61 54.32 -34.84
N THR G 308 39.10 55.41 -35.40
CA THR G 308 38.77 55.78 -36.77
C THR G 308 39.70 55.08 -37.76
N PHE G 309 39.20 53.99 -38.35
CA PHE G 309 39.96 53.23 -39.34
C PHE G 309 39.72 53.84 -40.71
N VAL G 310 40.80 54.21 -41.39
CA VAL G 310 40.70 54.82 -42.71
C VAL G 310 41.57 54.06 -43.71
N GLN G 311 40.98 53.71 -44.86
CA GLN G 311 41.69 52.96 -45.90
C GLN G 311 42.85 53.80 -46.44
N GLU G 312 44.01 53.16 -46.60
CA GLU G 312 45.23 53.83 -47.05
C GLU G 312 45.13 54.84 -48.20
N ASP G 313 44.35 54.53 -49.22
CA ASP G 313 44.21 55.41 -50.38
C ASP G 313 43.63 56.80 -50.07
N ILE G 314 42.88 56.91 -48.98
CA ILE G 314 42.28 58.18 -48.60
C ILE G 314 42.75 58.65 -47.23
N TYR G 315 43.68 57.89 -46.65
CA TYR G 315 44.23 58.17 -45.33
C TYR G 315 44.77 59.59 -45.16
N ASP G 316 45.71 60.00 -46.01
CA ASP G 316 46.31 61.32 -45.91
C ASP G 316 45.31 62.47 -45.95
N GLU G 317 44.42 62.46 -46.95
CA GLU G 317 43.42 63.50 -47.08
C GLU G 317 42.47 63.53 -45.88
N PHE G 318 42.02 62.36 -45.46
CA PHE G 318 41.10 62.25 -44.33
C PHE G 318 41.71 62.86 -43.07
N VAL G 319 42.99 62.55 -42.82
CA VAL G 319 43.68 63.07 -41.65
C VAL G 319 43.80 64.61 -41.71
N GLU G 320 44.18 65.14 -42.87
CA GLU G 320 44.31 66.58 -43.04
C GLU G 320 43.00 67.29 -42.69
N ARG G 321 41.90 66.80 -43.27
CA ARG G 321 40.59 67.38 -43.04
C ARG G 321 40.16 67.22 -41.59
N SER G 322 40.44 66.06 -41.00
CA SER G 322 40.07 65.81 -39.61
C SER G 322 40.81 66.74 -38.65
N VAL G 323 42.09 66.98 -38.92
CA VAL G 323 42.89 67.87 -38.08
C VAL G 323 42.37 69.30 -38.20
N ALA G 324 42.05 69.73 -39.42
CA ALA G 324 41.53 71.07 -39.64
C ALA G 324 40.20 71.28 -38.90
N ARG G 325 39.32 70.28 -38.96
CA ARG G 325 38.03 70.34 -38.29
C ARG G 325 38.19 70.40 -36.77
N ALA G 326 39.13 69.63 -36.24
CA ALA G 326 39.39 69.61 -34.80
C ALA G 326 39.93 70.95 -34.32
N LYS G 327 40.81 71.56 -35.12
CA LYS G 327 41.38 72.86 -34.79
C LYS G 327 40.35 74.00 -34.81
N SER G 328 39.31 73.84 -35.62
CA SER G 328 38.26 74.85 -35.74
C SER G 328 37.14 74.68 -34.70
N ARG G 329 37.16 73.55 -34.00
CA ARG G 329 36.15 73.26 -32.99
C ARG G 329 36.24 74.24 -31.82
N VAL G 330 35.18 75.03 -31.64
CA VAL G 330 35.14 76.04 -30.59
C VAL G 330 34.89 75.51 -29.19
N VAL G 331 35.83 75.80 -28.29
CA VAL G 331 35.75 75.38 -26.89
C VAL G 331 35.49 76.64 -26.06
N GLY G 332 34.59 76.53 -25.08
CA GLY G 332 34.31 77.68 -24.24
C GLY G 332 33.10 77.53 -23.35
N ASN G 333 32.62 78.67 -22.84
CA ASN G 333 31.45 78.72 -21.96
C ASN G 333 30.29 78.02 -22.66
N PRO G 334 29.75 76.95 -22.05
CA PRO G 334 28.63 76.19 -22.61
C PRO G 334 27.36 76.99 -22.87
N PHE G 335 27.21 78.12 -22.16
CA PHE G 335 26.04 78.97 -22.33
C PHE G 335 26.16 79.91 -23.53
N ASP G 336 27.33 79.95 -24.13
CA ASP G 336 27.58 80.78 -25.31
C ASP G 336 27.15 79.96 -26.54
N SER G 337 26.31 80.56 -27.39
CA SER G 337 25.79 79.90 -28.58
C SER G 337 26.85 79.40 -29.58
N LYS G 338 28.01 80.03 -29.60
CA LYS G 338 29.08 79.64 -30.51
C LYS G 338 29.87 78.41 -30.03
N THR G 339 29.79 78.13 -28.73
CA THR G 339 30.52 77.01 -28.15
C THR G 339 30.06 75.64 -28.66
N GLU G 340 31.02 74.85 -29.13
CA GLU G 340 30.75 73.51 -29.63
C GLU G 340 31.14 72.50 -28.56
N GLN G 341 32.14 72.86 -27.76
CA GLN G 341 32.64 71.99 -26.72
C GLN G 341 32.77 72.66 -25.34
N GLY G 342 32.11 72.09 -24.35
CA GLY G 342 32.18 72.62 -23.01
C GLY G 342 33.28 71.92 -22.24
N PRO G 343 33.32 72.07 -20.91
CA PRO G 343 34.35 71.42 -20.11
C PRO G 343 34.00 69.96 -19.86
N GLN G 344 34.97 69.19 -19.36
CA GLN G 344 34.75 67.79 -19.03
C GLN G 344 33.96 67.82 -17.72
N VAL G 345 33.30 66.71 -17.38
CA VAL G 345 32.47 66.67 -16.19
C VAL G 345 33.10 67.05 -14.84
N ASP G 346 34.32 66.60 -14.58
CA ASP G 346 34.99 66.92 -13.32
C ASP G 346 36.51 66.79 -13.35
N GLU G 347 37.13 67.11 -12.22
CA GLU G 347 38.58 67.06 -12.08
C GLU G 347 39.16 65.67 -12.38
N THR G 348 38.55 64.64 -11.80
CA THR G 348 38.98 63.26 -12.00
C THR G 348 39.05 62.93 -13.49
N GLN G 349 37.94 63.14 -14.20
CA GLN G 349 37.87 62.86 -15.62
C GLN G 349 38.88 63.71 -16.39
N PHE G 350 39.01 64.97 -15.97
CA PHE G 350 39.95 65.93 -16.58
C PHE G 350 41.37 65.37 -16.55
N LYS G 351 41.80 64.96 -15.36
CA LYS G 351 43.14 64.40 -15.15
C LYS G 351 43.33 63.06 -15.86
N LYS G 352 42.27 62.24 -15.90
CA LYS G 352 42.35 60.95 -16.55
C LYS G 352 42.60 61.10 -18.05
N ILE G 353 41.94 62.07 -18.67
CA ILE G 353 42.11 62.32 -20.10
C ILE G 353 43.52 62.84 -20.39
N LEU G 354 43.98 63.81 -19.60
CA LEU G 354 45.32 64.36 -19.76
C LEU G 354 46.33 63.21 -19.64
N GLY G 355 46.02 62.29 -18.73
CA GLY G 355 46.87 61.12 -18.51
C GLY G 355 46.94 60.25 -19.76
N TYR G 356 45.80 60.05 -20.41
CA TYR G 356 45.75 59.24 -21.63
C TYR G 356 46.51 59.93 -22.76
N ILE G 357 46.42 61.25 -22.83
CA ILE G 357 47.12 62.02 -23.85
C ILE G 357 48.63 61.84 -23.65
N ASN G 358 49.05 61.85 -22.39
CA ASN G 358 50.46 61.68 -22.04
C ASN G 358 50.92 60.29 -22.50
N THR G 359 50.09 59.27 -22.23
CA THR G 359 50.37 57.89 -22.62
C THR G 359 50.47 57.79 -24.14
N GLY G 360 49.58 58.49 -24.85
CA GLY G 360 49.59 58.49 -26.30
C GLY G 360 50.91 58.99 -26.84
N LYS G 361 51.42 60.08 -26.26
CA LYS G 361 52.70 60.65 -26.69
C LYS G 361 53.84 59.72 -26.33
N GLN G 362 53.77 59.13 -25.14
CA GLN G 362 54.80 58.21 -24.65
C GLN G 362 54.95 56.97 -25.53
N GLU G 363 53.84 56.49 -26.08
CA GLU G 363 53.86 55.28 -26.90
C GLU G 363 54.19 55.43 -28.38
N GLY G 364 54.41 56.66 -28.83
CA GLY G 364 54.76 56.88 -30.23
C GLY G 364 53.68 57.25 -31.20
N ALA G 365 52.49 57.55 -30.70
CA ALA G 365 51.39 57.96 -31.57
C ALA G 365 51.67 59.41 -31.95
N LYS G 366 51.44 59.75 -33.22
CA LYS G 366 51.69 61.11 -33.71
C LYS G 366 50.65 62.13 -33.28
N LEU G 367 51.05 63.07 -32.43
CA LEU G 367 50.15 64.12 -31.98
C LEU G 367 50.03 65.11 -33.13
N LEU G 368 48.82 65.28 -33.65
CA LEU G 368 48.59 66.18 -34.78
C LEU G 368 48.05 67.55 -34.44
N CYS G 369 47.34 67.65 -33.32
CA CYS G 369 46.77 68.92 -32.85
C CYS G 369 46.26 68.76 -31.42
N GLY G 370 46.08 69.88 -30.72
CA GLY G 370 45.61 69.85 -29.36
C GLY G 370 46.64 69.23 -28.44
N GLY G 371 46.18 68.43 -27.48
CA GLY G 371 47.08 67.77 -26.55
C GLY G 371 47.19 68.38 -25.17
N GLY G 372 46.61 69.57 -24.97
CA GLY G 372 46.71 70.21 -23.67
C GLY G 372 45.41 70.82 -23.20
N ILE G 373 45.48 71.57 -22.10
CA ILE G 373 44.30 72.21 -21.55
C ILE G 373 43.91 73.41 -22.43
N ALA G 374 42.62 73.69 -22.49
CA ALA G 374 42.10 74.79 -23.32
C ALA G 374 41.74 76.06 -22.55
N ALA G 375 41.73 75.98 -21.22
CA ALA G 375 41.41 77.15 -20.41
C ALA G 375 42.08 77.07 -19.05
N ASP G 376 42.31 78.23 -18.45
CA ASP G 376 42.97 78.35 -17.16
C ASP G 376 42.02 78.02 -16.01
N ARG G 377 40.72 78.09 -16.28
CA ARG G 377 39.70 77.80 -15.28
C ARG G 377 38.71 76.80 -15.87
N GLY G 378 38.19 75.92 -15.02
CA GLY G 378 37.26 74.90 -15.49
C GLY G 378 38.02 73.67 -15.94
N TYR G 379 37.31 72.70 -16.50
CA TYR G 379 37.96 71.47 -16.96
C TYR G 379 37.91 71.35 -18.47
N PHE G 380 38.51 72.33 -19.15
CA PHE G 380 38.54 72.35 -20.60
C PHE G 380 39.79 71.72 -21.19
N ILE G 381 39.60 70.88 -22.21
CA ILE G 381 40.69 70.20 -22.89
C ILE G 381 40.57 70.44 -24.38
N GLN G 382 41.69 70.76 -25.02
CA GLN G 382 41.74 71.02 -26.45
C GLN G 382 41.39 69.76 -27.25
N PRO G 383 40.71 69.95 -28.40
CA PRO G 383 40.34 68.82 -29.26
C PRO G 383 41.67 68.22 -29.68
N THR G 384 41.87 66.93 -29.37
CA THR G 384 43.13 66.27 -29.67
C THR G 384 43.02 65.15 -30.70
N VAL G 385 43.97 65.10 -31.63
CA VAL G 385 44.00 64.08 -32.67
C VAL G 385 45.35 63.37 -32.70
N PHE G 386 45.30 62.04 -32.70
CA PHE G 386 46.50 61.20 -32.77
C PHE G 386 46.48 60.44 -34.10
N GLY G 387 47.56 60.56 -34.86
CA GLY G 387 47.65 59.88 -36.14
C GLY G 387 48.52 58.65 -36.10
N ASP G 388 48.42 57.83 -37.14
CA ASP G 388 49.21 56.60 -37.27
C ASP G 388 49.16 55.75 -35.99
N VAL G 389 47.97 55.65 -35.40
CA VAL G 389 47.76 54.87 -34.20
C VAL G 389 47.82 53.38 -34.48
N GLN G 390 48.49 52.63 -33.59
CA GLN G 390 48.62 51.19 -33.73
C GLN G 390 47.71 50.45 -32.75
N ASP G 391 47.22 49.28 -33.15
CA ASP G 391 46.32 48.47 -32.32
C ASP G 391 46.81 48.21 -30.90
N GLY G 392 48.11 47.98 -30.76
CA GLY G 392 48.68 47.71 -29.44
C GLY G 392 48.82 48.89 -28.50
N MET G 393 48.62 50.10 -29.00
CA MET G 393 48.74 51.28 -28.15
C MET G 393 47.59 51.38 -27.16
N THR G 394 47.90 51.90 -25.98
CA THR G 394 46.92 52.06 -24.91
C THR G 394 45.73 52.93 -25.33
N ILE G 395 46.00 54.01 -26.06
CA ILE G 395 44.93 54.89 -26.52
C ILE G 395 44.08 54.25 -27.62
N ALA G 396 44.52 53.10 -28.11
CA ALA G 396 43.79 52.36 -29.14
C ALA G 396 42.98 51.24 -28.50
N LYS G 397 43.22 51.00 -27.22
CA LYS G 397 42.53 49.92 -26.51
C LYS G 397 41.58 50.34 -25.40
N GLU G 398 42.01 51.31 -24.59
CA GLU G 398 41.20 51.77 -23.46
C GLU G 398 40.28 52.96 -23.75
N GLU G 399 39.12 52.95 -23.10
CA GLU G 399 38.15 54.03 -23.26
C GLU G 399 38.69 55.29 -22.60
N ILE G 400 38.92 56.32 -23.39
CA ILE G 400 39.45 57.60 -22.91
C ILE G 400 38.35 58.50 -22.35
N PHE G 401 37.22 58.55 -23.04
CA PHE G 401 36.07 59.37 -22.63
C PHE G 401 36.39 60.86 -22.62
N GLY G 402 37.16 61.29 -23.62
CA GLY G 402 37.52 62.69 -23.75
C GLY G 402 37.71 63.07 -25.20
N PRO G 403 37.97 64.36 -25.51
CA PRO G 403 38.17 64.83 -26.88
C PRO G 403 39.52 64.43 -27.45
N VAL G 404 39.72 63.11 -27.61
CA VAL G 404 40.98 62.56 -28.13
C VAL G 404 40.66 61.53 -29.20
N MET G 405 41.01 61.89 -30.43
CA MET G 405 40.75 61.06 -31.60
C MET G 405 41.94 60.21 -32.04
N GLN G 406 41.65 58.93 -32.34
CA GLN G 406 42.66 58.01 -32.82
C GLN G 406 42.37 57.69 -34.28
N ILE G 407 43.36 57.88 -35.14
CA ILE G 407 43.18 57.57 -36.55
C ILE G 407 44.16 56.47 -36.94
N LEU G 408 43.59 55.36 -37.40
CA LEU G 408 44.36 54.19 -37.80
C LEU G 408 44.25 53.95 -39.29
N LYS G 409 45.28 53.36 -39.86
CA LYS G 409 45.33 53.06 -41.29
C LYS G 409 45.13 51.57 -41.52
N PHE G 410 44.44 51.23 -42.60
CA PHE G 410 44.22 49.82 -42.96
C PHE G 410 44.16 49.69 -44.48
N LYS G 411 44.31 48.46 -44.97
CA LYS G 411 44.29 48.21 -46.41
C LYS G 411 43.07 47.46 -46.93
N THR G 412 42.84 46.26 -46.42
CA THR G 412 41.73 45.45 -46.89
C THR G 412 40.54 45.35 -45.95
N ILE G 413 39.39 44.99 -46.52
CA ILE G 413 38.16 44.84 -45.76
C ILE G 413 38.26 43.67 -44.79
N GLU G 414 38.92 42.60 -45.22
CA GLU G 414 39.12 41.42 -44.38
C GLU G 414 39.96 41.84 -43.17
N GLU G 415 40.99 42.63 -43.44
CA GLU G 415 41.90 43.13 -42.42
C GLU G 415 41.21 43.98 -41.36
N VAL G 416 40.43 44.96 -41.80
CA VAL G 416 39.74 45.85 -40.88
C VAL G 416 38.71 45.15 -39.99
N VAL G 417 38.09 44.09 -40.48
CA VAL G 417 37.10 43.32 -39.71
C VAL G 417 37.80 42.69 -38.50
N GLY G 418 38.92 42.04 -38.75
CA GLY G 418 39.67 41.40 -37.68
C GLY G 418 40.19 42.37 -36.63
N ARG G 419 40.66 43.53 -37.08
CA ARG G 419 41.19 44.55 -36.18
C ARG G 419 40.09 45.23 -35.37
N ALA G 420 38.96 45.51 -36.03
CA ALA G 420 37.83 46.14 -35.37
C ALA G 420 37.26 45.23 -34.28
N ASN G 421 37.16 43.93 -34.60
CA ASN G 421 36.62 42.95 -33.67
C ASN G 421 37.60 42.52 -32.58
N ASN G 422 38.89 42.75 -32.80
CA ASN G 422 39.91 42.38 -31.82
C ASN G 422 39.88 43.40 -30.67
N SER G 423 38.88 43.23 -29.82
CA SER G 423 38.65 44.10 -28.69
C SER G 423 37.74 43.38 -27.69
N THR G 424 37.84 43.79 -26.42
CA THR G 424 37.03 43.23 -25.37
C THR G 424 35.69 43.99 -25.35
N TYR G 425 35.67 45.08 -26.09
CA TYR G 425 34.49 45.94 -26.23
C TYR G 425 33.72 45.64 -27.51
N GLY G 426 32.45 46.06 -27.55
CA GLY G 426 31.62 45.83 -28.71
C GLY G 426 30.27 46.52 -28.59
N LEU G 427 30.29 47.77 -28.17
CA LEU G 427 29.06 48.54 -27.98
C LEU G 427 28.51 49.04 -29.32
N ALA G 428 29.38 49.59 -30.16
CA ALA G 428 28.96 50.10 -31.45
C ALA G 428 30.07 50.07 -32.49
N ALA G 429 29.70 50.40 -33.72
CA ALA G 429 30.61 50.44 -34.85
C ALA G 429 29.94 51.22 -35.98
N ALA G 430 30.74 51.65 -36.95
CA ALA G 430 30.19 52.37 -38.08
C ALA G 430 30.96 52.04 -39.34
N VAL G 431 30.26 52.12 -40.47
CA VAL G 431 30.84 51.82 -41.76
C VAL G 431 30.40 52.88 -42.76
N PHE G 432 31.38 53.50 -43.40
CA PHE G 432 31.12 54.52 -44.40
C PHE G 432 31.60 54.03 -45.74
N THR G 433 30.63 53.78 -46.63
CA THR G 433 30.91 53.27 -47.97
C THR G 433 29.65 53.49 -48.82
N LYS G 434 29.82 53.53 -50.13
CA LYS G 434 28.69 53.73 -51.06
C LYS G 434 28.29 52.39 -51.66
N ASP G 435 29.13 51.39 -51.43
CA ASP G 435 28.91 50.05 -51.96
C ASP G 435 27.96 49.20 -51.12
N LEU G 436 26.94 48.63 -51.76
CA LEU G 436 25.95 47.78 -51.12
C LEU G 436 26.58 46.56 -50.45
N ASP G 437 27.34 45.78 -51.22
CA ASP G 437 27.99 44.58 -50.70
C ASP G 437 28.90 44.82 -49.52
N LYS G 438 29.75 45.85 -49.60
CA LYS G 438 30.66 46.19 -48.51
C LYS G 438 29.87 46.55 -47.26
N ALA G 439 28.81 47.31 -47.43
CA ALA G 439 27.96 47.70 -46.30
C ALA G 439 27.39 46.46 -45.61
N ASN G 440 26.83 45.54 -46.40
CA ASN G 440 26.25 44.32 -45.87
C ASN G 440 27.29 43.38 -45.27
N TYR G 441 28.45 43.29 -45.92
CA TYR G 441 29.54 42.44 -45.46
C TYR G 441 29.97 42.87 -44.06
N LEU G 442 30.27 44.16 -43.91
CA LEU G 442 30.71 44.73 -42.64
C LEU G 442 29.68 44.76 -41.51
N SER G 443 28.45 45.18 -41.81
CA SER G 443 27.41 45.23 -40.79
C SER G 443 27.17 43.86 -40.19
N GLN G 444 27.31 42.82 -41.00
CA GLN G 444 27.14 41.45 -40.50
C GLN G 444 28.36 40.98 -39.71
N ALA G 445 29.56 41.24 -40.25
CA ALA G 445 30.83 40.82 -39.64
C ALA G 445 31.28 41.47 -38.35
N LEU G 446 30.89 42.73 -38.14
CA LEU G 446 31.27 43.47 -36.94
C LEU G 446 30.55 43.00 -35.69
N GLN G 447 31.30 42.70 -34.64
CA GLN G 447 30.73 42.24 -33.39
C GLN G 447 30.41 43.44 -32.51
N ALA G 448 29.32 44.13 -32.83
CA ALA G 448 28.91 45.32 -32.09
C ALA G 448 27.39 45.41 -31.93
N GLY G 449 26.95 45.98 -30.81
CA GLY G 449 25.53 46.13 -30.54
C GLY G 449 24.80 46.95 -31.59
N THR G 450 25.43 48.01 -32.06
CA THR G 450 24.84 48.86 -33.09
C THR G 450 25.87 49.16 -34.16
N VAL G 451 25.46 48.98 -35.42
CA VAL G 451 26.32 49.27 -36.54
C VAL G 451 25.63 50.33 -37.40
N TRP G 452 26.24 51.51 -37.46
CA TRP G 452 25.70 52.60 -38.26
C TRP G 452 26.38 52.55 -39.63
N VAL G 453 25.60 52.79 -40.68
CA VAL G 453 26.13 52.79 -42.04
C VAL G 453 25.91 54.17 -42.64
N ASN G 454 27.02 54.86 -42.90
CA ASN G 454 27.01 56.22 -43.44
C ASN G 454 26.42 57.26 -42.48
N CYS G 455 26.51 56.95 -41.19
CA CYS G 455 26.03 57.83 -40.14
C CYS G 455 26.64 57.39 -38.82
N TYR G 456 26.36 58.13 -37.75
CA TYR G 456 26.90 57.78 -36.44
C TYR G 456 26.08 58.44 -35.37
N ASP G 457 26.00 57.78 -34.20
CA ASP G 457 25.23 58.32 -33.07
C ASP G 457 23.77 58.59 -33.41
N VAL G 458 23.19 57.71 -34.23
CA VAL G 458 21.79 57.85 -34.60
C VAL G 458 21.00 56.99 -33.64
N PHE G 459 20.37 57.65 -32.67
CA PHE G 459 19.58 56.96 -31.66
C PHE G 459 18.09 57.19 -31.85
N GLY G 460 17.33 56.12 -31.66
CA GLY G 460 15.91 56.19 -31.80
C GLY G 460 15.33 55.40 -30.64
N ALA G 461 14.28 55.93 -30.05
CA ALA G 461 13.63 55.26 -28.93
C ALA G 461 13.07 53.91 -29.40
N GLN G 462 12.93 53.75 -30.71
CA GLN G 462 12.40 52.53 -31.31
C GLN G 462 13.45 51.44 -31.56
N SER G 463 14.71 51.83 -31.68
CA SER G 463 15.77 50.86 -31.94
C SER G 463 16.58 50.54 -30.67
N PRO G 464 16.79 49.25 -30.39
CA PRO G 464 17.54 48.82 -29.21
C PRO G 464 19.00 49.25 -29.20
N PHE G 465 19.56 49.38 -28.01
CA PHE G 465 20.95 49.78 -27.83
C PHE G 465 21.54 48.99 -26.68
N GLY G 466 22.72 48.41 -26.91
CA GLY G 466 23.38 47.62 -25.90
C GLY G 466 24.67 47.05 -26.43
N GLY G 467 25.49 46.49 -25.56
CA GLY G 467 26.76 45.96 -26.03
C GLY G 467 26.95 44.46 -26.14
N TYR G 468 27.92 44.11 -26.98
CA TYR G 468 28.36 42.74 -27.19
C TYR G 468 29.55 42.63 -26.24
N LYS G 469 30.00 41.41 -25.98
CA LYS G 469 31.15 41.19 -25.10
C LYS G 469 31.08 41.96 -23.79
N MET G 470 32.18 42.63 -23.43
CA MET G 470 32.26 43.37 -22.18
C MET G 470 31.69 44.79 -22.20
N SER G 471 30.95 45.13 -23.25
CA SER G 471 30.32 46.44 -23.34
C SER G 471 28.95 46.41 -22.67
N GLY G 472 28.58 45.26 -22.12
CA GLY G 472 27.30 45.14 -21.45
C GLY G 472 26.52 43.89 -21.79
N SER G 473 25.31 43.80 -21.25
CA SER G 473 24.41 42.68 -21.51
C SER G 473 22.97 43.18 -21.44
N GLY G 474 22.14 42.69 -22.36
CA GLY G 474 20.76 43.14 -22.41
C GLY G 474 20.68 44.36 -23.31
N ARG G 475 19.47 44.81 -23.57
CA ARG G 475 19.28 45.95 -24.45
C ARG G 475 18.28 46.96 -23.90
N GLU G 476 18.52 48.23 -24.21
CA GLU G 476 17.62 49.30 -23.81
C GLU G 476 17.04 49.89 -25.09
N LEU G 477 15.94 50.61 -24.96
CA LEU G 477 15.25 51.21 -26.09
C LEU G 477 14.52 50.14 -26.90
N GLY G 478 13.50 50.56 -27.63
CA GLY G 478 12.72 49.62 -28.42
C GLY G 478 11.90 48.67 -27.56
N GLU G 479 11.32 47.68 -28.21
CA GLU G 479 10.52 46.66 -27.54
C GLU G 479 11.42 45.85 -26.62
N TYR G 480 12.66 45.65 -27.07
CA TYR G 480 13.65 44.90 -26.32
C TYR G 480 13.86 45.45 -24.91
N GLY G 481 13.78 46.77 -24.78
CA GLY G 481 13.98 47.40 -23.48
C GLY G 481 12.98 47.01 -22.42
N LEU G 482 11.91 46.33 -22.83
CA LEU G 482 10.86 45.90 -21.91
C LEU G 482 11.13 44.51 -21.35
N GLN G 483 11.92 43.72 -22.08
CA GLN G 483 12.24 42.35 -21.68
C GLN G 483 12.76 42.22 -20.25
N ALA G 484 13.77 43.01 -19.91
CA ALA G 484 14.39 42.97 -18.57
C ALA G 484 13.50 43.50 -17.44
N TYR G 485 12.38 44.10 -17.80
CA TYR G 485 11.47 44.64 -16.79
C TYR G 485 10.20 43.80 -16.64
N THR G 486 10.24 42.60 -17.22
CA THR G 486 9.11 41.70 -17.16
C THR G 486 9.51 40.35 -16.57
N GLU G 487 8.66 39.82 -15.70
CA GLU G 487 8.87 38.51 -15.11
C GLU G 487 7.76 37.66 -15.72
N VAL G 488 8.14 36.54 -16.33
CA VAL G 488 7.18 35.68 -17.00
C VAL G 488 6.58 34.57 -16.15
N LYS G 489 5.25 34.56 -16.08
CA LYS G 489 4.53 33.53 -15.34
C LYS G 489 3.67 32.71 -16.31
N THR G 490 3.89 31.40 -16.33
CA THR G 490 3.12 30.49 -17.16
C THR G 490 2.00 29.95 -16.27
N VAL G 491 0.77 29.98 -16.77
CA VAL G 491 -0.39 29.47 -16.05
C VAL G 491 -0.99 28.36 -16.91
N THR G 492 -0.95 27.14 -16.39
CA THR G 492 -1.46 25.98 -17.10
C THR G 492 -2.68 25.41 -16.38
N VAL G 493 -3.82 25.52 -17.05
CA VAL G 493 -5.10 25.09 -16.51
C VAL G 493 -5.68 23.85 -17.19
N LYS G 494 -6.09 22.87 -16.37
CA LYS G 494 -6.71 21.66 -16.87
C LYS G 494 -8.10 22.03 -17.37
N VAL G 495 -8.44 21.57 -18.57
CA VAL G 495 -9.75 21.84 -19.17
C VAL G 495 -10.40 20.50 -19.55
N PRO G 496 -11.75 20.46 -19.60
CA PRO G 496 -12.47 19.22 -19.95
C PRO G 496 -11.97 18.55 -21.23
N GLN G 497 -11.79 19.33 -22.29
CA GLN G 497 -11.32 18.78 -23.56
C GLN G 497 -10.79 19.88 -24.49
N LYS G 498 -9.46 19.89 -24.66
CA LYS G 498 -8.82 20.87 -25.52
C LYS G 498 -9.08 20.62 -26.99
N ASN G 499 -9.38 21.69 -27.70
CA ASN G 499 -9.65 21.68 -29.13
C ASN G 499 -8.87 22.82 -29.76
N SER G 500 -8.54 22.70 -31.05
CA SER G 500 -7.81 23.74 -31.74
C SER G 500 -8.66 24.99 -31.90
N ALA H 7 2.39 0.43 -23.97
CA ALA H 7 3.19 -0.81 -24.19
C ALA H 7 4.67 -0.47 -24.35
N VAL H 8 5.45 -0.77 -23.32
CA VAL H 8 6.88 -0.50 -23.29
C VAL H 8 7.70 -1.75 -23.63
N PRO H 9 8.68 -1.64 -24.53
CA PRO H 9 9.54 -2.76 -24.94
C PRO H 9 10.37 -3.28 -23.76
N ALA H 10 10.64 -4.58 -23.77
CA ALA H 10 11.42 -5.22 -22.70
C ALA H 10 12.81 -4.57 -22.62
N PRO H 11 13.19 -4.07 -21.43
CA PRO H 11 14.48 -3.42 -21.23
C PRO H 11 15.66 -4.37 -21.08
N ASN H 12 16.83 -3.87 -21.47
CA ASN H 12 18.06 -4.61 -21.33
C ASN H 12 18.56 -4.08 -19.99
N GLN H 13 18.30 -4.84 -18.93
CA GLN H 13 18.67 -4.44 -17.57
C GLN H 13 20.16 -4.24 -17.33
N GLN H 14 20.97 -4.56 -18.34
CA GLN H 14 22.42 -4.42 -18.26
C GLN H 14 22.95 -3.86 -19.59
N PRO H 15 22.56 -2.62 -19.93
CA PRO H 15 23.02 -2.01 -21.18
C PRO H 15 24.50 -1.72 -21.19
N GLU H 16 25.16 -2.07 -22.29
CA GLU H 16 26.59 -1.86 -22.45
C GLU H 16 26.86 -0.36 -22.63
N VAL H 17 27.97 0.12 -22.08
CA VAL H 17 28.36 1.52 -22.20
C VAL H 17 29.36 1.64 -23.33
N PHE H 18 29.12 2.56 -24.26
CA PHE H 18 30.01 2.76 -25.40
C PHE H 18 30.74 4.09 -25.37
N CYS H 19 30.29 5.02 -24.53
CA CYS H 19 30.91 6.33 -24.44
C CYS H 19 31.13 6.74 -23.00
N ASN H 20 32.38 7.07 -22.66
CA ASN H 20 32.72 7.47 -21.30
C ASN H 20 33.91 8.43 -21.25
N GLN H 21 34.14 9.14 -22.34
CA GLN H 21 35.27 10.08 -22.42
C GLN H 21 34.79 11.53 -22.64
N ILE H 22 35.71 12.40 -23.02
CA ILE H 22 35.40 13.80 -23.28
C ILE H 22 35.16 13.96 -24.78
N PHE H 23 34.06 14.61 -25.13
CA PHE H 23 33.66 14.82 -26.52
C PHE H 23 34.04 16.22 -27.01
N ILE H 24 35.00 16.29 -27.94
CA ILE H 24 35.46 17.55 -28.49
C ILE H 24 35.73 17.38 -29.99
N ASN H 25 35.16 18.27 -30.80
CA ASN H 25 35.32 18.23 -32.26
C ASN H 25 34.87 16.90 -32.86
N ASN H 26 33.76 16.38 -32.34
CA ASN H 26 33.20 15.10 -32.81
C ASN H 26 34.13 13.91 -32.62
N GLU H 27 35.02 14.01 -31.64
CA GLU H 27 35.96 12.95 -31.32
C GLU H 27 36.05 12.73 -29.82
N TRP H 28 36.41 11.52 -29.42
CA TRP H 28 36.53 11.16 -28.01
C TRP H 28 37.97 11.28 -27.53
N HIS H 29 38.15 11.92 -26.37
CA HIS H 29 39.46 12.14 -25.79
C HIS H 29 39.46 11.83 -24.29
N ASP H 30 40.62 11.40 -23.79
CA ASP H 30 40.78 11.13 -22.37
C ASP H 30 41.10 12.49 -21.77
N ALA H 31 40.90 12.64 -20.45
CA ALA H 31 41.24 13.89 -19.78
C ALA H 31 42.75 14.09 -19.96
N VAL H 32 43.19 15.34 -20.01
CA VAL H 32 44.61 15.63 -20.16
C VAL H 32 45.41 14.97 -19.03
N SER H 33 44.82 14.94 -17.85
CA SER H 33 45.42 14.33 -16.66
C SER H 33 45.35 12.80 -16.70
N ARG H 34 44.56 12.27 -17.64
CA ARG H 34 44.35 10.83 -17.81
C ARG H 34 43.55 10.26 -16.64
N LYS H 35 43.06 11.13 -15.76
CA LYS H 35 42.27 10.74 -14.60
C LYS H 35 40.82 10.42 -14.97
N THR H 36 40.24 9.47 -14.25
CA THR H 36 38.86 9.07 -14.46
C THR H 36 38.15 8.98 -13.12
N PHE H 37 36.83 9.07 -13.16
CA PHE H 37 36.00 8.97 -11.96
C PHE H 37 34.90 7.95 -12.21
N PRO H 38 34.46 7.26 -11.15
CA PRO H 38 33.41 6.25 -11.27
C PRO H 38 31.98 6.77 -11.19
N THR H 39 31.08 6.12 -11.93
CA THR H 39 29.68 6.46 -11.89
C THR H 39 28.96 5.22 -11.34
N VAL H 40 28.18 5.42 -10.29
CA VAL H 40 27.47 4.34 -9.61
C VAL H 40 26.02 4.10 -10.01
N ASN H 41 25.60 2.85 -9.93
CA ASN H 41 24.23 2.44 -10.18
C ASN H 41 23.58 2.56 -8.80
N PRO H 42 22.74 3.59 -8.59
CA PRO H 42 22.08 3.81 -7.30
C PRO H 42 21.19 2.68 -6.80
N SER H 43 20.88 1.72 -7.67
CA SER H 43 20.05 0.58 -7.30
C SER H 43 20.83 -0.50 -6.57
N THR H 44 22.10 -0.66 -6.96
CA THR H 44 22.96 -1.68 -6.36
C THR H 44 24.10 -1.08 -5.53
N GLY H 45 24.46 0.17 -5.85
CA GLY H 45 25.54 0.83 -5.15
C GLY H 45 26.88 0.44 -5.75
N GLU H 46 26.83 -0.25 -6.89
CA GLU H 46 28.05 -0.69 -7.59
C GLU H 46 28.43 0.23 -8.73
N VAL H 47 29.71 0.25 -9.06
CA VAL H 47 30.23 1.08 -10.14
C VAL H 47 29.88 0.50 -11.51
N ILE H 48 29.38 1.35 -12.40
CA ILE H 48 29.02 0.94 -13.75
C ILE H 48 30.29 0.91 -14.60
N CYS H 49 31.03 2.01 -14.55
CA CYS H 49 32.28 2.15 -15.30
C CYS H 49 32.99 3.44 -14.89
N GLN H 50 34.15 3.67 -15.47
CA GLN H 50 34.92 4.87 -15.20
C GLN H 50 34.60 5.87 -16.29
N VAL H 51 34.66 7.15 -15.95
CA VAL H 51 34.39 8.24 -16.90
C VAL H 51 35.53 9.24 -16.82
N ALA H 52 36.00 9.71 -17.98
CA ALA H 52 37.10 10.67 -18.03
C ALA H 52 36.78 11.88 -17.16
N GLU H 53 37.71 12.22 -16.27
CA GLU H 53 37.51 13.35 -15.37
C GLU H 53 38.00 14.66 -15.99
N GLY H 54 37.08 15.39 -16.60
CA GLY H 54 37.42 16.66 -17.23
C GLY H 54 37.69 17.76 -16.22
N ASP H 55 38.67 18.60 -16.54
CA ASP H 55 39.02 19.72 -15.68
C ASP H 55 39.27 20.94 -16.59
N LYS H 56 39.86 21.99 -16.01
CA LYS H 56 40.15 23.23 -16.71
C LYS H 56 40.82 23.11 -18.08
N GLU H 57 41.90 22.33 -18.15
CA GLU H 57 42.62 22.17 -19.42
C GLU H 57 41.77 21.51 -20.50
N ASP H 58 40.85 20.64 -20.08
CA ASP H 58 39.96 19.95 -21.02
C ASP H 58 38.90 20.94 -21.50
N VAL H 59 38.40 21.76 -20.56
CA VAL H 59 37.41 22.78 -20.88
C VAL H 59 38.02 23.78 -21.86
N ASP H 60 39.30 24.10 -21.66
CA ASP H 60 40.00 25.04 -22.54
C ASP H 60 40.01 24.52 -23.97
N LYS H 61 40.29 23.22 -24.11
CA LYS H 61 40.32 22.58 -25.42
C LYS H 61 38.94 22.63 -26.06
N ALA H 62 37.91 22.36 -25.26
CA ALA H 62 36.53 22.37 -25.72
C ALA H 62 36.09 23.78 -26.15
N VAL H 63 36.46 24.78 -25.34
CA VAL H 63 36.10 26.16 -25.65
C VAL H 63 36.74 26.58 -26.97
N LYS H 64 38.01 26.22 -27.15
CA LYS H 64 38.74 26.53 -28.38
C LYS H 64 38.07 25.89 -29.58
N ALA H 65 37.63 24.65 -29.42
CA ALA H 65 36.96 23.94 -30.51
C ALA H 65 35.64 24.64 -30.83
N ALA H 66 34.89 25.02 -29.80
CA ALA H 66 33.62 25.71 -29.99
C ALA H 66 33.82 27.07 -30.68
N ARG H 67 34.84 27.81 -30.24
CA ARG H 67 35.16 29.11 -30.83
C ARG H 67 35.49 28.99 -32.31
N ALA H 68 36.27 27.96 -32.65
CA ALA H 68 36.65 27.75 -34.04
C ALA H 68 35.41 27.41 -34.88
N ALA H 69 34.49 26.63 -34.31
CA ALA H 69 33.28 26.24 -35.02
C ALA H 69 32.32 27.41 -35.21
N PHE H 70 32.50 28.45 -34.41
CA PHE H 70 31.68 29.64 -34.46
C PHE H 70 32.25 30.76 -35.33
N GLN H 71 33.46 30.57 -35.85
CA GLN H 71 34.09 31.59 -36.70
C GLN H 71 33.27 31.91 -37.94
N LEU H 72 33.23 33.19 -38.29
CA LEU H 72 32.50 33.67 -39.45
C LEU H 72 32.97 32.90 -40.68
N GLY H 73 32.02 32.43 -41.48
CA GLY H 73 32.37 31.68 -42.67
C GLY H 73 32.51 30.19 -42.46
N SER H 74 32.39 29.72 -41.22
CA SER H 74 32.49 28.30 -40.92
C SER H 74 31.24 27.59 -41.42
N PRO H 75 31.28 26.25 -41.53
CA PRO H 75 30.10 25.51 -42.00
C PRO H 75 28.87 25.76 -41.13
N TRP H 76 29.06 25.80 -39.81
CA TRP H 76 27.96 26.03 -38.88
C TRP H 76 27.39 27.45 -38.95
N ARG H 77 28.24 28.43 -39.25
CA ARG H 77 27.79 29.83 -39.34
C ARG H 77 27.06 30.11 -40.64
N ARG H 78 27.53 29.50 -41.73
CA ARG H 78 26.95 29.68 -43.05
C ARG H 78 25.71 28.83 -43.30
N MET H 79 25.57 27.76 -42.52
CA MET H 79 24.45 26.84 -42.65
C MET H 79 23.10 27.55 -42.59
N ASP H 80 22.22 27.21 -43.53
CA ASP H 80 20.88 27.80 -43.57
C ASP H 80 20.19 27.49 -42.24
N ALA H 81 19.47 28.48 -41.69
CA ALA H 81 18.76 28.28 -40.43
C ALA H 81 17.83 27.07 -40.52
N SER H 82 17.21 26.88 -41.69
CA SER H 82 16.31 25.76 -41.90
C SER H 82 17.05 24.43 -41.80
N HIS H 83 18.30 24.41 -42.26
CA HIS H 83 19.09 23.19 -42.19
C HIS H 83 19.43 22.84 -40.75
N ARG H 84 19.57 23.86 -39.89
CA ARG H 84 19.84 23.61 -38.48
C ARG H 84 18.62 22.85 -37.93
N GLY H 85 17.44 23.27 -38.38
CA GLY H 85 16.20 22.63 -37.98
C GLY H 85 16.20 21.18 -38.42
N ARG H 86 16.68 20.93 -39.64
CA ARG H 86 16.76 19.58 -40.20
C ARG H 86 17.69 18.70 -39.36
N LEU H 87 18.81 19.28 -38.90
CA LEU H 87 19.78 18.54 -38.09
C LEU H 87 19.20 18.18 -36.74
N LEU H 88 18.44 19.11 -36.14
CA LEU H 88 17.80 18.87 -34.85
C LEU H 88 16.77 17.74 -34.97
N ASN H 89 16.04 17.73 -36.09
CA ASN H 89 15.04 16.68 -36.33
C ASN H 89 15.72 15.33 -36.55
N ARG H 90 16.85 15.35 -37.25
CA ARG H 90 17.63 14.14 -37.52
C ARG H 90 18.12 13.58 -36.19
N LEU H 91 18.59 14.46 -35.31
CA LEU H 91 19.08 14.04 -33.99
C LEU H 91 17.94 13.38 -33.21
N ALA H 92 16.75 13.98 -33.26
CA ALA H 92 15.58 13.44 -32.57
C ALA H 92 15.27 12.06 -33.13
N ASP H 93 15.38 11.90 -34.44
CA ASP H 93 15.13 10.62 -35.09
C ASP H 93 16.10 9.54 -34.61
N LEU H 94 17.36 9.92 -34.39
CA LEU H 94 18.38 8.99 -33.92
C LEU H 94 18.14 8.62 -32.47
N ILE H 95 17.71 9.59 -31.66
CA ILE H 95 17.42 9.34 -30.26
C ILE H 95 16.21 8.41 -30.14
N GLU H 96 15.26 8.51 -31.09
CA GLU H 96 14.08 7.66 -31.08
C GLU H 96 14.44 6.24 -31.49
N ARG H 97 15.31 6.12 -32.49
CA ARG H 97 15.78 4.83 -32.97
C ARG H 97 16.40 4.05 -31.80
N ASP H 98 17.17 4.77 -30.97
CA ASP H 98 17.85 4.19 -29.82
C ASP H 98 17.13 4.48 -28.51
N ARG H 99 15.81 4.70 -28.60
CA ARG H 99 15.00 5.01 -27.42
C ARG H 99 15.04 3.96 -26.31
N THR H 100 14.88 2.69 -26.67
CA THR H 100 14.90 1.60 -25.71
C THR H 100 16.23 1.52 -24.96
N TYR H 101 17.33 1.62 -25.71
CA TYR H 101 18.67 1.59 -25.13
C TYR H 101 18.87 2.76 -24.18
N LEU H 102 18.60 3.97 -24.66
CA LEU H 102 18.77 5.19 -23.87
C LEU H 102 17.91 5.23 -22.60
N ALA H 103 16.72 4.64 -22.67
CA ALA H 103 15.83 4.62 -21.51
C ALA H 103 16.39 3.70 -20.42
N ALA H 104 17.02 2.60 -20.85
CA ALA H 104 17.60 1.63 -19.94
C ALA H 104 18.86 2.22 -19.29
N LEU H 105 19.73 2.81 -20.12
CA LEU H 105 20.97 3.42 -19.63
C LEU H 105 20.65 4.57 -18.68
N GLU H 106 19.56 5.28 -18.95
CA GLU H 106 19.14 6.40 -18.11
C GLU H 106 18.79 5.87 -16.72
N THR H 107 18.06 4.77 -16.71
CA THR H 107 17.64 4.14 -15.46
C THR H 107 18.83 3.55 -14.70
N LEU H 108 19.74 2.93 -15.44
CA LEU H 108 20.92 2.32 -14.84
C LEU H 108 21.76 3.32 -14.05
N ASP H 109 21.99 4.48 -14.65
CA ASP H 109 22.80 5.54 -14.06
C ASP H 109 22.06 6.44 -13.07
N ASN H 110 20.79 6.75 -13.38
CA ASN H 110 19.98 7.62 -12.54
C ASN H 110 19.18 6.94 -11.43
N GLY H 111 18.54 5.82 -11.75
CA GLY H 111 17.75 5.10 -10.77
C GLY H 111 16.24 5.14 -10.98
N LYS H 112 15.78 6.08 -11.82
CA LYS H 112 14.34 6.20 -12.09
C LYS H 112 13.79 4.97 -12.82
N PRO H 113 12.51 4.64 -12.59
CA PRO H 113 11.86 3.48 -13.23
C PRO H 113 12.01 3.49 -14.75
N TYR H 114 12.37 2.34 -15.32
CA TYR H 114 12.54 2.23 -16.76
C TYR H 114 11.31 2.71 -17.54
N VAL H 115 10.12 2.31 -17.06
CA VAL H 115 8.87 2.69 -17.72
C VAL H 115 8.77 4.22 -17.81
N ILE H 116 9.12 4.90 -16.73
CA ILE H 116 9.08 6.36 -16.71
C ILE H 116 10.14 6.93 -17.66
N SER H 117 11.34 6.35 -17.65
CA SER H 117 12.41 6.82 -18.54
C SER H 117 11.99 6.73 -20.00
N TYR H 118 11.28 5.65 -20.34
CA TYR H 118 10.83 5.41 -21.70
C TYR H 118 9.64 6.27 -22.11
N LEU H 119 8.56 6.22 -21.32
CA LEU H 119 7.35 6.96 -21.63
C LEU H 119 7.38 8.46 -21.32
N VAL H 120 8.13 8.86 -20.31
CA VAL H 120 8.19 10.27 -19.92
C VAL H 120 9.44 10.99 -20.42
N ASP H 121 10.59 10.70 -19.80
CA ASP H 121 11.86 11.32 -20.15
C ASP H 121 12.20 11.36 -21.64
N LEU H 122 12.26 10.20 -22.28
CA LEU H 122 12.56 10.15 -23.71
C LEU H 122 11.52 10.80 -24.61
N ASP H 123 10.27 10.76 -24.17
CA ASP H 123 9.18 11.37 -24.94
C ASP H 123 9.33 12.88 -24.88
N MET H 124 9.66 13.40 -23.70
CA MET H 124 9.86 14.83 -23.52
C MET H 124 11.11 15.33 -24.25
N VAL H 125 12.13 14.47 -24.33
CA VAL H 125 13.36 14.81 -25.02
C VAL H 125 13.05 14.98 -26.51
N LEU H 126 12.37 13.97 -27.07
CA LEU H 126 11.98 13.97 -28.48
C LEU H 126 11.14 15.20 -28.82
N LYS H 127 10.20 15.51 -27.94
CA LYS H 127 9.31 16.66 -28.14
C LYS H 127 10.05 17.99 -28.04
N CYS H 128 11.01 18.08 -27.12
CA CYS H 128 11.77 19.31 -26.94
C CYS H 128 12.60 19.63 -28.18
N LEU H 129 13.36 18.64 -28.64
CA LEU H 129 14.21 18.78 -29.82
C LEU H 129 13.41 19.07 -31.09
N ARG H 130 12.28 18.37 -31.26
CA ARG H 130 11.45 18.59 -32.44
C ARG H 130 10.76 19.95 -32.41
N TYR H 131 10.42 20.42 -31.21
CA TYR H 131 9.80 21.71 -31.06
C TYR H 131 10.79 22.80 -31.48
N TYR H 132 12.00 22.73 -30.92
CA TYR H 132 13.02 23.72 -31.24
C TYR H 132 13.55 23.69 -32.65
N ALA H 133 13.45 22.52 -33.30
CA ALA H 133 13.88 22.38 -34.68
C ALA H 133 13.00 23.31 -35.51
N GLY H 134 11.73 23.40 -35.13
CA GLY H 134 10.78 24.26 -35.82
C GLY H 134 11.12 25.73 -35.68
N TRP H 135 11.77 26.11 -34.58
CA TRP H 135 12.15 27.51 -34.33
C TRP H 135 13.39 28.01 -35.08
N ALA H 136 14.22 27.07 -35.53
CA ALA H 136 15.48 27.39 -36.23
C ALA H 136 15.44 28.54 -37.24
N ASP H 137 14.41 28.57 -38.07
CA ASP H 137 14.29 29.61 -39.08
C ASP H 137 13.07 30.52 -38.87
N LYS H 138 12.66 30.71 -37.62
CA LYS H 138 11.48 31.52 -37.33
C LYS H 138 11.65 32.61 -36.28
N TYR H 139 12.83 32.74 -35.69
CA TYR H 139 13.05 33.76 -34.67
C TYR H 139 13.52 35.06 -35.34
N HIS H 140 12.59 35.75 -35.97
CA HIS H 140 12.86 36.99 -36.72
C HIS H 140 13.33 38.20 -35.94
N GLY H 141 14.11 39.03 -36.63
CA GLY H 141 14.57 40.28 -36.07
C GLY H 141 13.48 41.26 -36.48
N LYS H 142 13.76 42.56 -36.41
CA LYS H 142 12.72 43.53 -36.75
C LYS H 142 13.20 44.67 -37.65
N THR H 143 12.26 45.24 -38.41
CA THR H 143 12.54 46.42 -39.24
C THR H 143 11.81 47.48 -38.42
N ILE H 144 12.53 48.53 -38.07
CA ILE H 144 12.02 49.57 -37.18
C ILE H 144 11.83 50.97 -37.78
N PRO H 145 10.63 51.57 -37.60
CA PRO H 145 10.29 52.90 -38.10
C PRO H 145 10.90 54.01 -37.23
N ILE H 146 12.21 54.09 -37.24
CA ILE H 146 12.96 55.07 -36.46
C ILE H 146 12.79 56.47 -37.08
N ASP H 147 12.99 57.52 -36.27
CA ASP H 147 12.87 58.90 -36.73
C ASP H 147 13.99 59.22 -37.72
N GLY H 148 13.72 60.17 -38.62
CA GLY H 148 14.74 60.58 -39.58
C GLY H 148 14.90 59.74 -40.82
N ASP H 149 15.79 60.17 -41.71
CA ASP H 149 16.03 59.45 -42.95
C ASP H 149 16.97 58.27 -42.76
N PHE H 150 16.46 57.22 -42.10
CA PHE H 150 17.25 56.03 -41.83
C PHE H 150 16.42 54.77 -41.96
N PHE H 151 17.10 53.66 -42.23
CA PHE H 151 16.50 52.35 -42.32
C PHE H 151 17.11 51.60 -41.15
N SER H 152 16.31 51.34 -40.13
CA SER H 152 16.82 50.64 -38.95
C SER H 152 16.21 49.25 -38.79
N TYR H 153 17.07 48.27 -38.55
CA TYR H 153 16.62 46.89 -38.35
C TYR H 153 17.52 46.19 -37.35
N THR H 154 17.06 45.04 -36.86
CA THR H 154 17.84 44.28 -35.92
C THR H 154 18.08 42.88 -36.44
N ARG H 155 19.28 42.38 -36.16
CA ARG H 155 19.68 41.03 -36.53
C ARG H 155 19.68 40.23 -35.25
N HIS H 156 19.09 39.04 -35.27
CA HIS H 156 19.08 38.18 -34.09
C HIS H 156 20.19 37.16 -34.30
N GLU H 157 21.40 37.53 -33.86
CA GLU H 157 22.58 36.67 -34.00
C GLU H 157 22.72 35.74 -32.80
N PRO H 158 23.51 34.66 -32.96
CA PRO H 158 23.69 33.73 -31.84
C PRO H 158 24.55 34.42 -30.79
N VAL H 159 24.34 34.11 -29.52
CA VAL H 159 25.13 34.72 -28.46
C VAL H 159 26.60 34.26 -28.54
N GLY H 160 26.82 33.07 -29.11
CA GLY H 160 28.18 32.55 -29.26
C GLY H 160 28.46 31.23 -28.57
N VAL H 161 29.60 31.16 -27.88
CA VAL H 161 29.99 29.97 -27.15
C VAL H 161 29.18 29.90 -25.87
N CYS H 162 28.34 28.88 -25.77
CA CYS H 162 27.49 28.72 -24.59
C CYS H 162 27.91 27.60 -23.66
N GLY H 163 28.20 27.98 -22.42
CA GLY H 163 28.56 27.01 -21.41
C GLY H 163 27.26 26.53 -20.79
N GLN H 164 27.04 25.22 -20.79
CA GLN H 164 25.81 24.68 -20.23
C GLN H 164 26.10 23.63 -19.17
N ILE H 165 25.72 23.93 -17.93
CA ILE H 165 25.95 23.08 -16.78
C ILE H 165 24.61 22.52 -16.31
N ILE H 166 24.49 21.19 -16.31
CA ILE H 166 23.25 20.51 -15.95
C ILE H 166 23.32 19.54 -14.76
N PRO H 167 22.17 19.32 -14.10
CA PRO H 167 22.04 18.43 -12.94
C PRO H 167 21.81 16.96 -13.32
N TRP H 168 21.58 16.14 -12.30
CA TRP H 168 21.40 14.70 -12.47
C TRP H 168 19.97 14.14 -12.46
N ASN H 169 19.00 14.91 -11.95
CA ASN H 169 17.63 14.42 -11.86
C ASN H 169 16.92 14.04 -13.16
N PHE H 170 17.30 14.69 -14.26
CA PHE H 170 16.73 14.41 -15.58
C PHE H 170 17.88 14.61 -16.56
N PRO H 171 18.83 13.67 -16.58
CA PRO H 171 20.00 13.72 -17.46
C PRO H 171 19.72 14.06 -18.92
N LEU H 172 19.02 13.16 -19.61
CA LEU H 172 18.69 13.37 -21.02
C LEU H 172 17.80 14.59 -21.27
N LEU H 173 16.80 14.78 -20.43
CA LEU H 173 15.88 15.90 -20.58
C LEU H 173 16.56 17.25 -20.37
N MET H 174 17.42 17.35 -19.36
CA MET H 174 18.13 18.59 -19.10
C MET H 174 19.05 18.90 -20.27
N GLN H 175 19.66 17.87 -20.85
CA GLN H 175 20.55 18.05 -21.99
C GLN H 175 19.74 18.62 -23.17
N ALA H 176 18.54 18.08 -23.37
CA ALA H 176 17.65 18.49 -24.44
C ALA H 176 17.17 19.93 -24.25
N TRP H 177 16.83 20.27 -23.02
CA TRP H 177 16.36 21.62 -22.71
C TRP H 177 17.44 22.66 -23.02
N LYS H 178 18.69 22.23 -22.98
CA LYS H 178 19.82 23.11 -23.24
C LYS H 178 20.21 23.16 -24.71
N LEU H 179 20.34 21.99 -25.33
CA LEU H 179 20.74 21.89 -26.73
C LEU H 179 19.72 22.39 -27.74
N GLY H 180 18.45 22.12 -27.52
CA GLY H 180 17.40 22.54 -28.44
C GLY H 180 17.44 24.02 -28.80
N PRO H 181 17.22 24.92 -27.83
CA PRO H 181 17.22 26.37 -28.05
C PRO H 181 18.57 26.92 -28.52
N ALA H 182 19.66 26.40 -27.95
CA ALA H 182 21.00 26.84 -28.31
C ALA H 182 21.36 26.52 -29.76
N LEU H 183 21.11 25.28 -30.18
CA LEU H 183 21.41 24.88 -31.54
C LEU H 183 20.46 25.48 -32.57
N ALA H 184 19.18 25.60 -32.18
CA ALA H 184 18.17 26.17 -33.07
C ALA H 184 18.57 27.60 -33.49
N THR H 185 19.17 28.34 -32.57
CA THR H 185 19.61 29.71 -32.85
C THR H 185 21.07 29.83 -33.32
N GLY H 186 21.66 28.72 -33.75
CA GLY H 186 23.03 28.73 -34.27
C GLY H 186 24.23 28.88 -33.34
N ASN H 187 24.06 28.64 -32.05
CA ASN H 187 25.17 28.76 -31.11
C ASN H 187 26.03 27.49 -31.10
N VAL H 188 27.13 27.55 -30.36
CA VAL H 188 28.03 26.41 -30.21
C VAL H 188 28.00 26.10 -28.71
N VAL H 189 28.24 24.84 -28.34
CA VAL H 189 28.15 24.46 -26.94
C VAL H 189 29.30 23.70 -26.30
N VAL H 190 29.50 23.99 -25.01
CA VAL H 190 30.48 23.32 -24.17
C VAL H 190 29.62 22.95 -22.98
N MET H 191 29.23 21.68 -22.91
CA MET H 191 28.36 21.19 -21.85
C MET H 191 29.05 20.37 -20.79
N LYS H 192 28.73 20.67 -19.54
CA LYS H 192 29.28 19.97 -18.37
C LYS H 192 28.13 19.20 -17.73
N VAL H 193 28.13 17.88 -17.91
CA VAL H 193 27.10 17.02 -17.35
C VAL H 193 27.43 16.67 -15.89
N ALA H 194 26.40 16.35 -15.12
CA ALA H 194 26.59 16.00 -13.71
C ALA H 194 27.40 14.71 -13.55
N GLU H 195 28.33 14.73 -12.60
CA GLU H 195 29.18 13.56 -12.34
C GLU H 195 28.38 12.31 -11.96
N GLN H 196 27.20 12.51 -11.37
CA GLN H 196 26.36 11.39 -10.98
C GLN H 196 25.69 10.70 -12.16
N THR H 197 25.46 11.44 -13.25
CA THR H 197 24.79 10.88 -14.43
C THR H 197 25.36 11.39 -15.74
N PRO H 198 26.56 10.93 -16.12
CA PRO H 198 27.19 11.38 -17.37
C PRO H 198 26.98 10.52 -18.61
N LEU H 199 26.71 9.23 -18.41
CA LEU H 199 26.56 8.26 -19.49
C LEU H 199 25.62 8.56 -20.65
N THR H 200 24.34 8.81 -20.37
CA THR H 200 23.39 9.06 -21.44
C THR H 200 23.72 10.27 -22.31
N ALA H 201 24.15 11.36 -21.68
CA ALA H 201 24.50 12.58 -22.41
C ALA H 201 25.67 12.30 -23.35
N LEU H 202 26.57 11.44 -22.91
CA LEU H 202 27.74 11.08 -23.71
C LEU H 202 27.33 10.24 -24.91
N TYR H 203 26.35 9.36 -24.74
CA TYR H 203 25.91 8.55 -25.87
C TYR H 203 25.21 9.46 -26.88
N VAL H 204 24.44 10.43 -26.39
CA VAL H 204 23.76 11.37 -27.29
C VAL H 204 24.78 12.14 -28.12
N ALA H 205 25.97 12.37 -27.55
CA ALA H 205 27.04 13.08 -28.26
C ALA H 205 27.41 12.30 -29.52
N ASN H 206 27.40 10.98 -29.41
CA ASN H 206 27.72 10.11 -30.55
C ASN H 206 26.66 10.29 -31.63
N LEU H 207 25.41 10.44 -31.20
CA LEU H 207 24.30 10.64 -32.12
C LEU H 207 24.35 12.02 -32.76
N ILE H 208 24.90 13.00 -32.04
CA ILE H 208 25.06 14.36 -32.55
C ILE H 208 26.02 14.32 -33.74
N LYS H 209 27.05 13.48 -33.63
CA LYS H 209 28.03 13.31 -34.69
C LYS H 209 27.37 12.60 -35.89
N GLU H 210 26.62 11.54 -35.60
CA GLU H 210 25.95 10.77 -36.64
C GLU H 210 24.91 11.62 -37.38
N ALA H 211 24.30 12.56 -36.65
CA ALA H 211 23.29 13.46 -37.22
C ALA H 211 23.89 14.40 -38.28
N GLY H 212 25.17 14.72 -38.13
CA GLY H 212 25.81 15.60 -39.09
C GLY H 212 26.21 16.99 -38.61
N PHE H 213 26.13 17.23 -37.30
CA PHE H 213 26.53 18.53 -36.76
C PHE H 213 28.04 18.71 -36.94
N PRO H 214 28.46 19.86 -37.47
CA PRO H 214 29.88 20.13 -37.68
C PRO H 214 30.69 19.94 -36.39
N PRO H 215 31.97 19.58 -36.53
CA PRO H 215 32.86 19.37 -35.37
C PRO H 215 32.99 20.66 -34.56
N GLY H 216 32.91 20.53 -33.24
CA GLY H 216 33.03 21.69 -32.39
C GLY H 216 31.73 22.39 -32.02
N VAL H 217 30.64 22.07 -32.73
CA VAL H 217 29.35 22.69 -32.43
C VAL H 217 28.86 22.27 -31.05
N VAL H 218 29.04 21.00 -30.73
CA VAL H 218 28.65 20.49 -29.42
C VAL H 218 29.84 19.76 -28.82
N ASN H 219 30.27 20.22 -27.65
CA ASN H 219 31.39 19.62 -26.93
C ASN H 219 30.88 19.30 -25.54
N ILE H 220 31.21 18.11 -25.05
CA ILE H 220 30.76 17.68 -23.72
C ILE H 220 31.93 17.26 -22.86
N VAL H 221 32.04 17.90 -21.70
CA VAL H 221 33.12 17.62 -20.76
C VAL H 221 32.59 17.05 -19.45
N PRO H 222 32.66 15.73 -19.27
CA PRO H 222 32.18 15.12 -18.02
C PRO H 222 33.21 15.46 -16.94
N GLY H 223 32.75 15.64 -15.72
CA GLY H 223 33.66 15.96 -14.64
C GLY H 223 32.93 16.58 -13.47
N PHE H 224 33.70 17.05 -12.49
CA PHE H 224 33.12 17.63 -11.29
C PHE H 224 32.74 19.10 -11.44
N GLY H 225 32.04 19.63 -10.44
CA GLY H 225 31.59 21.01 -10.47
C GLY H 225 32.64 22.08 -10.25
N PRO H 226 33.31 22.10 -9.09
CA PRO H 226 34.34 23.08 -8.75
C PRO H 226 35.52 23.08 -9.72
N THR H 227 35.62 22.03 -10.52
CA THR H 227 36.70 21.91 -11.49
C THR H 227 36.25 22.27 -12.89
N ALA H 228 35.59 21.33 -13.56
CA ALA H 228 35.11 21.54 -14.92
C ALA H 228 34.03 22.62 -15.01
N GLY H 229 33.07 22.57 -14.11
CA GLY H 229 31.99 23.55 -14.12
C GLY H 229 32.47 24.97 -13.92
N ALA H 230 33.26 25.18 -12.87
CA ALA H 230 33.80 26.50 -12.54
C ALA H 230 34.68 27.06 -13.63
N ALA H 231 35.39 26.18 -14.34
CA ALA H 231 36.26 26.61 -15.43
C ALA H 231 35.41 27.19 -16.56
N ILE H 232 34.22 26.62 -16.77
CA ILE H 232 33.32 27.09 -17.82
C ILE H 232 32.74 28.44 -17.42
N ALA H 233 32.27 28.54 -16.18
CA ALA H 233 31.67 29.77 -15.67
C ALA H 233 32.65 30.95 -15.61
N SER H 234 33.92 30.64 -15.40
CA SER H 234 34.94 31.68 -15.28
C SER H 234 35.75 31.90 -16.54
N HIS H 235 35.48 31.10 -17.58
CA HIS H 235 36.22 31.23 -18.83
C HIS H 235 36.07 32.59 -19.49
N GLU H 236 37.19 33.11 -19.99
CA GLU H 236 37.22 34.41 -20.65
C GLU H 236 36.68 34.38 -22.08
N ASP H 237 36.53 33.20 -22.66
CA ASP H 237 36.03 33.09 -24.02
C ASP H 237 34.65 32.46 -24.14
N VAL H 238 33.97 32.30 -23.01
CA VAL H 238 32.62 31.75 -23.02
C VAL H 238 31.70 32.98 -22.98
N ASP H 239 30.83 33.06 -23.96
CA ASP H 239 29.92 34.20 -24.08
C ASP H 239 28.69 34.15 -23.20
N LYS H 240 28.19 32.95 -22.95
CA LYS H 240 26.98 32.78 -22.16
C LYS H 240 27.00 31.48 -21.38
N VAL H 241 26.40 31.50 -20.19
CA VAL H 241 26.32 30.32 -19.37
C VAL H 241 24.90 30.08 -18.89
N ALA H 242 24.42 28.85 -19.07
CA ALA H 242 23.10 28.45 -18.63
C ALA H 242 23.33 27.35 -17.61
N PHE H 243 22.75 27.53 -16.42
CA PHE H 243 22.92 26.59 -15.33
C PHE H 243 21.62 26.15 -14.70
N THR H 244 21.57 24.86 -14.35
CA THR H 244 20.42 24.27 -13.69
C THR H 244 20.99 23.45 -12.54
N GLY H 245 20.58 23.79 -11.31
CA GLY H 245 21.07 23.10 -10.15
C GLY H 245 20.61 23.76 -8.87
N SER H 246 21.46 23.72 -7.84
CA SER H 246 21.15 24.31 -6.55
C SER H 246 21.26 25.83 -6.58
N THR H 247 20.47 26.47 -5.71
CA THR H 247 20.48 27.93 -5.59
C THR H 247 21.87 28.39 -5.18
N GLU H 248 22.50 27.61 -4.30
CA GLU H 248 23.84 27.90 -3.80
C GLU H 248 24.86 28.04 -4.92
N ILE H 249 24.91 27.04 -5.80
CA ILE H 249 25.84 27.07 -6.93
C ILE H 249 25.40 28.11 -7.97
N GLY H 250 24.11 28.45 -7.98
CA GLY H 250 23.61 29.45 -8.90
C GLY H 250 24.32 30.76 -8.60
N ARG H 251 24.46 31.05 -7.30
CA ARG H 251 25.13 32.25 -6.82
C ARG H 251 26.61 32.24 -7.23
N VAL H 252 27.22 31.06 -7.13
CA VAL H 252 28.63 30.89 -7.49
C VAL H 252 28.83 31.14 -8.99
N ILE H 253 27.87 30.71 -9.79
CA ILE H 253 27.93 30.89 -11.25
C ILE H 253 27.85 32.38 -11.58
N GLN H 254 26.87 33.06 -11.00
CA GLN H 254 26.68 34.50 -11.24
C GLN H 254 27.92 35.30 -10.86
N VAL H 255 28.52 34.97 -9.72
CA VAL H 255 29.72 35.65 -9.24
C VAL H 255 30.88 35.40 -10.21
N ALA H 256 31.01 34.16 -10.67
CA ALA H 256 32.07 33.80 -11.59
C ALA H 256 31.96 34.58 -12.91
N ALA H 257 30.73 34.74 -13.39
CA ALA H 257 30.48 35.48 -14.64
C ALA H 257 30.86 36.94 -14.48
N GLY H 258 30.41 37.55 -13.37
CA GLY H 258 30.71 38.94 -13.11
C GLY H 258 32.20 39.17 -12.92
N SER H 259 32.87 38.22 -12.25
CA SER H 259 34.30 38.32 -11.98
C SER H 259 35.18 38.03 -13.20
N SER H 260 34.62 37.42 -14.22
CA SER H 260 35.39 37.11 -15.42
C SER H 260 35.16 38.07 -16.59
N ASN H 261 34.44 37.61 -17.61
CA ASN H 261 34.19 38.42 -18.81
C ASN H 261 32.76 38.94 -18.97
N LEU H 262 31.99 38.93 -17.89
CA LEU H 262 30.60 39.41 -17.94
C LEU H 262 29.73 38.61 -18.89
N LYS H 263 30.00 37.31 -19.00
CA LYS H 263 29.21 36.43 -19.85
C LYS H 263 27.76 36.50 -19.38
N ARG H 264 26.82 36.34 -20.32
CA ARG H 264 25.40 36.38 -20.01
C ARG H 264 24.98 35.16 -19.19
N VAL H 265 24.09 35.37 -18.22
CA VAL H 265 23.65 34.28 -17.35
C VAL H 265 22.14 34.08 -17.19
N THR H 266 21.74 32.82 -17.16
CA THR H 266 20.35 32.40 -16.91
C THR H 266 20.51 31.24 -15.93
N LEU H 267 19.61 31.16 -14.96
CA LEU H 267 19.68 30.11 -13.95
C LEU H 267 18.33 29.44 -13.75
N GLU H 268 18.37 28.13 -13.55
CA GLU H 268 17.18 27.33 -13.28
C GLU H 268 17.55 26.62 -11.98
N LEU H 269 17.01 27.12 -10.88
CA LEU H 269 17.34 26.57 -9.57
C LEU H 269 16.21 25.76 -8.95
N GLY H 270 16.29 25.54 -7.64
CA GLY H 270 15.28 24.75 -6.96
C GLY H 270 14.12 25.56 -6.42
N GLY H 271 13.41 24.98 -5.46
CA GLY H 271 12.28 25.66 -4.86
C GLY H 271 11.64 24.91 -3.71
N LYS H 272 10.50 25.43 -3.26
CA LYS H 272 9.72 24.84 -2.17
C LYS H 272 8.28 25.15 -2.57
N SER H 273 7.92 24.71 -3.77
CA SER H 273 6.62 24.94 -4.37
C SER H 273 5.38 24.51 -3.59
N PRO H 274 4.44 25.45 -3.39
CA PRO H 274 3.19 25.24 -2.66
C PRO H 274 2.08 24.72 -3.58
N ASN H 275 1.42 23.66 -3.12
CA ASN H 275 0.31 23.05 -3.84
C ASN H 275 -0.92 23.30 -2.97
N ILE H 276 -1.72 24.28 -3.37
CA ILE H 276 -2.92 24.69 -2.64
C ILE H 276 -4.18 23.92 -3.02
N ILE H 277 -4.74 23.21 -2.04
CA ILE H 277 -5.97 22.44 -2.25
C ILE H 277 -7.12 23.16 -1.55
N MET H 278 -8.02 23.75 -2.34
CA MET H 278 -9.17 24.46 -1.77
C MET H 278 -10.24 23.44 -1.37
N SER H 279 -11.15 23.83 -0.48
CA SER H 279 -12.21 22.94 0.00
C SER H 279 -13.17 22.41 -1.07
N ASP H 280 -13.34 23.17 -2.16
CA ASP H 280 -14.24 22.78 -3.24
C ASP H 280 -13.55 21.97 -4.35
N ALA H 281 -12.34 21.53 -4.10
CA ALA H 281 -11.58 20.75 -5.07
C ALA H 281 -12.08 19.31 -5.20
N ASP H 282 -11.77 18.69 -6.34
CA ASP H 282 -12.14 17.29 -6.58
C ASP H 282 -11.18 16.51 -5.69
N MET H 283 -11.72 15.92 -4.62
CA MET H 283 -10.93 15.17 -3.65
C MET H 283 -10.02 14.10 -4.25
N ASP H 284 -10.61 13.13 -4.95
CA ASP H 284 -9.86 12.04 -5.58
C ASP H 284 -8.75 12.55 -6.48
N TRP H 285 -9.08 13.55 -7.28
CA TRP H 285 -8.12 14.14 -8.21
C TRP H 285 -7.01 14.90 -7.48
N ALA H 286 -7.39 15.71 -6.49
CA ALA H 286 -6.42 16.48 -5.72
C ALA H 286 -5.43 15.59 -4.99
N VAL H 287 -5.93 14.50 -4.40
CA VAL H 287 -5.08 13.56 -3.68
C VAL H 287 -4.05 12.88 -4.61
N GLU H 288 -4.53 12.36 -5.73
CA GLU H 288 -3.64 11.70 -6.68
C GLU H 288 -2.60 12.65 -7.25
N GLN H 289 -3.05 13.87 -7.58
CA GLN H 289 -2.16 14.88 -8.13
C GLN H 289 -1.16 15.39 -7.11
N ALA H 290 -1.61 15.52 -5.86
CA ALA H 290 -0.75 15.98 -4.77
C ALA H 290 0.34 14.95 -4.53
N HIS H 291 -0.01 13.67 -4.70
CA HIS H 291 0.95 12.58 -4.53
C HIS H 291 2.00 12.64 -5.64
N PHE H 292 1.52 12.79 -6.87
CA PHE H 292 2.38 12.89 -8.05
C PHE H 292 3.29 14.11 -7.96
N ALA H 293 2.69 15.23 -7.58
CA ALA H 293 3.39 16.51 -7.46
C ALA H 293 4.63 16.44 -6.58
N LEU H 294 4.57 15.59 -5.58
CA LEU H 294 5.68 15.46 -4.63
C LEU H 294 6.63 14.33 -4.92
N PHE H 295 6.09 13.12 -4.94
CA PHE H 295 6.86 11.90 -5.15
C PHE H 295 7.41 11.62 -6.54
N PHE H 296 6.98 12.39 -7.54
CA PHE H 296 7.47 12.17 -8.88
C PHE H 296 9.00 12.20 -8.97
N ASN H 297 9.56 11.24 -9.70
CA ASN H 297 10.99 11.12 -9.89
C ASN H 297 11.75 11.01 -8.58
N GLN H 298 11.24 10.18 -7.67
CA GLN H 298 11.85 9.99 -6.35
C GLN H 298 11.89 11.29 -5.55
N GLY H 299 10.98 12.20 -5.89
CA GLY H 299 10.93 13.49 -5.21
C GLY H 299 12.04 14.42 -5.64
N GLN H 300 12.83 13.98 -6.61
CA GLN H 300 13.96 14.75 -7.12
C GLN H 300 13.55 15.64 -8.29
N CYS H 301 12.58 16.54 -8.02
N CYS H 301 12.60 16.53 -8.02
CA CYS H 301 12.10 17.45 -9.04
CA CYS H 301 12.10 17.45 -9.03
C CYS H 301 12.18 18.86 -8.49
C CYS H 301 12.17 18.87 -8.49
N CYS H 302 12.83 19.73 -9.25
CA CYS H 302 13.00 21.14 -8.87
C CYS H 302 11.69 21.81 -8.47
N CYS H 303 10.62 21.53 -9.22
CA CYS H 303 9.32 22.12 -8.96
C CYS H 303 8.40 21.26 -8.10
N ALA H 304 8.97 20.32 -7.36
CA ALA H 304 8.19 19.42 -6.49
C ALA H 304 7.25 20.16 -5.56
N GLY H 305 6.00 19.69 -5.48
CA GLY H 305 5.03 20.30 -4.59
C GLY H 305 5.31 19.86 -3.17
N SER H 306 6.34 20.46 -2.57
CA SER H 306 6.80 20.14 -1.23
C SER H 306 6.08 20.85 -0.07
N ARG H 307 5.06 21.64 -0.40
CA ARG H 307 4.28 22.33 0.62
C ARG H 307 2.80 22.19 0.22
N THR H 308 2.17 21.12 0.70
CA THR H 308 0.79 20.87 0.38
C THR H 308 -0.17 21.50 1.38
N PHE H 309 -0.70 22.66 1.02
CA PHE H 309 -1.65 23.37 1.86
C PHE H 309 -3.05 22.82 1.59
N VAL H 310 -3.73 22.39 2.64
CA VAL H 310 -5.07 21.83 2.53
C VAL H 310 -6.01 22.62 3.44
N GLN H 311 -7.16 23.05 2.90
CA GLN H 311 -8.14 23.82 3.67
C GLN H 311 -8.67 22.92 4.80
N GLU H 312 -8.77 23.48 6.00
CA GLU H 312 -9.21 22.75 7.19
C GLU H 312 -10.40 21.81 7.06
N ASP H 313 -11.47 22.25 6.39
CA ASP H 313 -12.68 21.43 6.24
C ASP H 313 -12.48 20.10 5.49
N ILE H 314 -11.38 19.95 4.78
CA ILE H 314 -11.11 18.71 4.05
C ILE H 314 -9.77 18.10 4.43
N TYR H 315 -9.09 18.70 5.40
CA TYR H 315 -7.79 18.26 5.85
C TYR H 315 -7.71 16.78 6.24
N ASP H 316 -8.50 16.37 7.23
CA ASP H 316 -8.48 15.00 7.70
C ASP H 316 -8.69 13.97 6.60
N GLU H 317 -9.68 14.20 5.74
CA GLU H 317 -9.96 13.26 4.66
C GLU H 317 -8.80 13.22 3.67
N PHE H 318 -8.30 14.39 3.29
CA PHE H 318 -7.19 14.49 2.35
C PHE H 318 -5.97 13.76 2.90
N VAL H 319 -5.65 14.01 4.16
CA VAL H 319 -4.50 13.37 4.81
C VAL H 319 -4.67 11.86 4.78
N GLU H 320 -5.83 11.40 5.25
CA GLU H 320 -6.17 9.98 5.29
C GLU H 320 -5.93 9.30 3.93
N ARG H 321 -6.43 9.91 2.87
CA ARG H 321 -6.27 9.37 1.52
C ARG H 321 -4.83 9.45 1.02
N SER H 322 -4.14 10.52 1.38
CA SER H 322 -2.75 10.70 0.98
C SER H 322 -1.84 9.65 1.60
N VAL H 323 -2.06 9.38 2.89
CA VAL H 323 -1.28 8.38 3.62
C VAL H 323 -1.48 7.03 2.97
N ALA H 324 -2.74 6.70 2.67
CA ALA H 324 -3.07 5.44 2.03
C ALA H 324 -2.32 5.29 0.71
N ARG H 325 -2.30 6.38 -0.06
CA ARG H 325 -1.63 6.41 -1.36
C ARG H 325 -0.11 6.28 -1.23
N ALA H 326 0.45 6.92 -0.20
CA ALA H 326 1.88 6.87 0.04
C ALA H 326 2.31 5.48 0.49
N LYS H 327 1.51 4.87 1.36
CA LYS H 327 1.81 3.53 1.85
C LYS H 327 1.71 2.47 0.77
N SER H 328 0.87 2.73 -0.23
CA SER H 328 0.68 1.80 -1.34
C SER H 328 1.68 1.97 -2.49
N ARG H 329 2.50 3.02 -2.42
CA ARG H 329 3.49 3.30 -3.47
C ARG H 329 4.60 2.23 -3.51
N VAL H 330 4.72 1.55 -4.65
CA VAL H 330 5.71 0.50 -4.84
C VAL H 330 7.15 1.00 -5.03
N VAL H 331 8.00 0.62 -4.08
CA VAL H 331 9.42 1.00 -4.12
C VAL H 331 10.24 -0.25 -4.41
N GLY H 332 11.06 -0.22 -5.45
CA GLY H 332 11.86 -1.39 -5.77
C GLY H 332 12.74 -1.24 -6.98
N ASN H 333 13.19 -2.36 -7.52
CA ASN H 333 14.04 -2.40 -8.70
C ASN H 333 13.38 -1.61 -9.84
N PRO H 334 14.04 -0.51 -10.27
CA PRO H 334 13.54 0.36 -11.35
C PRO H 334 13.25 -0.35 -12.67
N PHE H 335 13.85 -1.53 -12.86
CA PHE H 335 13.64 -2.29 -14.08
C PHE H 335 12.39 -3.15 -14.05
N ASP H 336 11.77 -3.28 -12.88
CA ASP H 336 10.55 -4.06 -12.76
C ASP H 336 9.38 -3.13 -13.08
N SER H 337 8.49 -3.55 -13.98
CA SER H 337 7.36 -2.74 -14.40
C SER H 337 6.38 -2.30 -13.29
N LYS H 338 6.40 -2.98 -12.16
CA LYS H 338 5.52 -2.67 -11.03
C LYS H 338 6.07 -1.50 -10.19
N THR H 339 7.37 -1.25 -10.29
CA THR H 339 8.03 -0.20 -9.53
C THR H 339 7.60 1.24 -9.84
N GLU H 340 7.12 1.93 -8.81
CA GLU H 340 6.70 3.32 -8.94
C GLU H 340 7.85 4.24 -8.55
N GLN H 341 8.64 3.79 -7.57
CA GLN H 341 9.76 4.58 -7.07
C GLN H 341 11.08 3.82 -6.97
N GLY H 342 12.09 4.32 -7.65
CA GLY H 342 13.41 3.71 -7.62
C GLY H 342 14.22 4.29 -6.47
N PRO H 343 15.56 4.11 -6.50
CA PRO H 343 16.43 4.64 -5.46
C PRO H 343 16.75 6.11 -5.70
N GLN H 344 17.33 6.77 -4.70
CA GLN H 344 17.74 8.16 -4.83
C GLN H 344 19.03 8.12 -5.64
N VAL H 345 19.39 9.24 -6.27
CA VAL H 345 20.58 9.29 -7.12
C VAL H 345 21.91 8.79 -6.54
N ASP H 346 22.23 9.17 -5.30
CA ASP H 346 23.47 8.72 -4.67
C ASP H 346 23.41 8.68 -3.16
N GLU H 347 24.53 8.29 -2.55
CA GLU H 347 24.62 8.18 -1.09
C GLU H 347 24.48 9.54 -0.41
N THR H 348 25.05 10.56 -1.03
CA THR H 348 25.00 11.92 -0.48
C THR H 348 23.55 12.41 -0.35
N GLN H 349 22.76 12.23 -1.41
CA GLN H 349 21.35 12.63 -1.39
C GLN H 349 20.59 11.74 -0.41
N PHE H 350 20.92 10.46 -0.45
CA PHE H 350 20.31 9.44 0.41
C PHE H 350 20.40 9.89 1.88
N LYS H 351 21.62 10.25 2.30
CA LYS H 351 21.87 10.70 3.67
C LYS H 351 21.24 12.05 3.99
N LYS H 352 21.31 12.98 3.04
CA LYS H 352 20.73 14.31 3.22
C LYS H 352 19.23 14.22 3.49
N ILE H 353 18.55 13.38 2.72
CA ILE H 353 17.11 13.19 2.88
C ILE H 353 16.80 12.58 4.25
N LEU H 354 17.56 11.56 4.62
CA LEU H 354 17.37 10.90 5.93
C LEU H 354 17.54 11.94 7.04
N GLY H 355 18.48 12.88 6.83
CA GLY H 355 18.73 13.93 7.80
C GLY H 355 17.53 14.86 7.93
N TYR H 356 16.91 15.20 6.81
CA TYR H 356 15.73 16.08 6.83
C TYR H 356 14.57 15.38 7.51
N ILE H 357 14.45 14.09 7.30
CA ILE H 357 13.37 13.31 7.93
C ILE H 357 13.55 13.38 9.45
N ASN H 358 14.79 13.20 9.91
CA ASN H 358 15.10 13.26 11.33
C ASN H 358 14.74 14.64 11.87
N THR H 359 15.10 15.67 11.12
CA THR H 359 14.82 17.05 11.50
C THR H 359 13.31 17.26 11.59
N GLY H 360 12.57 16.62 10.70
CA GLY H 360 11.12 16.74 10.71
C GLY H 360 10.55 16.20 12.01
N LYS H 361 11.04 15.04 12.44
CA LYS H 361 10.59 14.42 13.67
C LYS H 361 10.99 15.23 14.89
N GLN H 362 12.22 15.72 14.89
CA GLN H 362 12.73 16.50 16.01
C GLN H 362 12.01 17.84 16.20
N GLU H 363 11.44 18.37 15.13
CA GLU H 363 10.75 19.66 15.19
C GLU H 363 9.26 19.64 15.54
N GLY H 364 8.71 18.44 15.72
CA GLY H 364 7.31 18.34 16.08
C GLY H 364 6.34 18.03 14.96
N ALA H 365 6.86 17.71 13.78
CA ALA H 365 6.00 17.36 12.65
C ALA H 365 5.47 15.95 12.90
N LYS H 366 4.19 15.73 12.60
CA LYS H 366 3.58 14.43 12.80
C LYS H 366 3.89 13.45 11.68
N LEU H 367 4.72 12.44 11.98
CA LEU H 367 5.10 11.42 11.02
C LEU H 367 3.92 10.47 10.81
N LEU H 368 3.35 10.47 9.61
CA LEU H 368 2.19 9.64 9.31
C LEU H 368 2.50 8.29 8.67
N CYS H 369 3.64 8.19 7.99
CA CYS H 369 4.07 6.95 7.35
C CYS H 369 5.50 7.07 6.87
N GLY H 370 6.12 5.94 6.57
CA GLY H 370 7.51 5.92 6.11
C GLY H 370 8.46 6.46 7.17
N GLY H 371 9.49 7.18 6.73
CA GLY H 371 10.44 7.77 7.65
C GLY H 371 11.78 7.06 7.77
N GLY H 372 11.98 5.99 7.02
CA GLY H 372 13.24 5.26 7.09
C GLY H 372 13.68 4.68 5.77
N ILE H 373 14.74 3.89 5.81
CA ILE H 373 15.28 3.24 4.62
C ILE H 373 14.34 2.14 4.13
N ALA H 374 14.17 2.04 2.81
CA ALA H 374 13.30 1.04 2.22
C ALA H 374 13.96 -0.29 1.89
N ALA H 375 15.29 -0.27 1.75
CA ALA H 375 16.05 -1.49 1.43
C ALA H 375 17.47 -1.45 1.97
N ASP H 376 18.04 -2.62 2.21
CA ASP H 376 19.41 -2.72 2.73
C ASP H 376 20.48 -2.59 1.65
N ARG H 377 20.04 -2.49 0.40
CA ARG H 377 20.95 -2.36 -0.73
C ARG H 377 20.44 -1.22 -1.61
N GLY H 378 21.35 -0.38 -2.09
CA GLY H 378 20.94 0.75 -2.93
C GLY H 378 20.52 1.91 -2.05
N TYR H 379 19.98 2.97 -2.66
CA TYR H 379 19.58 4.14 -1.88
C TYR H 379 18.07 4.36 -1.86
N PHE H 380 17.33 3.33 -1.44
CA PHE H 380 15.87 3.38 -1.38
C PHE H 380 15.34 3.96 -0.06
N ILE H 381 14.37 4.85 -0.17
CA ILE H 381 13.76 5.50 1.00
C ILE H 381 12.24 5.32 0.95
N GLN H 382 11.66 5.01 2.10
CA GLN H 382 10.22 4.82 2.20
C GLN H 382 9.46 6.12 1.98
N PRO H 383 8.37 6.07 1.19
CA PRO H 383 7.57 7.27 0.93
C PRO H 383 7.14 7.80 2.29
N THR H 384 7.57 9.01 2.60
CA THR H 384 7.28 9.62 3.89
C THR H 384 6.32 10.79 3.81
N VAL H 385 5.43 10.85 4.80
CA VAL H 385 4.44 11.91 4.87
C VAL H 385 4.42 12.53 6.27
N PHE H 386 4.52 13.85 6.32
CA PHE H 386 4.48 14.61 7.57
C PHE H 386 3.20 15.45 7.58
N GLY H 387 2.47 15.38 8.68
CA GLY H 387 1.25 16.16 8.81
C GLY H 387 1.42 17.27 9.82
N ASP H 388 0.45 18.18 9.86
CA ASP H 388 0.48 19.32 10.78
C ASP H 388 1.80 20.08 10.73
N VAL H 389 2.31 20.28 9.52
CA VAL H 389 3.55 20.99 9.30
C VAL H 389 3.34 22.50 9.45
N GLN H 390 4.26 23.15 10.18
CA GLN H 390 4.19 24.59 10.39
C GLN H 390 5.20 25.30 9.50
N ASP H 391 4.88 26.53 9.10
CA ASP H 391 5.74 27.32 8.21
C ASP H 391 7.17 27.48 8.70
N GLY H 392 7.33 27.62 10.01
CA GLY H 392 8.66 27.78 10.58
C GLY H 392 9.52 26.53 10.60
N MET H 393 8.93 25.38 10.31
CA MET H 393 9.69 24.12 10.32
C MET H 393 10.67 24.02 9.17
N THR H 394 11.83 23.45 9.46
CA THR H 394 12.89 23.28 8.46
C THR H 394 12.41 22.52 7.22
N ILE H 395 11.63 21.46 7.41
CA ILE H 395 11.11 20.66 6.29
C ILE H 395 10.05 21.42 5.49
N ALA H 396 9.60 22.55 6.04
CA ALA H 396 8.60 23.37 5.37
C ALA H 396 9.26 24.53 4.62
N LYS H 397 10.56 24.72 4.85
CA LYS H 397 11.29 25.81 4.23
C LYS H 397 12.40 25.38 3.27
N GLU H 398 13.08 24.29 3.60
CA GLU H 398 14.19 23.82 2.78
C GLU H 398 13.86 22.73 1.77
N GLU H 399 14.50 22.80 0.60
CA GLU H 399 14.31 21.82 -0.45
C GLU H 399 14.93 20.49 -0.03
N ILE H 400 14.07 19.49 0.15
CA ILE H 400 14.50 18.16 0.58
C ILE H 400 14.99 17.29 -0.57
N PHE H 401 14.30 17.37 -1.71
CA PHE H 401 14.63 16.61 -2.92
C PHE H 401 14.54 15.10 -2.72
N GLY H 402 13.50 14.68 -1.99
CA GLY H 402 13.28 13.28 -1.72
C GLY H 402 11.81 12.98 -1.50
N PRO H 403 11.46 11.70 -1.34
CA PRO H 403 10.06 11.30 -1.12
C PRO H 403 9.56 11.63 0.29
N VAL H 404 9.56 12.92 0.62
CA VAL H 404 9.10 13.41 1.92
C VAL H 404 8.05 14.49 1.66
N MET H 405 6.80 14.18 1.99
CA MET H 405 5.68 15.07 1.79
C MET H 405 5.30 15.88 3.02
N GLN H 406 5.00 17.16 2.81
CA GLN H 406 4.59 18.06 3.88
C GLN H 406 3.16 18.50 3.64
N ILE H 407 2.30 18.29 4.64
CA ILE H 407 0.91 18.70 4.52
C ILE H 407 0.61 19.72 5.62
N LEU H 408 0.22 20.92 5.18
CA LEU H 408 -0.10 22.00 6.11
C LEU H 408 -1.59 22.32 6.02
N LYS H 409 -2.11 22.92 7.08
CA LYS H 409 -3.52 23.27 7.16
C LYS H 409 -3.71 24.80 7.11
N PHE H 410 -4.73 25.24 6.38
CA PHE H 410 -5.03 26.67 6.29
C PHE H 410 -6.54 26.88 6.33
N LYS H 411 -6.96 28.12 6.59
CA LYS H 411 -8.38 28.45 6.66
C LYS H 411 -8.90 29.29 5.50
N THR H 412 -8.33 30.49 5.32
CA THR H 412 -8.79 31.39 4.26
C THR H 412 -7.89 31.44 3.03
N ILE H 413 -8.40 32.00 1.95
CA ILE H 413 -7.66 32.12 0.71
C ILE H 413 -6.61 33.23 0.81
N GLU H 414 -6.92 34.30 1.55
CA GLU H 414 -6.00 35.42 1.73
C GLU H 414 -4.79 34.92 2.53
N GLU H 415 -5.06 34.09 3.52
CA GLU H 415 -4.05 33.51 4.38
C GLU H 415 -3.07 32.61 3.62
N VAL H 416 -3.61 31.70 2.82
CA VAL H 416 -2.78 30.76 2.06
C VAL H 416 -1.88 31.46 1.04
N VAL H 417 -2.34 32.58 0.50
CA VAL H 417 -1.55 33.35 -0.46
C VAL H 417 -0.32 33.90 0.26
N GLY H 418 -0.54 34.50 1.43
CA GLY H 418 0.55 35.06 2.21
C GLY H 418 1.57 34.01 2.60
N ARG H 419 1.10 32.86 3.07
CA ARG H 419 1.96 31.77 3.49
C ARG H 419 2.70 31.13 2.32
N ALA H 420 2.01 30.97 1.18
CA ALA H 420 2.61 30.37 0.00
C ALA H 420 3.73 31.25 -0.55
N ASN H 421 3.50 32.57 -0.53
CA ASN H 421 4.48 33.54 -1.02
C ASN H 421 5.60 33.83 -0.04
N ASN H 422 5.41 33.47 1.23
CA ASN H 422 6.44 33.72 2.23
C ASN H 422 7.56 32.69 2.08
N SER H 423 8.35 32.89 1.04
CA SER H 423 9.46 32.01 0.71
C SER H 423 10.43 32.73 -0.24
N THR H 424 11.69 32.33 -0.18
CA THR H 424 12.71 32.91 -1.04
C THR H 424 12.67 32.20 -2.40
N TYR H 425 11.91 31.11 -2.45
CA TYR H 425 11.75 30.35 -3.68
C TYR H 425 10.47 30.79 -4.38
N GLY H 426 10.37 30.48 -5.67
CA GLY H 426 9.19 30.84 -6.44
C GLY H 426 9.22 30.18 -7.80
N LEU H 427 9.60 28.90 -7.84
CA LEU H 427 9.69 28.17 -9.11
C LEU H 427 8.33 27.76 -9.67
N ALA H 428 7.46 27.25 -8.82
CA ALA H 428 6.14 26.82 -9.25
C ALA H 428 5.14 26.82 -8.10
N ALA H 429 3.89 26.53 -8.44
CA ALA H 429 2.79 26.47 -7.49
C ALA H 429 1.59 25.85 -8.18
N ALA H 430 0.60 25.44 -7.39
CA ALA H 430 -0.61 24.84 -7.95
C ALA H 430 -1.85 25.20 -7.14
N VAL H 431 -2.98 25.20 -7.82
CA VAL H 431 -4.25 25.52 -7.20
C VAL H 431 -5.29 24.50 -7.65
N PHE H 432 -5.94 23.87 -6.68
CA PHE H 432 -7.00 22.91 -6.95
C PHE H 432 -8.30 23.46 -6.42
N THR H 433 -9.18 23.80 -7.35
CA THR H 433 -10.49 24.37 -7.04
C THR H 433 -11.37 24.25 -8.27
N LYS H 434 -12.68 24.32 -8.07
CA LYS H 434 -13.63 24.25 -9.17
C LYS H 434 -14.12 25.67 -9.49
N ASP H 435 -13.90 26.59 -8.55
CA ASP H 435 -14.33 27.98 -8.66
C ASP H 435 -13.47 28.86 -9.56
N LEU H 436 -14.11 29.50 -10.54
CA LEU H 436 -13.43 30.39 -11.49
C LEU H 436 -12.64 31.52 -10.82
N ASP H 437 -13.33 32.30 -9.98
CA ASP H 437 -12.72 33.44 -9.29
C ASP H 437 -11.55 33.05 -8.39
N LYS H 438 -11.67 31.92 -7.69
CA LYS H 438 -10.60 31.45 -6.82
C LYS H 438 -9.36 31.09 -7.65
N ALA H 439 -9.59 30.47 -8.80
CA ALA H 439 -8.51 30.06 -9.68
C ALA H 439 -7.75 31.27 -10.24
N ASN H 440 -8.49 32.30 -10.64
CA ASN H 440 -7.91 33.52 -11.18
C ASN H 440 -7.25 34.36 -10.09
N TYR H 441 -7.90 34.43 -8.94
CA TYR H 441 -7.38 35.17 -7.80
C TYR H 441 -6.02 34.61 -7.41
N LEU H 442 -5.96 33.29 -7.23
CA LEU H 442 -4.72 32.62 -6.85
C LEU H 442 -3.62 32.59 -7.90
N SER H 443 -3.96 32.29 -9.16
CA SER H 443 -2.94 32.26 -10.22
C SER H 443 -2.24 33.60 -10.37
N GLN H 444 -3.00 34.69 -10.16
CA GLN H 444 -2.45 36.04 -10.25
C GLN H 444 -1.57 36.39 -9.04
N ALA H 445 -2.10 36.14 -7.85
CA ALA H 445 -1.41 36.45 -6.60
C ALA H 445 -0.15 35.65 -6.26
N LEU H 446 -0.08 34.40 -6.73
CA LEU H 446 1.07 33.57 -6.44
C LEU H 446 2.33 34.02 -7.16
N GLN H 447 3.39 34.25 -6.38
CA GLN H 447 4.67 34.70 -6.92
C GLN H 447 5.50 33.50 -7.35
N ALA H 448 5.13 32.89 -8.47
CA ALA H 448 5.84 31.72 -8.99
C ALA H 448 5.88 31.68 -10.51
N GLY H 449 6.96 31.12 -11.05
CA GLY H 449 7.14 31.01 -12.49
C GLY H 449 6.05 30.25 -13.23
N THR H 450 5.51 29.21 -12.59
CA THR H 450 4.45 28.41 -13.19
C THR H 450 3.36 28.12 -12.16
N VAL H 451 2.12 28.41 -12.52
CA VAL H 451 0.98 28.12 -11.65
C VAL H 451 0.09 27.14 -12.40
N TRP H 452 -0.04 25.93 -11.84
CA TRP H 452 -0.88 24.91 -12.42
C TRP H 452 -2.23 24.96 -11.72
N VAL H 453 -3.30 24.80 -12.49
CA VAL H 453 -4.64 24.81 -11.94
C VAL H 453 -5.28 23.44 -12.20
N ASN H 454 -5.59 22.73 -11.12
CA ASN H 454 -6.19 21.39 -11.20
C ASN H 454 -5.28 20.38 -11.91
N CYS H 455 -3.99 20.63 -11.85
CA CYS H 455 -2.99 19.74 -12.44
C CYS H 455 -1.64 20.08 -11.81
N TYR H 456 -0.60 19.33 -12.19
CA TYR H 456 0.73 19.58 -11.66
C TYR H 456 1.75 18.88 -12.54
N ASP H 457 2.95 19.46 -12.60
CA ASP H 457 4.04 18.91 -13.42
C ASP H 457 3.65 18.78 -14.88
N VAL H 458 2.82 19.70 -15.35
CA VAL H 458 2.41 19.69 -16.75
C VAL H 458 3.41 20.56 -17.48
N PHE H 459 4.34 19.92 -18.17
CA PHE H 459 5.35 20.61 -18.93
C PHE H 459 5.07 20.49 -20.41
N GLY H 460 5.42 21.52 -21.14
CA GLY H 460 5.22 21.51 -22.57
C GLY H 460 6.35 22.31 -23.18
N ALA H 461 6.96 21.77 -24.23
CA ALA H 461 8.06 22.46 -24.91
C ALA H 461 7.61 23.84 -25.40
N GLN H 462 6.30 24.03 -25.52
CA GLN H 462 5.73 25.28 -25.98
C GLN H 462 5.63 26.33 -24.88
N SER H 463 5.44 25.89 -23.64
CA SER H 463 5.30 26.82 -22.51
C SER H 463 6.59 27.01 -21.70
N PRO H 464 6.96 28.28 -21.42
CA PRO H 464 8.17 28.61 -20.66
C PRO H 464 8.16 28.10 -19.22
N PHE H 465 9.35 27.90 -18.68
CA PHE H 465 9.53 27.42 -17.31
C PHE H 465 10.74 28.11 -16.69
N GLY H 466 10.57 28.57 -15.46
CA GLY H 466 11.64 29.26 -14.77
C GLY H 466 11.12 29.78 -13.45
N GLY H 467 12.00 30.31 -12.62
CA GLY H 467 11.54 30.78 -11.34
C GLY H 467 11.58 32.26 -11.03
N TYR H 468 10.76 32.64 -10.07
CA TYR H 468 10.71 34.00 -9.54
C TYR H 468 11.71 33.97 -8.41
N LYS H 469 12.03 35.15 -7.88
CA LYS H 469 12.94 35.25 -6.75
C LYS H 469 14.23 34.43 -6.93
N MET H 470 14.60 33.69 -5.89
CA MET H 470 15.83 32.90 -5.94
C MET H 470 15.71 31.48 -6.51
N SER H 471 14.63 31.23 -7.25
CA SER H 471 14.43 29.93 -7.89
C SER H 471 15.05 29.97 -9.29
N GLY H 472 15.59 31.13 -9.65
CA GLY H 472 16.23 31.30 -10.95
C GLY H 472 16.00 32.66 -11.60
N SER H 473 16.51 32.80 -12.82
CA SER H 473 16.36 34.01 -13.61
C SER H 473 16.33 33.60 -15.07
N GLY H 474 15.41 34.15 -15.83
CA GLY H 474 15.29 33.78 -17.22
C GLY H 474 14.32 32.61 -17.33
N ARG H 475 14.01 32.20 -18.54
CA ARG H 475 13.07 31.11 -18.75
C ARG H 475 13.56 30.15 -19.82
N GLU H 476 13.18 28.88 -19.69
CA GLU H 476 13.54 27.89 -20.68
C GLU H 476 12.25 27.37 -21.30
N LEU H 477 12.36 26.74 -22.47
CA LEU H 477 11.22 26.20 -23.20
C LEU H 477 10.41 27.35 -23.82
N GLY H 478 9.60 27.01 -24.82
CA GLY H 478 8.78 28.01 -25.48
C GLY H 478 9.61 28.97 -26.31
N GLU H 479 8.97 30.03 -26.77
CA GLU H 479 9.65 31.06 -27.54
C GLU H 479 10.64 31.80 -26.65
N TYR H 480 10.27 31.96 -25.39
CA TYR H 480 11.09 32.63 -24.38
C TYR H 480 12.47 32.01 -24.22
N GLY H 481 12.53 30.69 -24.41
CA GLY H 481 13.78 29.96 -24.27
C GLY H 481 14.84 30.36 -25.28
N LEU H 482 14.46 31.13 -26.30
CA LEU H 482 15.39 31.57 -27.32
C LEU H 482 16.07 32.90 -26.98
N GLN H 483 15.39 33.70 -26.15
CA GLN H 483 15.89 35.02 -25.74
C GLN H 483 17.35 35.04 -25.29
N ALA H 484 17.67 34.20 -24.31
CA ALA H 484 19.02 34.12 -23.77
C ALA H 484 20.08 33.62 -24.75
N TYR H 485 19.65 32.99 -25.84
CA TYR H 485 20.59 32.48 -26.83
C TYR H 485 20.71 33.39 -28.04
N THR H 486 20.28 34.63 -27.87
CA THR H 486 20.33 35.61 -28.94
C THR H 486 21.00 36.91 -28.52
N GLU H 487 21.88 37.41 -29.38
CA GLU H 487 22.54 38.69 -29.13
C GLU H 487 21.94 39.59 -30.19
N VAL H 488 21.37 40.71 -29.77
CA VAL H 488 20.73 41.64 -30.69
C VAL H 488 21.65 42.72 -31.23
N LYS H 489 21.66 42.85 -32.56
CA LYS H 489 22.46 43.85 -33.23
C LYS H 489 21.54 44.77 -34.02
N THR H 490 21.70 46.07 -33.81
CA THR H 490 20.90 47.05 -34.54
C THR H 490 21.76 47.58 -35.67
N VAL H 491 21.20 47.62 -36.87
CA VAL H 491 21.90 48.18 -38.01
C VAL H 491 21.05 49.37 -38.48
N THR H 492 21.62 50.56 -38.41
CA THR H 492 20.93 51.77 -38.80
C THR H 492 21.65 52.39 -39.98
N VAL H 493 20.93 52.45 -41.10
CA VAL H 493 21.46 52.94 -42.37
C VAL H 493 20.83 54.24 -42.86
N LYS H 494 21.69 55.18 -43.22
CA LYS H 494 21.25 56.46 -43.76
C LYS H 494 20.68 56.21 -45.15
N VAL H 495 19.47 56.71 -45.41
CA VAL H 495 18.86 56.55 -46.73
C VAL H 495 18.55 57.94 -47.29
N PRO H 496 18.45 58.07 -48.63
CA PRO H 496 18.16 59.36 -49.27
C PRO H 496 16.91 60.06 -48.74
N GLN H 497 15.81 59.32 -48.60
CA GLN H 497 14.58 59.90 -48.09
C GLN H 497 13.64 58.83 -47.57
N LYS H 498 13.46 58.79 -46.26
CA LYS H 498 12.60 57.81 -45.64
C LYS H 498 11.13 58.14 -45.79
N ASN H 499 10.36 57.13 -46.17
CA ASN H 499 8.91 57.23 -46.35
C ASN H 499 8.28 56.04 -45.63
N SER H 500 7.00 56.17 -45.28
CA SER H 500 6.28 55.09 -44.61
C SER H 500 6.10 53.90 -45.58
MG MG I . -19.00 -27.54 -2.81
NA NA J . -5.43 -25.07 -8.37
C GAI K . -10.83 -52.52 14.44
N1 GAI K . -11.22 -53.81 14.30
N2 GAI K . -11.15 -51.60 13.51
N3 GAI K . -10.10 -52.15 15.54
PA NAD L . -16.97 -28.26 -0.03
O1A NAD L . -17.55 -28.59 1.30
O2A NAD L . -17.95 -28.53 -1.10
O5B NAD L . -15.71 -29.14 -0.37
C5B NAD L . -14.87 -29.77 0.62
C4B NAD L . -14.39 -31.17 0.25
O4B NAD L . -15.52 -32.06 0.17
C3B NAD L . -13.70 -31.19 -1.14
O3B NAD L . -12.77 -32.28 -1.20
C2B NAD L . -14.96 -31.52 -1.98
O2B NAD L . -14.58 -32.06 -3.25
C1B NAD L . -15.62 -32.60 -1.13
N9A NAD L . -17.03 -32.73 -1.50
C8A NAD L . -17.87 -31.85 -2.20
N7A NAD L . -19.15 -32.36 -2.37
C5A NAD L . -19.10 -33.60 -1.75
C6A NAD L . -20.10 -34.54 -1.60
N6A NAD L . -21.31 -34.42 -2.17
N1A NAD L . -19.78 -35.69 -0.89
C2A NAD L . -18.50 -35.87 -0.39
N3A NAD L . -17.49 -34.94 -0.54
C4A NAD L . -17.84 -33.81 -1.24
O3 NAD L . -16.50 -26.73 -0.05
PN NAD L . -16.34 -25.84 -1.42
O1N NAD L . -17.36 -26.15 -2.44
O2N NAD L . -15.00 -26.04 -2.01
O5D NAD L . -16.51 -24.32 -0.92
C5D NAD L . -17.86 -23.78 -0.63
C4D NAD L . -17.83 -23.13 0.76
O4D NAD L . -17.41 -24.06 1.75
C3D NAD L . -16.69 -22.10 0.84
O3D NAD L . -17.08 -20.87 0.21
C2D NAD L . -16.60 -21.89 2.35
O2D NAD L . -17.73 -21.14 2.81
C1D NAD L . -16.74 -23.37 2.81
N1N NAD L . -15.45 -24.05 3.10
C2N NAD L . -15.09 -24.21 4.37
C3N NAD L . -13.91 -24.80 4.64
C7N NAD L . -13.46 -25.00 5.89
O7N NAD L . -12.24 -24.85 6.16
N7N NAD L . -14.26 -25.36 6.88
C4N NAD L . -13.12 -25.20 3.63
C5N NAD L . -13.46 -25.06 2.35
C6N NAD L . -14.67 -24.45 2.10
MG MG M . -39.33 -50.66 15.90
NA NA N . -45.75 -53.18 29.14
CC1 CRD O . -26.97 -56.32 31.33
CC2 CRD O . -27.19 -55.57 30.05
CC3 CRD O . -27.00 -56.16 28.88
CC4 CRD O . -27.22 -55.43 27.63
OC1 CRD O . -28.35 -55.27 27.22
C GAI P . -22.47 -25.56 25.48
N1 GAI P . -23.32 -26.52 25.03
N2 GAI P . -22.66 -24.26 25.14
N3 GAI P . -21.41 -25.90 26.26
PA NAD Q . -36.63 -49.98 18.12
O1A NAD Q . -35.28 -49.65 17.60
O2A NAD Q . -37.63 -49.75 17.05
O5B NAD Q . -37.00 -49.08 19.38
C5B NAD Q . -36.07 -48.45 20.31
C4B NAD Q . -36.45 -47.05 20.79
O4B NAD Q . -36.42 -46.14 19.68
C3B NAD Q . -37.90 -47.04 21.37
O3B NAD Q . -38.05 -45.95 22.29
C2B NAD Q . -38.64 -46.71 20.06
O2B NAD Q . -39.92 -46.15 20.35
C1B NAD Q . -37.73 -45.64 19.42
N9A NAD Q . -37.97 -45.54 17.98
C8A NAD Q . -38.62 -46.43 17.15
N7A NAD Q . -38.75 -45.96 15.84
C5A NAD Q . -38.14 -44.72 15.90
C6A NAD Q . -37.98 -43.78 14.89
N6A NAD Q . -38.49 -43.98 13.65
N1A NAD Q . -37.35 -42.58 15.19
C2A NAD Q . -36.89 -42.37 16.49
N3A NAD Q . -37.03 -43.30 17.52
C4A NAD Q . -37.67 -44.47 17.16
O3 NAD Q . -36.66 -51.50 18.64
PN NAD Q . -37.98 -52.44 18.67
O1N NAD Q . -38.88 -52.13 17.53
O2N NAD Q . -38.73 -52.22 19.94
O5D NAD Q . -37.45 -53.96 18.56
C5D NAD Q . -37.10 -54.52 17.23
C4D NAD Q . -35.70 -55.15 17.31
O4D NAD Q . -34.73 -54.21 17.77
C3D NAD Q . -35.64 -56.15 18.49
O3D NAD Q . -36.28 -57.38 18.13
C2D NAD Q . -34.13 -56.37 18.63
O2D NAD Q . -33.63 -57.13 17.53
C1D NAD Q . -33.68 -54.89 18.48
N1N NAD Q . -33.46 -54.26 19.79
C2N NAD Q . -32.21 -54.06 20.19
C3N NAD Q . -32.00 -53.48 21.38
C7N NAD Q . -30.76 -53.24 21.85
O7N NAD Q . -30.53 -53.27 23.09
N7N NAD Q . -29.75 -52.99 21.03
C4N NAD Q . -33.02 -53.11 22.16
C5N NAD Q . -34.28 -53.30 21.79
C6N NAD Q . -34.48 -53.89 20.56
MG MG R . 29.27 -48.31 47.32
NA NA S . 36.11 -48.88 34.02
CC1 CRD T . 18.56 -53.97 32.88
CC2 CRD T . 18.07 -53.17 34.05
CC3 CRD T . 18.77 -53.13 35.17
CC4 CRD T . 18.30 -52.36 36.32
OC1 CRD T . 18.88 -51.37 36.68
C GAI U . 9.82 -24.46 40.02
N1 GAI U . 10.75 -25.40 40.27
N2 GAI U . 8.90 -24.66 39.05
N3 GAI U . 9.80 -23.31 40.74
C1 EDO V . -12.60 -19.98 33.06
O1 EDO V . -12.68 -21.36 32.67
C2 EDO V . -13.21 -19.09 31.99
O2 EDO V . -12.71 -19.47 30.71
C1 EDO W . -0.43 -18.57 34.21
O1 EDO W . -0.89 -19.15 35.43
C2 EDO W . -0.79 -19.50 33.04
O2 EDO W . -0.38 -20.84 33.34
PA NAD X . 26.67 -47.63 45.01
O1A NAD X . 25.27 -47.53 45.50
O2A NAD X . 27.59 -47.41 46.14
O5B NAD X . 27.00 -46.54 43.89
C5B NAD X . 26.07 -46.10 42.88
C4B NAD X . 26.25 -44.62 42.55
O4B NAD X . 26.09 -43.84 43.73
C3B NAD X . 27.68 -44.33 42.04
O3B NAD X . 27.66 -43.16 41.23
C2B NAD X . 28.35 -44.00 43.40
O2B NAD X . 29.54 -43.23 43.19
C1B NAD X . 27.27 -43.13 44.06
N9A NAD X . 27.45 -43.10 45.51
C8A NAD X . 28.16 -44.00 46.29
N7A NAD X . 28.21 -43.60 47.62
C5A NAD X . 27.49 -42.42 47.64
C6A NAD X . 27.22 -41.59 48.72
N6A NAD X . 27.66 -41.82 49.98
N1A NAD X . 26.45 -40.45 48.48
C2A NAD X . 26.01 -40.18 47.18
N3A NAD X . 26.29 -41.00 46.09
C4A NAD X . 27.04 -42.12 46.39
O3 NAD X . 26.93 -49.01 44.22
PN NAD X . 28.34 -49.78 44.20
O1N NAD X . 29.20 -49.39 45.35
O2N NAD X . 29.08 -49.48 42.96
O5D NAD X . 27.97 -51.35 44.25
C5D NAD X . 27.56 -52.06 45.49
C4D NAD X . 26.26 -52.84 45.28
O4D NAD X . 25.20 -51.98 44.85
C3D NAD X . 26.38 -53.78 44.07
O3D NAD X . 27.15 -54.93 44.41
C2D NAD X . 24.91 -54.16 43.85
O2D NAD X . 24.47 -55.02 44.91
C1D NAD X . 24.29 -52.76 44.04
N1N NAD X . 24.06 -52.04 42.76
C2N NAD X . 22.81 -51.94 42.33
C3N NAD X . 22.57 -51.27 41.18
C7N NAD X . 21.31 -51.16 40.71
O7N NAD X . 21.06 -51.31 39.49
N7N NAD X . 20.28 -50.89 41.51
C4N NAD X . 23.58 -50.73 40.49
C5N NAD X . 24.85 -50.81 40.89
C6N NAD X . 25.07 -51.49 42.07
MG MG Y . 7.00 -29.54 67.70
NA NA Z . -7.04 -29.07 73.67
CC1 CRD AA . -6.42 -24.07 55.63
CC2 CRD AA . -5.11 -24.82 55.55
CC3 CRD AA . -4.59 -25.37 56.64
CC4 CRD AA . -3.32 -26.08 56.52
OC1 CRD AA . -2.45 -25.84 57.33
C GAI BA . 1.52 -53.59 47.94
N1 GAI BA . 2.16 -54.78 47.97
N2 GAI BA . 0.63 -53.31 46.94
N3 GAI BA . 1.76 -52.65 48.91
C1 EDO CA . -4.72 -59.09 24.51
O1 EDO CA . -6.11 -58.77 24.62
C2 EDO CA . -3.93 -58.17 25.43
O2 EDO CA . -4.16 -56.81 25.06
C1 EDO DA . -3.38 -59.51 37.33
O1 EDO DA . -2.13 -58.92 37.03
C2 EDO DA . -4.49 -58.75 36.60
O2 EDO DA . -4.57 -57.41 37.08
PA NAD EA . 4.77 -30.27 65.01
O1A NAD EA . 5.37 -30.31 63.66
O2A NAD EA . 5.82 -30.48 66.02
O5B NAD EA . 3.66 -31.39 65.24
C5B NAD EA . 2.75 -31.93 64.25
C4B NAD EA . 2.48 -33.43 64.42
O4B NAD EA . 3.73 -34.07 64.38
C3B NAD EA . 1.84 -33.75 65.79
O3B NAD EA . 1.11 -34.98 65.71
C2B NAD EA . 3.12 -33.97 66.61
O2B NAD EA . 2.84 -34.78 67.77
C1B NAD EA . 3.93 -34.79 65.59
N9A NAD EA . 5.34 -34.79 65.94
C8A NAD EA . 6.06 -33.87 66.69
N7A NAD EA . 7.41 -34.24 66.81
C5A NAD EA . 7.48 -35.42 66.12
C6A NAD EA . 8.58 -36.25 65.92
N6A NAD EA . 9.80 -35.98 66.45
N1A NAD EA . 8.39 -37.40 65.19
C2A NAD EA . 7.13 -37.71 64.67
N3A NAD EA . 6.01 -36.89 64.87
C4A NAD EA . 6.27 -35.75 65.60
O3 NAD EA . 3.94 -28.90 65.22
PN NAD EA . 3.83 -28.18 66.66
O1N NAD EA . 4.94 -28.55 67.58
O2N NAD EA . 2.55 -28.52 67.31
O5D NAD EA . 3.84 -26.61 66.32
C5D NAD EA . 5.09 -25.79 66.19
C4D NAD EA . 5.02 -24.99 64.90
O4D NAD EA . 4.72 -25.84 63.79
C3D NAD EA . 3.75 -24.11 64.88
O3D NAD EA . 3.95 -22.93 65.68
C2D NAD EA . 3.67 -23.71 63.38
O2D NAD EA . 4.73 -22.79 63.06
C1D NAD EA . 3.99 -25.10 62.78
N1N NAD EA . 2.79 -25.88 62.41
C2N NAD EA . 2.47 -25.98 61.12
C3N NAD EA . 1.36 -26.63 60.75
C7N NAD EA . 0.98 -26.77 59.45
O7N NAD EA . -0.21 -26.74 59.07
N7N NAD EA . 1.87 -26.95 58.48
C4N NAD EA . 0.59 -27.19 61.70
C5N NAD EA . 0.87 -27.13 63.00
C6N NAD EA . 2.02 -26.45 63.35
MG MG FA . -29.62 50.38 -45.11
NA NA GA . -30.05 62.73 -36.52
CC1 CRD HA . -20.67 48.58 -28.23
CC2 CRD HA . -20.39 47.96 -29.58
CC3 CRD HA . -20.76 48.59 -30.70
CC4 CRD HA . -20.49 47.99 -32.00
OC1 CRD HA . -19.37 48.06 -32.48
C GAI IA . 1.51 51.32 -50.81
N1 GAI IA . 2.36 51.10 -49.80
N2 GAI IA . 1.97 51.52 -52.08
N3 GAI IA . 0.17 51.35 -50.58
C1 EDO JA . 14.22 50.10 -48.09
O1 EDO JA . 13.81 48.80 -48.48
C2 EDO JA . 14.60 50.10 -46.61
O2 EDO JA . 13.48 49.71 -45.82
PA NAD KA . -26.61 49.99 -43.31
O1A NAD KA . -25.73 48.81 -43.46
O2A NAD KA . -27.53 50.05 -44.46
O5B NAD KA . -25.74 51.35 -43.24
C5B NAD KA . -24.37 51.45 -42.71
C4B NAD KA . -23.43 52.39 -43.51
O4B NAD KA . -23.30 51.89 -44.84
C3B NAD KA . -24.04 53.81 -43.64
O3B NAD KA . -22.99 54.76 -43.87
C2B NAD KA . -24.85 53.60 -44.94
O2B NAD KA . -25.12 54.86 -45.56
C1B NAD KA . -23.82 52.83 -45.77
N9A NAD KA . -24.47 52.15 -46.87
C8A NAD KA . -25.82 51.84 -47.03
N7A NAD KA . -26.09 51.24 -48.25
C5A NAD KA . -24.84 51.18 -48.84
C6A NAD KA . -24.51 50.72 -50.10
N6A NAD KA . -25.42 50.22 -50.95
N1A NAD KA . -23.19 50.81 -50.50
C2A NAD KA . -22.23 51.36 -49.64
N3A NAD KA . -22.55 51.83 -48.38
C4A NAD KA . -23.89 51.70 -48.03
O3 NAD KA . -27.41 49.99 -41.90
PN NAD KA . -28.86 50.76 -41.70
O1N NAD KA . -29.67 50.80 -42.95
O2N NAD KA . -28.63 52.15 -41.24
O5D NAD KA . -29.62 49.93 -40.54
C5D NAD KA . -30.42 48.72 -40.87
C4D NAD KA . -29.94 47.60 -39.95
O4D NAD KA . -28.51 47.45 -40.05
C3D NAD KA . -30.11 48.01 -38.47
O3D NAD KA . -31.48 47.88 -38.06
C2D NAD KA . -29.26 46.89 -37.85
O2D NAD KA . -29.94 45.63 -37.98
C1D NAD KA . -28.03 46.92 -38.78
N1N NAD KA . -26.91 47.77 -38.28
C2N NAD KA . -25.84 47.17 -37.76
C3N NAD KA . -24.84 47.94 -37.28
C7N NAD KA . -23.70 47.42 -36.73
O7N NAD KA . -23.14 48.00 -35.77
N7N NAD KA . -23.13 46.30 -37.15
C4N NAD KA . -24.93 49.27 -37.34
C5N NAD KA . -25.98 49.90 -37.85
C6N NAD KA . -26.99 49.10 -38.33
MG MG LA . -9.09 31.10 -67.31
NA NA MA . -1.32 17.99 -68.63
CC1 CRD NA . 7.74 31.04 -59.39
CC2 CRD NA . 6.48 31.75 -58.97
CC3 CRD NA . 5.31 31.42 -59.52
CC4 CRD NA . 4.12 32.12 -59.08
OC1 CRD NA . 3.64 31.85 -57.99
C GAI OA . -14.01 28.39 -35.99
N1 GAI OA . -12.89 28.48 -35.24
N2 GAI OA . -13.92 28.36 -37.34
N3 GAI OA . -15.23 28.31 -35.39
C1 EDO PA . -9.30 28.36 -23.17
O1 EDO PA . -8.61 28.72 -24.36
C2 EDO PA . -10.80 28.58 -23.37
O2 EDO PA . -11.03 29.93 -23.79
PA NAD QA . -7.42 30.61 -64.31
O1A NAD QA . -7.36 31.73 -63.35
O2A NAD QA . -8.61 30.73 -65.19
O5B NAD QA . -7.54 29.24 -63.53
C5B NAD QA . -6.78 28.98 -62.30
C4B NAD QA . -7.52 28.06 -61.33
O4B NAD QA . -8.84 28.57 -61.08
C3B NAD QA . -7.71 26.65 -61.95
O3B NAD QA . -7.90 25.70 -60.90
C2B NAD QA . -9.06 26.93 -62.64
O2B NAD QA . -9.72 25.69 -62.94
C1B NAD QA . -9.82 27.67 -61.54
N9A NAD QA . -10.91 28.43 -62.12
C8A NAD QA . -11.10 28.82 -63.44
N7A NAD QA . -12.29 29.47 -63.64
C5A NAD QA . -12.87 29.48 -62.39
C6A NAD QA . -14.09 30.01 -62.00
N6A NAD QA . -14.94 30.58 -62.88
N1A NAD QA . -14.45 29.88 -60.66
C2A NAD QA . -13.59 29.24 -59.76
N3A NAD QA . -12.37 28.71 -60.14
C4A NAD QA . -12.05 28.86 -61.49
O3 NAD QA . -6.07 30.54 -65.18
PN NAD QA . -5.91 29.88 -66.66
O1N NAD QA . -7.12 29.98 -67.49
O2N NAD QA . -5.47 28.49 -66.60
O5D NAD QA . -4.77 30.84 -67.24
C5D NAD QA . -5.13 32.09 -67.92
C4D NAD QA . -4.12 33.17 -67.50
O4D NAD QA . -4.07 33.30 -66.08
C3D NAD QA . -2.69 32.71 -67.82
O3D NAD QA . -2.41 32.91 -69.22
C2D NAD QA . -1.90 33.73 -66.99
O2D NAD QA . -2.04 35.04 -67.56
C1D NAD QA . -2.72 33.64 -65.68
N1N NAD QA . -2.23 32.64 -64.70
C2N NAD QA . -1.63 33.10 -63.61
C3N NAD QA . -1.19 32.24 -62.68
C7N NAD QA . -0.57 32.67 -61.55
O7N NAD QA . 0.42 32.06 -61.09
N7N NAD QA . -0.96 33.76 -60.90
C4N NAD QA . -1.36 30.93 -62.85
C5N NAD QA . -1.95 30.42 -63.92
C6N NAD QA . -2.40 31.33 -64.86
MG MG RA . 33.95 55.11 -10.56
NA NA SA . 28.48 68.88 -11.49
CC1 CRD TA . 24.55 58.32 -26.77
CC2 CRD TA . 24.99 57.48 -25.62
CC3 CRD TA . 26.20 57.67 -25.10
CC4 CRD TA . 26.62 56.85 -23.97
OC1 CRD TA . 26.09 57.00 -22.90
C GAI UA . 6.38 39.76 -9.31
N1 GAI UA . 7.67 40.13 -9.28
N2 GAI UA . 5.65 39.90 -10.46
N3 GAI UA . 5.79 39.23 -8.19
C1 EDO VA . -4.94 35.39 -13.92
O1 EDO VA . -3.87 34.46 -14.09
C2 EDO VA . -5.30 36.00 -15.28
O2 EDO VA . -4.14 36.56 -15.88
PA NAD WA . 31.25 54.59 -12.71
O1A NAD WA . 30.99 53.31 -13.38
O2A NAD WA . 32.23 54.40 -11.61
O5B NAD WA . 29.91 55.17 -12.06
C5B NAD WA . 28.61 55.17 -12.75
C4B NAD WA . 27.45 55.10 -11.76
O4B NAD WA . 27.60 53.96 -10.92
C3B NAD WA . 27.44 56.33 -10.82
O3B NAD WA . 26.12 56.53 -10.32
C2B NAD WA . 28.37 55.78 -9.70
O2B NAD WA . 28.15 56.50 -8.47
C1B NAD WA . 27.80 54.36 -9.58
N9A NAD WA . 28.79 53.50 -8.94
C8A NAD WA . 30.16 53.70 -8.84
N7A NAD WA . 30.80 52.72 -8.07
C5A NAD WA . 29.75 51.90 -7.69
C6A NAD WA . 29.79 50.78 -6.89
N6A NAD WA . 30.93 50.34 -6.31
N1A NAD WA . 28.59 50.13 -6.62
C2A NAD WA . 27.41 50.63 -7.17
N3A NAD WA . 27.36 51.76 -7.98
C4A NAD WA . 28.58 52.36 -8.21
O3 NAD WA . 31.71 55.70 -13.77
PN NAD WA . 32.69 56.94 -13.39
O1N NAD WA . 33.62 56.60 -12.27
O2N NAD WA . 31.89 58.12 -13.00
O5D NAD WA . 33.52 57.23 -14.74
C5D NAD WA . 34.70 56.38 -15.00
C4D NAD WA . 34.64 55.76 -16.40
O4D NAD WA . 33.43 55.03 -16.59
C3D NAD WA . 34.52 56.87 -17.46
O3D NAD WA . 35.82 57.46 -17.68
C2D NAD WA . 34.12 56.01 -18.66
O2D NAD WA . 35.24 55.24 -19.10
C1D NAD WA . 33.07 55.08 -17.99
N1N NAD WA . 31.68 55.55 -18.10
C2N NAD WA . 30.89 54.98 -18.99
C3N NAD WA . 29.62 55.40 -19.11
C7N NAD WA . 28.75 54.88 -19.99
O7N NAD WA . 27.94 55.63 -20.56
N7N NAD WA . 28.77 53.59 -20.29
C4N NAD WA . 29.15 56.37 -18.32
C5N NAD WA . 29.91 56.97 -17.40
C6N NAD WA . 31.21 56.52 -17.31
MG MG XA . 26.81 20.47 -4.98
NA NA YA . 25.03 7.24 -11.55
C GAI ZA . 28.25 37.18 -32.08
N1 GAI ZA . 29.36 37.85 -32.50
N2 GAI ZA . 27.11 37.21 -32.82
N3 GAI ZA . 28.27 36.49 -30.92
C1 EDO AB . 23.57 42.57 -43.13
O1 EDO AB . 23.46 43.37 -41.95
C2 EDO AB . 22.19 42.01 -43.49
O2 EDO AB . 21.66 41.35 -42.34
PA NAD BB . 24.68 21.25 -7.69
O1A NAD BB . 24.07 22.58 -7.97
O2A NAD BB . 25.76 21.44 -6.71
O5B NAD BB . 25.27 20.62 -9.01
C5B NAD BB . 24.62 20.84 -10.29
C4B NAD BB . 25.56 20.97 -11.49
O4B NAD BB . 26.44 22.08 -11.27
C3B NAD BB . 26.41 19.69 -11.67
O3B NAD BB . 26.86 19.61 -13.02
C2B NAD BB . 27.59 20.10 -10.76
O2B NAD BB . 28.76 19.35 -11.11
C1B NAD BB . 27.77 21.56 -11.19
N9A NAD BB . 28.50 22.30 -10.18
C8A NAD BB . 28.64 22.02 -8.82
N7A NAD BB . 29.45 22.93 -8.16
C5A NAD BB . 29.82 23.80 -9.18
C6A NAD BB . 30.63 24.92 -9.09
N6A NAD BB . 31.24 25.25 -7.93
N1A NAD BB . 30.86 25.65 -10.25
C2A NAD BB . 30.27 25.26 -11.46
N3A NAD BB . 29.44 24.12 -11.55
C4A NAD BB . 29.25 23.43 -10.36
O3 NAD BB . 23.57 20.24 -7.11
PN NAD BB . 23.95 18.91 -6.24
O1N NAD BB . 25.14 19.10 -5.38
O2N NAD BB . 24.19 17.77 -7.17
O5D NAD BB . 22.63 18.70 -5.33
C5D NAD BB . 22.38 19.50 -4.10
C4D NAD BB . 21.01 20.15 -4.09
O4D NAD BB . 20.77 20.92 -5.28
C3D NAD BB . 19.91 19.07 -4.25
O3D NAD BB . 19.71 18.40 -3.00
C2D NAD BB . 18.70 19.97 -4.56
O2D NAD BB . 18.33 20.71 -3.39
C1D NAD BB . 19.37 20.91 -5.60
N1N NAD BB . 19.21 20.52 -7.02
C2N NAD BB . 18.32 21.16 -7.77
C3N NAD BB . 18.17 20.79 -9.06
C7N NAD BB . 17.30 21.40 -9.89
O7N NAD BB . 16.70 20.74 -10.77
N7N NAD BB . 17.07 22.71 -9.83
C4N NAD BB . 18.91 19.80 -9.57
C5N NAD BB . 19.80 19.13 -8.85
C6N NAD BB . 19.93 19.53 -7.54
#